data_5MUB
#
_entry.id   5MUB
#
_cell.length_a   148.286
_cell.length_b   155.099
_cell.length_c   156.266
_cell.angle_alpha   90.00
_cell.angle_beta   90.00
_cell.angle_gamma   90.00
#
_symmetry.space_group_name_H-M   'P 21 21 21'
#
loop_
_entity.id
_entity.type
_entity.pdbx_description
1 polymer 'ACC1 Fab fragment heavy chain'
2 polymer 'ACC1 Fab fragment light chain'
3 polymer 'triple-helical peptide containing the citrullinated C1 epitope of collagen type II,Collagen alpha-1(II) chain,triple-helical peptide containing the citrullinated C1 epitope of collagen type II'
4 polymer 'ACC1 Fab fragment heavy chain'
#
loop_
_entity_poly.entity_id
_entity_poly.type
_entity_poly.pdbx_seq_one_letter_code
_entity_poly.pdbx_strand_id
1 'polypeptide(L)'
;EVKLEESGGGLVQPGGSMKLSCAASGFTFSDAWMDWVRQSPEKGLEWVAEIRNKVNNHATNYAESVKGRFTISRDDSRSV
VYLQMNNLKPEDTGIYYCTGLTFDYWGQGTTLTVSSAKTTAPSVYPLAPVCGGTTGSSVTLGCLVKGYFPEPVTLTWNSG
SLSSGVHTFPALLLSGLYTLSSSVTVTSNTWPSQTITCNVAHPASSTKVDKKIEPRGP
;
A,C,I,L,O,U
2 'polypeptide(L)'
;DIVLTQSPASLAVSLGQRATISCRASESVDNYGISSMNWFQQKAGQPPKFLIYAASKQGSGVPARFSGSGSGTDFSLIIH
PVEEDDTAVYFCQQSKGVPYTFGGGTKLEIKRADAAPTVSIFPPSSEQLTSGGASVVCFLNNFYPKDINVKWKIDGSERQ
NGVLNSWTDQDSKDSTYSMSSTLTLTKDEYERHNSYTCEATHKTSTSPIVKSFNRNEC
;
B,D,G,J,M,P,S,V
3 'polypeptide(L)' GP(HYP)GP(HYP)GP(HYP)GP(HYP)GARGLTG(CIR)(HYP)GDAGP(HYP)GP(HYP)GP(HYP) X,E,H,K,N,Q,T,W
4 'polypeptide(L)'
;EVKLEESGGGLVQPGGSMKLSCAASGFTFSDAWMDWVRQSPEKGLEWVAEIRNKVNNHATNYAESVKGRFTISRDDSRSV
VYLQMNNLKPEDTGIYYCTGLTFDYWGQGTTLTVSSAKTTAPSVYPLAPVCGGTTGSSVTLGCLVKGYFPEPVTLTWNSG
SLSSGVHTFPALLLSGLYTLSSSVTVTSNTWPSQTITCNVAHPASSTKVDKKIEPRGPTI
;
F,R
#
# COMPACT_ATOMS: atom_id res chain seq x y z
N GLU A 1 -42.77 -10.18 -20.38
CA GLU A 1 -42.17 -9.61 -19.15
C GLU A 1 -40.73 -9.16 -19.41
N VAL A 2 -40.43 -7.91 -19.03
CA VAL A 2 -39.05 -7.40 -19.05
C VAL A 2 -38.38 -7.73 -17.71
N LYS A 3 -37.12 -8.16 -17.74
CA LYS A 3 -36.32 -8.37 -16.52
C LYS A 3 -35.01 -7.62 -16.68
N LEU A 4 -34.65 -6.83 -15.65
CA LEU A 4 -33.33 -6.20 -15.55
C LEU A 4 -32.74 -6.58 -14.23
N GLU A 5 -31.62 -7.30 -14.27
CA GLU A 5 -30.89 -7.67 -13.06
C GLU A 5 -29.53 -6.99 -13.08
N GLU A 6 -29.26 -6.19 -12.04
CA GLU A 6 -27.94 -5.62 -11.84
C GLU A 6 -27.11 -6.55 -11.00
N SER A 7 -25.80 -6.31 -10.99
CA SER A 7 -24.90 -7.08 -10.16
C SER A 7 -23.59 -6.32 -9.92
N GLY A 8 -22.91 -6.73 -8.85
CA GLY A 8 -21.57 -6.24 -8.56
C GLY A 8 -21.48 -4.93 -7.82
N GLY A 9 -22.46 -4.63 -6.98
CA GLY A 9 -22.33 -3.50 -6.04
C GLY A 9 -21.36 -3.82 -4.92
N GLY A 10 -21.65 -3.33 -3.72
CA GLY A 10 -20.89 -3.67 -2.51
C GLY A 10 -20.11 -2.51 -1.92
N LEU A 11 -19.09 -2.83 -1.13
CA LEU A 11 -18.25 -1.85 -0.45
C LEU A 11 -16.96 -1.66 -1.24
N VAL A 12 -16.50 -0.42 -1.34
CA VAL A 12 -15.18 -0.11 -1.90
C VAL A 12 -14.58 1.13 -1.23
N GLN A 13 -13.25 1.12 -1.09
CA GLN A 13 -12.51 2.25 -0.52
C GLN A 13 -12.58 3.47 -1.45
N PRO A 14 -12.54 4.71 -0.89
CA PRO A 14 -12.40 5.88 -1.74
C PRO A 14 -11.14 5.81 -2.58
N GLY A 15 -11.24 6.18 -3.85
CA GLY A 15 -10.17 5.97 -4.83
C GLY A 15 -10.27 4.66 -5.61
N GLY A 16 -10.93 3.67 -5.04
CA GLY A 16 -11.04 2.35 -5.66
C GLY A 16 -11.96 2.30 -6.87
N SER A 17 -12.02 1.11 -7.46
CA SER A 17 -12.76 0.87 -8.69
C SER A 17 -13.85 -0.14 -8.46
N MET A 18 -14.81 -0.16 -9.38
CA MET A 18 -15.92 -1.10 -9.29
C MET A 18 -16.62 -1.17 -10.64
N LYS A 19 -17.06 -2.37 -11.02
CA LYS A 19 -17.72 -2.58 -12.30
C LYS A 19 -19.09 -3.16 -12.04
N LEU A 20 -20.14 -2.37 -12.31
CA LEU A 20 -21.50 -2.87 -12.24
C LEU A 20 -21.80 -3.52 -13.57
N SER A 21 -22.69 -4.50 -13.58
CA SER A 21 -23.18 -5.08 -14.82
C SER A 21 -24.69 -5.30 -14.73
N CYS A 22 -25.33 -5.31 -15.89
CA CYS A 22 -26.78 -5.33 -15.99
C CYS A 22 -27.22 -6.24 -17.12
N ALA A 23 -27.78 -7.40 -16.76
CA ALA A 23 -28.38 -8.33 -17.73
C ALA A 23 -29.82 -7.94 -17.97
N ALA A 24 -30.26 -8.04 -19.23
CA ALA A 24 -31.62 -7.66 -19.63
C ALA A 24 -32.24 -8.70 -20.55
N SER A 25 -33.56 -8.87 -20.45
CA SER A 25 -34.32 -9.71 -21.39
C SER A 25 -35.76 -9.17 -21.52
N GLY A 26 -36.47 -9.64 -22.53
CA GLY A 26 -37.85 -9.21 -22.79
C GLY A 26 -38.04 -8.02 -23.72
N PHE A 27 -36.95 -7.52 -24.31
CA PHE A 27 -37.03 -6.55 -25.40
C PHE A 27 -35.79 -6.71 -26.29
N THR A 28 -35.90 -6.35 -27.56
CA THR A 28 -34.75 -6.46 -28.47
C THR A 28 -33.62 -5.53 -27.97
N PHE A 29 -32.69 -6.12 -27.21
CA PHE A 29 -31.62 -5.39 -26.52
C PHE A 29 -30.77 -4.52 -27.44
N SER A 30 -30.39 -5.03 -28.62
CA SER A 30 -29.48 -4.30 -29.52
C SER A 30 -30.08 -2.96 -29.99
N ASP A 31 -31.41 -2.89 -30.03
CA ASP A 31 -32.13 -1.65 -30.38
C ASP A 31 -32.35 -0.65 -29.25
N ALA A 32 -32.18 -1.08 -28.00
CA ALA A 32 -32.58 -0.28 -26.85
C ALA A 32 -31.48 0.67 -26.38
N TRP A 33 -31.87 1.92 -26.09
CA TRP A 33 -31.03 2.84 -25.34
C TRP A 33 -31.06 2.41 -23.87
N MET A 34 -29.89 2.33 -23.26
CA MET A 34 -29.74 1.85 -21.89
C MET A 34 -29.09 2.93 -21.05
N ASP A 35 -29.50 3.02 -19.78
CA ASP A 35 -28.97 4.03 -18.88
C ASP A 35 -28.60 3.45 -17.51
N TRP A 36 -27.88 4.22 -16.73
CA TRP A 36 -27.70 3.95 -15.31
C TRP A 36 -28.16 5.18 -14.54
N VAL A 37 -28.91 4.94 -13.48
CA VAL A 37 -29.45 5.99 -12.63
C VAL A 37 -29.16 5.60 -11.21
N ARG A 38 -28.78 6.57 -10.39
CA ARG A 38 -28.51 6.29 -8.99
C ARG A 38 -29.39 7.09 -8.08
N GLN A 39 -29.53 6.59 -6.85
CA GLN A 39 -30.39 7.19 -5.86
C GLN A 39 -29.67 7.16 -4.52
N SER A 40 -29.60 8.33 -3.88
CA SER A 40 -29.17 8.46 -2.50
C SER A 40 -30.20 9.31 -1.78
N PRO A 41 -30.28 9.20 -0.45
CA PRO A 41 -31.24 10.04 0.28
C PRO A 41 -30.93 11.53 0.21
N GLU A 42 -29.66 11.89 0.07
CA GLU A 42 -29.25 13.30 0.00
C GLU A 42 -29.59 13.94 -1.34
N LYS A 43 -29.36 13.23 -2.44
CA LYS A 43 -29.41 13.79 -3.79
C LYS A 43 -30.53 13.28 -4.70
N GLY A 44 -31.36 12.34 -4.22
CA GLY A 44 -32.52 11.87 -5.00
C GLY A 44 -32.08 11.02 -6.17
N LEU A 45 -32.72 11.20 -7.32
CA LEU A 45 -32.41 10.40 -8.50
C LEU A 45 -31.48 11.18 -9.41
N GLU A 46 -30.28 10.66 -9.60
CA GLU A 46 -29.29 11.23 -10.55
C GLU A 46 -29.14 10.30 -11.73
N TRP A 47 -29.39 10.81 -12.93
CA TRP A 47 -28.97 10.11 -14.12
C TRP A 47 -27.46 10.12 -14.13
N VAL A 48 -26.86 8.98 -14.43
CA VAL A 48 -25.41 8.82 -14.37
C VAL A 48 -24.80 8.71 -15.75
N ALA A 49 -25.33 7.81 -16.57
CA ALA A 49 -24.77 7.56 -17.91
C ALA A 49 -25.78 6.91 -18.84
N GLU A 50 -25.63 7.23 -20.12
CA GLU A 50 -26.45 6.69 -21.21
C GLU A 50 -25.54 5.96 -22.17
N ILE A 51 -26.03 4.87 -22.75
CA ILE A 51 -25.43 4.34 -23.97
C ILE A 51 -26.56 4.07 -24.96
N ARG A 52 -26.37 4.49 -26.20
CA ARG A 52 -27.41 4.38 -27.22
C ARG A 52 -27.23 3.10 -28.05
N ASN A 53 -28.14 2.90 -29.00
CA ASN A 53 -28.18 1.66 -29.79
C ASN A 53 -27.16 1.70 -30.91
N LYS A 54 -27.04 0.58 -31.63
CA LYS A 54 -26.14 0.48 -32.78
C LYS A 54 -26.41 1.55 -33.84
N VAL A 55 -27.68 1.90 -34.05
CA VAL A 55 -28.09 2.92 -35.06
C VAL A 55 -27.53 4.31 -34.72
N ASN A 56 -27.35 4.59 -33.42
CA ASN A 56 -26.70 5.83 -32.97
C ASN A 56 -25.25 5.60 -32.52
N ASN A 57 -24.53 4.70 -33.19
CA ASN A 57 -23.09 4.52 -32.99
C ASN A 57 -22.67 4.22 -31.55
N HIS A 58 -23.54 3.57 -30.78
CA HIS A 58 -23.29 3.28 -29.37
C HIS A 58 -22.80 4.53 -28.62
N ALA A 59 -23.48 5.63 -28.87
CA ALA A 59 -23.09 6.93 -28.35
C ALA A 59 -23.30 6.93 -26.86
N THR A 60 -22.28 7.39 -26.13
CA THR A 60 -22.38 7.51 -24.67
C THR A 60 -22.55 8.97 -24.26
N ASN A 61 -23.25 9.18 -23.16
CA ASN A 61 -23.25 10.48 -22.46
C ASN A 61 -23.13 10.23 -20.97
N TYR A 62 -22.63 11.24 -20.24
CA TYR A 62 -22.42 11.11 -18.81
C TYR A 62 -22.83 12.38 -18.08
N ALA A 63 -23.28 12.20 -16.84
CA ALA A 63 -23.46 13.31 -15.93
C ALA A 63 -22.09 13.95 -15.68
N GLU A 64 -22.10 15.27 -15.50
CA GLU A 64 -20.88 16.01 -15.27
C GLU A 64 -20.16 15.46 -14.04
N SER A 65 -20.89 15.12 -12.98
CA SER A 65 -20.24 14.65 -11.74
C SER A 65 -19.47 13.33 -11.88
N VAL A 66 -19.69 12.57 -12.95
CA VAL A 66 -18.91 11.34 -13.20
C VAL A 66 -17.97 11.35 -14.42
N LYS A 67 -17.98 12.42 -15.22
CA LYS A 67 -17.10 12.51 -16.42
C LYS A 67 -15.65 12.25 -16.06
N GLY A 68 -15.00 11.43 -16.87
CA GLY A 68 -13.59 11.08 -16.68
C GLY A 68 -13.34 9.94 -15.71
N ARG A 69 -14.38 9.48 -15.00
CA ARG A 69 -14.25 8.41 -14.01
C ARG A 69 -15.04 7.15 -14.32
N PHE A 70 -16.20 7.31 -14.95
CA PHE A 70 -17.17 6.24 -15.22
C PHE A 70 -17.19 5.95 -16.71
N THR A 71 -17.12 4.68 -17.08
CA THR A 71 -17.28 4.27 -18.48
C THR A 71 -18.47 3.33 -18.58
N ILE A 72 -19.41 3.69 -19.45
CA ILE A 72 -20.55 2.82 -19.76
C ILE A 72 -20.26 2.12 -21.09
N SER A 73 -20.73 0.88 -21.19
CA SER A 73 -20.53 0.09 -22.40
C SER A 73 -21.52 -1.05 -22.40
N ARG A 74 -21.61 -1.75 -23.52
CA ARG A 74 -22.60 -2.81 -23.71
C ARG A 74 -22.08 -3.94 -24.56
N ASP A 75 -22.59 -5.14 -24.30
CA ASP A 75 -22.30 -6.32 -25.10
C ASP A 75 -23.63 -6.76 -25.72
N ASP A 76 -23.91 -6.27 -26.92
CA ASP A 76 -25.18 -6.58 -27.59
C ASP A 76 -25.40 -8.09 -27.76
N SER A 77 -24.33 -8.87 -27.93
CA SER A 77 -24.45 -10.33 -28.06
C SER A 77 -24.84 -11.05 -26.76
N ARG A 78 -24.54 -10.47 -25.60
CA ARG A 78 -24.92 -11.05 -24.29
C ARG A 78 -26.08 -10.34 -23.58
N SER A 79 -26.67 -9.30 -24.20
CA SER A 79 -27.71 -8.47 -23.58
C SER A 79 -27.27 -7.89 -22.24
N VAL A 80 -26.05 -7.33 -22.20
CA VAL A 80 -25.48 -6.79 -20.96
C VAL A 80 -25.02 -5.35 -21.13
N VAL A 81 -25.32 -4.51 -20.14
CA VAL A 81 -24.74 -3.18 -20.02
C VAL A 81 -23.80 -3.22 -18.82
N TYR A 82 -22.61 -2.65 -18.99
CA TYR A 82 -21.64 -2.50 -17.91
C TYR A 82 -21.47 -1.03 -17.54
N LEU A 83 -21.10 -0.77 -16.29
CA LEU A 83 -20.67 0.55 -15.83
C LEU A 83 -19.38 0.43 -15.02
N GLN A 84 -18.24 0.70 -15.66
CA GLN A 84 -16.95 0.78 -14.98
C GLN A 84 -16.93 2.10 -14.24
N MET A 85 -16.53 2.06 -12.97
CA MET A 85 -16.41 3.25 -12.15
C MET A 85 -15.03 3.29 -11.51
N ASN A 86 -14.32 4.41 -11.68
CA ASN A 86 -12.96 4.56 -11.14
C ASN A 86 -12.85 5.79 -10.27
N ASN A 87 -11.84 5.78 -9.39
CA ASN A 87 -11.62 6.88 -8.46
C ASN A 87 -12.92 7.24 -7.73
N LEU A 88 -13.51 6.23 -7.11
CA LEU A 88 -14.81 6.37 -6.43
C LEU A 88 -14.71 7.24 -5.20
N LYS A 89 -15.78 7.96 -4.91
CA LYS A 89 -15.83 8.96 -3.86
C LYS A 89 -17.00 8.63 -2.95
N PRO A 90 -16.98 9.12 -1.69
CA PRO A 90 -18.13 8.91 -0.81
C PRO A 90 -19.47 9.35 -1.39
N GLU A 91 -19.48 10.49 -2.08
CA GLU A 91 -20.70 11.00 -2.75
C GLU A 91 -21.22 10.13 -3.90
N ASP A 92 -20.39 9.24 -4.44
CA ASP A 92 -20.87 8.22 -5.37
C ASP A 92 -21.70 7.12 -4.70
N THR A 93 -21.82 7.14 -3.37
CA THR A 93 -22.60 6.14 -2.65
C THR A 93 -24.07 6.26 -2.97
N GLY A 94 -24.70 5.11 -3.24
CA GLY A 94 -26.11 5.07 -3.59
C GLY A 94 -26.59 3.72 -4.11
N ILE A 95 -27.86 3.68 -4.48
CA ILE A 95 -28.42 2.54 -5.19
C ILE A 95 -28.32 2.86 -6.68
N TYR A 96 -27.73 1.94 -7.44
CA TYR A 96 -27.53 2.12 -8.87
C TYR A 96 -28.51 1.23 -9.62
N TYR A 97 -29.46 1.87 -10.28
CA TYR A 97 -30.40 1.19 -11.16
C TYR A 97 -29.88 1.19 -12.59
N CYS A 98 -30.03 0.07 -13.27
CA CYS A 98 -29.84 -0.01 -14.71
C CYS A 98 -31.21 0.08 -15.32
N THR A 99 -31.39 0.96 -16.30
CA THR A 99 -32.68 1.14 -16.93
C THR A 99 -32.57 0.86 -18.41
N GLY A 100 -33.69 0.42 -18.99
CA GLY A 100 -33.77 0.05 -20.40
C GLY A 100 -34.84 0.85 -21.10
N LEU A 101 -34.60 1.14 -22.37
CA LEU A 101 -35.44 2.01 -23.18
C LEU A 101 -35.55 3.37 -22.47
N THR A 102 -34.41 4.04 -22.39
CA THR A 102 -34.16 5.15 -21.50
C THR A 102 -34.67 4.77 -20.08
N PHE A 103 -35.86 5.24 -19.67
CA PHE A 103 -36.37 4.96 -18.32
C PHE A 103 -37.68 4.18 -18.30
N ASP A 104 -38.07 3.57 -19.40
CA ASP A 104 -39.31 2.80 -19.43
C ASP A 104 -39.27 1.68 -18.39
N TYR A 105 -38.14 0.97 -18.33
CA TYR A 105 -37.99 -0.17 -17.42
C TYR A 105 -36.77 0.00 -16.54
N TRP A 106 -36.87 -0.47 -15.30
CA TRP A 106 -35.83 -0.29 -14.29
C TRP A 106 -35.55 -1.60 -13.58
N GLY A 107 -34.30 -1.85 -13.27
CA GLY A 107 -33.93 -3.00 -12.46
C GLY A 107 -34.18 -2.76 -10.98
N GLN A 108 -34.00 -3.79 -10.18
CA GLN A 108 -34.19 -3.71 -8.74
C GLN A 108 -33.24 -2.72 -8.07
N GLY A 109 -32.03 -2.64 -8.62
CA GLY A 109 -30.99 -1.75 -8.13
C GLY A 109 -29.95 -2.57 -7.40
N THR A 110 -28.72 -2.06 -7.38
CA THR A 110 -27.61 -2.68 -6.66
C THR A 110 -26.93 -1.59 -5.82
N THR A 111 -26.52 -1.94 -4.61
CA THR A 111 -26.04 -0.92 -3.68
C THR A 111 -24.54 -0.77 -3.74
N LEU A 112 -24.08 0.46 -3.90
CA LEU A 112 -22.66 0.78 -3.90
C LEU A 112 -22.40 1.70 -2.73
N THR A 113 -21.57 1.26 -1.79
CA THR A 113 -21.14 2.07 -0.66
C THR A 113 -19.66 2.37 -0.80
N VAL A 114 -19.29 3.65 -0.71
CA VAL A 114 -17.90 4.08 -0.84
C VAL A 114 -17.46 4.68 0.48
N SER A 115 -16.60 3.96 1.19
CA SER A 115 -16.26 4.28 2.56
C SER A 115 -15.03 3.51 2.98
N SER A 116 -14.15 4.16 3.72
CA SER A 116 -12.97 3.48 4.27
C SER A 116 -13.29 2.69 5.54
N ALA A 117 -14.55 2.63 5.95
CA ALA A 117 -14.96 1.74 7.04
C ALA A 117 -14.91 0.31 6.52
N LYS A 118 -14.63 -0.63 7.43
CA LYS A 118 -14.47 -2.02 7.05
C LYS A 118 -15.84 -2.69 7.05
N THR A 119 -15.91 -3.81 6.36
CA THR A 119 -17.12 -4.65 6.38
C THR A 119 -17.31 -5.22 7.79
N THR A 120 -18.57 -5.34 8.21
CA THR A 120 -18.88 -5.84 9.54
C THR A 120 -20.14 -6.67 9.52
N ALA A 121 -20.03 -7.92 10.00
CA ALA A 121 -21.17 -8.82 10.02
C ALA A 121 -22.13 -8.41 11.11
N PRO A 122 -23.46 -8.54 10.87
CA PRO A 122 -24.42 -8.25 11.93
C PRO A 122 -24.42 -9.36 12.96
N SER A 123 -24.70 -9.02 14.21
CA SER A 123 -25.16 -10.00 15.19
C SER A 123 -26.66 -10.07 15.00
N VAL A 124 -27.22 -11.28 15.00
CA VAL A 124 -28.66 -11.48 14.80
C VAL A 124 -29.31 -12.08 16.05
N TYR A 125 -30.12 -11.29 16.72
CA TYR A 125 -30.71 -11.65 18.00
C TYR A 125 -32.22 -11.88 17.86
N PRO A 126 -32.73 -13.03 18.36
CA PRO A 126 -34.17 -13.27 18.36
C PRO A 126 -34.85 -12.56 19.51
N LEU A 127 -36.04 -12.01 19.26
CA LEU A 127 -36.82 -11.32 20.28
C LEU A 127 -38.14 -12.03 20.52
N ALA A 128 -38.18 -12.86 21.57
CA ALA A 128 -39.39 -13.54 22.02
C ALA A 128 -40.10 -12.66 23.03
N PRO A 129 -41.43 -12.84 23.22
CA PRO A 129 -42.14 -11.94 24.12
C PRO A 129 -41.80 -12.15 25.60
N VAL A 130 -42.36 -11.30 26.43
CA VAL A 130 -42.03 -11.28 27.87
C VAL A 130 -42.48 -12.58 28.55
N CYS A 131 -41.66 -13.02 29.52
CA CYS A 131 -41.85 -14.30 30.19
C CYS A 131 -43.32 -14.60 30.64
N GLY A 132 -43.97 -15.47 29.88
CA GLY A 132 -45.34 -15.91 30.16
C GLY A 132 -46.49 -15.18 29.49
N GLY A 133 -46.19 -14.30 28.52
CA GLY A 133 -47.25 -13.50 27.86
C GLY A 133 -48.07 -12.71 28.88
N THR A 135 -50.87 -13.55 26.06
CA THR A 135 -52.22 -13.80 26.57
C THR A 135 -53.35 -13.41 25.63
N GLY A 136 -53.09 -12.47 24.70
CA GLY A 136 -54.02 -12.11 23.64
C GLY A 136 -54.37 -13.21 22.64
N SER A 137 -55.20 -12.87 21.66
CA SER A 137 -55.55 -13.79 20.56
C SER A 137 -54.53 -13.76 19.39
N SER A 138 -53.47 -12.98 19.51
CA SER A 138 -52.33 -13.04 18.61
C SER A 138 -51.04 -12.67 19.37
N VAL A 139 -49.91 -12.97 18.76
CA VAL A 139 -48.61 -12.79 19.42
C VAL A 139 -47.57 -12.25 18.41
N THR A 140 -46.76 -11.33 18.90
CA THR A 140 -45.74 -10.69 18.10
C THR A 140 -44.36 -11.15 18.56
N LEU A 141 -43.54 -11.52 17.58
CA LEU A 141 -42.15 -11.90 17.79
C LEU A 141 -41.31 -10.92 17.01
N GLY A 142 -40.03 -10.88 17.35
CA GLY A 142 -39.12 -9.92 16.75
C GLY A 142 -37.77 -10.48 16.37
N CYS A 143 -37.04 -9.69 15.61
CA CYS A 143 -35.70 -10.05 15.20
C CYS A 143 -34.87 -8.77 15.09
N LEU A 144 -33.75 -8.75 15.80
CA LEU A 144 -32.85 -7.61 15.81
C LEU A 144 -31.60 -7.98 15.04
N VAL A 145 -31.20 -7.12 14.11
CA VAL A 145 -30.03 -7.31 13.28
C VAL A 145 -29.09 -6.14 13.56
N LYS A 146 -28.17 -6.36 14.50
CA LYS A 146 -27.38 -5.26 15.08
C LYS A 146 -25.98 -5.16 14.50
N GLY A 147 -25.61 -3.93 14.16
CA GLY A 147 -24.20 -3.58 13.93
C GLY A 147 -23.55 -4.17 12.70
N TYR A 148 -24.16 -3.93 11.55
CA TYR A 148 -23.59 -4.35 10.26
C TYR A 148 -23.18 -3.16 9.41
N PHE A 149 -22.26 -3.39 8.49
CA PHE A 149 -21.86 -2.39 7.50
C PHE A 149 -21.25 -3.14 6.33
N PRO A 150 -21.56 -2.76 5.09
CA PRO A 150 -22.51 -1.73 4.70
C PRO A 150 -23.92 -2.28 4.52
N GLU A 151 -24.85 -1.45 4.07
CA GLU A 151 -26.15 -1.96 3.63
C GLU A 151 -25.96 -2.71 2.30
N PRO A 152 -26.87 -3.63 1.95
CA PRO A 152 -28.07 -3.98 2.69
C PRO A 152 -27.96 -5.32 3.42
N VAL A 153 -28.97 -5.61 4.23
CA VAL A 153 -29.27 -6.98 4.66
C VAL A 153 -30.61 -7.34 4.06
N THR A 154 -30.85 -8.64 3.92
CA THR A 154 -32.18 -9.15 3.58
C THR A 154 -32.66 -9.94 4.77
N LEU A 155 -33.92 -9.78 5.13
CA LEU A 155 -34.52 -10.50 6.23
C LEU A 155 -35.87 -11.03 5.80
N THR A 156 -36.09 -12.32 6.00
CA THR A 156 -37.38 -12.95 5.75
C THR A 156 -37.74 -13.75 6.99
N TRP A 157 -39.02 -14.05 7.15
CA TRP A 157 -39.48 -14.91 8.23
C TRP A 157 -39.95 -16.26 7.67
N ASN A 158 -39.57 -17.34 8.34
CA ASN A 158 -39.78 -18.72 7.84
C ASN A 158 -39.57 -18.84 6.32
N SER A 159 -38.45 -18.28 5.87
CA SER A 159 -38.01 -18.32 4.48
C SER A 159 -39.00 -17.70 3.47
N GLY A 160 -39.74 -16.68 3.90
CA GLY A 160 -40.77 -16.05 3.06
C GLY A 160 -42.21 -16.44 3.37
N SER A 161 -42.44 -17.57 4.03
CA SER A 161 -43.81 -18.10 4.27
C SER A 161 -44.72 -17.10 5.02
N LEU A 162 -44.13 -16.30 5.91
CA LEU A 162 -44.85 -15.23 6.57
C LEU A 162 -44.50 -13.89 5.89
N SER A 163 -45.43 -13.42 5.08
CA SER A 163 -45.34 -12.10 4.45
C SER A 163 -46.29 -11.19 5.18
N SER A 164 -47.55 -11.61 5.26
CA SER A 164 -48.54 -10.93 6.07
C SER A 164 -48.06 -11.09 7.52
N GLY A 165 -48.39 -10.11 8.34
CA GLY A 165 -47.93 -10.09 9.75
C GLY A 165 -46.57 -9.48 9.99
N VAL A 166 -45.76 -9.33 8.93
CA VAL A 166 -44.37 -8.86 9.03
C VAL A 166 -44.26 -7.35 8.82
N HIS A 167 -43.56 -6.68 9.75
CA HIS A 167 -43.11 -5.32 9.56
C HIS A 167 -41.60 -5.35 9.74
N THR A 168 -40.87 -5.12 8.65
CA THR A 168 -39.43 -4.94 8.70
C THR A 168 -39.15 -3.46 8.62
N PHE A 169 -38.37 -2.96 9.57
CA PHE A 169 -38.14 -1.53 9.74
C PHE A 169 -36.86 -1.10 9.08
N PRO A 170 -36.86 0.06 8.40
CA PRO A 170 -35.62 0.54 7.79
C PRO A 170 -34.48 0.59 8.78
N ALA A 171 -33.27 0.30 8.30
CA ALA A 171 -32.09 0.32 9.17
C ALA A 171 -31.74 1.75 9.58
N LEU A 172 -30.95 1.87 10.62
CA LEU A 172 -30.46 3.17 11.10
C LEU A 172 -29.01 3.07 11.56
N LEU A 173 -28.29 4.18 11.41
CA LEU A 173 -26.88 4.27 11.79
C LEU A 173 -26.74 4.64 13.29
N LEU A 174 -26.31 3.68 14.11
CA LEU A 174 -25.99 3.87 15.53
C LEU A 174 -24.51 3.53 15.69
N SER A 175 -23.71 4.47 16.20
CA SER A 175 -22.24 4.29 16.40
C SER A 175 -21.55 3.79 15.12
N GLY A 176 -21.81 4.47 14.01
CA GLY A 176 -21.19 4.13 12.72
C GLY A 176 -21.58 2.80 12.07
N LEU A 177 -22.52 2.06 12.67
CA LEU A 177 -22.97 0.75 12.17
C LEU A 177 -24.48 0.70 12.06
N TYR A 178 -24.97 -0.08 11.12
CA TYR A 178 -26.41 -0.19 10.88
C TYR A 178 -27.04 -1.21 11.82
N THR A 179 -28.16 -0.81 12.41
CA THR A 179 -29.04 -1.69 13.20
C THR A 179 -30.39 -1.71 12.49
N LEU A 180 -31.06 -2.85 12.56
CA LEU A 180 -32.34 -3.06 11.87
C LEU A 180 -33.17 -4.01 12.70
N SER A 181 -34.47 -3.81 12.74
CA SER A 181 -35.36 -4.70 13.45
C SER A 181 -36.47 -5.20 12.55
N SER A 182 -37.16 -6.26 12.99
CA SER A 182 -38.36 -6.73 12.30
C SER A 182 -39.29 -7.46 13.22
N SER A 183 -40.58 -7.12 13.17
CA SER A 183 -41.63 -7.78 13.92
C SER A 183 -42.37 -8.73 13.01
N VAL A 184 -42.94 -9.78 13.60
CA VAL A 184 -43.86 -10.66 12.89
C VAL A 184 -45.01 -10.97 13.83
N THR A 185 -46.23 -10.96 13.31
CA THR A 185 -47.43 -11.20 14.11
C THR A 185 -48.25 -12.36 13.54
N VAL A 186 -48.54 -13.33 14.41
CA VAL A 186 -49.30 -14.52 14.05
C VAL A 186 -50.31 -14.81 15.16
N THR A 187 -51.26 -15.69 14.88
CA THR A 187 -52.27 -16.08 15.88
C THR A 187 -51.61 -17.00 16.92
N SER A 188 -52.00 -16.84 18.19
CA SER A 188 -51.33 -17.56 19.30
C SER A 188 -51.44 -19.10 19.30
N ASN A 189 -52.22 -19.67 18.38
CA ASN A 189 -52.10 -21.12 18.05
C ASN A 189 -50.73 -21.44 17.47
N THR A 190 -50.34 -20.68 16.44
CA THR A 190 -49.13 -20.94 15.64
C THR A 190 -47.86 -21.07 16.49
N TRP A 191 -47.70 -20.16 17.45
CA TRP A 191 -46.50 -20.09 18.29
C TRP A 191 -46.87 -20.22 19.77
N PRO A 192 -46.07 -20.93 20.60
CA PRO A 192 -44.77 -21.53 20.23
C PRO A 192 -44.79 -22.90 19.54
N SER A 193 -45.97 -23.51 19.36
CA SER A 193 -46.09 -24.89 18.85
C SER A 193 -45.37 -25.15 17.53
N GLN A 194 -45.68 -24.34 16.51
CA GLN A 194 -44.94 -24.35 15.24
C GLN A 194 -43.76 -23.38 15.31
N THR A 195 -42.60 -23.82 14.84
CA THR A 195 -41.37 -23.04 14.97
C THR A 195 -41.34 -21.87 13.97
N ILE A 196 -41.00 -20.68 14.46
CA ILE A 196 -40.87 -19.50 13.61
C ILE A 196 -39.42 -19.05 13.66
N THR A 197 -38.86 -18.78 12.47
CA THR A 197 -37.43 -18.56 12.31
C THR A 197 -37.19 -17.30 11.49
N CYS A 198 -36.25 -16.50 11.99
CA CYS A 198 -35.84 -15.25 11.38
C CYS A 198 -34.61 -15.52 10.50
N ASN A 199 -34.71 -15.25 9.19
CA ASN A 199 -33.61 -15.52 8.26
C ASN A 199 -32.95 -14.22 7.82
N VAL A 200 -31.65 -14.08 8.06
CA VAL A 200 -30.94 -12.85 7.72
C VAL A 200 -29.70 -13.16 6.91
N ALA A 201 -29.58 -12.50 5.75
CA ALA A 201 -28.36 -12.55 4.96
C ALA A 201 -27.78 -11.15 4.87
N HIS A 202 -26.46 -11.06 4.95
CA HIS A 202 -25.72 -9.83 4.72
C HIS A 202 -24.73 -10.18 3.60
N PRO A 203 -25.07 -9.84 2.34
CA PRO A 203 -24.23 -10.33 1.25
C PRO A 203 -22.79 -9.80 1.34
N ALA A 204 -22.65 -8.51 1.68
CA ALA A 204 -21.35 -7.86 1.77
C ALA A 204 -20.34 -8.54 2.68
N SER A 205 -20.79 -9.24 3.72
CA SER A 205 -19.90 -9.97 4.64
C SER A 205 -20.01 -11.49 4.51
N SER A 206 -20.73 -11.97 3.50
CA SER A 206 -21.06 -13.39 3.31
C SER A 206 -21.59 -14.04 4.58
N THR A 207 -22.58 -13.39 5.18
CA THR A 207 -23.20 -13.84 6.43
C THR A 207 -24.61 -14.30 6.08
N LYS A 208 -24.97 -15.52 6.51
CA LYS A 208 -26.34 -16.02 6.45
C LYS A 208 -26.65 -16.65 7.81
N VAL A 209 -27.67 -16.13 8.48
CA VAL A 209 -28.06 -16.62 9.81
C VAL A 209 -29.55 -16.94 9.81
N ASP A 210 -29.91 -18.11 10.34
CA ASP A 210 -31.30 -18.45 10.67
C ASP A 210 -31.38 -18.53 12.18
N LYS A 211 -32.24 -17.71 12.80
CA LYS A 211 -32.39 -17.70 14.27
C LYS A 211 -33.83 -18.06 14.66
N LYS A 212 -33.97 -19.20 15.32
CA LYS A 212 -35.24 -19.69 15.81
C LYS A 212 -35.66 -18.83 17.01
N ILE A 213 -36.94 -18.46 17.07
CA ILE A 213 -37.49 -17.72 18.19
C ILE A 213 -37.95 -18.72 19.24
N GLU A 214 -37.31 -18.69 20.42
CA GLU A 214 -37.58 -19.63 21.52
C GLU A 214 -38.30 -18.87 22.65
N PRO A 215 -39.34 -19.46 23.27
CA PRO A 215 -39.94 -18.78 24.43
C PRO A 215 -38.99 -18.67 25.63
N ARG A 216 -39.23 -17.70 26.51
CA ARG A 216 -38.35 -17.44 27.65
C ARG A 216 -38.69 -18.28 28.91
N GLY A 217 -37.94 -19.36 29.11
CA GLY A 217 -38.05 -20.19 30.31
C GLY A 217 -37.35 -19.52 31.48
N PRO A 218 -38.00 -19.45 32.67
CA PRO A 218 -37.34 -18.97 33.90
C PRO A 218 -36.63 -20.07 34.71
N ASP B 1 -28.24 22.25 -17.49
CA ASP B 1 -29.14 21.45 -16.61
C ASP B 1 -30.51 22.10 -16.49
N ILE B 2 -31.55 21.40 -16.95
CA ILE B 2 -32.92 21.79 -16.70
C ILE B 2 -33.29 21.24 -15.32
N VAL B 3 -33.50 22.16 -14.37
CA VAL B 3 -33.84 21.79 -13.01
C VAL B 3 -35.35 21.64 -12.86
N LEU B 4 -35.76 20.54 -12.23
CA LEU B 4 -37.15 20.25 -11.94
C LEU B 4 -37.40 20.41 -10.46
N THR B 5 -38.46 21.14 -10.13
CA THR B 5 -38.89 21.35 -8.75
C THR B 5 -40.32 20.86 -8.64
N GLN B 6 -40.54 19.89 -7.76
CA GLN B 6 -41.88 19.43 -7.46
C GLN B 6 -42.44 20.14 -6.24
N SER B 7 -43.77 20.16 -6.14
CA SER B 7 -44.42 20.51 -4.90
C SER B 7 -45.82 19.90 -4.92
N PRO B 8 -46.40 19.60 -3.77
CA PRO B 8 -45.77 19.73 -2.47
C PRO B 8 -44.80 18.59 -2.22
N ALA B 9 -44.17 18.60 -1.06
CA ALA B 9 -43.20 17.58 -0.68
C ALA B 9 -43.93 16.33 -0.24
N SER B 10 -44.95 16.51 0.59
CA SER B 10 -45.83 15.45 0.99
C SER B 10 -47.27 15.95 0.97
N LEU B 11 -48.21 15.02 1.08
CA LEU B 11 -49.57 15.23 0.61
C LEU B 11 -50.41 14.07 1.14
N ALA B 12 -51.52 14.34 1.81
CA ALA B 12 -52.38 13.26 2.33
C ALA B 12 -53.83 13.32 1.79
N VAL B 13 -54.20 12.34 0.97
CA VAL B 13 -55.49 12.32 0.29
C VAL B 13 -56.36 11.17 0.76
N SER B 14 -57.65 11.43 1.01
CA SER B 14 -58.59 10.36 1.36
C SER B 14 -58.84 9.43 0.19
N LEU B 15 -59.30 8.23 0.48
CA LEU B 15 -59.58 7.23 -0.54
C LEU B 15 -60.66 7.77 -1.49
N GLY B 16 -60.47 7.58 -2.79
CA GLY B 16 -61.41 8.03 -3.79
C GLY B 16 -61.37 9.52 -4.16
N GLN B 17 -60.44 10.27 -3.58
CA GLN B 17 -60.33 11.70 -3.81
C GLN B 17 -59.22 12.02 -4.77
N ARG B 18 -59.12 13.30 -5.16
CA ARG B 18 -58.12 13.77 -6.10
C ARG B 18 -56.79 14.07 -5.42
N ALA B 19 -55.70 13.61 -6.02
CA ALA B 19 -54.36 13.99 -5.61
C ALA B 19 -53.71 14.72 -6.77
N THR B 20 -53.21 15.93 -6.51
CA THR B 20 -52.58 16.74 -7.54
C THR B 20 -51.18 17.10 -7.09
N ILE B 21 -50.19 16.69 -7.88
CA ILE B 21 -48.77 16.95 -7.65
C ILE B 21 -48.24 17.79 -8.79
N SER B 22 -47.43 18.80 -8.48
CA SER B 22 -46.91 19.73 -9.49
C SER B 22 -45.44 19.51 -9.76
N CYS B 23 -45.00 19.93 -10.94
CA CYS B 23 -43.59 19.92 -11.33
C CYS B 23 -43.29 21.14 -12.19
N ARG B 24 -42.38 21.98 -11.70
CA ARG B 24 -41.96 23.20 -12.36
C ARG B 24 -40.56 22.99 -12.92
N ALA B 25 -40.37 23.35 -14.18
CA ALA B 25 -39.08 23.20 -14.86
C ALA B 25 -38.42 24.57 -15.02
N SER B 26 -37.10 24.61 -14.80
CA SER B 26 -36.33 25.86 -14.92
C SER B 26 -36.39 26.47 -16.31
N GLU B 27 -36.58 25.64 -17.33
CA GLU B 27 -36.87 26.12 -18.69
C GLU B 27 -37.71 25.10 -19.46
N SER B 28 -38.24 25.54 -20.60
CA SER B 28 -39.21 24.77 -21.37
C SER B 28 -38.68 23.40 -21.78
N VAL B 29 -39.45 22.36 -21.47
CA VAL B 29 -39.13 20.99 -21.90
C VAL B 29 -39.87 20.60 -23.19
N ASP B 30 -40.57 21.55 -23.80
CA ASP B 30 -41.15 21.36 -25.13
C ASP B 30 -40.07 21.20 -26.16
N ASN B 31 -40.14 20.12 -26.90
CA ASN B 31 -39.30 19.90 -28.06
C ASN B 31 -40.25 19.42 -29.13
N TYR B 32 -40.37 20.22 -30.19
CA TYR B 32 -41.42 20.04 -31.21
C TYR B 32 -42.76 20.45 -30.56
N GLY B 33 -43.84 19.73 -30.85
CA GLY B 33 -45.12 19.90 -30.18
C GLY B 33 -45.24 19.17 -28.85
N ILE B 34 -44.34 18.20 -28.64
CA ILE B 34 -44.35 17.30 -27.48
C ILE B 34 -43.60 17.90 -26.27
N SER B 35 -44.26 17.92 -25.12
CA SER B 35 -43.62 18.27 -23.86
C SER B 35 -42.94 17.02 -23.33
N SER B 36 -41.60 17.02 -23.30
CA SER B 36 -40.83 15.85 -22.87
C SER B 36 -40.71 15.76 -21.34
N MET B 37 -41.84 15.43 -20.71
CA MET B 37 -41.97 15.36 -19.26
C MET B 37 -42.59 14.02 -18.92
N ASN B 38 -41.91 13.24 -18.09
CA ASN B 38 -42.41 11.94 -17.67
C ASN B 38 -42.66 11.92 -16.17
N TRP B 39 -43.44 10.94 -15.72
CA TRP B 39 -43.73 10.77 -14.30
C TRP B 39 -43.50 9.33 -13.88
N PHE B 40 -42.91 9.16 -12.70
CA PHE B 40 -42.61 7.84 -12.16
C PHE B 40 -43.20 7.70 -10.77
N GLN B 41 -43.46 6.45 -10.40
CA GLN B 41 -43.96 6.10 -9.08
C GLN B 41 -42.94 5.20 -8.44
N GLN B 42 -42.55 5.51 -7.21
CA GLN B 42 -41.69 4.62 -6.45
C GLN B 42 -42.36 4.25 -5.16
N LYS B 43 -42.78 2.99 -5.08
CA LYS B 43 -43.25 2.42 -3.81
C LYS B 43 -42.02 2.02 -3.03
N ALA B 44 -42.18 1.89 -1.72
CA ALA B 44 -41.04 1.63 -0.83
C ALA B 44 -40.33 0.32 -1.17
N GLY B 45 -39.01 0.35 -1.11
CA GLY B 45 -38.19 -0.82 -1.37
C GLY B 45 -38.13 -1.30 -2.82
N GLN B 46 -38.60 -0.46 -3.74
CA GLN B 46 -38.72 -0.85 -5.15
C GLN B 46 -38.13 0.19 -6.07
N PRO B 47 -37.83 -0.20 -7.32
CA PRO B 47 -37.43 0.82 -8.27
C PRO B 47 -38.58 1.74 -8.67
N PRO B 48 -38.27 2.84 -9.35
CA PRO B 48 -39.32 3.65 -9.92
C PRO B 48 -40.05 2.91 -11.05
N LYS B 49 -41.36 3.08 -11.11
CA LYS B 49 -42.16 2.51 -12.17
C LYS B 49 -42.63 3.63 -13.08
N PHE B 50 -42.44 3.44 -14.37
CA PHE B 50 -42.83 4.41 -15.38
C PHE B 50 -44.36 4.47 -15.50
N LEU B 51 -44.92 5.69 -15.45
CA LEU B 51 -46.36 5.92 -15.48
C LEU B 51 -46.81 6.69 -16.69
N ILE B 52 -46.26 7.90 -16.83
CA ILE B 52 -46.72 8.87 -17.82
C ILE B 52 -45.52 9.38 -18.61
N TYR B 53 -45.71 9.49 -19.93
CA TYR B 53 -44.71 10.09 -20.83
C TYR B 53 -45.36 11.24 -21.59
N ALA B 54 -44.54 12.09 -22.20
CA ALA B 54 -45.06 13.21 -22.97
C ALA B 54 -46.12 14.02 -22.19
N ALA B 55 -45.84 14.28 -20.91
CA ALA B 55 -46.70 15.12 -20.05
C ALA B 55 -48.03 14.50 -19.65
N SER B 56 -48.78 13.98 -20.63
CA SER B 56 -50.16 13.48 -20.45
C SER B 56 -50.46 12.05 -20.94
N LYS B 57 -49.58 11.44 -21.75
CA LYS B 57 -49.82 10.09 -22.31
C LYS B 57 -49.36 8.99 -21.35
N GLN B 58 -50.13 7.91 -21.28
CA GLN B 58 -49.92 6.85 -20.26
C GLN B 58 -49.18 5.63 -20.78
N GLY B 59 -48.26 5.09 -19.98
CA GLY B 59 -47.53 3.87 -20.33
C GLY B 59 -48.40 2.63 -20.34
N SER B 60 -47.88 1.53 -20.84
CA SER B 60 -48.66 0.28 -20.99
C SER B 60 -49.22 -0.26 -19.68
N GLY B 61 -50.52 -0.52 -19.67
CA GLY B 61 -51.23 -1.04 -18.49
C GLY B 61 -51.25 -0.13 -17.27
N VAL B 62 -51.10 1.18 -17.49
CA VAL B 62 -51.15 2.16 -16.40
C VAL B 62 -52.60 2.59 -16.26
N PRO B 63 -53.23 2.37 -15.08
CA PRO B 63 -54.66 2.65 -14.89
C PRO B 63 -55.13 4.05 -15.34
N ALA B 64 -56.39 4.12 -15.77
CA ALA B 64 -57.02 5.37 -16.25
C ALA B 64 -56.90 6.56 -15.27
N ARG B 65 -56.95 6.24 -13.99
CA ARG B 65 -56.90 7.22 -12.91
C ARG B 65 -55.62 8.06 -12.81
N PHE B 66 -54.49 7.49 -13.22
CA PHE B 66 -53.25 8.26 -13.36
C PHE B 66 -53.32 9.02 -14.68
N SER B 67 -53.14 10.33 -14.63
CA SER B 67 -53.15 11.15 -15.84
C SER B 67 -52.45 12.45 -15.53
N GLY B 68 -51.63 12.91 -16.48
CA GLY B 68 -50.86 14.14 -16.33
C GLY B 68 -51.34 15.22 -17.28
N SER B 69 -50.82 16.42 -17.08
CA SER B 69 -51.21 17.57 -17.88
C SER B 69 -50.15 18.65 -17.79
N GLY B 70 -50.35 19.71 -18.56
CA GLY B 70 -49.43 20.83 -18.63
C GLY B 70 -48.55 20.79 -19.86
N SER B 71 -47.95 21.93 -20.15
CA SER B 71 -46.96 22.07 -21.22
C SER B 71 -45.92 23.11 -20.83
N GLY B 72 -44.82 23.17 -21.59
CA GLY B 72 -43.79 24.19 -21.40
C GLY B 72 -42.96 23.96 -20.16
N THR B 73 -43.25 24.71 -19.10
CA THR B 73 -42.51 24.65 -17.85
C THR B 73 -43.33 24.13 -16.65
N ASP B 74 -44.67 24.11 -16.76
CA ASP B 74 -45.53 23.72 -15.63
C ASP B 74 -46.31 22.45 -15.96
N PHE B 75 -46.29 21.52 -15.01
CA PHE B 75 -46.87 20.20 -15.22
C PHE B 75 -47.53 19.69 -13.96
N SER B 76 -48.56 18.87 -14.14
CA SER B 76 -49.20 18.20 -13.03
C SER B 76 -49.33 16.72 -13.28
N LEU B 77 -49.48 15.99 -12.18
CA LEU B 77 -49.84 14.58 -12.19
C LEU B 77 -51.07 14.46 -11.31
N ILE B 78 -52.15 13.96 -11.88
CA ILE B 78 -53.40 13.78 -11.14
C ILE B 78 -53.63 12.29 -10.93
N ILE B 79 -53.94 11.94 -9.70
CA ILE B 79 -54.37 10.61 -9.34
C ILE B 79 -55.78 10.76 -8.78
N HIS B 80 -56.76 10.15 -9.44
CA HIS B 80 -58.16 10.33 -9.10
C HIS B 80 -59.01 9.29 -9.81
N PRO B 81 -59.66 8.37 -9.10
CA PRO B 81 -59.70 8.26 -7.64
C PRO B 81 -58.47 7.59 -7.04
N VAL B 82 -57.95 8.15 -5.96
CA VAL B 82 -56.84 7.57 -5.21
C VAL B 82 -57.23 6.26 -4.53
N GLU B 83 -56.29 5.31 -4.49
CA GLU B 83 -56.49 3.98 -3.89
C GLU B 83 -55.38 3.66 -2.89
N GLU B 84 -55.58 2.61 -2.09
CA GLU B 84 -54.63 2.28 -1.03
C GLU B 84 -53.21 2.07 -1.53
N ASP B 85 -53.13 1.41 -2.68
CA ASP B 85 -51.87 1.03 -3.30
C ASP B 85 -51.14 2.20 -3.97
N ASP B 86 -51.78 3.35 -4.08
CA ASP B 86 -51.13 4.54 -4.63
C ASP B 86 -50.17 5.24 -3.67
N THR B 87 -50.08 4.78 -2.43
CA THR B 87 -49.07 5.31 -1.50
C THR B 87 -47.69 5.00 -2.05
N ALA B 88 -46.90 6.06 -2.21
CA ALA B 88 -45.70 6.03 -3.01
C ALA B 88 -45.09 7.41 -3.04
N VAL B 89 -43.88 7.49 -3.58
CA VAL B 89 -43.28 8.76 -3.95
C VAL B 89 -43.37 8.89 -5.47
N TYR B 90 -43.72 10.08 -5.94
CA TYR B 90 -43.88 10.33 -7.37
C TYR B 90 -42.84 11.32 -7.85
N PHE B 91 -42.08 10.93 -8.87
CA PHE B 91 -41.05 11.77 -9.44
C PHE B 91 -41.46 12.24 -10.82
N CYS B 92 -41.29 13.53 -11.07
CA CYS B 92 -41.33 14.02 -12.43
C CYS B 92 -39.91 13.93 -12.99
N GLN B 93 -39.80 13.96 -14.32
CA GLN B 93 -38.53 13.72 -15.00
C GLN B 93 -38.56 14.24 -16.43
N GLN B 94 -37.46 14.85 -16.84
CA GLN B 94 -37.37 15.64 -18.05
C GLN B 94 -36.44 14.91 -19.01
N SER B 95 -36.89 14.67 -20.24
CA SER B 95 -36.07 14.00 -21.26
C SER B 95 -35.76 14.89 -22.46
N LYS B 96 -35.90 16.20 -22.31
CA LYS B 96 -35.72 17.14 -23.42
C LYS B 96 -34.32 17.08 -23.98
N GLY B 97 -33.34 17.11 -23.10
CA GLY B 97 -31.96 16.89 -23.48
C GLY B 97 -31.11 16.44 -22.33
N VAL B 98 -29.92 15.93 -22.67
CA VAL B 98 -28.92 15.52 -21.69
C VAL B 98 -28.38 16.79 -20.98
N PRO B 99 -28.17 16.75 -19.65
CA PRO B 99 -28.47 15.62 -18.78
C PRO B 99 -29.95 15.47 -18.45
N TYR B 100 -30.37 14.21 -18.36
CA TYR B 100 -31.71 13.88 -17.93
C TYR B 100 -31.75 14.18 -16.44
N THR B 101 -32.82 14.81 -15.97
CA THR B 101 -32.93 15.23 -14.60
C THR B 101 -34.27 14.85 -14.02
N PHE B 102 -34.29 14.52 -12.74
CA PHE B 102 -35.52 14.19 -12.02
C PHE B 102 -35.88 15.28 -11.03
N GLY B 103 -37.11 15.25 -10.56
CA GLY B 103 -37.55 16.13 -9.50
C GLY B 103 -37.15 15.58 -8.14
N GLY B 104 -37.46 16.35 -7.09
CA GLY B 104 -37.13 15.98 -5.72
C GLY B 104 -37.95 14.82 -5.21
N GLY B 105 -39.16 14.68 -5.73
CA GLY B 105 -40.08 13.62 -5.34
C GLY B 105 -41.18 14.19 -4.46
N THR B 106 -42.36 13.58 -4.51
CA THR B 106 -43.49 13.96 -3.69
C THR B 106 -44.11 12.70 -3.10
N LYS B 107 -44.19 12.61 -1.77
CA LYS B 107 -44.82 11.45 -1.13
C LYS B 107 -46.32 11.68 -1.09
N LEU B 108 -47.07 10.71 -1.60
CA LEU B 108 -48.51 10.66 -1.47
C LEU B 108 -48.82 9.71 -0.32
N GLU B 109 -49.42 10.24 0.75
CA GLU B 109 -49.95 9.44 1.84
C GLU B 109 -51.44 9.26 1.58
N ILE B 110 -51.98 8.10 1.94
CA ILE B 110 -53.42 7.84 1.87
C ILE B 110 -54.04 8.10 3.23
N LYS B 111 -54.93 9.09 3.30
CA LYS B 111 -55.74 9.29 4.51
C LYS B 111 -56.64 8.09 4.74
N ARG B 112 -56.74 7.68 5.98
CA ARG B 112 -57.66 6.65 6.41
C ARG B 112 -58.10 6.98 7.82
N ALA B 113 -59.01 6.17 8.35
CA ALA B 113 -59.46 6.32 9.72
C ALA B 113 -58.30 6.14 10.70
N ASP B 114 -58.42 6.76 11.88
CA ASP B 114 -57.38 6.66 12.90
C ASP B 114 -57.24 5.24 13.38
N ALA B 115 -56.05 4.86 13.84
CA ALA B 115 -55.79 3.50 14.29
C ALA B 115 -54.76 3.50 15.40
N ALA B 116 -55.10 2.86 16.52
CA ALA B 116 -54.19 2.80 17.66
C ALA B 116 -53.10 1.76 17.38
N PRO B 117 -51.88 1.99 17.87
CA PRO B 117 -50.83 1.00 17.69
C PRO B 117 -51.03 -0.22 18.59
N THR B 118 -50.69 -1.41 18.09
CA THR B 118 -50.55 -2.59 18.92
C THR B 118 -49.09 -2.61 19.37
N VAL B 119 -48.87 -2.37 20.66
CA VAL B 119 -47.53 -2.19 21.22
C VAL B 119 -47.04 -3.46 21.90
N SER B 120 -45.82 -3.84 21.58
CA SER B 120 -45.19 -5.05 22.09
C SER B 120 -43.81 -4.69 22.61
N ILE B 121 -43.50 -5.05 23.86
CA ILE B 121 -42.15 -4.82 24.39
C ILE B 121 -41.37 -6.13 24.46
N PHE B 122 -40.07 -6.03 24.23
CA PHE B 122 -39.18 -7.19 24.17
C PHE B 122 -37.91 -6.91 24.96
N PRO B 123 -37.62 -7.73 25.99
CA PRO B 123 -36.33 -7.61 26.62
C PRO B 123 -35.17 -8.00 25.70
N PRO B 124 -33.94 -7.88 26.20
CA PRO B 124 -32.79 -8.39 25.46
C PRO B 124 -32.84 -9.93 25.34
N SER B 125 -32.28 -10.45 24.26
CA SER B 125 -32.12 -11.88 24.08
C SER B 125 -31.05 -12.44 25.02
N SER B 126 -31.10 -13.74 25.29
CA SER B 126 -30.02 -14.40 26.04
C SER B 126 -28.68 -14.26 25.31
N GLU B 127 -28.73 -14.35 23.98
CA GLU B 127 -27.56 -14.23 23.11
C GLU B 127 -26.88 -12.86 23.28
N GLN B 128 -27.68 -11.80 23.30
CA GLN B 128 -27.13 -10.44 23.39
C GLN B 128 -26.54 -10.12 24.75
N LEU B 129 -27.16 -10.63 25.82
CA LEU B 129 -26.62 -10.41 27.16
C LEU B 129 -25.21 -10.97 27.26
N THR B 130 -25.04 -12.24 26.84
CA THR B 130 -23.72 -12.88 26.84
C THR B 130 -22.70 -12.25 25.85
N SER B 131 -23.17 -11.53 24.83
CA SER B 131 -22.27 -10.69 24.00
C SER B 131 -21.66 -9.52 24.79
N GLY B 132 -22.46 -8.88 25.63
CA GLY B 132 -22.01 -7.69 26.39
C GLY B 132 -22.95 -6.49 26.31
N GLY B 133 -23.84 -6.48 25.32
CA GLY B 133 -24.84 -5.43 25.18
C GLY B 133 -26.20 -5.82 25.73
N ALA B 134 -27.14 -4.88 25.66
CA ALA B 134 -28.54 -5.11 26.08
C ALA B 134 -29.46 -4.11 25.38
N SER B 135 -30.32 -4.63 24.50
CA SER B 135 -31.23 -3.79 23.73
C SER B 135 -32.67 -4.18 24.04
N VAL B 136 -33.43 -3.19 24.48
CA VAL B 136 -34.84 -3.34 24.73
C VAL B 136 -35.57 -2.74 23.54
N VAL B 137 -36.45 -3.53 22.93
CA VAL B 137 -37.13 -3.14 21.71
C VAL B 137 -38.63 -3.05 21.97
N CYS B 138 -39.26 -2.12 21.29
CA CYS B 138 -40.68 -1.86 21.44
C CYS B 138 -41.27 -1.61 20.06
N PHE B 139 -42.05 -2.56 19.56
CA PHE B 139 -42.75 -2.38 18.28
C PHE B 139 -44.09 -1.72 18.52
N LEU B 140 -44.39 -0.70 17.74
CA LEU B 140 -45.70 -0.07 17.72
C LEU B 140 -46.21 -0.29 16.32
N ASN B 141 -47.20 -1.18 16.16
CA ASN B 141 -47.59 -1.65 14.83
C ASN B 141 -49.00 -1.24 14.42
N ASN B 142 -49.13 -0.92 13.13
CA ASN B 142 -50.41 -0.69 12.45
C ASN B 142 -51.22 0.45 13.04
N PHE B 143 -50.70 1.67 12.89
CA PHE B 143 -51.35 2.87 13.40
C PHE B 143 -51.45 3.96 12.34
N TYR B 144 -52.30 4.94 12.63
CA TYR B 144 -52.50 6.08 11.76
C TYR B 144 -53.13 7.21 12.59
N PRO B 145 -52.71 8.48 12.43
CA PRO B 145 -51.67 8.93 11.51
C PRO B 145 -50.24 8.59 11.88
N LYS B 146 -49.28 9.04 11.06
CA LYS B 146 -47.86 8.72 11.26
C LYS B 146 -47.25 9.25 12.55
N ASP B 147 -47.72 10.41 13.02
CA ASP B 147 -47.22 11.01 14.27
C ASP B 147 -47.35 10.10 15.46
N ILE B 148 -46.24 9.88 16.17
CA ILE B 148 -46.27 9.14 17.41
C ILE B 148 -45.08 9.54 18.27
N ASN B 149 -45.23 9.38 19.58
CA ASN B 149 -44.21 9.75 20.54
C ASN B 149 -43.96 8.62 21.48
N VAL B 150 -42.71 8.19 21.55
CA VAL B 150 -42.32 7.09 22.41
C VAL B 150 -41.41 7.64 23.49
N LYS B 151 -41.71 7.28 24.72
CA LYS B 151 -40.91 7.63 25.87
C LYS B 151 -40.46 6.32 26.49
N TRP B 152 -39.17 6.21 26.79
CA TRP B 152 -38.64 5.07 27.54
C TRP B 152 -38.45 5.48 28.99
N LYS B 153 -38.86 4.60 29.90
CA LYS B 153 -38.62 4.77 31.32
C LYS B 153 -37.81 3.57 31.83
N ILE B 154 -36.86 3.83 32.75
CA ILE B 154 -36.12 2.79 33.47
C ILE B 154 -36.34 3.06 34.96
N ASP B 155 -37.01 2.14 35.64
CA ASP B 155 -37.49 2.37 37.01
C ASP B 155 -38.23 3.71 37.11
N GLY B 156 -39.11 3.99 36.14
CA GLY B 156 -39.86 5.23 36.11
C GLY B 156 -39.12 6.51 35.75
N SER B 157 -37.79 6.45 35.56
CA SER B 157 -36.96 7.59 35.16
C SER B 157 -36.80 7.63 33.64
N GLU B 158 -37.08 8.76 33.03
CA GLU B 158 -37.07 8.90 31.58
C GLU B 158 -35.65 8.77 31.02
N ARG B 159 -35.54 8.22 29.82
CA ARG B 159 -34.26 8.08 29.12
C ARG B 159 -34.39 8.46 27.66
N GLN B 160 -33.42 9.22 27.16
CA GLN B 160 -33.35 9.62 25.74
C GLN B 160 -32.11 9.12 24.98
N ASN B 161 -31.08 8.66 25.71
CA ASN B 161 -29.79 8.28 25.10
C ASN B 161 -29.83 6.81 24.65
N GLY B 162 -29.37 6.55 23.42
CA GLY B 162 -29.34 5.21 22.82
C GLY B 162 -30.60 4.82 22.08
N VAL B 163 -31.60 5.71 22.06
CA VAL B 163 -32.92 5.40 21.52
C VAL B 163 -32.91 5.51 19.99
N LEU B 164 -33.35 4.47 19.30
CA LEU B 164 -33.46 4.46 17.85
C LEU B 164 -34.89 4.23 17.46
N ASN B 165 -35.41 5.13 16.63
CA ASN B 165 -36.81 5.14 16.25
C ASN B 165 -36.91 5.05 14.74
N SER B 166 -37.33 3.90 14.22
CA SER B 166 -37.47 3.69 12.78
C SER B 166 -38.94 3.49 12.42
N TRP B 167 -39.47 4.36 11.56
CA TRP B 167 -40.81 4.18 10.98
C TRP B 167 -40.71 3.39 9.70
N THR B 168 -41.72 2.59 9.40
CA THR B 168 -41.89 2.03 8.07
C THR B 168 -42.48 3.09 7.15
N ASP B 169 -42.56 2.74 5.87
CA ASP B 169 -43.40 3.49 4.93
C ASP B 169 -44.84 3.10 5.17
N GLN B 170 -45.76 3.84 4.57
CA GLN B 170 -47.18 3.50 4.67
C GLN B 170 -47.44 2.16 3.99
N ASP B 171 -48.33 1.38 4.58
CA ASP B 171 -48.69 0.08 4.04
C ASP B 171 -49.56 0.23 2.77
N SER B 172 -49.27 -0.59 1.77
CA SER B 172 -50.01 -0.54 0.50
C SER B 172 -51.40 -1.15 0.56
N LYS B 173 -51.71 -1.91 1.62
CA LYS B 173 -53.03 -2.53 1.77
C LYS B 173 -53.91 -1.88 2.83
N ASP B 174 -53.41 -1.71 4.04
CA ASP B 174 -54.23 -1.09 5.13
C ASP B 174 -53.85 0.36 5.47
N SER B 175 -52.99 0.98 4.68
CA SER B 175 -52.63 2.40 4.83
C SER B 175 -52.15 2.83 6.23
N THR B 176 -51.65 1.87 7.01
CA THR B 176 -51.14 2.16 8.35
C THR B 176 -49.65 2.31 8.30
N TYR B 177 -49.11 2.83 9.39
CA TYR B 177 -47.69 2.88 9.62
C TYR B 177 -47.39 1.98 10.80
N SER B 178 -46.14 1.61 10.92
CA SER B 178 -45.64 0.85 12.06
C SER B 178 -44.28 1.41 12.38
N MET B 179 -43.82 1.19 13.61
CA MET B 179 -42.63 1.86 14.08
C MET B 179 -41.95 1.11 15.20
N SER B 180 -40.62 1.10 15.18
CA SER B 180 -39.80 0.35 16.12
C SER B 180 -38.93 1.31 16.93
N SER B 181 -39.02 1.22 18.25
CA SER B 181 -38.17 1.99 19.14
C SER B 181 -37.22 1.02 19.84
N THR B 182 -35.97 1.43 20.01
CA THR B 182 -34.90 0.53 20.49
C THR B 182 -33.96 1.25 21.47
N LEU B 183 -34.16 1.01 22.75
CA LEU B 183 -33.25 1.50 23.79
C LEU B 183 -32.06 0.55 23.93
N THR B 184 -30.85 1.09 23.78
CA THR B 184 -29.61 0.30 23.78
C THR B 184 -28.80 0.72 25.02
N LEU B 185 -28.34 -0.28 25.79
CA LEU B 185 -27.59 -0.05 27.03
C LEU B 185 -26.45 -1.02 27.16
N THR B 186 -25.51 -0.70 28.05
CA THR B 186 -24.47 -1.65 28.42
C THR B 186 -25.16 -2.74 29.26
N LYS B 187 -24.68 -3.99 29.17
CA LYS B 187 -25.21 -5.08 30.01
C LYS B 187 -25.12 -4.73 31.51
N ASP B 188 -23.97 -4.19 31.92
CA ASP B 188 -23.77 -3.69 33.29
C ASP B 188 -24.93 -2.82 33.76
N GLU B 189 -25.33 -1.84 32.94
CA GLU B 189 -26.37 -0.89 33.32
C GLU B 189 -27.79 -1.45 33.20
N TYR B 190 -28.00 -2.40 32.28
CA TYR B 190 -29.28 -3.11 32.18
C TYR B 190 -29.60 -3.85 33.48
N GLU B 191 -28.59 -4.46 34.09
CA GLU B 191 -28.77 -5.27 35.30
C GLU B 191 -28.78 -4.45 36.60
N ARG B 192 -28.46 -3.15 36.52
CA ARG B 192 -28.59 -2.24 37.68
C ARG B 192 -30.00 -1.80 37.96
N HIS B 193 -30.87 -1.81 36.96
CA HIS B 193 -32.27 -1.39 37.11
C HIS B 193 -33.18 -2.58 36.87
N ASN B 194 -34.40 -2.49 37.39
CA ASN B 194 -35.36 -3.58 37.31
C ASN B 194 -36.46 -3.38 36.25
N SER B 195 -37.17 -2.26 36.34
CA SER B 195 -38.41 -2.01 35.57
C SER B 195 -38.18 -1.23 34.27
N TYR B 196 -38.50 -1.85 33.12
CA TYR B 196 -38.36 -1.23 31.80
C TYR B 196 -39.70 -1.00 31.14
N THR B 197 -39.98 0.25 30.78
CA THR B 197 -41.31 0.68 30.35
C THR B 197 -41.19 1.41 29.01
N CYS B 198 -42.29 1.45 28.28
CA CYS B 198 -42.31 1.98 26.92
C CYS B 198 -43.63 2.73 26.68
N GLU B 199 -43.68 4.01 27.08
CA GLU B 199 -44.89 4.84 26.91
C GLU B 199 -45.01 5.33 25.49
N ALA B 200 -46.22 5.33 24.96
CA ALA B 200 -46.47 5.70 23.56
C ALA B 200 -47.72 6.56 23.45
N THR B 201 -47.52 7.86 23.24
CA THR B 201 -48.61 8.81 23.02
C THR B 201 -48.91 8.90 21.53
N HIS B 202 -50.19 8.74 21.21
CA HIS B 202 -50.69 8.81 19.85
C HIS B 202 -51.95 9.65 19.85
N LYS B 203 -52.34 10.14 18.67
CA LYS B 203 -53.59 10.90 18.48
C LYS B 203 -54.80 10.17 19.04
N THR B 204 -54.82 8.85 18.88
CA THR B 204 -55.95 7.99 19.29
C THR B 204 -56.24 8.07 20.78
N SER B 205 -55.24 7.81 21.61
CA SER B 205 -55.43 7.76 23.06
C SER B 205 -54.93 9.04 23.73
N THR B 206 -55.79 9.67 24.53
CA THR B 206 -55.39 10.85 25.31
C THR B 206 -54.23 10.47 26.27
N SER B 207 -54.48 9.47 27.13
CA SER B 207 -53.45 8.95 28.02
C SER B 207 -52.61 7.92 27.26
N PRO B 208 -51.32 7.76 27.62
CA PRO B 208 -50.42 6.98 26.79
C PRO B 208 -50.61 5.48 26.91
N ILE B 209 -50.29 4.77 25.84
CA ILE B 209 -50.27 3.30 25.82
C ILE B 209 -48.95 2.85 26.43
N VAL B 210 -49.01 2.22 27.60
CA VAL B 210 -47.84 1.73 28.30
C VAL B 210 -47.67 0.23 28.07
N LYS B 211 -46.44 -0.22 27.84
CA LYS B 211 -46.10 -1.65 27.92
C LYS B 211 -44.79 -1.76 28.69
N SER B 212 -44.72 -2.76 29.56
CA SER B 212 -43.73 -2.78 30.61
C SER B 212 -43.34 -4.19 31.02
N PHE B 213 -42.09 -4.37 31.44
CA PHE B 213 -41.66 -5.59 32.13
C PHE B 213 -40.69 -5.28 33.26
N ASN B 214 -40.53 -6.25 34.17
CA ASN B 214 -39.49 -6.23 35.20
C ASN B 214 -38.61 -7.48 34.98
N ARG B 215 -37.30 -7.36 35.19
CA ARG B 215 -36.34 -8.42 34.81
C ARG B 215 -36.53 -9.75 35.53
N ASN B 216 -37.02 -9.72 36.78
CA ASN B 216 -37.23 -10.95 37.57
C ASN B 216 -38.73 -11.36 37.42
N GLU B 217 -39.11 -11.80 36.22
CA GLU B 217 -40.52 -12.00 35.82
C GLU B 217 -40.54 -12.61 34.46
N PRO C 11 -45.70 -0.38 -30.80
CA PRO C 11 -44.59 -0.89 -29.98
C PRO C 11 -43.79 0.25 -29.35
N HYP C 12 -42.91 -0.05 -28.37
CA HYP C 12 -41.80 0.88 -28.07
C HYP C 12 -40.86 1.49 -29.13
O HYP C 12 -40.56 0.82 -30.13
CB HYP C 12 -41.42 0.84 -26.61
CG HYP C 12 -42.07 -0.45 -26.11
CD HYP C 12 -43.13 -0.88 -27.16
OD1 HYP C 12 -42.67 -0.25 -24.83
N GLY C 13 -40.40 2.72 -28.92
CA GLY C 13 -39.32 3.28 -29.74
C GLY C 13 -37.97 2.61 -29.41
N ALA C 14 -36.97 2.84 -30.26
CA ALA C 14 -35.56 2.64 -29.88
C ALA C 14 -35.29 3.32 -28.50
N ARG C 15 -35.53 4.64 -28.45
CA ARG C 15 -35.33 5.52 -27.29
C ARG C 15 -36.20 5.19 -26.08
N GLY C 16 -37.35 4.53 -26.30
CA GLY C 16 -38.36 4.27 -25.27
C GLY C 16 -39.39 5.38 -25.23
N LEU C 17 -40.57 5.07 -24.72
CA LEU C 17 -41.58 6.12 -24.56
C LEU C 17 -41.05 7.30 -23.72
N THR C 18 -40.26 7.03 -22.67
CA THR C 18 -39.64 8.08 -21.83
C THR C 18 -38.44 8.76 -22.48
N GLY C 19 -38.01 8.30 -23.65
CA GLY C 19 -36.81 8.80 -24.32
C GLY C 19 -36.98 10.17 -24.94
C CIR C 20 -36.55 12.13 -27.30
O CIR C 20 -36.72 11.07 -27.91
CA CIR C 20 -35.94 12.13 -25.93
N CIR C 20 -35.88 10.77 -25.37
C3 CIR C 20 -34.56 12.77 -25.96
C4 CIR C 20 -33.64 12.06 -26.93
C5 CIR C 20 -32.20 12.45 -26.67
N6 CIR C 20 -32.00 13.89 -26.71
C7 CIR C 20 -30.79 14.41 -26.82
O7 CIR C 20 -29.82 13.71 -27.02
N8 CIR C 20 -30.66 15.72 -26.68
N HYP C 21 -36.89 13.37 -27.80
CA HYP C 21 -37.49 13.35 -29.12
C HYP C 21 -36.46 13.41 -30.20
O HYP C 21 -36.85 13.42 -31.38
CB HYP C 21 -38.41 14.56 -29.24
CG HYP C 21 -38.17 15.42 -28.03
CD HYP C 21 -36.91 14.86 -27.44
OD1 HYP C 21 -39.23 15.21 -27.09
N GLU D 1 9.81 23.21 -39.77
CA GLU D 1 9.28 22.49 -38.59
C GLU D 1 9.25 23.39 -37.35
N VAL D 2 8.10 23.44 -36.68
CA VAL D 2 7.99 24.10 -35.37
C VAL D 2 8.31 23.09 -34.27
N LYS D 3 9.09 23.51 -33.27
CA LYS D 3 9.37 22.69 -32.08
C LYS D 3 9.05 23.48 -30.84
N LEU D 4 8.31 22.88 -29.91
CA LEU D 4 8.05 23.47 -28.59
C LEU D 4 8.42 22.46 -27.55
N GLU D 5 9.41 22.79 -26.74
CA GLU D 5 9.86 21.93 -25.64
C GLU D 5 9.61 22.62 -24.32
N GLU D 6 8.83 21.99 -23.46
CA GLU D 6 8.63 22.46 -22.10
C GLU D 6 9.66 21.86 -21.19
N SER D 7 9.80 22.42 -20.00
CA SER D 7 10.70 21.89 -18.99
C SER D 7 10.31 22.35 -17.61
N GLY D 8 10.78 21.60 -16.61
CA GLY D 8 10.69 22.00 -15.21
C GLY D 8 9.38 21.66 -14.52
N GLY D 9 8.75 20.57 -14.93
CA GLY D 9 7.61 20.03 -14.18
C GLY D 9 8.09 19.34 -12.90
N GLY D 10 7.43 18.26 -12.52
CA GLY D 10 7.85 17.43 -11.37
C GLY D 10 6.92 17.50 -10.18
N LEU D 11 7.47 17.19 -9.01
CA LEU D 11 6.72 17.15 -7.77
C LEU D 11 6.94 18.40 -6.97
N VAL D 12 5.88 18.92 -6.35
CA VAL D 12 6.01 20.00 -5.38
C VAL D 12 4.93 19.89 -4.29
N GLN D 13 5.30 20.28 -3.08
CA GLN D 13 4.37 20.32 -1.95
C GLN D 13 3.26 21.35 -2.15
N PRO D 14 2.05 21.11 -1.60
CA PRO D 14 1.03 22.17 -1.60
C PRO D 14 1.52 23.42 -0.91
N GLY D 15 1.26 24.59 -1.49
CA GLY D 15 1.83 25.86 -1.03
C GLY D 15 3.13 26.25 -1.73
N GLY D 16 3.86 25.26 -2.28
CA GLY D 16 5.16 25.50 -2.90
C GLY D 16 5.08 26.20 -4.24
N SER D 17 6.25 26.45 -4.82
CA SER D 17 6.38 27.18 -6.07
C SER D 17 7.02 26.32 -7.13
N MET D 18 6.87 26.74 -8.37
CA MET D 18 7.44 26.03 -9.51
C MET D 18 7.44 26.93 -10.73
N LYS D 19 8.49 26.84 -11.53
CA LYS D 19 8.63 27.65 -12.73
C LYS D 19 8.78 26.73 -13.94
N LEU D 20 7.78 26.72 -14.79
CA LEU D 20 7.87 26.00 -16.06
C LEU D 20 8.53 26.93 -17.06
N SER D 21 9.22 26.37 -18.04
CA SER D 21 9.73 27.15 -19.15
C SER D 21 9.52 26.42 -20.45
N CYS D 22 9.46 27.18 -21.54
CA CYS D 22 9.09 26.68 -22.85
C CYS D 22 9.96 27.31 -23.92
N ALA D 23 10.86 26.52 -24.50
CA ALA D 23 11.68 26.94 -25.65
C ALA D 23 10.92 26.67 -26.93
N ALA D 24 11.01 27.58 -27.90
CA ALA D 24 10.33 27.47 -29.19
C ALA D 24 11.26 27.82 -30.34
N SER D 25 11.05 27.17 -31.48
CA SER D 25 11.75 27.52 -32.73
C SER D 25 10.85 27.21 -33.93
N GLY D 26 11.22 27.74 -35.10
CA GLY D 26 10.45 27.51 -36.32
C GLY D 26 9.36 28.52 -36.66
N PHE D 27 9.25 29.59 -35.87
CA PHE D 27 8.41 30.74 -36.22
C PHE D 27 8.97 32.00 -35.58
N THR D 28 8.72 33.16 -36.16
CA THR D 28 9.22 34.42 -35.58
C THR D 28 8.61 34.62 -34.18
N PHE D 29 9.36 34.20 -33.15
CA PHE D 29 8.89 34.15 -31.76
C PHE D 29 8.36 35.48 -31.24
N SER D 30 9.06 36.58 -31.54
CA SER D 30 8.68 37.90 -30.99
C SER D 30 7.29 38.34 -31.43
N ASP D 31 6.85 37.86 -32.59
CA ASP D 31 5.50 38.14 -33.13
C ASP D 31 4.39 37.25 -32.60
N ALA D 32 4.73 36.11 -32.00
CA ALA D 32 3.73 35.09 -31.66
C ALA D 32 3.08 35.30 -30.30
N TRP D 33 1.75 35.14 -30.25
CA TRP D 33 1.03 35.02 -28.99
C TRP D 33 1.28 33.61 -28.45
N MET D 34 1.64 33.51 -27.18
CA MET D 34 1.98 32.24 -26.56
C MET D 34 1.06 31.98 -25.39
N ASP D 35 0.74 30.72 -25.16
CA ASP D 35 -0.17 30.33 -24.09
C ASP D 35 0.36 29.13 -23.29
N TRP D 36 -0.26 28.90 -22.15
CA TRP D 36 -0.10 27.64 -21.41
C TRP D 36 -1.48 27.03 -21.24
N VAL D 37 -1.57 25.73 -21.45
CA VAL D 37 -2.81 24.98 -21.32
C VAL D 37 -2.49 23.74 -20.52
N ARG D 38 -3.38 23.37 -19.63
CA ARG D 38 -3.18 22.18 -18.82
C ARG D 38 -4.28 21.17 -19.01
N GLN D 39 -3.95 19.93 -18.70
CA GLN D 39 -4.86 18.82 -18.86
C GLN D 39 -4.76 17.91 -17.65
N SER D 40 -5.92 17.60 -17.07
CA SER D 40 -6.04 16.52 -16.10
C SER D 40 -7.22 15.65 -16.55
N PRO D 41 -7.27 14.40 -16.08
CA PRO D 41 -8.41 13.55 -16.48
C PRO D 41 -9.75 14.02 -15.92
N GLU D 42 -9.74 14.69 -14.77
CA GLU D 42 -10.99 15.18 -14.14
C GLU D 42 -11.55 16.40 -14.87
N LYS D 43 -10.69 17.33 -15.26
CA LYS D 43 -11.11 18.64 -15.76
C LYS D 43 -10.85 18.94 -17.25
N GLY D 44 -10.21 18.00 -17.96
CA GLY D 44 -10.01 18.14 -19.42
C GLY D 44 -8.97 19.21 -19.71
N LEU D 45 -9.21 20.02 -20.73
CA LEU D 45 -8.24 21.02 -21.14
C LEU D 45 -8.64 22.37 -20.56
N GLU D 46 -7.79 22.92 -19.71
CA GLU D 46 -7.97 24.28 -19.16
C GLU D 46 -6.92 25.19 -19.74
N TRP D 47 -7.37 26.27 -20.37
CA TRP D 47 -6.45 27.37 -20.70
C TRP D 47 -6.03 27.98 -19.38
N VAL D 48 -4.74 28.25 -19.23
CA VAL D 48 -4.18 28.73 -17.98
C VAL D 48 -3.78 30.19 -18.07
N ALA D 49 -2.99 30.53 -19.09
CA ALA D 49 -2.46 31.88 -19.24
C ALA D 49 -2.03 32.18 -20.68
N GLU D 50 -2.17 33.44 -21.05
CA GLU D 50 -1.78 33.97 -22.36
C GLU D 50 -0.73 35.04 -22.13
N ILE D 51 0.24 35.13 -23.05
CA ILE D 51 1.02 36.35 -23.18
C ILE D 51 1.08 36.72 -24.65
N ARG D 52 0.85 38.00 -24.94
CA ARG D 52 0.76 38.46 -26.32
C ARG D 52 2.10 39.00 -26.79
N ASN D 53 2.15 39.43 -28.06
CA ASN D 53 3.40 39.87 -28.69
C ASN D 53 3.77 41.29 -28.28
N LYS D 54 4.94 41.73 -28.72
CA LYS D 54 5.41 43.10 -28.47
C LYS D 54 4.41 44.16 -28.95
N VAL D 55 3.76 43.92 -30.09
CA VAL D 55 2.77 44.86 -30.67
C VAL D 55 1.57 45.09 -29.73
N ASN D 56 1.21 44.07 -28.95
CA ASN D 56 0.17 44.18 -27.92
C ASN D 56 0.76 44.32 -26.51
N ASN D 57 1.89 45.00 -26.37
CA ASN D 57 2.46 45.35 -25.07
C ASN D 57 2.71 44.18 -24.11
N HIS D 58 2.99 43.00 -24.67
CA HIS D 58 3.17 41.78 -23.89
C HIS D 58 2.06 41.59 -22.86
N ALA D 59 0.83 41.77 -23.35
CA ALA D 59 -0.35 41.75 -22.51
C ALA D 59 -0.56 40.33 -22.04
N THR D 60 -0.79 40.17 -20.74
CA THR D 60 -1.07 38.86 -20.16
C THR D 60 -2.55 38.72 -19.79
N ASN D 61 -3.05 37.50 -19.88
CA ASN D 61 -4.36 37.15 -19.31
C ASN D 61 -4.24 35.82 -18.59
N TYR D 62 -5.14 35.58 -17.63
CA TYR D 62 -5.11 34.36 -16.84
C TYR D 62 -6.50 33.81 -16.61
N ALA D 63 -6.59 32.49 -16.51
CA ALA D 63 -7.79 31.83 -16.03
C ALA D 63 -8.06 32.28 -14.60
N GLU D 64 -9.34 32.39 -14.26
CA GLU D 64 -9.74 32.83 -12.95
C GLU D 64 -9.12 31.92 -11.88
N SER D 65 -9.09 30.60 -12.12
CA SER D 65 -8.60 29.67 -11.10
C SER D 65 -7.11 29.84 -10.75
N VAL D 66 -6.33 30.55 -11.57
CA VAL D 66 -4.92 30.83 -11.25
C VAL D 66 -4.55 32.30 -10.97
N LYS D 67 -5.50 33.24 -11.12
CA LYS D 67 -5.23 34.67 -10.89
C LYS D 67 -4.60 34.91 -9.53
N GLY D 68 -3.56 35.72 -9.50
CA GLY D 68 -2.85 36.04 -8.27
C GLY D 68 -1.78 35.06 -7.84
N ARG D 69 -1.70 33.90 -8.51
CA ARG D 69 -0.73 32.85 -8.17
C ARG D 69 0.27 32.55 -9.27
N PHE D 70 -0.15 32.66 -10.53
CA PHE D 70 0.64 32.29 -11.71
C PHE D 70 1.07 33.55 -12.46
N THR D 71 2.33 33.64 -12.83
CA THR D 71 2.83 34.73 -13.67
C THR D 71 3.40 34.16 -14.94
N ILE D 72 2.90 34.62 -16.07
CA ILE D 72 3.44 34.26 -17.39
C ILE D 72 4.32 35.40 -17.88
N SER D 73 5.39 35.06 -18.58
CA SER D 73 6.32 36.04 -19.11
C SER D 73 7.14 35.41 -20.21
N ARG D 74 7.91 36.23 -20.93
CA ARG D 74 8.65 35.76 -22.09
C ARG D 74 9.95 36.49 -22.28
N ASP D 75 10.93 35.81 -22.88
CA ASP D 75 12.22 36.39 -23.23
C ASP D 75 12.32 36.32 -24.75
N ASP D 76 11.88 37.38 -25.43
CA ASP D 76 11.87 37.40 -26.89
C ASP D 76 13.26 37.13 -27.50
N SER D 77 14.32 37.56 -26.82
CA SER D 77 15.70 37.33 -27.32
C SER D 77 16.15 35.86 -27.23
N ARG D 78 15.58 35.07 -26.31
CA ARG D 78 15.91 33.64 -26.19
C ARG D 78 14.83 32.67 -26.71
N SER D 79 13.74 33.19 -27.27
CA SER D 79 12.58 32.40 -27.71
C SER D 79 12.02 31.50 -26.60
N VAL D 80 11.84 32.08 -25.42
CA VAL D 80 11.36 31.33 -24.25
C VAL D 80 10.12 31.97 -23.62
N VAL D 81 9.14 31.14 -23.26
CA VAL D 81 8.03 31.54 -22.41
C VAL D 81 8.20 30.84 -21.08
N TYR D 82 8.00 31.59 -19.99
CA TYR D 82 8.03 31.06 -18.64
C TYR D 82 6.63 31.10 -18.01
N LEU D 83 6.37 30.19 -17.09
CA LEU D 83 5.18 30.23 -16.22
C LEU D 83 5.59 30.01 -14.76
N GLN D 84 5.69 31.10 -14.00
CA GLN D 84 5.90 31.05 -12.55
C GLN D 84 4.58 30.66 -11.93
N MET D 85 4.60 29.69 -11.01
CA MET D 85 3.41 29.25 -10.30
C MET D 85 3.72 29.26 -8.80
N ASN D 86 2.86 29.94 -8.03
CA ASN D 86 3.02 30.04 -6.57
C ASN D 86 1.79 29.56 -5.83
N ASN D 87 1.99 29.19 -4.57
CA ASN D 87 0.91 28.68 -3.73
C ASN D 87 0.14 27.58 -4.45
N LEU D 88 0.88 26.57 -4.91
CA LEU D 88 0.32 25.48 -5.70
C LEU D 88 -0.59 24.59 -4.88
N LYS D 89 -1.61 24.05 -5.54
CA LYS D 89 -2.68 23.29 -4.91
C LYS D 89 -2.78 21.95 -5.59
N PRO D 90 -3.35 20.93 -4.92
CA PRO D 90 -3.56 19.63 -5.56
C PRO D 90 -4.30 19.69 -6.89
N GLU D 91 -5.33 20.52 -6.99
CA GLU D 91 -6.09 20.72 -8.24
C GLU D 91 -5.30 21.38 -9.38
N ASP D 92 -4.16 22.01 -9.08
CA ASP D 92 -3.22 22.44 -10.13
C ASP D 92 -2.48 21.27 -10.79
N THR D 93 -2.66 20.04 -10.29
CA THR D 93 -1.99 18.88 -10.86
C THR D 93 -2.47 18.58 -12.25
N GLY D 94 -1.53 18.33 -13.16
CA GLY D 94 -1.85 17.99 -14.55
C GLY D 94 -0.66 18.08 -15.48
N ILE D 95 -0.94 17.91 -16.78
CA ILE D 95 0.07 18.08 -17.82
C ILE D 95 -0.07 19.49 -18.34
N TYR D 96 1.05 20.22 -18.35
CA TYR D 96 1.08 21.61 -18.79
C TYR D 96 1.72 21.70 -20.16
N TYR D 97 0.91 22.03 -21.15
CA TYR D 97 1.38 22.30 -22.51
C TYR D 97 1.66 23.78 -22.69
N CYS D 98 2.76 24.08 -23.35
CA CYS D 98 3.03 25.42 -23.84
C CYS D 98 2.62 25.42 -25.30
N THR D 99 1.83 26.41 -25.70
CA THR D 99 1.36 26.49 -27.06
C THR D 99 1.80 27.80 -27.69
N GLY D 100 1.96 27.77 -29.01
CA GLY D 100 2.42 28.92 -29.78
C GLY D 100 1.44 29.28 -30.86
N LEU D 101 1.35 30.59 -31.14
CA LEU D 101 0.36 31.13 -32.06
C LEU D 101 -1.03 30.74 -31.56
N THR D 102 -1.35 31.28 -30.38
CA THR D 102 -2.44 30.81 -29.53
C THR D 102 -2.35 29.27 -29.43
N PHE D 103 -3.17 28.52 -30.19
CA PHE D 103 -3.17 27.06 -30.10
C PHE D 103 -2.81 26.34 -31.39
N ASP D 104 -2.22 27.05 -32.35
CA ASP D 104 -1.82 26.41 -33.61
C ASP D 104 -0.84 25.27 -33.35
N TYR D 105 0.14 25.51 -32.49
CA TYR D 105 1.17 24.51 -32.19
C TYR D 105 1.26 24.26 -30.70
N TRP D 106 1.56 23.02 -30.33
CA TRP D 106 1.58 22.57 -28.94
C TRP D 106 2.83 21.77 -28.65
N GLY D 107 3.39 21.95 -27.47
CA GLY D 107 4.51 21.13 -27.03
C GLY D 107 4.05 19.77 -26.55
N GLN D 108 5.02 18.91 -26.24
CA GLN D 108 4.73 17.57 -25.75
C GLN D 108 4.00 17.57 -24.43
N GLY D 109 4.33 18.56 -23.59
CA GLY D 109 3.72 18.74 -22.28
C GLY D 109 4.73 18.35 -21.22
N THR D 110 4.58 18.93 -20.04
CA THR D 110 5.41 18.60 -18.88
C THR D 110 4.49 18.36 -17.69
N THR D 111 4.81 17.38 -16.85
CA THR D 111 3.88 16.97 -15.80
C THR D 111 4.17 17.66 -14.50
N LEU D 112 3.14 18.27 -13.90
CA LEU D 112 3.24 18.89 -12.59
C LEU D 112 2.33 18.14 -11.65
N THR D 113 2.90 17.55 -10.61
CA THR D 113 2.12 16.89 -9.56
C THR D 113 2.28 17.69 -8.26
N VAL D 114 1.15 18.00 -7.63
CA VAL D 114 1.14 18.77 -6.39
C VAL D 114 0.58 17.90 -5.28
N SER D 115 1.45 17.46 -4.37
CA SER D 115 1.11 16.45 -3.39
C SER D 115 2.18 16.42 -2.32
N SER D 116 1.77 16.24 -1.06
CA SER D 116 2.71 16.10 0.04
C SER D 116 3.28 14.67 0.15
N ALA D 117 2.95 13.79 -0.79
CA ALA D 117 3.61 12.49 -0.88
C ALA D 117 5.04 12.69 -1.37
N LYS D 118 5.95 11.81 -0.94
CA LYS D 118 7.37 11.95 -1.24
C LYS D 118 7.66 11.30 -2.57
N THR D 119 8.78 11.69 -3.18
CA THR D 119 9.26 11.06 -4.39
C THR D 119 9.67 9.62 -4.10
N THR D 120 9.40 8.72 -5.04
CA THR D 120 9.71 7.30 -4.86
C THR D 120 10.15 6.67 -6.18
N ALA D 121 11.32 6.04 -6.16
CA ALA D 121 11.85 5.41 -7.36
C ALA D 121 11.09 4.13 -7.65
N PRO D 122 10.86 3.81 -8.93
CA PRO D 122 10.23 2.53 -9.26
C PRO D 122 11.20 1.40 -9.08
N SER D 123 10.69 0.23 -8.73
CA SER D 123 11.42 -1.00 -8.96
C SER D 123 11.07 -1.43 -10.37
N VAL D 124 12.08 -1.86 -11.15
CA VAL D 124 11.87 -2.23 -12.55
C VAL D 124 12.20 -3.71 -12.74
N TYR D 125 11.17 -4.52 -12.98
CA TYR D 125 11.30 -5.95 -13.06
C TYR D 125 11.07 -6.44 -14.50
N PRO D 126 12.00 -7.27 -15.04
CA PRO D 126 11.80 -7.87 -16.35
C PRO D 126 10.87 -9.09 -16.26
N LEU D 127 10.00 -9.24 -17.25
CA LEU D 127 9.06 -10.35 -17.29
C LEU D 127 9.34 -11.21 -18.54
N ALA D 128 10.04 -12.31 -18.33
CA ALA D 128 10.25 -13.34 -19.35
C ALA D 128 9.14 -14.36 -19.30
N PRO D 129 8.89 -15.10 -20.39
CA PRO D 129 7.74 -16.04 -20.36
C PRO D 129 7.97 -17.23 -19.45
N VAL D 130 6.95 -18.08 -19.34
CA VAL D 130 7.05 -19.35 -18.59
C VAL D 130 8.11 -20.27 -19.20
N CYS D 131 8.82 -21.01 -18.34
CA CYS D 131 9.74 -22.06 -18.79
C CYS D 131 9.19 -22.97 -19.95
N GLY D 132 9.69 -22.74 -21.17
CA GLY D 132 9.22 -23.44 -22.38
C GLY D 132 8.20 -22.64 -23.16
N THR D 135 5.22 -22.10 -27.29
CA THR D 135 5.24 -22.98 -28.48
C THR D 135 5.13 -22.21 -29.82
N GLY D 136 4.55 -21.01 -29.78
CA GLY D 136 4.01 -20.36 -30.96
C GLY D 136 5.03 -19.82 -31.95
N SER D 137 4.49 -19.18 -33.00
CA SER D 137 5.30 -18.47 -34.00
C SER D 137 5.65 -17.02 -33.59
N SER D 138 5.26 -16.60 -32.39
CA SER D 138 5.74 -15.35 -31.80
C SER D 138 5.82 -15.47 -30.27
N VAL D 139 6.50 -14.53 -29.63
CA VAL D 139 6.72 -14.55 -28.18
C VAL D 139 6.58 -13.14 -27.60
N THR D 140 5.95 -13.07 -26.43
CA THR D 140 5.72 -11.82 -25.75
C THR D 140 6.56 -11.78 -24.48
N LEU D 141 7.23 -10.64 -24.31
CA LEU D 141 8.01 -10.35 -23.12
C LEU D 141 7.39 -9.13 -22.46
N GLY D 142 7.75 -8.91 -21.22
CA GLY D 142 7.16 -7.83 -20.43
C GLY D 142 8.13 -7.05 -19.58
N CYS D 143 7.64 -5.94 -19.07
CA CYS D 143 8.39 -5.11 -18.17
C CYS D 143 7.44 -4.47 -17.18
N LEU D 144 7.71 -4.66 -15.90
CA LEU D 144 6.89 -4.12 -14.83
C LEU D 144 7.66 -3.00 -14.16
N VAL D 145 7.01 -1.85 -14.01
CA VAL D 145 7.59 -0.68 -13.36
C VAL D 145 6.72 -0.36 -12.16
N LYS D 146 7.12 -0.89 -11.00
CA LYS D 146 6.28 -0.90 -9.80
C LYS D 146 6.62 0.20 -8.81
N GLY D 147 5.58 0.89 -8.35
CA GLY D 147 5.64 1.70 -7.12
C GLY D 147 6.49 2.95 -7.22
N TYR D 148 6.18 3.80 -8.18
CA TYR D 148 6.87 5.08 -8.34
C TYR D 148 5.91 6.24 -8.08
N PHE D 149 6.48 7.38 -7.72
CA PHE D 149 5.72 8.62 -7.57
C PHE D 149 6.69 9.78 -7.71
N PRO D 150 6.35 10.85 -8.42
CA PRO D 150 5.12 11.02 -9.19
C PRO D 150 5.27 10.52 -10.62
N GLU D 151 4.24 10.73 -11.44
CA GLU D 151 4.40 10.53 -12.88
C GLU D 151 5.28 11.64 -13.46
N PRO D 152 5.93 11.44 -14.60
CA PRO D 152 5.84 10.23 -15.43
C PRO D 152 7.08 9.35 -15.32
N VAL D 153 6.98 8.17 -15.91
CA VAL D 153 8.14 7.38 -16.33
C VAL D 153 8.12 7.35 -17.83
N THR D 154 9.30 7.18 -18.41
CA THR D 154 9.41 6.90 -19.84
C THR D 154 9.96 5.47 -19.95
N LEU D 155 9.35 4.70 -20.86
CA LEU D 155 9.74 3.31 -21.08
C LEU D 155 9.84 3.10 -22.57
N THR D 156 10.99 2.59 -22.99
CA THR D 156 11.20 2.21 -24.39
C THR D 156 11.76 0.79 -24.37
N TRP D 157 11.64 0.10 -25.49
CA TRP D 157 12.26 -1.21 -25.67
C TRP D 157 13.42 -1.12 -26.66
N ASN D 158 14.55 -1.77 -26.32
CA ASN D 158 15.81 -1.66 -27.09
C ASN D 158 16.07 -0.22 -27.58
N SER D 159 15.92 0.71 -26.64
CA SER D 159 16.18 2.15 -26.84
C SER D 159 15.35 2.79 -27.97
N GLY D 160 14.13 2.30 -28.17
CA GLY D 160 13.24 2.80 -29.23
C GLY D 160 13.13 1.89 -30.47
N SER D 161 14.11 1.00 -30.69
CA SER D 161 14.13 0.17 -31.91
C SER D 161 12.87 -0.68 -32.11
N LEU D 162 12.25 -1.12 -31.04
CA LEU D 162 10.95 -1.79 -31.08
C LEU D 162 9.86 -0.78 -30.70
N SER D 163 9.16 -0.30 -31.71
CA SER D 163 7.93 0.48 -31.57
C SER D 163 6.79 -0.40 -31.91
N SER D 164 6.85 -1.02 -33.09
CA SER D 164 5.94 -2.11 -33.49
C SER D 164 5.22 -3.10 -32.61
N GLY D 165 5.77 -4.16 -31.96
CA GLY D 165 5.02 -5.03 -31.14
C GLY D 165 4.80 -4.61 -29.69
N VAL D 166 4.96 -3.32 -29.41
CA VAL D 166 4.92 -2.78 -28.04
C VAL D 166 3.53 -2.28 -27.65
N HIS D 167 3.07 -2.72 -26.47
CA HIS D 167 1.93 -2.13 -25.81
C HIS D 167 2.42 -1.70 -24.44
N THR D 168 2.48 -0.39 -24.22
CA THR D 168 2.77 0.17 -22.92
C THR D 168 1.45 0.62 -22.33
N PHE D 169 1.15 0.16 -21.12
CA PHE D 169 -0.14 0.36 -20.50
C PHE D 169 -0.12 1.56 -19.57
N PRO D 170 -1.18 2.38 -19.58
CA PRO D 170 -1.19 3.54 -18.70
C PRO D 170 -0.96 3.14 -17.25
N ALA D 171 -0.28 4.00 -16.50
CA ALA D 171 0.01 3.69 -15.10
C ALA D 171 -1.25 3.78 -14.27
N LEU D 172 -1.20 3.17 -13.09
CA LEU D 172 -2.37 3.14 -12.19
C LEU D 172 -1.92 3.28 -10.74
N LEU D 173 -2.76 3.97 -9.97
CA LEU D 173 -2.42 4.28 -8.56
C LEU D 173 -2.92 3.13 -7.67
N LEU D 174 -1.99 2.35 -7.12
CA LEU D 174 -2.26 1.29 -6.14
C LEU D 174 -1.51 1.68 -4.87
N SER D 175 -2.23 1.80 -3.75
CA SER D 175 -1.66 2.21 -2.44
C SER D 175 -0.80 3.48 -2.54
N GLY D 176 -1.37 4.51 -3.15
CA GLY D 176 -0.69 5.79 -3.30
C GLY D 176 0.54 5.86 -4.23
N LEU D 177 0.87 4.76 -4.91
CA LEU D 177 2.03 4.67 -5.79
C LEU D 177 1.63 4.14 -7.16
N TYR D 178 2.32 4.63 -8.19
CA TYR D 178 2.02 4.26 -9.55
C TYR D 178 2.72 2.96 -9.94
N THR D 179 1.97 2.06 -10.56
CA THR D 179 2.50 0.85 -11.20
C THR D 179 2.19 0.95 -12.69
N LEU D 180 3.07 0.41 -13.51
CA LEU D 180 2.93 0.47 -14.96
C LEU D 180 3.54 -0.79 -15.54
N SER D 181 2.96 -1.28 -16.62
CA SER D 181 3.51 -2.46 -17.29
C SER D 181 3.70 -2.17 -18.77
N SER D 182 4.47 -3.02 -19.44
CA SER D 182 4.59 -2.95 -20.89
C SER D 182 4.96 -4.30 -21.49
N SER D 183 4.22 -4.69 -22.53
CA SER D 183 4.48 -5.92 -23.27
C SER D 183 5.20 -5.56 -24.56
N VAL D 184 5.99 -6.50 -25.07
CA VAL D 184 6.58 -6.39 -26.40
C VAL D 184 6.46 -7.75 -27.06
N THR D 185 6.06 -7.77 -28.33
CA THR D 185 5.84 -9.02 -29.07
C THR D 185 6.69 -9.05 -30.33
N VAL D 186 7.47 -10.11 -30.48
CA VAL D 186 8.35 -10.32 -31.61
C VAL D 186 8.24 -11.76 -32.07
N THR D 187 8.77 -12.05 -33.25
CA THR D 187 8.75 -13.40 -33.79
C THR D 187 9.78 -14.26 -33.05
N SER D 188 9.46 -15.53 -32.79
CA SER D 188 10.29 -16.38 -31.92
C SER D 188 11.72 -16.71 -32.45
N ASN D 189 12.06 -16.28 -33.67
CA ASN D 189 13.47 -16.19 -34.09
C ASN D 189 14.25 -15.19 -33.24
N THR D 190 13.71 -13.97 -33.16
CA THR D 190 14.37 -12.81 -32.55
C THR D 190 14.85 -13.08 -31.11
N TRP D 191 14.01 -13.73 -30.31
CA TRP D 191 14.28 -13.98 -28.90
C TRP D 191 14.22 -15.49 -28.62
N PRO D 192 15.11 -16.05 -27.77
CA PRO D 192 16.12 -15.32 -26.97
C PRO D 192 17.44 -14.94 -27.66
N SER D 193 17.65 -15.36 -28.91
CA SER D 193 18.92 -15.20 -29.60
C SER D 193 19.47 -13.76 -29.62
N GLN D 194 18.66 -12.82 -30.12
CA GLN D 194 18.97 -11.39 -30.02
C GLN D 194 18.42 -10.81 -28.73
N THR D 195 19.23 -10.03 -28.03
CA THR D 195 18.88 -9.55 -26.68
C THR D 195 17.87 -8.42 -26.75
N ILE D 196 16.82 -8.50 -25.93
CA ILE D 196 15.80 -7.45 -25.84
C ILE D 196 15.84 -6.85 -24.44
N THR D 197 15.83 -5.53 -24.36
CA THR D 197 16.09 -4.80 -23.12
C THR D 197 15.05 -3.71 -22.92
N CYS D 198 14.56 -3.64 -21.68
CA CYS D 198 13.54 -2.71 -21.27
C CYS D 198 14.24 -1.49 -20.64
N ASN D 199 14.01 -0.29 -21.21
CA ASN D 199 14.65 0.94 -20.70
C ASN D 199 13.65 1.81 -19.98
N VAL D 200 13.89 2.13 -18.71
CA VAL D 200 12.98 2.94 -17.92
C VAL D 200 13.71 4.09 -17.27
N ALA D 201 13.21 5.31 -17.46
CA ALA D 201 13.67 6.49 -16.75
C ALA D 201 12.53 7.04 -15.93
N HIS D 202 12.85 7.48 -14.72
CA HIS D 202 11.91 8.22 -13.87
C HIS D 202 12.63 9.54 -13.55
N PRO D 203 12.31 10.61 -14.30
CA PRO D 203 13.12 11.83 -14.13
C PRO D 203 13.04 12.39 -12.71
N ALA D 204 11.84 12.39 -12.13
CA ALA D 204 11.59 12.93 -10.79
C ALA D 204 12.46 12.36 -9.69
N SER D 205 12.91 11.10 -9.82
CA SER D 205 13.78 10.46 -8.83
C SER D 205 15.22 10.23 -9.34
N SER D 206 15.53 10.79 -10.51
CA SER D 206 16.82 10.56 -11.22
C SER D 206 17.16 9.07 -11.32
N THR D 207 16.20 8.29 -11.78
CA THR D 207 16.33 6.83 -11.92
C THR D 207 16.38 6.53 -13.41
N LYS D 208 17.39 5.77 -13.84
CA LYS D 208 17.46 5.27 -15.23
C LYS D 208 17.94 3.85 -15.20
N VAL D 209 17.08 2.92 -15.63
CA VAL D 209 17.34 1.48 -15.51
C VAL D 209 17.16 0.83 -16.88
N ASP D 210 18.13 -0.01 -17.27
CA ASP D 210 18.01 -0.89 -18.42
C ASP D 210 17.96 -2.31 -17.86
N LYS D 211 16.87 -3.04 -18.12
CA LYS D 211 16.74 -4.44 -17.68
C LYS D 211 16.60 -5.40 -18.83
N LYS D 212 17.61 -6.25 -19.00
CA LYS D 212 17.64 -7.25 -20.07
C LYS D 212 16.66 -8.36 -19.70
N ILE D 213 15.92 -8.83 -20.70
CA ILE D 213 14.96 -9.94 -20.49
C ILE D 213 15.75 -11.24 -20.72
N GLU D 214 15.86 -12.06 -19.67
CA GLU D 214 16.62 -13.31 -19.69
C GLU D 214 15.61 -14.47 -19.61
N PRO D 215 15.80 -15.56 -20.40
CA PRO D 215 14.89 -16.70 -20.24
C PRO D 215 15.06 -17.41 -18.87
N ARG D 216 14.01 -18.08 -18.40
CA ARG D 216 13.98 -18.62 -17.03
C ARG D 216 14.55 -20.04 -16.92
N GLY D 217 15.81 -20.15 -16.50
CA GLY D 217 16.43 -21.46 -16.25
C GLY D 217 15.95 -22.04 -14.92
N PRO D 218 15.58 -23.34 -14.90
CA PRO D 218 15.31 -24.05 -13.62
C PRO D 218 16.55 -24.73 -13.00
N ASP E 1 -17.32 33.51 -18.86
CA ASP E 1 -16.91 32.17 -19.39
C ASP E 1 -17.93 31.63 -20.39
N ILE E 2 -17.49 31.45 -21.63
CA ILE E 2 -18.30 30.77 -22.63
C ILE E 2 -18.06 29.27 -22.46
N VAL E 3 -19.07 28.56 -22.00
CA VAL E 3 -18.97 27.12 -21.75
C VAL E 3 -19.31 26.35 -23.00
N LEU E 4 -18.45 25.37 -23.32
CA LEU E 4 -18.65 24.48 -24.47
C LEU E 4 -19.03 23.10 -23.96
N THR E 5 -20.09 22.55 -24.54
CA THR E 5 -20.55 21.20 -24.25
C THR E 5 -20.54 20.40 -25.54
N GLN E 6 -19.78 19.32 -25.54
CA GLN E 6 -19.77 18.39 -26.67
C GLN E 6 -20.75 17.26 -26.43
N SER E 7 -21.18 16.65 -27.51
CA SER E 7 -21.85 15.36 -27.43
C SER E 7 -21.69 14.66 -28.77
N PRO E 8 -21.70 13.33 -28.80
CA PRO E 8 -21.74 12.49 -27.63
C PRO E 8 -20.38 12.41 -26.94
N ALA E 9 -20.33 11.67 -25.86
CA ALA E 9 -19.10 11.51 -25.09
C ALA E 9 -18.18 10.53 -25.77
N SER E 10 -18.75 9.41 -26.22
CA SER E 10 -18.06 8.44 -27.02
C SER E 10 -18.98 7.97 -28.15
N LEU E 11 -18.41 7.26 -29.11
CA LEU E 11 -18.96 7.16 -30.45
C LEU E 11 -18.18 6.06 -31.16
N ALA E 12 -18.85 5.07 -31.73
CA ALA E 12 -18.15 3.99 -32.47
C ALA E 12 -18.62 3.88 -33.93
N VAL E 13 -17.72 4.21 -34.87
CA VAL E 13 -18.04 4.26 -36.29
C VAL E 13 -17.28 3.21 -37.08
N SER E 14 -17.97 2.51 -37.98
CA SER E 14 -17.30 1.55 -38.88
C SER E 14 -16.40 2.27 -39.87
N LEU E 15 -15.44 1.54 -40.43
CA LEU E 15 -14.51 2.11 -41.39
C LEU E 15 -15.27 2.62 -42.61
N GLY E 16 -14.91 3.81 -43.08
CA GLY E 16 -15.55 4.41 -44.24
C GLY E 16 -16.88 5.10 -44.01
N GLN E 17 -17.35 5.14 -42.76
CA GLN E 17 -18.66 5.69 -42.44
C GLN E 17 -18.48 7.10 -41.88
N ARG E 18 -19.62 7.77 -41.66
CA ARG E 18 -19.65 9.14 -41.13
C ARG E 18 -19.57 9.16 -39.63
N ALA E 19 -18.74 10.05 -39.09
CA ALA E 19 -18.72 10.34 -37.65
C ALA E 19 -19.09 11.80 -37.50
N THR E 20 -20.09 12.07 -36.66
CA THR E 20 -20.55 13.43 -36.43
C THR E 20 -20.50 13.71 -34.93
N ILE E 21 -19.72 14.74 -34.57
CA ILE E 21 -19.52 15.19 -33.20
C ILE E 21 -20.05 16.61 -33.10
N SER E 22 -20.79 16.91 -32.02
CA SER E 22 -21.39 18.23 -31.81
C SER E 22 -20.70 19.01 -30.74
N CYS E 23 -20.84 20.33 -30.81
CA CYS E 23 -20.34 21.25 -29.79
C CYS E 23 -21.32 22.41 -29.64
N ARG E 24 -21.88 22.54 -28.45
CA ARG E 24 -22.87 23.57 -28.11
C ARG E 24 -22.17 24.58 -27.21
N ALA E 25 -22.33 25.85 -27.53
CA ALA E 25 -21.73 26.94 -26.76
C ALA E 25 -22.80 27.67 -25.95
N SER E 26 -22.46 28.02 -24.71
CA SER E 26 -23.38 28.73 -23.83
C SER E 26 -23.84 30.08 -24.38
N GLU E 27 -23.00 30.71 -25.20
CA GLU E 27 -23.39 31.91 -25.95
C GLU E 27 -22.61 32.01 -27.26
N SER E 28 -23.07 32.91 -28.13
CA SER E 28 -22.55 33.03 -29.49
C SER E 28 -21.04 33.28 -29.52
N VAL E 29 -20.33 32.45 -30.29
CA VAL E 29 -18.89 32.66 -30.53
C VAL E 29 -18.62 33.39 -31.84
N ASP E 30 -19.68 33.86 -32.51
CA ASP E 30 -19.53 34.76 -33.65
C ASP E 30 -18.94 36.08 -33.22
N ASN E 31 -17.86 36.45 -33.88
CA ASN E 31 -17.29 37.77 -33.73
C ASN E 31 -17.03 38.23 -35.15
N TYR E 32 -17.72 39.30 -35.54
CA TYR E 32 -17.78 39.75 -36.94
C TYR E 32 -18.64 38.72 -37.71
N GLY E 33 -18.26 38.38 -38.94
CA GLY E 33 -18.89 37.30 -39.70
C GLY E 33 -18.35 35.92 -39.36
N ILE E 34 -17.18 35.87 -38.72
CA ILE E 34 -16.45 34.64 -38.40
C ILE E 34 -16.91 33.99 -37.08
N SER E 35 -17.23 32.71 -37.14
CA SER E 35 -17.50 31.93 -35.92
C SER E 35 -16.16 31.44 -35.38
N SER E 36 -15.76 31.96 -34.23
CA SER E 36 -14.46 31.63 -33.64
C SER E 36 -14.48 30.30 -32.87
N MET E 37 -14.57 29.22 -33.62
CA MET E 37 -14.69 27.87 -33.08
C MET E 37 -13.65 27.00 -33.77
N ASN E 38 -12.80 26.36 -32.98
CA ASN E 38 -11.76 25.49 -33.51
C ASN E 38 -11.99 24.05 -33.05
N TRP E 39 -11.34 23.11 -33.73
CA TRP E 39 -11.42 21.69 -33.37
C TRP E 39 -10.03 21.10 -33.30
N PHE E 40 -9.82 20.26 -32.30
CA PHE E 40 -8.54 19.59 -32.09
C PHE E 40 -8.73 18.10 -31.99
N GLN E 41 -7.67 17.38 -32.34
CA GLN E 41 -7.63 15.92 -32.25
C GLN E 41 -6.52 15.57 -31.30
N GLN E 42 -6.81 14.73 -30.33
CA GLN E 42 -5.80 14.21 -29.44
C GLN E 42 -5.77 12.71 -29.52
N LYS E 43 -4.71 12.18 -30.13
CA LYS E 43 -4.45 10.74 -30.12
C LYS E 43 -3.76 10.47 -28.80
N ALA E 44 -3.80 9.22 -28.36
CA ALA E 44 -3.29 8.85 -27.04
C ALA E 44 -1.81 9.15 -26.89
N GLY E 45 -1.44 9.65 -25.70
CA GLY E 45 -0.05 9.94 -25.39
C GLY E 45 0.56 11.12 -26.11
N GLN E 46 -0.27 11.95 -26.75
CA GLN E 46 0.20 13.05 -27.57
C GLN E 46 -0.53 14.34 -27.22
N PRO E 47 0.05 15.49 -27.61
CA PRO E 47 -0.71 16.71 -27.45
C PRO E 47 -1.89 16.79 -28.42
N PRO E 48 -2.78 17.76 -28.20
CA PRO E 48 -3.83 18.01 -29.18
C PRO E 48 -3.24 18.57 -30.48
N LYS E 49 -3.77 18.11 -31.62
CA LYS E 49 -3.36 18.59 -32.91
C LYS E 49 -4.47 19.45 -33.49
N PHE E 50 -4.08 20.62 -33.97
CA PHE E 50 -5.02 21.57 -34.54
C PHE E 50 -5.53 21.04 -35.91
N LEU E 51 -6.86 21.06 -36.09
CA LEU E 51 -7.51 20.53 -37.28
C LEU E 51 -8.26 21.59 -38.04
N ILE E 52 -9.22 22.22 -37.37
CA ILE E 52 -10.17 23.12 -38.00
C ILE E 52 -10.20 24.42 -37.21
N TYR E 53 -10.23 25.54 -37.94
CA TYR E 53 -10.38 26.88 -37.36
C TYR E 53 -11.59 27.55 -38.00
N ALA E 54 -12.08 28.63 -37.39
CA ALA E 54 -13.23 29.36 -37.91
C ALA E 54 -14.39 28.44 -38.29
N ALA E 55 -14.69 27.49 -37.41
CA ALA E 55 -15.84 26.56 -37.54
C ALA E 55 -15.72 25.51 -38.64
N SER E 56 -15.36 25.95 -39.86
CA SER E 56 -15.32 25.11 -41.07
C SER E 56 -14.02 25.09 -41.88
N LYS E 57 -13.09 26.02 -41.64
CA LYS E 57 -11.83 26.10 -42.41
C LYS E 57 -10.75 25.17 -41.83
N GLN E 58 -9.98 24.52 -42.71
CA GLN E 58 -9.05 23.46 -42.31
C GLN E 58 -7.60 23.94 -42.22
N GLY E 59 -6.88 23.48 -41.20
CA GLY E 59 -5.45 23.80 -41.02
C GLY E 59 -4.58 23.13 -42.09
N SER E 60 -3.32 23.54 -42.17
CA SER E 60 -2.43 23.05 -43.24
C SER E 60 -2.22 21.54 -43.24
N GLY E 61 -2.44 20.92 -44.41
CA GLY E 61 -2.29 19.48 -44.58
C GLY E 61 -3.26 18.61 -43.76
N VAL E 62 -4.41 19.17 -43.39
CA VAL E 62 -5.45 18.43 -42.69
C VAL E 62 -6.35 17.81 -43.76
N PRO E 63 -6.46 16.45 -43.80
CA PRO E 63 -7.20 15.78 -44.88
C PRO E 63 -8.61 16.31 -45.17
N ALA E 64 -9.03 16.20 -46.42
CA ALA E 64 -10.36 16.65 -46.90
C ALA E 64 -11.54 16.11 -46.08
N ARG E 65 -11.38 14.87 -45.61
CA ARG E 65 -12.43 14.16 -44.86
C ARG E 65 -12.81 14.79 -43.51
N PHE E 66 -11.88 15.47 -42.85
CA PHE E 66 -12.20 16.29 -41.68
C PHE E 66 -12.79 17.61 -42.16
N SER E 67 -13.98 17.94 -41.68
CA SER E 67 -14.61 19.21 -42.05
C SER E 67 -15.65 19.55 -41.00
N GLY E 68 -15.69 20.83 -40.63
CA GLY E 68 -16.61 21.32 -39.61
C GLY E 68 -17.65 22.23 -40.22
N SER E 69 -18.65 22.54 -39.41
CA SER E 69 -19.76 23.36 -39.85
C SER E 69 -20.46 23.99 -38.65
N GLY E 70 -21.45 24.82 -38.93
CA GLY E 70 -22.22 25.51 -37.93
C GLY E 70 -21.79 26.95 -37.74
N SER E 71 -22.66 27.72 -37.09
CA SER E 71 -22.38 29.11 -36.71
C SER E 71 -23.08 29.42 -35.38
N GLY E 72 -22.72 30.55 -34.79
CA GLY E 72 -23.38 31.04 -33.57
C GLY E 72 -23.05 30.23 -32.34
N THR E 73 -23.97 29.36 -31.95
CA THR E 73 -23.81 28.53 -30.75
C THR E 73 -23.70 27.02 -31.04
N ASP E 74 -24.07 26.56 -32.23
CA ASP E 74 -24.09 25.13 -32.56
C ASP E 74 -23.10 24.81 -33.65
N PHE E 75 -22.30 23.77 -33.43
CA PHE E 75 -21.21 23.40 -34.31
C PHE E 75 -21.06 21.91 -34.42
N SER E 76 -20.59 21.45 -35.57
CA SER E 76 -20.29 20.05 -35.78
C SER E 76 -18.91 19.86 -36.34
N LEU E 77 -18.39 18.66 -36.14
CA LEU E 77 -17.18 18.16 -36.77
C LEU E 77 -17.55 16.87 -37.43
N ILE E 78 -17.37 16.79 -38.75
CA ILE E 78 -17.67 15.58 -39.49
C ILE E 78 -16.37 14.95 -39.95
N ILE E 79 -16.25 13.65 -39.72
CA ILE E 79 -15.16 12.85 -40.23
C ILE E 79 -15.81 11.81 -41.13
N HIS E 80 -15.47 11.83 -42.42
CA HIS E 80 -16.15 10.98 -43.40
C HIS E 80 -15.36 11.02 -44.72
N PRO E 81 -14.78 9.90 -45.18
CA PRO E 81 -14.83 8.58 -44.56
C PRO E 81 -13.87 8.41 -43.39
N VAL E 82 -14.32 7.79 -42.31
CA VAL E 82 -13.50 7.49 -41.15
C VAL E 82 -12.45 6.41 -41.48
N GLU E 83 -11.25 6.56 -40.89
CA GLU E 83 -10.13 5.65 -41.10
C GLU E 83 -9.58 5.17 -39.77
N GLU E 84 -8.71 4.15 -39.81
CA GLU E 84 -8.17 3.55 -38.61
C GLU E 84 -7.48 4.53 -37.69
N ASP E 85 -6.74 5.45 -38.32
CA ASP E 85 -5.93 6.43 -37.61
C ASP E 85 -6.74 7.57 -37.00
N ASP E 86 -8.03 7.65 -37.33
CA ASP E 86 -8.90 8.68 -36.75
C ASP E 86 -9.35 8.40 -35.32
N THR E 87 -8.99 7.23 -34.77
CA THR E 87 -9.25 6.96 -33.36
C THR E 87 -8.47 7.96 -32.51
N ALA E 88 -9.21 8.66 -31.65
CA ALA E 88 -8.72 9.85 -30.99
C ALA E 88 -9.82 10.44 -30.16
N VAL E 89 -9.48 11.42 -29.34
CA VAL E 89 -10.46 12.29 -28.70
C VAL E 89 -10.45 13.62 -29.46
N TYR E 90 -11.63 14.17 -29.69
CA TYR E 90 -11.78 15.42 -30.43
C TYR E 90 -12.35 16.50 -29.53
N PHE E 91 -11.65 17.62 -29.44
CA PHE E 91 -12.05 18.74 -28.61
C PHE E 91 -12.49 19.90 -29.49
N CYS E 92 -13.64 20.48 -29.17
CA CYS E 92 -13.97 21.78 -29.71
C CYS E 92 -13.40 22.83 -28.77
N GLN E 93 -13.24 24.05 -29.27
CA GLN E 93 -12.56 25.11 -28.54
C GLN E 93 -12.90 26.49 -29.11
N GLN E 94 -13.10 27.44 -28.20
CA GLN E 94 -13.70 28.73 -28.50
C GLN E 94 -12.64 29.79 -28.30
N SER E 95 -12.40 30.63 -29.30
CA SER E 95 -11.41 31.71 -29.20
C SER E 95 -12.04 33.12 -29.29
N LYS E 96 -13.34 33.22 -29.03
CA LYS E 96 -14.04 34.49 -29.17
C LYS E 96 -13.50 35.54 -28.22
N GLY E 97 -13.34 35.16 -26.98
CA GLY E 97 -12.79 36.03 -25.95
C GLY E 97 -12.19 35.25 -24.81
N VAL E 98 -11.32 35.92 -24.05
CA VAL E 98 -10.73 35.36 -22.84
C VAL E 98 -11.83 35.22 -21.77
N PRO E 99 -11.87 34.12 -21.00
CA PRO E 99 -10.97 32.96 -21.11
C PRO E 99 -11.29 32.05 -22.29
N TYR E 100 -10.23 31.53 -22.89
CA TYR E 100 -10.37 30.53 -23.93
C TYR E 100 -10.80 29.25 -23.22
N THR E 101 -11.77 28.56 -23.81
CA THR E 101 -12.35 27.39 -23.18
C THR E 101 -12.43 26.25 -24.19
N PHE E 102 -12.25 25.03 -23.69
CA PHE E 102 -12.40 23.83 -24.50
C PHE E 102 -13.66 23.06 -24.11
N GLY E 103 -14.05 22.13 -24.95
CA GLY E 103 -15.14 21.21 -24.63
C GLY E 103 -14.60 20.05 -23.78
N GLY E 104 -15.51 19.17 -23.40
CA GLY E 104 -15.20 18.02 -22.57
C GLY E 104 -14.40 16.97 -23.31
N GLY E 105 -14.59 16.91 -24.61
CA GLY E 105 -13.91 15.94 -25.47
C GLY E 105 -14.88 14.85 -25.89
N THR E 106 -14.67 14.27 -27.06
CA THR E 106 -15.46 13.16 -27.56
C THR E 106 -14.52 12.09 -28.11
N LYS E 107 -14.59 10.88 -27.58
CA LYS E 107 -13.75 9.78 -28.09
C LYS E 107 -14.43 9.17 -29.30
N LEU E 108 -13.69 9.08 -30.39
CA LEU E 108 -14.12 8.34 -31.57
C LEU E 108 -13.42 6.99 -31.53
N GLU E 109 -14.20 5.93 -31.41
CA GLU E 109 -13.72 4.56 -31.55
C GLU E 109 -14.01 4.12 -32.97
N ILE E 110 -13.11 3.31 -33.55
CA ILE E 110 -13.31 2.72 -34.86
C ILE E 110 -13.87 1.32 -34.68
N LYS E 111 -15.11 1.09 -35.16
CA LYS E 111 -15.65 -0.27 -35.23
C LYS E 111 -14.83 -1.12 -36.17
N ARG E 112 -14.59 -2.35 -35.76
CA ARG E 112 -13.94 -3.34 -36.60
C ARG E 112 -14.48 -4.70 -36.23
N ALA E 113 -14.07 -5.73 -36.95
CA ALA E 113 -14.45 -7.10 -36.64
C ALA E 113 -13.96 -7.51 -35.24
N ASP E 114 -14.66 -8.46 -34.65
CA ASP E 114 -14.29 -8.95 -33.32
C ASP E 114 -12.92 -9.61 -33.36
N ALA E 115 -12.24 -9.60 -32.23
CA ALA E 115 -10.89 -10.17 -32.15
C ALA E 115 -10.64 -10.72 -30.75
N ALA E 116 -10.24 -11.99 -30.67
CA ALA E 116 -9.94 -12.61 -29.39
C ALA E 116 -8.57 -12.12 -28.91
N PRO E 117 -8.39 -11.99 -27.59
CA PRO E 117 -7.08 -11.58 -27.08
C PRO E 117 -6.06 -12.70 -27.16
N THR E 118 -4.81 -12.34 -27.44
CA THR E 118 -3.69 -13.27 -27.29
C THR E 118 -3.19 -13.04 -25.87
N VAL E 119 -3.38 -14.05 -25.01
CA VAL E 119 -3.10 -13.93 -23.59
C VAL E 119 -1.76 -14.56 -23.24
N SER E 120 -0.97 -13.83 -22.46
CA SER E 120 0.38 -14.23 -22.06
C SER E 120 0.45 -14.06 -20.54
N ILE E 121 0.85 -15.10 -19.83
CA ILE E 121 1.05 -14.99 -18.37
C ILE E 121 2.53 -14.96 -18.04
N PHE E 122 2.86 -14.21 -17.01
CA PHE E 122 4.25 -14.01 -16.58
C PHE E 122 4.37 -14.16 -15.08
N PRO E 123 5.18 -15.12 -14.62
CA PRO E 123 5.46 -15.17 -13.19
C PRO E 123 6.24 -13.96 -12.69
N PRO E 124 6.50 -13.91 -11.39
CA PRO E 124 7.39 -12.90 -10.85
C PRO E 124 8.82 -13.05 -11.36
N SER E 125 9.53 -11.93 -11.49
CA SER E 125 10.94 -11.95 -11.82
C SER E 125 11.78 -12.50 -10.65
N SER E 126 12.99 -12.99 -10.95
CA SER E 126 13.92 -13.38 -9.89
C SER E 126 14.25 -12.18 -8.99
N GLU E 127 14.39 -11.01 -9.60
CA GLU E 127 14.70 -9.76 -8.91
C GLU E 127 13.63 -9.43 -7.86
N GLN E 128 12.36 -9.57 -8.24
CA GLN E 128 11.25 -9.21 -7.35
C GLN E 128 11.09 -10.17 -6.18
N LEU E 129 11.31 -11.46 -6.43
CA LEU E 129 11.22 -12.45 -5.36
C LEU E 129 12.21 -12.11 -4.25
N THR E 130 13.47 -11.89 -4.63
CA THR E 130 14.50 -11.50 -3.65
C THR E 130 14.29 -10.10 -3.01
N SER E 131 13.50 -9.23 -3.63
CA SER E 131 13.04 -8.00 -2.95
C SER E 131 12.10 -8.28 -1.76
N GLY E 132 11.18 -9.23 -1.94
CA GLY E 132 10.16 -9.54 -0.93
C GLY E 132 8.72 -9.57 -1.44
N GLY E 133 8.49 -9.02 -2.62
CA GLY E 133 7.16 -9.09 -3.27
C GLY E 133 7.07 -10.19 -4.32
N ALA E 134 5.89 -10.32 -4.91
CA ALA E 134 5.64 -11.25 -6.01
C ALA E 134 4.44 -10.79 -6.83
N SER E 135 4.68 -10.40 -8.08
CA SER E 135 3.65 -9.90 -8.96
C SER E 135 3.54 -10.78 -10.19
N VAL E 136 2.33 -11.27 -10.40
CA VAL E 136 2.01 -12.08 -11.57
C VAL E 136 1.28 -11.18 -12.53
N VAL E 137 1.77 -11.13 -13.77
CA VAL E 137 1.24 -10.24 -14.78
C VAL E 137 0.66 -11.06 -15.93
N CYS E 138 -0.41 -10.52 -16.52
CA CYS E 138 -1.11 -11.19 -17.59
C CYS E 138 -1.50 -10.17 -18.65
N PHE E 139 -0.85 -10.22 -19.80
CA PHE E 139 -1.20 -9.34 -20.91
C PHE E 139 -2.26 -10.00 -21.75
N LEU E 140 -3.31 -9.25 -22.07
CA LEU E 140 -4.33 -9.67 -23.01
C LEU E 140 -4.24 -8.68 -24.15
N ASN E 141 -3.72 -9.11 -25.30
CA ASN E 141 -3.35 -8.21 -26.37
C ASN E 141 -4.17 -8.35 -27.63
N ASN E 142 -4.45 -7.21 -28.25
CA ASN E 142 -5.05 -7.12 -29.59
C ASN E 142 -6.42 -7.76 -29.69
N PHE E 143 -7.40 -7.16 -29.00
CA PHE E 143 -8.77 -7.65 -28.99
C PHE E 143 -9.76 -6.53 -29.28
N TYR E 144 -10.97 -6.92 -29.62
CA TYR E 144 -12.07 -5.99 -29.89
C TYR E 144 -13.39 -6.75 -29.75
N PRO E 145 -14.42 -6.18 -29.12
CA PRO E 145 -14.45 -4.82 -28.56
C PRO E 145 -13.69 -4.65 -27.24
N LYS E 146 -13.74 -3.45 -26.68
CA LYS E 146 -12.98 -3.08 -25.48
C LYS E 146 -13.35 -3.87 -24.22
N ASP E 147 -14.63 -4.24 -24.09
CA ASP E 147 -15.12 -5.04 -22.94
C ASP E 147 -14.38 -6.33 -22.73
N ILE E 148 -13.85 -6.52 -21.53
CA ILE E 148 -13.24 -7.79 -21.16
C ILE E 148 -13.26 -7.96 -19.64
N ASN E 149 -13.23 -9.20 -19.19
CA ASN E 149 -13.26 -9.53 -17.77
C ASN E 149 -12.16 -10.50 -17.45
N VAL E 150 -11.34 -10.13 -16.48
CA VAL E 150 -10.21 -10.95 -16.08
C VAL E 150 -10.47 -11.44 -14.66
N LYS E 151 -10.28 -12.73 -14.48
CA LYS E 151 -10.38 -13.36 -13.18
C LYS E 151 -9.02 -14.01 -12.90
N TRP E 152 -8.48 -13.78 -11.72
CA TRP E 152 -7.27 -14.48 -11.26
C TRP E 152 -7.65 -15.63 -10.35
N LYS E 153 -7.02 -16.77 -10.54
CA LYS E 153 -7.16 -17.94 -9.67
C LYS E 153 -5.79 -18.32 -9.10
N ILE E 154 -5.74 -18.71 -7.84
CA ILE E 154 -4.56 -19.28 -7.19
C ILE E 154 -4.98 -20.64 -6.63
N ASP E 155 -4.41 -21.71 -7.18
CA ASP E 155 -4.91 -23.08 -6.93
C ASP E 155 -6.44 -23.16 -7.07
N GLY E 156 -6.95 -22.57 -8.14
CA GLY E 156 -8.40 -22.58 -8.40
C GLY E 156 -9.26 -21.65 -7.55
N SER E 157 -8.69 -20.98 -6.54
CA SER E 157 -9.41 -20.03 -5.67
C SER E 157 -9.28 -18.61 -6.22
N GLU E 158 -10.41 -17.94 -6.38
CA GLU E 158 -10.45 -16.62 -7.00
C GLU E 158 -9.76 -15.57 -6.11
N ARG E 159 -9.16 -14.57 -6.74
CA ARG E 159 -8.68 -13.37 -6.08
C ARG E 159 -9.12 -12.09 -6.80
N GLN E 160 -9.58 -11.12 -6.03
CA GLN E 160 -9.82 -9.75 -6.48
C GLN E 160 -8.93 -8.65 -5.86
N ASN E 161 -8.26 -8.96 -4.75
CA ASN E 161 -7.46 -7.96 -4.01
C ASN E 161 -6.05 -7.85 -4.57
N GLY E 162 -5.57 -6.62 -4.80
CA GLY E 162 -4.23 -6.37 -5.36
C GLY E 162 -4.15 -6.34 -6.88
N VAL E 163 -5.31 -6.53 -7.53
CA VAL E 163 -5.42 -6.66 -8.98
C VAL E 163 -5.39 -5.26 -9.60
N LEU E 164 -4.50 -5.04 -10.57
CA LEU E 164 -4.46 -3.82 -11.35
C LEU E 164 -4.74 -4.10 -12.80
N ASN E 165 -5.71 -3.40 -13.36
CA ASN E 165 -6.16 -3.63 -14.71
C ASN E 165 -6.07 -2.36 -15.54
N SER E 166 -5.11 -2.30 -16.44
CA SER E 166 -4.91 -1.13 -17.30
C SER E 166 -5.19 -1.45 -18.74
N TRP E 167 -6.15 -0.75 -19.35
CA TRP E 167 -6.39 -0.83 -20.81
C TRP E 167 -5.55 0.20 -21.54
N THR E 168 -5.12 -0.13 -22.75
CA THR E 168 -4.58 0.87 -23.66
C THR E 168 -5.73 1.63 -24.29
N ASP E 169 -5.39 2.67 -25.05
CA ASP E 169 -6.32 3.27 -25.99
C ASP E 169 -6.38 2.40 -27.23
N GLN E 170 -7.33 2.69 -28.11
CA GLN E 170 -7.45 1.94 -29.35
C GLN E 170 -6.22 2.16 -30.22
N ASP E 171 -5.80 1.10 -30.90
CA ASP E 171 -4.64 1.14 -31.77
C ASP E 171 -4.96 1.90 -33.05
N SER E 172 -4.02 2.74 -33.47
CA SER E 172 -4.19 3.56 -34.68
C SER E 172 -4.04 2.78 -35.98
N LYS E 173 -3.53 1.56 -35.95
CA LYS E 173 -3.35 0.73 -37.15
C LYS E 173 -4.34 -0.43 -37.26
N ASP E 174 -4.47 -1.24 -36.23
CA ASP E 174 -5.40 -2.40 -36.29
C ASP E 174 -6.68 -2.24 -35.45
N SER E 175 -6.92 -1.04 -34.93
CA SER E 175 -8.16 -0.72 -34.19
C SER E 175 -8.52 -1.66 -33.02
N THR E 176 -7.52 -2.34 -32.48
CA THR E 176 -7.71 -3.24 -31.35
C THR E 176 -7.36 -2.54 -30.06
N TYR E 177 -7.76 -3.16 -28.97
CA TYR E 177 -7.36 -2.76 -27.64
C TYR E 177 -6.49 -3.85 -27.08
N SER E 178 -5.74 -3.51 -26.05
CA SER E 178 -4.91 -4.45 -25.32
C SER E 178 -5.00 -4.07 -23.87
N MET E 179 -4.71 -5.00 -22.97
CA MET E 179 -4.97 -4.78 -21.56
C MET E 179 -4.09 -5.65 -20.67
N SER E 180 -3.64 -5.07 -19.56
CA SER E 180 -2.71 -5.69 -18.64
C SER E 180 -3.33 -5.87 -17.28
N SER E 181 -3.32 -7.08 -16.76
CA SER E 181 -3.79 -7.39 -15.42
C SER E 181 -2.60 -7.80 -14.57
N THR E 182 -2.58 -7.37 -13.31
CA THR E 182 -1.43 -7.54 -12.43
C THR E 182 -1.83 -7.90 -10.99
N LEU E 183 -1.75 -9.19 -10.65
CA LEU E 183 -1.99 -9.66 -9.29
C LEU E 183 -0.74 -9.53 -8.46
N THR E 184 -0.85 -8.80 -7.32
CA THR E 184 0.30 -8.56 -6.44
C THR E 184 0.13 -9.29 -5.12
N LEU E 185 1.16 -9.98 -4.66
CA LEU E 185 1.13 -10.79 -3.42
C LEU E 185 2.40 -10.69 -2.64
N THR E 186 2.34 -11.08 -1.37
CA THR E 186 3.54 -11.21 -0.55
C THR E 186 4.31 -12.42 -1.10
N LYS E 187 5.65 -12.38 -1.06
CA LYS E 187 6.47 -13.54 -1.48
C LYS E 187 6.11 -14.78 -0.67
N ASP E 188 5.94 -14.61 0.65
CA ASP E 188 5.50 -15.69 1.54
C ASP E 188 4.28 -16.43 0.98
N GLU E 189 3.27 -15.68 0.55
CA GLU E 189 2.02 -16.27 0.07
C GLU E 189 2.10 -16.81 -1.35
N TYR E 190 2.96 -16.21 -2.19
CA TYR E 190 3.24 -16.74 -3.52
C TYR E 190 3.78 -18.16 -3.46
N GLU E 191 4.66 -18.43 -2.50
CA GLU E 191 5.32 -19.74 -2.38
C GLU E 191 4.48 -20.78 -1.61
N ARG E 192 3.36 -20.37 -1.00
CA ARG E 192 2.44 -21.31 -0.36
C ARG E 192 1.51 -22.03 -1.34
N HIS E 193 1.28 -21.44 -2.51
CA HIS E 193 0.40 -22.03 -3.52
C HIS E 193 1.22 -22.37 -4.76
N ASN E 194 0.69 -23.29 -5.57
CA ASN E 194 1.40 -23.79 -6.75
C ASN E 194 0.89 -23.18 -8.06
N SER E 195 -0.41 -23.32 -8.33
CA SER E 195 -1.00 -23.05 -9.64
C SER E 195 -1.58 -21.62 -9.77
N TYR E 196 -1.04 -20.84 -10.70
CA TYR E 196 -1.49 -19.46 -10.95
C TYR E 196 -2.13 -19.32 -12.34
N THR E 197 -3.37 -18.86 -12.37
CA THR E 197 -4.21 -18.92 -13.56
C THR E 197 -4.78 -17.52 -13.83
N CYS E 198 -5.17 -17.29 -15.07
CA CYS E 198 -5.61 -15.98 -15.53
C CYS E 198 -6.75 -16.15 -16.54
N GLU E 199 -7.98 -16.27 -16.04
CA GLU E 199 -9.16 -16.46 -16.88
C GLU E 199 -9.60 -15.13 -17.48
N ALA E 200 -9.98 -15.15 -18.75
CA ALA E 200 -10.37 -13.95 -19.48
C ALA E 200 -11.61 -14.20 -20.32
N THR E 201 -12.75 -13.68 -19.86
CA THR E 201 -14.01 -13.80 -20.58
C THR E 201 -14.18 -12.59 -21.48
N HIS E 202 -14.46 -12.87 -22.74
CA HIS E 202 -14.58 -11.85 -23.79
C HIS E 202 -15.82 -12.19 -24.61
N LYS E 203 -16.33 -11.21 -25.36
CA LYS E 203 -17.42 -11.38 -26.31
C LYS E 203 -17.17 -12.55 -27.27
N THR E 204 -15.93 -12.69 -27.71
CA THR E 204 -15.51 -13.69 -28.70
C THR E 204 -15.78 -15.11 -28.25
N SER E 205 -15.24 -15.47 -27.08
CA SER E 205 -15.34 -16.86 -26.59
C SER E 205 -16.39 -16.99 -25.51
N THR E 206 -17.33 -17.92 -25.69
CA THR E 206 -18.33 -18.22 -24.65
C THR E 206 -17.66 -18.66 -23.35
N SER E 207 -16.83 -19.71 -23.44
CA SER E 207 -16.04 -20.19 -22.29
C SER E 207 -14.75 -19.37 -22.25
N PRO E 208 -14.18 -19.17 -21.05
CA PRO E 208 -13.09 -18.21 -20.90
C PRO E 208 -11.76 -18.68 -21.44
N ILE E 209 -10.93 -17.75 -21.90
CA ILE E 209 -9.57 -18.02 -22.34
C ILE E 209 -8.69 -18.08 -21.08
N VAL E 210 -8.16 -19.26 -20.80
CA VAL E 210 -7.31 -19.51 -19.65
C VAL E 210 -5.84 -19.51 -20.07
N LYS E 211 -4.99 -18.89 -19.26
CA LYS E 211 -3.54 -19.09 -19.34
C LYS E 211 -3.02 -19.25 -17.93
N SER E 212 -2.09 -20.19 -17.78
CA SER E 212 -1.80 -20.77 -16.49
C SER E 212 -0.34 -21.23 -16.40
N PHE E 213 0.22 -21.15 -15.20
CA PHE E 213 1.48 -21.84 -14.89
C PHE E 213 1.46 -22.44 -13.49
N ASN E 214 2.37 -23.37 -13.27
CA ASN E 214 2.63 -23.91 -11.93
C ASN E 214 4.11 -23.62 -11.60
N ARG E 215 4.42 -23.31 -10.34
CA ARG E 215 5.77 -22.84 -9.96
C ARG E 215 6.90 -23.86 -10.19
N ASN E 216 6.59 -25.14 -10.07
CA ASN E 216 7.52 -26.22 -10.46
C ASN E 216 7.57 -26.66 -11.90
N GLU E 217 7.08 -25.88 -12.88
CA GLU E 217 7.04 -26.22 -14.33
C GLU E 217 5.80 -26.98 -15.09
N GLY F 13 -1.74 34.64 -38.00
CA GLY F 13 -0.66 35.68 -37.97
C GLY F 13 0.06 35.70 -36.63
N ALA F 14 -0.13 36.79 -35.86
CA ALA F 14 0.39 36.89 -34.49
C ALA F 14 -0.34 35.86 -33.62
N ARG F 15 -1.66 35.92 -33.75
CA ARG F 15 -2.62 35.16 -32.98
C ARG F 15 -2.71 33.71 -33.41
N GLY F 16 -2.30 33.43 -34.65
CA GLY F 16 -2.44 32.11 -35.26
C GLY F 16 -3.81 31.99 -35.90
N LEU F 17 -4.01 30.96 -36.71
CA LEU F 17 -5.32 30.72 -37.31
C LEU F 17 -6.37 30.54 -36.20
N THR F 18 -5.97 29.82 -35.15
CA THR F 18 -6.83 29.51 -34.00
C THR F 18 -7.07 30.67 -33.03
N GLY F 19 -6.40 31.80 -33.20
CA GLY F 19 -6.47 32.89 -32.20
C GLY F 19 -7.76 33.70 -32.21
C CIR F 20 -9.13 36.43 -32.79
O CIR F 20 -8.24 36.48 -33.66
CA CIR F 20 -8.88 35.75 -31.49
N CIR F 20 -7.72 34.85 -31.58
C3 CIR F 20 -8.59 36.82 -30.45
C4 CIR F 20 -8.30 36.22 -29.09
C5 CIR F 20 -9.11 36.93 -28.00
N6 CIR F 20 -9.34 38.33 -28.30
C7 CIR F 20 -9.66 39.20 -27.36
O7 CIR F 20 -9.89 40.35 -27.64
N8 CIR F 20 -9.73 38.79 -26.10
N HYP F 21 -10.37 36.97 -32.94
CA HYP F 21 -10.63 37.63 -34.21
C HYP F 21 -10.41 39.11 -34.16
O HYP F 21 -10.83 39.77 -33.19
CB HYP F 21 -12.06 37.32 -34.59
CG HYP F 21 -12.71 36.71 -33.37
CD HYP F 21 -11.75 37.08 -32.26
OD1 HYP F 21 -12.72 35.30 -33.48
N GLU G 1 39.88 5.77 30.05
CA GLU G 1 38.64 5.55 29.26
C GLU G 1 38.99 5.11 27.83
N VAL G 2 38.39 4.02 27.37
CA VAL G 2 38.45 3.61 25.96
C VAL G 2 37.32 4.29 25.18
N LYS G 3 37.61 4.81 23.99
CA LYS G 3 36.60 5.36 23.08
C LYS G 3 36.73 4.69 21.73
N LEU G 4 35.60 4.23 21.19
CA LEU G 4 35.51 3.73 19.81
C LEU G 4 34.40 4.48 19.11
N GLU G 5 34.76 5.24 18.09
CA GLU G 5 33.79 5.96 17.27
C GLU G 5 33.83 5.38 15.86
N GLU G 6 32.69 4.90 15.40
CA GLU G 6 32.54 4.50 14.01
C GLU G 6 32.06 5.67 13.19
N SER G 7 32.18 5.55 11.88
CA SER G 7 31.69 6.56 10.96
C SER G 7 31.46 6.00 9.58
N GLY G 8 30.63 6.71 8.82
CA GLY G 8 30.45 6.42 7.40
C GLY G 8 29.42 5.36 7.09
N GLY G 9 28.39 5.22 7.93
CA GLY G 9 27.24 4.39 7.58
C GLY G 9 26.37 5.09 6.53
N GLY G 10 25.06 4.91 6.64
CA GLY G 10 24.10 5.59 5.77
C GLY G 10 23.37 4.68 4.80
N LEU G 11 22.88 5.28 3.73
CA LEU G 11 22.12 4.57 2.70
C LEU G 11 23.00 4.26 1.50
N VAL G 12 22.83 3.07 0.94
CA VAL G 12 23.47 2.71 -0.32
C VAL G 12 22.60 1.73 -1.13
N GLN G 13 22.65 1.88 -2.46
CA GLN G 13 21.93 0.99 -3.37
C GLN G 13 22.48 -0.43 -3.32
N PRO G 14 21.64 -1.45 -3.55
CA PRO G 14 22.16 -2.82 -3.72
C PRO G 14 23.16 -2.89 -4.85
N GLY G 15 24.27 -3.59 -4.63
CA GLY G 15 25.41 -3.58 -5.57
C GLY G 15 26.47 -2.55 -5.25
N GLY G 16 26.09 -1.47 -4.54
CA GLY G 16 26.98 -0.35 -4.26
C GLY G 16 28.03 -0.67 -3.22
N SER G 17 28.89 0.31 -2.95
CA SER G 17 30.01 0.16 -2.04
C SER G 17 29.89 1.12 -0.89
N MET G 18 30.63 0.83 0.16
CA MET G 18 30.64 1.67 1.35
C MET G 18 31.85 1.34 2.20
N LYS G 19 32.45 2.36 2.80
CA LYS G 19 33.62 2.18 3.64
C LYS G 19 33.33 2.72 5.04
N LEU G 20 33.24 1.82 6.00
CA LEU G 20 33.11 2.22 7.40
C LEU G 20 34.51 2.47 7.91
N SER G 21 34.63 3.36 8.89
CA SER G 21 35.90 3.55 9.59
C SER G 21 35.66 3.68 11.08
N CYS G 22 36.69 3.35 11.85
CA CYS G 22 36.58 3.24 13.29
C CYS G 22 37.84 3.81 13.95
N ALA G 23 37.70 4.98 14.57
CA ALA G 23 38.78 5.60 15.35
C ALA G 23 38.73 5.07 16.77
N ALA G 24 39.90 4.81 17.36
CA ALA G 24 40.01 4.24 18.70
C ALA G 24 41.07 4.95 19.52
N SER G 25 40.84 5.05 20.83
CA SER G 25 41.84 5.60 21.76
C SER G 25 41.68 4.97 23.14
N GLY G 26 42.66 5.13 24.00
CA GLY G 26 42.64 4.55 25.35
C GLY G 26 43.24 3.15 25.49
N PHE G 27 43.83 2.60 24.44
CA PHE G 27 44.62 1.37 24.54
C PHE G 27 45.67 1.36 23.45
N THR G 28 46.79 0.67 23.67
CA THR G 28 47.84 0.56 22.66
C THR G 28 47.29 -0.10 21.38
N PHE G 29 46.86 0.73 20.44
CA PHE G 29 46.14 0.30 19.23
C PHE G 29 46.89 -0.74 18.40
N SER G 30 48.19 -0.54 18.22
CA SER G 30 48.99 -1.43 17.34
C SER G 30 49.01 -2.87 17.85
N ASP G 31 48.87 -3.05 19.17
CA ASP G 31 48.79 -4.37 19.80
C ASP G 31 47.43 -5.05 19.78
N ALA G 32 46.36 -4.30 19.52
CA ALA G 32 44.99 -4.80 19.71
C ALA G 32 44.44 -5.52 18.48
N TRP G 33 43.80 -6.67 18.72
CA TRP G 33 42.99 -7.31 17.71
C TRP G 33 41.68 -6.53 17.61
N MET G 34 41.26 -6.20 16.38
CA MET G 34 40.08 -5.39 16.14
C MET G 34 39.10 -6.16 15.30
N ASP G 35 37.81 -5.96 15.54
CA ASP G 35 36.76 -6.67 14.82
C ASP G 35 35.65 -5.73 14.37
N TRP G 36 34.79 -6.24 13.49
CA TRP G 36 33.52 -5.61 13.17
C TRP G 36 32.42 -6.62 13.43
N VAL G 37 31.35 -6.17 14.07
CA VAL G 37 30.21 -7.01 14.39
C VAL G 37 28.98 -6.24 13.98
N ARG G 38 28.01 -6.94 13.42
CA ARG G 38 26.78 -6.28 13.00
C ARG G 38 25.58 -6.89 13.68
N GLN G 39 24.51 -6.10 13.72
CA GLN G 39 23.28 -6.50 14.37
C GLN G 39 22.10 -6.08 13.51
N SER G 40 21.23 -7.04 13.25
CA SER G 40 19.95 -6.79 12.61
C SER G 40 18.91 -7.54 13.43
N PRO G 41 17.62 -7.11 13.33
CA PRO G 41 16.59 -7.81 14.09
C PRO G 41 16.37 -9.26 13.64
N GLU G 42 16.61 -9.56 12.37
CA GLU G 42 16.41 -10.91 11.83
C GLU G 42 17.49 -11.89 12.28
N LYS G 43 18.75 -11.44 12.27
CA LYS G 43 19.91 -12.32 12.44
C LYS G 43 20.73 -12.12 13.73
N GLY G 44 20.36 -11.15 14.57
CA GLY G 44 21.02 -10.97 15.87
C GLY G 44 22.42 -10.41 15.70
N LEU G 45 23.38 -10.91 16.46
CA LEU G 45 24.75 -10.42 16.37
C LEU G 45 25.56 -11.33 15.48
N GLU G 46 26.05 -10.79 14.37
CA GLU G 46 26.95 -11.52 13.45
C GLU G 46 28.34 -10.91 13.55
N TRP G 47 29.32 -11.72 13.87
CA TRP G 47 30.70 -11.32 13.67
C TRP G 47 30.92 -11.23 12.17
N VAL G 48 31.57 -10.16 11.73
CA VAL G 48 31.74 -9.88 10.30
C VAL G 48 33.16 -10.09 9.87
N ALA G 49 34.10 -9.48 10.59
CA ALA G 49 35.52 -9.54 10.21
C ALA G 49 36.44 -9.22 11.37
N GLU G 50 37.61 -9.85 11.35
CA GLU G 50 38.69 -9.67 12.33
C GLU G 50 39.91 -9.14 11.61
N ILE G 51 40.66 -8.28 12.26
CA ILE G 51 42.04 -8.03 11.87
C ILE G 51 42.91 -8.10 13.11
N ARG G 52 44.02 -8.81 13.02
CA ARG G 52 44.88 -9.05 14.17
C ARG G 52 46.02 -8.02 14.21
N ASN G 53 46.86 -8.12 15.25
CA ASN G 53 47.92 -7.15 15.48
C ASN G 53 49.13 -7.41 14.59
N LYS G 54 50.11 -6.50 14.66
CA LYS G 54 51.36 -6.65 13.92
C LYS G 54 52.07 -7.99 14.19
N VAL G 55 52.02 -8.45 15.45
CA VAL G 55 52.67 -9.71 15.86
C VAL G 55 52.07 -10.93 15.14
N ASN G 56 50.79 -10.86 14.80
CA ASN G 56 50.12 -11.89 13.99
C ASN G 56 49.94 -11.47 12.52
N ASN G 57 50.91 -10.72 11.97
CA ASN G 57 50.95 -10.41 10.54
C ASN G 57 49.71 -9.71 9.99
N HIS G 58 49.02 -8.94 10.82
CA HIS G 58 47.77 -8.28 10.45
C HIS G 58 46.81 -9.25 9.75
N ALA G 59 46.68 -10.42 10.36
CA ALA G 59 45.91 -11.51 9.78
C ALA G 59 44.46 -11.14 9.82
N THR G 60 43.77 -11.32 8.69
CA THR G 60 42.35 -11.06 8.60
C THR G 60 41.56 -12.36 8.56
N ASN G 61 40.35 -12.32 9.13
CA ASN G 61 39.37 -13.39 8.94
C ASN G 61 38.01 -12.77 8.65
N TYR G 62 37.14 -13.52 7.98
CA TYR G 62 35.82 -13.02 7.63
C TYR G 62 34.76 -14.09 7.82
N ALA G 63 33.55 -13.64 8.14
CA ALA G 63 32.38 -14.48 8.10
C ALA G 63 32.16 -14.93 6.65
N GLU G 64 31.66 -16.15 6.50
CA GLU G 64 31.51 -16.72 5.17
C GLU G 64 30.56 -15.84 4.34
N SER G 65 29.50 -15.33 4.94
CA SER G 65 28.53 -14.50 4.23
C SER G 65 29.08 -13.19 3.63
N VAL G 66 30.25 -12.74 4.07
CA VAL G 66 30.88 -11.54 3.46
C VAL G 66 32.20 -11.79 2.69
N LYS G 67 32.74 -13.03 2.70
CA LYS G 67 34.00 -13.33 2.00
C LYS G 67 33.95 -12.90 0.55
N GLY G 68 35.01 -12.24 0.08
CA GLY G 68 35.09 -11.76 -1.29
C GLY G 68 34.42 -10.42 -1.58
N ARG G 69 33.70 -9.87 -0.59
CA ARG G 69 33.02 -8.59 -0.73
C ARG G 69 33.51 -7.51 0.23
N PHE G 70 33.90 -7.91 1.44
CA PHE G 70 34.29 -7.02 2.52
C PHE G 70 35.79 -7.14 2.76
N THR G 71 36.48 -6.00 2.86
CA THR G 71 37.89 -5.98 3.20
C THR G 71 38.07 -5.19 4.49
N ILE G 72 38.69 -5.82 5.47
CA ILE G 72 39.04 -5.15 6.73
C ILE G 72 40.52 -4.79 6.67
N SER G 73 40.86 -3.66 7.25
CA SER G 73 42.23 -3.18 7.26
C SER G 73 42.39 -2.16 8.36
N ARG G 74 43.63 -1.77 8.64
CA ARG G 74 43.93 -0.86 9.75
C ARG G 74 45.10 0.04 9.45
N ASP G 75 45.09 1.21 10.06
CA ASP G 75 46.18 2.18 9.96
C ASP G 75 46.71 2.35 11.38
N ASP G 76 47.72 1.55 11.74
CA ASP G 76 48.27 1.59 13.10
C ASP G 76 48.77 2.99 13.49
N SER G 77 49.27 3.76 12.53
CA SER G 77 49.73 5.14 12.81
C SER G 77 48.60 6.13 13.12
N ARG G 78 47.38 5.89 12.63
CA ARG G 78 46.23 6.76 12.94
C ARG G 78 45.22 6.18 13.94
N SER G 79 45.48 4.98 14.48
CA SER G 79 44.54 4.26 15.37
C SER G 79 43.17 4.08 14.73
N VAL G 80 43.15 3.65 13.47
CA VAL G 80 41.90 3.48 12.70
C VAL G 80 41.77 2.07 12.14
N VAL G 81 40.57 1.50 12.23
CA VAL G 81 40.21 0.29 11.51
C VAL G 81 39.18 0.69 10.46
N TYR G 82 39.36 0.18 9.24
CA TYR G 82 38.43 0.39 8.15
C TYR G 82 37.73 -0.93 7.80
N LEU G 83 36.51 -0.83 7.26
CA LEU G 83 35.82 -1.95 6.64
C LEU G 83 35.24 -1.52 5.28
N GLN G 84 35.96 -1.88 4.21
CA GLN G 84 35.47 -1.70 2.84
C GLN G 84 34.42 -2.77 2.60
N MET G 85 33.28 -2.37 2.06
CA MET G 85 32.20 -3.30 1.72
C MET G 85 31.79 -3.06 0.27
N ASN G 86 31.78 -4.13 -0.52
CA ASN G 86 31.41 -4.06 -1.94
C ASN G 86 30.27 -5.02 -2.27
N ASN G 87 29.58 -4.71 -3.35
CA ASN G 87 28.45 -5.50 -3.80
C ASN G 87 27.47 -5.75 -2.64
N LEU G 88 27.04 -4.65 -2.02
CA LEU G 88 26.19 -4.71 -0.83
C LEU G 88 24.80 -5.20 -1.17
N LYS G 89 24.19 -5.90 -0.21
CA LYS G 89 22.92 -6.58 -0.38
C LYS G 89 21.97 -6.11 0.70
N PRO G 90 20.64 -6.24 0.49
CA PRO G 90 19.69 -5.88 1.53
C PRO G 90 19.94 -6.56 2.88
N GLU G 91 20.32 -7.85 2.87
CA GLU G 91 20.65 -8.59 4.11
C GLU G 91 21.91 -8.10 4.83
N ASP G 92 22.77 -7.34 4.16
CA ASP G 92 23.85 -6.64 4.84
C ASP G 92 23.38 -5.46 5.70
N THR G 93 22.08 -5.13 5.66
CA THR G 93 21.54 -4.00 6.44
C THR G 93 21.59 -4.31 7.91
N GLY G 94 22.06 -3.33 8.68
CA GLY G 94 22.13 -3.45 10.14
C GLY G 94 22.95 -2.37 10.81
N ILE G 95 23.17 -2.56 12.11
CA ILE G 95 24.06 -1.69 12.87
C ILE G 95 25.42 -2.37 12.91
N TYR G 96 26.45 -1.63 12.50
CA TYR G 96 27.81 -2.14 12.46
C TYR G 96 28.62 -1.57 13.60
N TYR G 97 28.97 -2.43 14.55
CA TYR G 97 29.86 -2.06 15.65
C TYR G 97 31.30 -2.39 15.30
N CYS G 98 32.20 -1.49 15.64
CA CYS G 98 33.63 -1.77 15.61
C CYS G 98 34.01 -2.10 17.03
N THR G 99 34.71 -3.21 17.23
CA THR G 99 35.10 -3.63 18.55
C THR G 99 36.62 -3.73 18.65
N GLY G 100 37.12 -3.54 19.86
CA GLY G 100 38.55 -3.55 20.13
C GLY G 100 38.89 -4.56 21.20
N LEU G 101 40.08 -5.16 21.06
CA LEU G 101 40.52 -6.26 21.91
C LEU G 101 39.50 -7.39 21.81
N THR G 102 39.41 -7.94 20.60
CA THR G 102 38.31 -8.78 20.14
C THR G 102 36.97 -8.07 20.52
N PHE G 103 36.31 -8.50 21.60
CA PHE G 103 35.01 -7.91 21.98
C PHE G 103 35.00 -7.25 23.35
N ASP G 104 36.16 -6.97 23.93
CA ASP G 104 36.21 -6.30 25.23
C ASP G 104 35.49 -4.96 25.18
N TYR G 105 35.75 -4.18 24.13
CA TYR G 105 35.17 -2.85 23.98
C TYR G 105 34.46 -2.72 22.67
N TRP G 106 33.37 -1.96 22.66
CA TRP G 106 32.50 -1.81 21.50
C TRP G 106 32.17 -0.35 21.29
N GLY G 107 32.10 0.06 20.04
CA GLY G 107 31.65 1.41 19.71
C GLY G 107 30.14 1.52 19.76
N GLN G 108 29.65 2.75 19.60
CA GLN G 108 28.21 3.02 19.62
C GLN G 108 27.47 2.30 18.51
N GLY G 109 28.13 2.17 17.36
CA GLY G 109 27.59 1.51 16.19
C GLY G 109 27.24 2.56 15.16
N THR G 110 27.27 2.17 13.90
CA THR G 110 26.89 3.03 12.78
C THR G 110 25.90 2.26 11.91
N THR G 111 24.89 2.94 11.38
CA THR G 111 23.81 2.25 10.71
C THR G 111 24.03 2.21 9.21
N LEU G 112 23.94 1.01 8.65
CA LEU G 112 24.06 0.80 7.20
C LEU G 112 22.73 0.26 6.72
N THR G 113 22.08 0.99 5.83
CA THR G 113 20.84 0.54 5.20
C THR G 113 21.12 0.32 3.72
N VAL G 114 20.74 -0.85 3.20
CA VAL G 114 20.97 -1.21 1.79
C VAL G 114 19.62 -1.40 1.13
N SER G 115 19.26 -0.45 0.28
CA SER G 115 17.91 -0.39 -0.28
C SER G 115 17.92 0.59 -1.45
N SER G 116 17.19 0.28 -2.52
CA SER G 116 17.05 1.19 -3.66
C SER G 116 15.99 2.26 -3.41
N ALA G 117 15.43 2.34 -2.20
CA ALA G 117 14.61 3.49 -1.82
C ALA G 117 15.49 4.72 -1.67
N LYS G 118 14.91 5.88 -1.94
CA LYS G 118 15.65 7.14 -1.90
C LYS G 118 15.60 7.67 -0.47
N THR G 119 16.51 8.58 -0.16
CA THR G 119 16.50 9.29 1.11
C THR G 119 15.25 10.19 1.19
N THR G 120 14.66 10.30 2.37
CA THR G 120 13.44 11.06 2.55
C THR G 120 13.40 11.75 3.92
N ALA G 121 13.20 13.06 3.91
CA ALA G 121 13.15 13.84 5.14
C ALA G 121 11.86 13.57 5.87
N PRO G 122 11.89 13.49 7.22
CA PRO G 122 10.64 13.35 7.98
C PRO G 122 9.87 14.63 7.98
N SER G 123 8.55 14.54 8.03
CA SER G 123 7.72 15.66 8.46
C SER G 123 7.64 15.53 9.97
N VAL G 124 7.78 16.66 10.68
CA VAL G 124 7.80 16.67 12.14
C VAL G 124 6.61 17.46 12.69
N TYR G 125 5.65 16.75 13.28
CA TYR G 125 4.39 17.32 13.72
C TYR G 125 4.31 17.36 15.25
N PRO G 126 3.95 18.52 15.82
CA PRO G 126 3.77 18.60 17.28
C PRO G 126 2.40 18.09 17.68
N LEU G 127 2.33 17.37 18.81
CA LEU G 127 1.08 16.84 19.33
C LEU G 127 0.76 17.45 20.69
N ALA G 128 -0.08 18.48 20.68
CA ALA G 128 -0.60 19.11 21.90
C ALA G 128 -1.89 18.40 22.31
N PRO G 129 -2.24 18.43 23.62
CA PRO G 129 -3.36 17.59 24.05
C PRO G 129 -4.72 18.09 23.56
N VAL G 130 -5.76 17.34 23.87
CA VAL G 130 -7.15 17.73 23.59
C VAL G 130 -7.51 19.03 24.32
N CYS G 131 -8.32 19.85 23.66
CA CYS G 131 -8.75 21.15 24.16
C CYS G 131 -9.13 21.21 25.65
N THR G 135 -6.45 18.70 32.14
CA THR G 135 -5.66 19.07 33.35
C THR G 135 -5.87 18.23 34.68
N GLY G 136 -5.20 17.06 34.66
CA GLY G 136 -4.73 16.39 35.91
C GLY G 136 -3.69 17.20 36.70
N SER G 137 -2.92 16.52 37.55
CA SER G 137 -1.71 17.11 38.14
C SER G 137 -0.46 17.00 37.24
N SER G 138 -0.61 16.43 36.05
CA SER G 138 0.44 16.44 35.03
C SER G 138 -0.18 16.46 33.63
N VAL G 139 0.65 16.74 32.62
CA VAL G 139 0.21 16.83 31.24
C VAL G 139 1.24 16.19 30.30
N THR G 140 0.74 15.48 29.30
CA THR G 140 1.56 14.81 28.33
C THR G 140 1.42 15.48 26.98
N LEU G 141 2.57 15.72 26.35
CA LEU G 141 2.67 16.27 25.01
C LEU G 141 3.38 15.26 24.15
N GLY G 142 3.28 15.44 22.84
CA GLY G 142 3.83 14.47 21.91
C GLY G 142 4.53 15.08 20.72
N CYS G 143 5.24 14.23 20.00
CA CYS G 143 5.92 14.62 18.79
C CYS G 143 5.92 13.45 17.82
N LEU G 144 5.42 13.70 16.61
CA LEU G 144 5.34 12.69 15.58
C LEU G 144 6.37 13.02 14.52
N VAL G 145 7.18 12.02 14.16
CA VAL G 145 8.21 12.16 13.14
C VAL G 145 7.87 11.17 12.03
N LYS G 146 7.16 11.66 11.02
CA LYS G 146 6.51 10.80 10.02
C LYS G 146 7.29 10.72 8.72
N GLY G 147 7.46 9.48 8.23
CA GLY G 147 7.85 9.24 6.86
C GLY G 147 9.25 9.64 6.47
N TYR G 148 10.22 9.09 7.20
CA TYR G 148 11.64 9.30 6.89
C TYR G 148 12.29 8.00 6.46
N PHE G 149 13.39 8.13 5.71
CA PHE G 149 14.21 6.99 5.35
C PHE G 149 15.60 7.50 5.00
N PRO G 150 16.66 6.81 5.40
CA PRO G 150 16.66 5.63 6.27
C PRO G 150 16.76 6.02 7.75
N GLU G 151 16.89 5.02 8.62
CA GLU G 151 17.19 5.29 10.03
C GLU G 151 18.66 5.78 10.11
N PRO G 152 19.04 6.51 11.16
CA PRO G 152 18.19 6.90 12.27
C PRO G 152 17.77 8.35 12.25
N VAL G 153 16.88 8.71 13.17
CA VAL G 153 16.65 10.09 13.59
C VAL G 153 17.07 10.19 15.04
N THR G 154 17.39 11.40 15.49
CA THR G 154 17.59 11.68 16.90
C THR G 154 16.49 12.66 17.31
N LEU G 155 15.91 12.44 18.48
CA LEU G 155 14.88 13.30 19.01
C LEU G 155 15.17 13.58 20.46
N THR G 156 15.19 14.85 20.84
CA THR G 156 15.32 15.27 22.22
C THR G 156 14.22 16.26 22.50
N TRP G 157 13.90 16.45 23.78
CA TRP G 157 12.95 17.47 24.20
C TRP G 157 13.66 18.61 24.91
N ASN G 158 13.30 19.85 24.60
CA ASN G 158 14.00 21.07 25.07
C ASN G 158 15.53 20.89 25.11
N SER G 159 16.05 20.36 24.00
CA SER G 159 17.47 20.17 23.78
C SER G 159 18.16 19.25 24.82
N GLY G 160 17.42 18.26 25.35
CA GLY G 160 17.94 17.38 26.41
C GLY G 160 17.45 17.65 27.82
N SER G 161 16.96 18.87 28.09
CA SER G 161 16.56 19.27 29.47
C SER G 161 15.51 18.35 30.10
N LEU G 162 14.61 17.81 29.28
CA LEU G 162 13.66 16.80 29.72
C LEU G 162 14.17 15.42 29.26
N SER G 163 14.73 14.68 30.24
CA SER G 163 15.09 13.28 30.04
C SER G 163 14.05 12.45 30.75
N SER G 164 13.85 12.74 32.03
CA SER G 164 12.75 12.15 32.79
C SER G 164 11.48 12.65 32.15
N GLY G 165 10.43 11.84 32.21
CA GLY G 165 9.14 12.19 31.57
C GLY G 165 9.02 11.80 30.11
N VAL G 166 10.15 11.52 29.45
CA VAL G 166 10.19 11.22 28.01
C VAL G 166 10.12 9.73 27.72
N HIS G 167 9.22 9.36 26.81
CA HIS G 167 9.20 8.05 26.20
C HIS G 167 9.29 8.28 24.71
N THR G 168 10.41 7.89 24.12
CA THR G 168 10.58 7.88 22.67
C THR G 168 10.41 6.45 22.21
N PHE G 169 9.52 6.26 21.24
CA PHE G 169 9.12 4.92 20.80
C PHE G 169 9.90 4.50 19.58
N PRO G 170 10.33 3.22 19.53
CA PRO G 170 11.06 2.75 18.36
C PRO G 170 10.31 3.03 17.08
N ALA G 171 11.04 3.33 16.01
CA ALA G 171 10.41 3.62 14.72
C ALA G 171 9.81 2.35 14.11
N LEU G 172 8.90 2.54 13.16
CA LEU G 172 8.29 1.42 12.45
C LEU G 172 8.09 1.76 10.98
N LEU G 173 8.15 0.72 10.13
CA LEU G 173 7.95 0.86 8.70
C LEU G 173 6.45 0.84 8.32
N LEU G 174 5.92 2.00 7.92
CA LEU G 174 4.57 2.13 7.34
C LEU G 174 4.77 2.62 5.90
N SER G 175 4.25 1.87 4.92
CA SER G 175 4.36 2.19 3.48
C SER G 175 5.81 2.52 3.06
N GLY G 176 6.72 1.62 3.41
CA GLY G 176 8.14 1.77 3.04
C GLY G 176 8.92 2.91 3.69
N LEU G 177 8.30 3.66 4.62
CA LEU G 177 8.94 4.78 5.30
C LEU G 177 8.79 4.65 6.81
N TYR G 178 9.77 5.17 7.54
CA TYR G 178 9.79 5.07 8.99
C TYR G 178 8.96 6.20 9.62
N THR G 179 8.13 5.81 10.58
CA THR G 179 7.40 6.75 11.43
C THR G 179 7.86 6.47 12.87
N LEU G 180 7.89 7.54 13.66
CA LEU G 180 8.36 7.46 15.05
C LEU G 180 7.59 8.48 15.85
N SER G 181 7.30 8.16 17.10
CA SER G 181 6.62 9.09 17.98
C SER G 181 7.40 9.28 19.27
N SER G 182 7.07 10.31 20.02
CA SER G 182 7.64 10.50 21.35
C SER G 182 6.72 11.32 22.24
N SER G 183 6.50 10.83 23.46
CA SER G 183 5.71 11.52 24.48
C SER G 183 6.66 12.17 25.46
N VAL G 184 6.20 13.26 26.08
CA VAL G 184 6.90 13.87 27.21
C VAL G 184 5.85 14.24 28.25
N THR G 185 6.14 13.98 29.51
CA THR G 185 5.22 14.27 30.61
C THR G 185 5.87 15.19 31.65
N VAL G 186 5.18 16.27 31.95
CA VAL G 186 5.63 17.27 32.91
C VAL G 186 4.45 17.66 33.79
N THR G 187 4.74 18.35 34.89
CA THR G 187 3.69 18.81 35.80
C THR G 187 2.95 20.00 35.17
N SER G 188 1.64 20.07 35.36
CA SER G 188 0.80 21.06 34.64
C SER G 188 1.06 22.55 34.98
N ASN G 189 1.95 22.85 35.94
CA ASN G 189 2.54 24.20 36.05
C ASN G 189 3.37 24.54 34.81
N THR G 190 4.31 23.64 34.48
CA THR G 190 5.33 23.86 33.45
C THR G 190 4.74 24.28 32.10
N TRP G 191 3.65 23.61 31.68
CA TRP G 191 3.03 23.83 30.38
C TRP G 191 1.56 24.22 30.56
N PRO G 192 1.01 25.15 29.77
CA PRO G 192 1.69 25.82 28.62
C PRO G 192 2.61 27.00 28.92
N SER G 193 2.70 27.43 30.18
CA SER G 193 3.43 28.66 30.55
C SER G 193 4.88 28.73 30.05
N GLN G 194 5.67 27.71 30.40
CA GLN G 194 7.03 27.55 29.87
C GLN G 194 6.98 26.73 28.58
N THR G 195 7.73 27.18 27.58
CA THR G 195 7.70 26.59 26.24
C THR G 195 8.43 25.25 26.20
N ILE G 196 7.79 24.24 25.60
CA ILE G 196 8.40 22.93 25.42
C ILE G 196 8.52 22.67 23.93
N THR G 197 9.70 22.21 23.51
CA THR G 197 10.06 22.11 22.10
C THR G 197 10.64 20.74 21.80
N CYS G 198 10.18 20.17 20.69
CA CYS G 198 10.61 18.87 20.20
C CYS G 198 11.71 19.08 19.19
N ASN G 199 12.90 18.52 19.42
CA ASN G 199 14.07 18.69 18.52
C ASN G 199 14.33 17.40 17.76
N VAL G 200 14.30 17.46 16.43
CA VAL G 200 14.50 16.26 15.60
C VAL G 200 15.56 16.52 14.55
N ALA G 201 16.57 15.65 14.49
CA ALA G 201 17.55 15.65 13.42
C ALA G 201 17.45 14.35 12.66
N HIS G 202 17.59 14.42 11.35
CA HIS G 202 17.71 13.25 10.49
C HIS G 202 19.02 13.45 9.74
N PRO G 203 20.13 12.82 10.21
CA PRO G 203 21.41 13.12 9.58
C PRO G 203 21.44 12.77 8.09
N ALA G 204 20.87 11.62 7.73
CA ALA G 204 20.89 11.13 6.35
C ALA G 204 20.32 12.11 5.31
N SER G 205 19.38 12.96 5.71
CA SER G 205 18.78 13.96 4.81
C SER G 205 19.18 15.41 5.15
N SER G 206 20.14 15.57 6.07
CA SER G 206 20.55 16.88 6.60
C SER G 206 19.35 17.74 7.05
N THR G 207 18.49 17.13 7.84
CA THR G 207 17.27 17.77 8.34
C THR G 207 17.45 18.01 9.83
N LYS G 208 17.20 19.23 10.28
CA LYS G 208 17.12 19.56 11.71
C LYS G 208 15.90 20.44 11.93
N VAL G 209 14.97 19.97 12.75
CA VAL G 209 13.72 20.70 13.01
C VAL G 209 13.53 20.84 14.51
N ASP G 210 13.18 22.05 14.96
CA ASP G 210 12.70 22.30 16.32
C ASP G 210 11.23 22.69 16.19
N LYS G 211 10.32 21.94 16.82
CA LYS G 211 8.88 22.24 16.77
C LYS G 211 8.32 22.52 18.16
N LYS G 212 7.87 23.75 18.36
CA LYS G 212 7.28 24.18 19.61
C LYS G 212 5.89 23.57 19.73
N ILE G 213 5.55 23.07 20.93
CA ILE G 213 4.23 22.52 21.20
C ILE G 213 3.33 23.68 21.64
N GLU G 214 2.29 23.96 20.85
CA GLU G 214 1.37 25.07 21.09
C GLU G 214 0.00 24.52 21.53
N PRO G 215 -0.64 25.11 22.56
CA PRO G 215 -1.97 24.65 22.93
C PRO G 215 -3.02 24.76 21.90
N ARG G 216 -4.06 23.93 21.96
CA ARG G 216 -5.28 24.11 21.07
C ARG G 216 -6.31 25.09 21.72
N GLY G 217 -6.25 26.36 21.33
CA GLY G 217 -6.95 27.39 22.09
C GLY G 217 -8.41 27.47 21.66
N PRO G 218 -9.35 27.55 22.63
CA PRO G 218 -10.77 27.73 22.32
C PRO G 218 -11.23 29.21 22.20
N THR G 219 -12.37 29.38 21.49
CA THR G 219 -12.94 30.70 21.05
C THR G 219 -13.13 31.67 22.20
N ILE G 220 -12.88 32.98 21.99
CA ILE G 220 -12.94 34.00 23.05
C ILE G 220 -12.74 35.40 22.46
N ASP H 1 31.12 -23.97 11.95
CA ASP H 1 30.34 -23.07 12.82
C ASP H 1 29.91 -23.75 14.11
N ILE H 2 30.38 -23.24 15.23
CA ILE H 2 29.89 -23.65 16.54
C ILE H 2 28.64 -22.83 16.82
N VAL H 3 27.48 -23.48 16.82
CA VAL H 3 26.21 -22.81 17.05
C VAL H 3 25.90 -22.75 18.54
N LEU H 4 25.50 -21.56 18.98
CA LEU H 4 25.10 -21.31 20.36
C LEU H 4 23.61 -21.11 20.44
N THR H 5 22.98 -21.83 21.36
CA THR H 5 21.55 -21.73 21.63
C THR H 5 21.36 -21.35 23.08
N GLN H 6 20.72 -20.22 23.31
CA GLN H 6 20.35 -19.79 24.65
C GLN H 6 18.95 -20.24 25.00
N SER H 7 18.70 -20.35 26.30
CA SER H 7 17.33 -20.45 26.78
C SER H 7 17.32 -19.96 28.23
N PRO H 8 16.20 -19.42 28.70
CA PRO H 8 15.00 -19.19 27.92
C PRO H 8 15.14 -17.96 27.03
N ALA H 9 14.10 -17.69 26.27
CA ALA H 9 14.08 -16.57 25.35
C ALA H 9 13.87 -15.27 26.11
N SER H 10 12.89 -15.31 27.01
CA SER H 10 12.63 -14.24 27.95
C SER H 10 12.34 -14.84 29.32
N LEU H 11 12.35 -13.98 30.32
CA LEU H 11 12.56 -14.36 31.71
C LEU H 11 12.19 -13.17 32.55
N ALA H 12 11.31 -13.34 33.54
CA ALA H 12 10.92 -12.23 34.43
C ALA H 12 11.22 -12.51 35.91
N VAL H 13 12.19 -11.76 36.47
CA VAL H 13 12.67 -11.98 37.84
C VAL H 13 12.33 -10.80 38.74
N SER H 14 11.84 -11.09 39.94
CA SER H 14 11.58 -10.03 40.93
C SER H 14 12.89 -9.42 41.43
N LEU H 15 12.79 -8.22 41.97
CA LEU H 15 13.98 -7.52 42.47
C LEU H 15 14.64 -8.31 43.58
N GLY H 16 15.96 -8.41 43.54
CA GLY H 16 16.71 -9.14 44.56
C GLY H 16 16.76 -10.66 44.42
N GLN H 17 16.15 -11.20 43.36
CA GLN H 17 16.06 -12.65 43.17
C GLN H 17 17.09 -13.12 42.16
N ARG H 18 17.19 -14.42 41.98
CA ARG H 18 18.14 -15.04 41.05
C ARG H 18 17.59 -15.10 39.64
N ALA H 19 18.43 -14.73 38.68
CA ALA H 19 18.14 -14.94 37.26
C ALA H 19 19.18 -15.87 36.70
N THR H 20 18.74 -16.96 36.08
CA THR H 20 19.65 -17.94 35.49
C THR H 20 19.32 -18.11 34.02
N ILE H 21 20.31 -17.82 33.17
CA ILE H 21 20.21 -17.90 31.70
C ILE H 21 21.20 -18.97 31.24
N SER H 22 20.78 -19.82 30.30
CA SER H 22 21.61 -20.91 29.80
C SER H 22 22.10 -20.67 28.40
N CYS H 23 23.21 -21.33 28.06
CA CYS H 23 23.76 -21.30 26.70
C CYS H 23 24.34 -22.67 26.38
N ARG H 24 23.80 -23.30 25.34
CA ARG H 24 24.20 -24.62 24.87
C ARG H 24 24.97 -24.44 23.57
N ALA H 25 26.14 -25.08 23.48
CA ALA H 25 26.98 -25.02 22.29
C ALA H 25 26.89 -26.32 21.51
N SER H 26 26.83 -26.22 20.19
CA SER H 26 26.76 -27.39 19.31
C SER H 26 27.95 -28.33 19.46
N GLU H 27 29.11 -27.78 19.83
CA GLU H 27 30.28 -28.57 20.20
C GLU H 27 31.15 -27.87 21.23
N SER H 28 32.07 -28.61 21.82
CA SER H 28 32.86 -28.14 22.97
C SER H 28 33.64 -26.87 22.64
N VAL H 29 33.49 -25.85 23.47
CA VAL H 29 34.27 -24.61 23.35
C VAL H 29 35.49 -24.60 24.28
N ASP H 30 35.75 -25.73 24.95
CA ASP H 30 37.01 -25.92 25.68
C ASP H 30 38.17 -25.94 24.73
N ASN H 31 39.13 -25.07 25.02
CA ASN H 31 40.41 -25.10 24.34
C ASN H 31 41.42 -25.02 25.46
N TYR H 32 42.23 -26.07 25.60
CA TYR H 32 43.09 -26.30 26.76
C TYR H 32 42.16 -26.65 27.96
N GLY H 33 42.45 -26.14 29.16
CA GLY H 33 41.55 -26.26 30.30
C GLY H 33 40.44 -25.21 30.32
N ILE H 34 40.65 -24.12 29.57
CA ILE H 34 39.77 -22.94 29.61
C ILE H 34 38.62 -23.01 28.61
N SER H 35 37.40 -22.80 29.13
CA SER H 35 36.18 -22.79 28.31
C SER H 35 36.06 -21.40 27.71
N SER H 36 36.21 -21.30 26.39
CA SER H 36 36.17 -20.00 25.69
C SER H 36 34.74 -19.52 25.42
N MET H 37 34.07 -19.11 26.49
CA MET H 37 32.67 -18.71 26.45
C MET H 37 32.56 -17.36 27.15
N ASN H 38 32.03 -16.36 26.47
CA ASN H 38 31.85 -15.03 27.03
C ASN H 38 30.38 -14.68 27.11
N TRP H 39 30.06 -13.66 27.90
CA TRP H 39 28.70 -13.16 28.04
C TRP H 39 28.66 -11.65 27.89
N PHE H 40 27.63 -11.16 27.20
CA PHE H 40 27.45 -9.74 26.96
C PHE H 40 26.07 -9.30 27.40
N GLN H 41 25.96 -8.03 27.74
CA GLN H 41 24.70 -7.42 28.11
C GLN H 41 24.42 -6.31 27.13
N GLN H 42 23.22 -6.29 26.57
CA GLN H 42 22.80 -5.20 25.71
C GLN H 42 21.55 -4.57 26.28
N LYS H 43 21.70 -3.36 26.81
CA LYS H 43 20.54 -2.55 27.19
C LYS H 43 20.05 -1.88 25.92
N ALA H 44 18.81 -1.43 25.94
CA ALA H 44 18.18 -0.84 24.77
C ALA H 44 18.91 0.37 24.25
N GLY H 45 19.00 0.48 22.93
CA GLY H 45 19.64 1.62 22.26
C GLY H 45 21.15 1.68 22.40
N GLN H 46 21.78 0.62 22.87
CA GLN H 46 23.20 0.63 23.16
C GLN H 46 23.91 -0.57 22.56
N PRO H 47 25.25 -0.49 22.44
CA PRO H 47 25.97 -1.69 22.04
C PRO H 47 25.99 -2.74 23.15
N PRO H 48 26.40 -3.95 22.81
CA PRO H 48 26.65 -4.96 23.85
C PRO H 48 27.82 -4.56 24.74
N LYS H 49 27.68 -4.80 26.03
CA LYS H 49 28.74 -4.55 26.99
C LYS H 49 29.30 -5.88 27.45
N PHE H 50 30.62 -5.99 27.43
CA PHE H 50 31.31 -7.19 27.86
C PHE H 50 31.19 -7.39 29.38
N LEU H 51 30.80 -8.59 29.80
CA LEU H 51 30.57 -8.91 31.22
C LEU H 51 31.52 -9.98 31.72
N ILE H 52 31.45 -11.15 31.09
CA ILE H 52 32.12 -12.35 31.58
C ILE H 52 32.93 -12.96 30.44
N TYR H 53 34.14 -13.40 30.76
CA TYR H 53 35.01 -14.14 29.83
C TYR H 53 35.38 -15.49 30.45
N ALA H 54 35.89 -16.39 29.63
CA ALA H 54 36.31 -17.71 30.12
C ALA H 54 35.24 -18.37 31.00
N ALA H 55 33.99 -18.31 30.57
CA ALA H 55 32.85 -18.97 31.23
C ALA H 55 32.42 -18.35 32.57
N SER H 56 33.38 -18.13 33.46
CA SER H 56 33.14 -17.68 34.84
C SER H 56 33.91 -16.42 35.33
N LYS H 57 34.94 -15.98 34.61
CA LYS H 57 35.75 -14.81 35.03
C LYS H 57 35.13 -13.48 34.56
N GLN H 58 35.18 -12.46 35.41
CA GLN H 58 34.46 -11.20 35.20
C GLN H 58 35.35 -10.08 34.66
N GLY H 59 34.83 -9.30 33.71
CA GLY H 59 35.54 -8.15 33.14
C GLY H 59 35.70 -7.02 34.14
N SER H 60 36.52 -6.02 33.80
CA SER H 60 36.84 -4.92 34.71
C SER H 60 35.61 -4.12 35.15
N GLY H 61 35.47 -3.95 36.47
CA GLY H 61 34.36 -3.21 37.06
C GLY H 61 32.97 -3.79 36.84
N VAL H 62 32.89 -5.09 36.57
CA VAL H 62 31.62 -5.78 36.39
C VAL H 62 31.18 -6.27 37.78
N PRO H 63 30.01 -5.82 38.28
CA PRO H 63 29.57 -6.13 39.65
C PRO H 63 29.65 -7.62 40.04
N ALA H 64 29.88 -7.87 41.33
CA ALA H 64 29.98 -9.23 41.89
C ALA H 64 28.78 -10.14 41.56
N ARG H 65 27.60 -9.53 41.50
CA ARG H 65 26.34 -10.22 41.24
C ARG H 65 26.23 -10.93 39.89
N PHE H 66 26.91 -10.42 38.87
CA PHE H 66 27.03 -11.13 37.59
C PHE H 66 28.13 -12.18 37.74
N SER H 67 27.81 -13.42 37.44
CA SER H 67 28.80 -14.50 37.51
C SER H 67 28.31 -15.67 36.67
N GLY H 68 29.23 -16.29 35.93
CA GLY H 68 28.92 -17.38 35.02
C GLY H 68 29.54 -18.68 35.50
N SER H 69 29.15 -19.76 34.84
CA SER H 69 29.61 -21.10 35.20
C SER H 69 29.44 -22.05 34.03
N GLY H 70 29.89 -23.29 34.21
CA GLY H 70 29.79 -24.33 33.19
C GLY H 70 31.10 -24.55 32.47
N SER H 71 31.19 -25.70 31.79
CA SER H 71 32.32 -26.03 30.92
C SER H 71 31.84 -26.87 29.73
N GLY H 72 32.71 -27.05 28.75
CA GLY H 72 32.42 -27.91 27.59
C GLY H 72 31.41 -27.32 26.65
N THR H 73 30.17 -27.81 26.74
CA THR H 73 29.07 -27.37 25.87
C THR H 73 27.94 -26.65 26.60
N ASP H 74 27.87 -26.74 27.94
CA ASP H 74 26.76 -26.15 28.71
C ASP H 74 27.27 -25.06 29.64
N PHE H 75 26.58 -23.92 29.62
CA PHE H 75 27.01 -22.74 30.34
C PHE H 75 25.85 -21.97 30.91
N SER H 76 26.07 -21.30 32.03
CA SER H 76 25.06 -20.44 32.63
C SER H 76 25.62 -19.06 32.92
N LEU H 77 24.70 -18.11 33.04
CA LEU H 77 24.97 -16.76 33.52
C LEU H 77 23.99 -16.51 34.64
N ILE H 78 24.49 -16.24 35.83
CA ILE H 78 23.66 -15.96 36.97
C ILE H 78 23.75 -14.48 37.32
N ILE H 79 22.59 -13.87 37.51
CA ILE H 79 22.48 -12.52 38.02
C ILE H 79 21.72 -12.63 39.33
N HIS H 80 22.36 -12.24 40.44
CA HIS H 80 21.79 -12.41 41.76
C HIS H 80 22.60 -11.61 42.79
N PRO H 81 22.03 -10.60 43.44
CA PRO H 81 20.63 -10.16 43.31
C PRO H 81 20.38 -9.29 42.08
N VAL H 82 19.27 -9.54 41.40
CA VAL H 82 18.84 -8.73 40.26
C VAL H 82 18.40 -7.33 40.69
N GLU H 83 18.70 -6.34 39.85
CA GLU H 83 18.38 -4.91 40.08
C GLU H 83 17.64 -4.32 38.92
N GLU H 84 17.04 -3.14 39.10
CA GLU H 84 16.17 -2.53 38.05
C GLU H 84 16.93 -2.34 36.74
N ASP H 85 18.18 -1.92 36.86
CA ASP H 85 19.04 -1.60 35.74
C ASP H 85 19.58 -2.85 35.01
N ASP H 86 19.36 -4.04 35.55
CA ASP H 86 19.74 -5.28 34.85
C ASP H 86 18.80 -5.68 33.71
N THR H 87 17.69 -4.95 33.51
CA THR H 87 16.84 -5.16 32.36
C THR H 87 17.65 -4.91 31.09
N ALA H 88 17.67 -5.92 30.22
CA ALA H 88 18.61 -6.01 29.13
C ALA H 88 18.41 -7.32 28.41
N VAL H 89 19.08 -7.45 27.27
CA VAL H 89 19.22 -8.73 26.60
C VAL H 89 20.65 -9.21 26.87
N TYR H 90 20.79 -10.51 27.15
CA TYR H 90 22.10 -11.09 27.45
C TYR H 90 22.47 -12.09 26.38
N PHE H 91 23.64 -11.92 25.80
CA PHE H 91 24.15 -12.80 24.75
C PHE H 91 25.31 -13.61 25.27
N CYS H 92 25.28 -14.91 25.02
CA CYS H 92 26.47 -15.71 25.17
C CYS H 92 27.23 -15.67 23.84
N GLN H 93 28.52 -16.02 23.88
CA GLN H 93 29.40 -15.86 22.73
C GLN H 93 30.65 -16.71 22.87
N GLN H 94 31.05 -17.32 21.77
CA GLN H 94 32.05 -18.37 21.74
C GLN H 94 33.26 -17.84 21.01
N SER H 95 34.44 -17.93 21.63
CA SER H 95 35.70 -17.47 21.00
C SER H 95 36.69 -18.60 20.73
N LYS H 96 36.21 -19.84 20.71
CA LYS H 96 37.09 -21.01 20.56
C LYS H 96 37.83 -20.99 19.23
N GLY H 97 37.09 -20.73 18.17
CA GLY H 97 37.67 -20.60 16.85
C GLY H 97 36.80 -19.74 15.93
N VAL H 98 37.41 -19.24 14.86
CA VAL H 98 36.69 -18.55 13.80
C VAL H 98 35.77 -19.55 13.06
N PRO H 99 34.54 -19.17 12.71
CA PRO H 99 33.92 -17.87 13.01
C PRO H 99 33.45 -17.75 14.46
N TYR H 100 33.60 -16.55 15.00
CA TYR H 100 33.09 -16.23 16.31
C TYR H 100 31.58 -16.13 16.14
N THR H 101 30.85 -16.72 17.08
CA THR H 101 29.40 -16.81 16.99
C THR H 101 28.77 -16.39 18.30
N PHE H 102 27.60 -15.75 18.21
CA PHE H 102 26.83 -15.36 19.37
C PHE H 102 25.58 -16.21 19.51
N GLY H 103 24.96 -16.15 20.67
CA GLY H 103 23.68 -16.78 20.89
C GLY H 103 22.55 -15.91 20.40
N GLY H 104 21.33 -16.44 20.51
CA GLY H 104 20.13 -15.74 20.06
C GLY H 104 19.78 -14.55 20.93
N GLY H 105 20.16 -14.62 22.19
CA GLY H 105 19.89 -13.57 23.16
C GLY H 105 18.77 -13.99 24.08
N THR H 106 18.80 -13.49 25.31
CA THR H 106 17.77 -13.75 26.31
C THR H 106 17.40 -12.41 26.96
N LYS H 107 16.13 -12.02 26.89
CA LYS H 107 15.70 -10.80 27.55
C LYS H 107 15.42 -11.11 29.02
N LEU H 108 16.03 -10.33 29.90
CA LEU H 108 15.72 -10.36 31.32
C LEU H 108 14.80 -9.18 31.59
N GLU H 109 13.57 -9.48 31.99
CA GLU H 109 12.60 -8.49 32.41
C GLU H 109 12.67 -8.47 33.94
N ILE H 110 12.48 -7.29 34.52
CA ILE H 110 12.38 -7.14 35.97
C ILE H 110 10.93 -7.15 36.38
N LYS H 111 10.51 -8.16 37.16
CA LYS H 111 9.17 -8.16 37.75
C LYS H 111 9.06 -6.99 38.71
N ARG H 112 7.89 -6.35 38.63
CA ARG H 112 7.53 -5.33 39.57
C ARG H 112 6.02 -5.41 39.73
N ALA H 113 5.48 -4.59 40.62
CA ALA H 113 4.03 -4.52 40.81
C ALA H 113 3.34 -4.07 39.53
N ASP H 114 2.07 -4.48 39.38
CA ASP H 114 1.30 -4.13 38.19
C ASP H 114 1.09 -2.62 38.16
N ALA H 115 0.92 -2.07 36.97
CA ALA H 115 0.78 -0.63 36.81
C ALA H 115 -0.14 -0.33 35.64
N ALA H 116 -1.16 0.48 35.87
CA ALA H 116 -2.09 0.86 34.81
C ALA H 116 -1.42 1.91 33.94
N PRO H 117 -1.73 1.92 32.62
CA PRO H 117 -1.18 2.95 31.77
C PRO H 117 -1.85 4.30 32.00
N THR H 118 -1.07 5.38 31.90
CA THR H 118 -1.62 6.73 31.82
C THR H 118 -1.82 6.97 30.31
N VAL H 119 -3.08 7.05 29.88
CA VAL H 119 -3.42 7.12 28.48
C VAL H 119 -3.74 8.55 28.06
N SER H 120 -3.15 8.97 26.95
CA SER H 120 -3.28 10.33 26.43
C SER H 120 -3.63 10.21 24.96
N ILE H 121 -4.71 10.88 24.53
CA ILE H 121 -5.04 10.91 23.10
C ILE H 121 -4.71 12.27 22.50
N PHE H 122 -4.29 12.25 21.25
CA PHE H 122 -3.85 13.45 20.54
C PHE H 122 -4.45 13.48 19.15
N PRO H 123 -5.22 14.56 18.84
CA PRO H 123 -5.64 14.72 17.46
C PRO H 123 -4.49 15.01 16.51
N PRO H 124 -4.79 15.13 15.21
CA PRO H 124 -3.78 15.59 14.27
C PRO H 124 -3.37 17.04 14.54
N SER H 125 -2.13 17.36 14.22
CA SER H 125 -1.63 18.72 14.29
C SER H 125 -2.24 19.59 13.18
N SER H 126 -2.24 20.90 13.37
CA SER H 126 -2.65 21.83 12.30
C SER H 126 -1.75 21.66 11.08
N GLU H 127 -0.45 21.45 11.32
CA GLU H 127 0.55 21.26 10.28
C GLU H 127 0.21 20.05 9.40
N GLN H 128 -0.16 18.93 10.02
CA GLN H 128 -0.43 17.70 9.29
C GLN H 128 -1.71 17.76 8.47
N LEU H 129 -2.74 18.42 9.00
CA LEU H 129 -3.99 18.57 8.26
C LEU H 129 -3.73 19.29 6.95
N THR H 130 -3.04 20.44 7.01
CA THR H 130 -2.70 21.19 5.81
C THR H 130 -1.70 20.48 4.86
N SER H 131 -0.94 19.49 5.35
CA SER H 131 -0.17 18.59 4.47
C SER H 131 -1.07 17.70 3.60
N GLY H 132 -2.15 17.18 4.18
CA GLY H 132 -3.05 16.25 3.48
C GLY H 132 -3.36 14.97 4.24
N GLY H 133 -2.56 14.64 5.25
CA GLY H 133 -2.80 13.47 6.11
C GLY H 133 -3.47 13.83 7.42
N ALA H 134 -3.76 12.81 8.22
CA ALA H 134 -4.34 12.98 9.56
C ALA H 134 -4.02 11.76 10.44
N SER H 135 -3.21 11.97 11.47
CA SER H 135 -2.79 10.89 12.35
C SER H 135 -3.24 11.20 13.77
N VAL H 136 -3.98 10.24 14.32
CA VAL H 136 -4.44 10.30 15.70
C VAL H 136 -3.51 9.39 16.49
N VAL H 137 -2.92 9.92 17.54
CA VAL H 137 -1.93 9.21 18.33
C VAL H 137 -2.45 9.03 19.75
N CYS H 138 -2.09 7.89 20.34
CA CYS H 138 -2.52 7.54 21.67
C CYS H 138 -1.34 6.94 22.41
N PHE H 139 -0.80 7.66 23.38
CA PHE H 139 0.27 7.14 24.21
C PHE H 139 -0.32 6.43 25.41
N LEU H 140 0.19 5.23 25.67
CA LEU H 140 -0.14 4.49 26.88
C LEU H 140 1.18 4.36 27.61
N ASN H 141 1.34 5.09 28.71
CA ASN H 141 2.65 5.23 29.34
C ASN H 141 2.74 4.62 30.73
N ASN H 142 3.90 4.03 31.01
CA ASN H 142 4.31 3.55 32.33
C ASN H 142 3.37 2.50 32.92
N PHE H 143 3.37 1.32 32.28
CA PHE H 143 2.53 0.22 32.69
C PHE H 143 3.33 -1.08 32.81
N TYR H 144 2.72 -2.06 33.48
CA TYR H 144 3.32 -3.36 33.66
C TYR H 144 2.21 -4.35 34.01
N PRO H 145 2.22 -5.58 33.48
CA PRO H 145 3.22 -6.12 32.56
C PRO H 145 3.11 -5.58 31.11
N LYS H 146 3.94 -6.13 30.22
CA LYS H 146 4.06 -5.62 28.85
C LYS H 146 2.80 -5.80 27.99
N ASP H 147 2.05 -6.87 28.23
CA ASP H 147 0.81 -7.15 27.47
C ASP H 147 -0.20 -6.02 27.53
N ILE H 148 -0.64 -5.56 26.37
CA ILE H 148 -1.71 -4.57 26.32
C ILE H 148 -2.44 -4.66 24.97
N ASN H 149 -3.68 -4.20 24.94
CA ASN H 149 -4.50 -4.28 23.74
C ASN H 149 -5.15 -2.93 23.52
N VAL H 150 -4.95 -2.38 22.32
CA VAL H 150 -5.49 -1.11 21.97
C VAL H 150 -6.50 -1.31 20.86
N LYS H 151 -7.67 -0.71 21.04
CA LYS H 151 -8.72 -0.72 20.04
C LYS H 151 -8.97 0.74 19.69
N TRP H 152 -9.02 1.05 18.39
CA TRP H 152 -9.43 2.36 17.92
C TRP H 152 -10.89 2.31 17.48
N LYS H 153 -11.66 3.33 17.87
CA LYS H 153 -13.03 3.51 17.40
C LYS H 153 -13.14 4.86 16.69
N ILE H 154 -13.93 4.90 15.61
CA ILE H 154 -14.29 6.14 14.91
C ILE H 154 -15.82 6.19 14.88
N ASP H 155 -16.41 7.16 15.56
CA ASP H 155 -17.85 7.19 15.81
C ASP H 155 -18.34 5.85 16.35
N GLY H 156 -17.61 5.27 17.30
CA GLY H 156 -17.95 3.98 17.88
C GLY H 156 -17.74 2.74 17.04
N SER H 157 -17.33 2.90 15.76
CA SER H 157 -17.03 1.77 14.85
C SER H 157 -15.54 1.42 14.92
N GLU H 158 -15.23 0.15 15.14
CA GLU H 158 -13.86 -0.29 15.31
C GLU H 158 -13.05 -0.15 14.02
N ARG H 159 -11.76 0.13 14.16
CA ARG H 159 -10.86 0.27 13.00
C ARG H 159 -9.54 -0.43 13.27
N GLN H 160 -9.06 -1.17 12.26
CA GLN H 160 -7.77 -1.88 12.32
C GLN H 160 -6.74 -1.43 11.26
N ASN H 161 -7.17 -0.69 10.24
CA ASN H 161 -6.32 -0.31 9.10
C ASN H 161 -5.55 0.99 9.42
N GLY H 162 -4.25 0.99 9.16
CA GLY H 162 -3.38 2.16 9.41
C GLY H 162 -2.77 2.24 10.80
N VAL H 163 -3.10 1.26 11.65
CA VAL H 163 -2.72 1.31 13.08
C VAL H 163 -1.27 0.88 13.26
N LEU H 164 -0.48 1.70 13.93
CA LEU H 164 0.92 1.38 14.24
C LEU H 164 1.11 1.36 15.73
N ASN H 165 1.66 0.26 16.23
CA ASN H 165 1.79 0.03 17.65
C ASN H 165 3.25 -0.24 17.99
N SER H 166 3.90 0.73 18.64
CA SER H 166 5.30 0.58 19.03
C SER H 166 5.43 0.55 20.55
N TRP H 167 5.99 -0.54 21.08
CA TRP H 167 6.36 -0.61 22.51
C TRP H 167 7.79 -0.12 22.70
N THR H 168 8.05 0.49 23.85
CA THR H 168 9.42 0.72 24.29
C THR H 168 9.97 -0.58 24.88
N ASP H 169 11.27 -0.57 25.18
CA ASP H 169 11.85 -1.58 26.06
C ASP H 169 11.50 -1.24 27.49
N GLN H 170 11.79 -2.17 28.40
CA GLN H 170 11.54 -1.93 29.82
C GLN H 170 12.42 -0.81 30.31
N ASP H 171 11.87 0.03 31.19
CA ASP H 171 12.60 1.15 31.75
C ASP H 171 13.66 0.66 32.77
N SER H 172 14.83 1.27 32.71
CA SER H 172 15.93 0.88 33.60
C SER H 172 15.78 1.39 35.03
N LYS H 173 14.86 2.34 35.27
CA LYS H 173 14.65 2.87 36.61
C LYS H 173 13.34 2.39 37.26
N ASP H 174 12.19 2.55 36.57
CA ASP H 174 10.90 2.15 37.17
C ASP H 174 10.30 0.83 36.61
N SER H 175 11.09 0.11 35.80
CA SER H 175 10.73 -1.19 35.28
C SER H 175 9.37 -1.29 34.56
N THR H 176 8.88 -0.16 34.05
CA THR H 176 7.62 -0.11 33.33
C THR H 176 7.87 -0.16 31.83
N TYR H 177 6.81 -0.40 31.09
CA TYR H 177 6.80 -0.27 29.66
C TYR H 177 5.88 0.86 29.29
N SER H 178 6.05 1.36 28.08
CA SER H 178 5.19 2.39 27.53
C SER H 178 4.98 2.05 26.08
N MET H 179 3.92 2.58 25.48
CA MET H 179 3.53 2.13 24.15
C MET H 179 2.71 3.18 23.41
N SER H 180 2.95 3.30 22.11
CA SER H 180 2.33 4.31 21.27
C SER H 180 1.51 3.65 20.18
N SER H 181 0.24 4.02 20.08
CA SER H 181 -0.63 3.56 19.01
C SER H 181 -0.96 4.74 18.11
N THR H 182 -0.99 4.52 16.80
CA THR H 182 -1.10 5.61 15.82
C THR H 182 -2.03 5.23 14.66
N LEU H 183 -3.27 5.73 14.71
CA LEU H 183 -4.22 5.57 13.61
C LEU H 183 -3.98 6.64 12.55
N THR H 184 -3.74 6.20 11.30
CA THR H 184 -3.40 7.10 10.20
C THR H 184 -4.54 7.08 9.18
N LEU H 185 -4.99 8.25 8.75
CA LEU H 185 -6.12 8.38 7.82
C LEU H 185 -5.86 9.48 6.81
N THR H 186 -6.62 9.46 5.72
CA THR H 186 -6.63 10.58 4.78
C THR H 186 -7.33 11.74 5.49
N LYS H 187 -6.91 12.98 5.21
CA LYS H 187 -7.59 14.17 5.76
C LYS H 187 -9.09 14.18 5.41
N ASP H 188 -9.41 13.86 4.15
CA ASP H 188 -10.79 13.71 3.69
C ASP H 188 -11.61 12.84 4.64
N GLU H 189 -11.08 11.67 5.01
CA GLU H 189 -11.81 10.71 5.85
C GLU H 189 -11.81 11.10 7.33
N TYR H 190 -10.78 11.78 7.80
CA TYR H 190 -10.75 12.32 9.17
C TYR H 190 -11.91 13.29 9.41
N GLU H 191 -12.20 14.13 8.41
CA GLU H 191 -13.25 15.15 8.53
C GLU H 191 -14.66 14.63 8.25
N ARG H 192 -14.80 13.39 7.77
CA ARG H 192 -16.11 12.76 7.59
C ARG H 192 -16.70 12.22 8.89
N HIS H 193 -15.88 11.92 9.88
CA HIS H 193 -16.35 11.40 11.17
C HIS H 193 -16.03 12.40 12.26
N ASN H 194 -16.76 12.30 13.37
CA ASN H 194 -16.63 13.25 14.48
C ASN H 194 -15.82 12.71 15.67
N SER H 195 -16.26 11.57 16.22
CA SER H 195 -15.76 11.03 17.50
C SER H 195 -14.61 10.02 17.35
N TYR H 196 -13.44 10.34 17.90
CA TYR H 196 -12.26 9.46 17.86
C TYR H 196 -11.88 8.95 19.26
N THR H 197 -11.83 7.64 19.42
CA THR H 197 -11.71 7.00 20.72
C THR H 197 -10.56 6.00 20.69
N CYS H 198 -10.04 5.68 21.88
CA CYS H 198 -8.86 4.86 22.02
C CYS H 198 -8.99 3.96 23.25
N GLU H 199 -9.62 2.80 23.07
CA GLU H 199 -9.82 1.83 24.16
C GLU H 199 -8.57 1.03 24.42
N ALA H 200 -8.26 0.79 25.69
CA ALA H 200 -7.04 0.09 26.08
C ALA H 200 -7.32 -0.90 27.20
N THR H 201 -7.31 -2.19 26.85
CA THR H 201 -7.45 -3.26 27.85
C THR H 201 -6.09 -3.70 28.32
N HIS H 202 -5.93 -3.73 29.64
CA HIS H 202 -4.71 -4.18 30.31
C HIS H 202 -5.09 -5.14 31.43
N LYS H 203 -4.11 -5.89 31.91
CA LYS H 203 -4.26 -6.80 33.05
C LYS H 203 -4.89 -6.10 34.27
N THR H 204 -4.49 -4.85 34.49
CA THR H 204 -4.91 -4.05 35.64
C THR H 204 -6.41 -3.84 35.70
N SER H 205 -6.99 -3.31 34.62
CA SER H 205 -8.42 -2.97 34.61
C SER H 205 -9.23 -4.00 33.85
N THR H 206 -10.26 -4.54 34.49
CA THR H 206 -11.17 -5.49 33.81
C THR H 206 -11.84 -4.79 32.61
N SER H 207 -12.51 -3.67 32.88
CA SER H 207 -13.13 -2.85 31.83
C SER H 207 -12.06 -1.91 31.26
N PRO H 208 -12.18 -1.55 29.96
CA PRO H 208 -11.08 -0.87 29.29
C PRO H 208 -10.93 0.60 29.67
N ILE H 209 -9.70 1.10 29.61
CA ILE H 209 -9.41 2.51 29.79
C ILE H 209 -9.69 3.23 28.47
N VAL H 210 -10.71 4.08 28.45
CA VAL H 210 -11.09 4.84 27.26
C VAL H 210 -10.54 6.26 27.34
N LYS H 211 -10.04 6.78 26.23
CA LYS H 211 -9.77 8.21 26.08
C LYS H 211 -10.26 8.63 24.72
N SER H 212 -10.87 9.81 24.64
CA SER H 212 -11.70 10.15 23.51
C SER H 212 -11.75 11.65 23.26
N PHE H 213 -11.91 12.04 22.00
CA PHE H 213 -12.25 13.42 21.65
C PHE H 213 -13.24 13.48 20.49
N ASN H 214 -13.88 14.63 20.34
CA ASN H 214 -14.71 14.95 19.18
C ASN H 214 -14.10 16.19 18.50
N ARG H 215 -14.14 16.26 17.17
CA ARG H 215 -13.40 17.30 16.42
C ARG H 215 -13.86 18.74 16.67
N ASN H 216 -15.14 18.91 16.97
CA ASN H 216 -15.68 20.21 17.45
C ASN H 216 -15.55 20.56 18.94
N GLU H 217 -14.54 20.02 19.65
CA GLU H 217 -14.23 20.32 21.06
C GLU H 217 -12.89 21.03 21.38
N GLY I 13 44.81 -10.42 26.54
CA GLY I 13 45.76 -9.29 26.77
C GLY I 13 45.78 -8.27 25.65
N ALA I 14 46.15 -8.72 24.44
CA ALA I 14 46.05 -7.95 23.15
C ALA I 14 44.94 -8.48 22.18
N ARG I 15 44.73 -9.80 22.23
CA ARG I 15 43.48 -10.46 21.83
C ARG I 15 42.25 -9.92 22.61
N GLY I 16 42.49 -9.46 23.84
CA GLY I 16 41.44 -9.07 24.79
C GLY I 16 41.21 -10.25 25.70
N LEU I 17 40.43 -10.04 26.74
CA LEU I 17 39.96 -11.16 27.57
C LEU I 17 38.91 -12.01 26.83
N THR I 18 38.21 -11.42 25.85
CA THR I 18 37.18 -12.12 25.07
C THR I 18 37.73 -12.92 23.89
N GLY I 19 38.99 -12.71 23.50
CA GLY I 19 39.55 -13.37 22.30
C GLY I 19 39.92 -14.83 22.49
C CIR I 20 41.92 -17.19 22.52
O CIR I 20 42.74 -16.36 22.92
CA CIR I 20 40.90 -16.81 21.46
N CIR I 20 40.60 -15.38 21.49
C3 CIR I 20 41.43 -17.23 20.10
C4 CIR I 20 40.54 -16.82 18.92
C5 CIR I 20 41.21 -17.18 17.59
N6 CIR I 20 41.07 -18.59 17.28
C7 CIR I 20 41.77 -19.17 16.31
O7 CIR I 20 42.56 -18.55 15.62
N8 CIR I 20 41.56 -20.47 16.10
N HYP I 21 41.87 -18.44 23.02
CA HYP I 21 43.00 -18.94 23.81
C HYP I 21 44.43 -19.03 23.32
O HYP I 21 45.33 -19.33 24.10
CB HYP I 21 42.47 -19.76 24.98
CG HYP I 21 41.00 -20.07 24.59
CD HYP I 21 40.67 -19.20 23.37
OD1 HYP I 21 40.09 -19.83 25.68
N GLU J 1 -12.25 -32.30 37.19
CA GLU J 1 -12.15 -32.17 35.72
C GLU J 1 -11.33 -30.93 35.33
N VAL J 2 -10.33 -31.11 34.47
CA VAL J 2 -9.59 -29.99 33.87
C VAL J 2 -10.33 -29.54 32.59
N LYS J 3 -10.45 -28.23 32.39
CA LYS J 3 -11.02 -27.66 31.16
C LYS J 3 -10.05 -26.65 30.58
N LEU J 4 -9.75 -26.75 29.29
CA LEU J 4 -8.98 -25.74 28.57
C LEU J 4 -9.76 -25.32 27.36
N GLU J 5 -10.15 -24.05 27.32
CA GLU J 5 -10.84 -23.48 26.18
C GLU J 5 -9.97 -22.43 25.53
N GLU J 6 -9.69 -22.61 24.25
CA GLU J 6 -9.02 -21.59 23.45
C GLU J 6 -10.04 -20.68 22.81
N SER J 7 -9.57 -19.55 22.32
CA SER J 7 -10.42 -18.61 21.61
C SER J 7 -9.59 -17.70 20.71
N GLY J 8 -10.27 -17.12 19.73
CA GLY J 8 -9.70 -16.09 18.88
C GLY J 8 -8.86 -16.56 17.71
N GLY J 9 -9.18 -17.73 17.16
CA GLY J 9 -8.59 -18.15 15.88
C GLY J 9 -9.17 -17.34 14.72
N GLY J 10 -9.35 -17.97 13.57
CA GLY J 10 -10.03 -17.37 12.41
C GLY J 10 -9.10 -17.10 11.23
N LEU J 11 -9.52 -16.17 10.39
CA LEU J 11 -8.78 -15.81 9.19
C LEU J 11 -8.01 -14.53 9.40
N VAL J 12 -6.79 -14.48 8.88
CA VAL J 12 -6.01 -13.25 8.85
C VAL J 12 -5.10 -13.18 7.62
N GLN J 13 -4.92 -11.97 7.08
CA GLN J 13 -4.02 -11.74 5.96
C GLN J 13 -2.56 -12.02 6.31
N PRO J 14 -1.75 -12.46 5.34
CA PRO J 14 -0.29 -12.54 5.58
C PRO J 14 0.26 -11.19 5.98
N GLY J 15 1.14 -11.17 6.99
CA GLY J 15 1.61 -9.92 7.60
C GLY J 15 0.80 -9.46 8.81
N GLY J 16 -0.46 -9.88 8.89
CA GLY J 16 -1.37 -9.44 9.96
C GLY J 16 -1.07 -10.03 11.32
N SER J 17 -1.86 -9.63 12.30
CA SER J 17 -1.67 -10.03 13.69
C SER J 17 -2.88 -10.77 14.18
N MET J 18 -2.69 -11.49 15.29
CA MET J 18 -3.77 -12.26 15.90
C MET J 18 -3.37 -12.64 17.31
N LYS J 19 -4.34 -12.61 18.22
CA LYS J 19 -4.09 -12.95 19.62
C LYS J 19 -4.99 -14.10 20.03
N LEU J 20 -4.39 -15.26 20.27
CA LEU J 20 -5.13 -16.39 20.81
C LEU J 20 -5.15 -16.22 22.30
N SER J 21 -6.19 -16.74 22.95
CA SER J 21 -6.24 -16.79 24.41
C SER J 21 -6.77 -18.13 24.86
N CYS J 22 -6.41 -18.51 26.09
CA CYS J 22 -6.69 -19.84 26.61
C CYS J 22 -7.07 -19.74 28.08
N ALA J 23 -8.35 -19.96 28.37
CA ALA J 23 -8.85 -20.03 29.75
C ALA J 23 -8.70 -21.46 30.27
N ALA J 24 -8.32 -21.60 31.53
CA ALA J 24 -8.09 -22.91 32.15
C ALA J 24 -8.71 -22.98 33.54
N SER J 25 -9.17 -24.17 33.92
CA SER J 25 -9.66 -24.42 35.28
C SER J 25 -9.42 -25.88 35.66
N GLY J 26 -9.52 -26.20 36.94
CA GLY J 26 -9.32 -27.57 37.42
C GLY J 26 -7.91 -27.94 37.86
N PHE J 27 -6.99 -26.98 37.87
CA PHE J 27 -5.68 -27.15 38.48
C PHE J 27 -5.16 -25.80 38.95
N THR J 28 -4.28 -25.77 39.95
CA THR J 28 -3.71 -24.51 40.44
C THR J 28 -2.90 -23.86 39.31
N PHE J 29 -3.55 -22.93 38.59
CA PHE J 29 -3.02 -22.32 37.37
C PHE J 29 -1.65 -21.67 37.56
N SER J 30 -1.47 -20.93 38.65
CA SER J 30 -0.23 -20.18 38.89
C SER J 30 1.01 -21.08 38.96
N ASP J 31 0.81 -22.34 39.37
CA ASP J 31 1.88 -23.34 39.43
C ASP J 31 2.17 -24.07 38.12
N ALA J 32 1.27 -24.01 37.15
CA ALA J 32 1.37 -24.84 35.95
C ALA J 32 2.21 -24.22 34.84
N TRP J 33 3.07 -25.03 34.24
CA TRP J 33 3.73 -24.67 32.98
C TRP J 33 2.69 -24.83 31.87
N MET J 34 2.58 -23.82 31.00
CA MET J 34 1.59 -23.81 29.94
C MET J 34 2.28 -23.69 28.60
N ASP J 35 1.71 -24.32 27.59
CA ASP J 35 2.29 -24.32 26.25
C ASP J 35 1.25 -24.04 25.17
N TRP J 36 1.73 -23.76 23.97
CA TRP J 36 0.90 -23.76 22.76
C TRP J 36 1.53 -24.74 21.78
N VAL J 37 0.68 -25.56 21.16
CA VAL J 37 1.12 -26.55 20.19
C VAL J 37 0.19 -26.41 19.01
N ARG J 38 0.76 -26.50 17.81
CA ARG J 38 -0.04 -26.41 16.60
C ARG J 38 0.07 -27.66 15.76
N GLN J 39 -0.94 -27.84 14.92
CA GLN J 39 -1.04 -29.02 14.06
C GLN J 39 -1.50 -28.59 12.68
N SER J 40 -0.74 -28.99 11.68
CA SER J 40 -1.12 -28.85 10.28
C SER J 40 -0.87 -30.20 9.62
N PRO J 41 -1.55 -30.48 8.49
CA PRO J 41 -1.33 -31.76 7.83
C PRO J 41 0.09 -31.93 7.26
N GLU J 42 0.73 -30.82 6.89
CA GLU J 42 2.08 -30.86 6.32
C GLU J 42 3.15 -31.15 7.37
N LYS J 43 3.03 -30.51 8.54
CA LYS J 43 4.10 -30.49 9.54
C LYS J 43 3.79 -31.23 10.87
N GLY J 44 2.59 -31.80 11.02
CA GLY J 44 2.27 -32.62 12.18
C GLY J 44 2.10 -31.76 13.42
N LEU J 45 2.62 -32.20 14.55
CA LEU J 45 2.51 -31.44 15.79
C LEU J 45 3.78 -30.65 16.02
N GLU J 46 3.67 -29.32 16.02
CA GLU J 46 4.78 -28.42 16.32
C GLU J 46 4.53 -27.76 17.67
N TRP J 47 5.46 -27.93 18.60
CA TRP J 47 5.46 -27.11 19.78
C TRP J 47 5.79 -25.70 19.33
N VAL J 48 5.06 -24.72 19.85
CA VAL J 48 5.16 -23.34 19.41
C VAL J 48 5.83 -22.48 20.47
N ALA J 49 5.30 -22.55 21.69
CA ALA J 49 5.79 -21.70 22.78
C ALA J 49 5.45 -22.27 24.15
N GLU J 50 6.33 -22.01 25.11
CA GLU J 50 6.17 -22.40 26.51
C GLU J 50 6.16 -21.14 27.35
N ILE J 51 5.37 -21.14 28.42
CA ILE J 51 5.58 -20.20 29.51
C ILE J 51 5.55 -20.98 30.82
N ARG J 52 6.52 -20.71 31.68
CA ARG J 52 6.68 -21.47 32.92
C ARG J 52 5.98 -20.75 34.09
N ASN J 53 6.03 -21.36 35.27
CA ASN J 53 5.31 -20.85 36.44
C ASN J 53 6.07 -19.70 37.10
N LYS J 54 5.45 -19.10 38.11
CA LYS J 54 6.09 -18.02 38.89
C LYS J 54 7.45 -18.43 39.48
N VAL J 55 7.57 -19.68 39.92
CA VAL J 55 8.81 -20.21 40.52
C VAL J 55 9.98 -20.22 39.53
N ASN J 56 9.68 -20.38 38.25
CA ASN J 56 10.68 -20.28 37.17
C ASN J 56 10.59 -18.94 36.42
N ASN J 57 10.28 -17.86 37.13
CA ASN J 57 10.35 -16.49 36.59
C ASN J 57 9.51 -16.25 35.33
N HIS J 58 8.42 -16.99 35.18
CA HIS J 58 7.57 -16.91 33.98
C HIS J 58 8.42 -16.98 32.70
N ALA J 59 9.34 -17.93 32.69
CA ALA J 59 10.32 -18.08 31.62
C ALA J 59 9.59 -18.53 30.39
N THR J 60 9.87 -17.86 29.27
CA THR J 60 9.29 -18.24 27.99
C THR J 60 10.33 -18.91 27.11
N ASN J 61 9.87 -19.84 26.28
CA ASN J 61 10.68 -20.39 25.19
C ASN J 61 9.82 -20.44 23.94
N TYR J 62 10.48 -20.44 22.78
CA TYR J 62 9.77 -20.46 21.51
C TYR J 62 10.46 -21.37 20.52
N ALA J 63 9.66 -21.96 19.63
CA ALA J 63 10.19 -22.64 18.46
C ALA J 63 10.91 -21.62 17.60
N GLU J 64 11.98 -22.08 16.94
CA GLU J 64 12.79 -21.16 16.16
C GLU J 64 11.94 -20.51 15.06
N SER J 65 11.05 -21.26 14.43
CA SER J 65 10.21 -20.74 13.35
C SER J 65 9.26 -19.60 13.75
N VAL J 66 9.02 -19.38 15.04
CA VAL J 66 8.20 -18.24 15.49
C VAL J 66 8.94 -17.14 16.30
N LYS J 67 10.23 -17.35 16.63
CA LYS J 67 11.00 -16.37 17.43
C LYS J 67 10.93 -14.98 16.80
N GLY J 68 10.69 -13.97 17.62
CA GLY J 68 10.59 -12.60 17.16
C GLY J 68 9.24 -12.16 16.64
N ARG J 69 8.31 -13.10 16.47
CA ARG J 69 6.97 -12.81 15.94
C ARG J 69 5.83 -13.12 16.92
N PHE J 70 6.02 -14.15 17.75
CA PHE J 70 5.00 -14.66 18.67
C PHE J 70 5.42 -14.34 20.10
N THR J 71 4.50 -13.80 20.88
CA THR J 71 4.74 -13.57 22.30
C THR J 71 3.73 -14.37 23.10
N ILE J 72 4.23 -15.20 24.01
CA ILE J 72 3.39 -15.93 24.94
C ILE J 72 3.43 -15.20 26.28
N SER J 73 2.30 -15.22 26.98
CA SER J 73 2.20 -14.58 28.28
C SER J 73 1.01 -15.15 29.01
N ARG J 74 0.89 -14.79 30.29
CA ARG J 74 -0.15 -15.35 31.15
C ARG J 74 -0.63 -14.35 32.17
N ASP J 75 -1.89 -14.49 32.56
CA ASP J 75 -2.51 -13.68 33.61
C ASP J 75 -2.88 -14.66 34.72
N ASP J 76 -1.96 -14.85 35.68
CA ASP J 76 -2.19 -15.81 36.77
C ASP J 76 -3.48 -15.50 37.54
N SER J 77 -3.85 -14.23 37.67
CA SER J 77 -5.08 -13.85 38.38
C SER J 77 -6.37 -14.23 37.64
N ARG J 78 -6.33 -14.34 36.31
CA ARG J 78 -7.51 -14.74 35.50
C ARG J 78 -7.46 -16.19 34.96
N SER J 79 -6.41 -16.95 35.29
CA SER J 79 -6.18 -18.30 34.73
C SER J 79 -6.19 -18.32 33.21
N VAL J 80 -5.48 -17.37 32.59
CA VAL J 80 -5.45 -17.25 31.13
C VAL J 80 -4.02 -17.25 30.60
N VAL J 81 -3.81 -17.98 29.50
CA VAL J 81 -2.59 -17.89 28.71
C VAL J 81 -2.96 -17.24 27.39
N TYR J 82 -2.15 -16.28 26.96
CA TYR J 82 -2.30 -15.61 25.67
C TYR J 82 -1.14 -16.00 24.74
N LEU J 83 -1.41 -15.94 23.43
CA LEU J 83 -0.38 -16.03 22.40
C LEU J 83 -0.59 -14.94 21.36
N GLN J 84 0.17 -13.85 21.49
CA GLN J 84 0.21 -12.79 20.47
C GLN J 84 1.02 -13.31 19.31
N MET J 85 0.50 -13.15 18.10
CA MET J 85 1.19 -13.58 16.88
C MET J 85 1.22 -12.39 15.91
N ASN J 86 2.42 -12.04 15.44
CA ASN J 86 2.60 -10.92 14.51
C ASN J 86 3.31 -11.36 13.25
N ASN J 87 3.12 -10.59 12.18
CA ASN J 87 3.71 -10.88 10.88
C ASN J 87 3.44 -12.34 10.49
N LEU J 88 2.15 -12.70 10.50
CA LEU J 88 1.73 -14.08 10.25
C LEU J 88 1.95 -14.48 8.80
N LYS J 89 2.23 -15.77 8.62
CA LYS J 89 2.63 -16.32 7.33
C LYS J 89 1.71 -17.47 7.01
N PRO J 90 1.59 -17.85 5.72
CA PRO J 90 0.77 -19.00 5.36
C PRO J 90 1.15 -20.29 6.09
N GLU J 91 2.45 -20.54 6.29
CA GLU J 91 2.92 -21.71 7.05
C GLU J 91 2.57 -21.71 8.55
N ASP J 92 2.20 -20.55 9.10
CA ASP J 92 1.61 -20.50 10.44
C ASP J 92 0.18 -21.06 10.51
N THR J 93 -0.40 -21.43 9.37
CA THR J 93 -1.75 -21.99 9.34
C THR J 93 -1.80 -23.33 10.01
N GLY J 94 -2.81 -23.52 10.86
CA GLY J 94 -3.02 -24.79 11.57
C GLY J 94 -4.02 -24.69 12.71
N ILE J 95 -4.17 -25.79 13.43
CA ILE J 95 -4.96 -25.82 14.65
C ILE J 95 -4.01 -25.57 15.82
N TYR J 96 -4.35 -24.60 16.66
CA TYR J 96 -3.53 -24.21 17.79
C TYR J 96 -4.18 -24.70 19.07
N TYR J 97 -3.52 -25.68 19.70
CA TYR J 97 -3.92 -26.18 21.01
C TYR J 97 -3.17 -25.43 22.09
N CYS J 98 -3.88 -25.07 23.16
CA CYS J 98 -3.26 -24.61 24.38
C CYS J 98 -3.21 -25.79 25.31
N THR J 99 -2.04 -26.06 25.88
CA THR J 99 -1.86 -27.20 26.76
C THR J 99 -1.41 -26.75 28.14
N GLY J 100 -1.77 -27.54 29.14
CA GLY J 100 -1.49 -27.24 30.53
C GLY J 100 -0.70 -28.37 31.18
N LEU J 101 0.18 -27.99 32.11
CA LEU J 101 1.12 -28.92 32.73
C LEU J 101 1.95 -29.57 31.64
N THR J 102 2.74 -28.73 30.96
CA THR J 102 3.35 -29.03 29.67
C THR J 102 2.28 -29.64 28.74
N PHE J 103 2.25 -30.96 28.57
CA PHE J 103 1.31 -31.60 27.65
C PHE J 103 0.35 -32.59 28.31
N ASP J 104 0.23 -32.55 29.64
CA ASP J 104 -0.69 -33.45 30.33
C ASP J 104 -2.12 -33.24 29.83
N TYR J 105 -2.53 -31.99 29.71
CA TYR J 105 -3.89 -31.64 29.29
C TYR J 105 -3.87 -30.71 28.08
N TRP J 106 -4.85 -30.88 27.20
CA TRP J 106 -4.93 -30.16 25.94
C TRP J 106 -6.32 -29.62 25.73
N GLY J 107 -6.43 -28.42 25.18
CA GLY J 107 -7.71 -27.87 24.78
C GLY J 107 -8.19 -28.46 23.47
N GLN J 108 -9.43 -28.12 23.11
CA GLN J 108 -10.02 -28.61 21.86
C GLN J 108 -9.29 -28.14 20.63
N GLY J 109 -8.74 -26.94 20.71
CA GLY J 109 -7.95 -26.34 19.63
C GLY J 109 -8.76 -25.25 18.99
N THR J 110 -8.08 -24.27 18.41
CA THR J 110 -8.70 -23.17 17.68
C THR J 110 -7.98 -23.04 16.33
N THR J 111 -8.72 -22.78 15.27
CA THR J 111 -8.14 -22.83 13.93
C THR J 111 -7.68 -21.47 13.47
N LEU J 112 -6.43 -21.37 13.03
CA LEU J 112 -5.87 -20.14 12.50
C LEU J 112 -5.52 -20.39 11.05
N THR J 113 -6.15 -19.66 10.14
CA THR J 113 -5.86 -19.72 8.71
C THR J 113 -5.25 -18.40 8.28
N VAL J 114 -4.11 -18.46 7.60
CA VAL J 114 -3.39 -17.28 7.14
C VAL J 114 -3.37 -17.29 5.62
N SER J 115 -4.14 -16.39 5.02
CA SER J 115 -4.42 -16.42 3.59
C SER J 115 -5.05 -15.11 3.17
N SER J 116 -4.67 -14.60 2.01
CA SER J 116 -5.29 -13.38 1.47
C SER J 116 -6.61 -13.69 0.75
N ALA J 117 -7.09 -14.93 0.80
CA ALA J 117 -8.46 -15.24 0.36
C ALA J 117 -9.46 -14.65 1.34
N LYS J 118 -10.63 -14.28 0.86
CA LYS J 118 -11.64 -13.61 1.67
C LYS J 118 -12.46 -14.63 2.40
N THR J 119 -13.11 -14.19 3.48
CA THR J 119 -14.08 -15.06 4.19
C THR J 119 -15.27 -15.31 3.29
N THR J 120 -15.82 -16.52 3.35
CA THR J 120 -16.94 -16.91 2.48
C THR J 120 -17.89 -17.82 3.23
N ALA J 121 -19.15 -17.43 3.30
CA ALA J 121 -20.17 -18.21 3.99
C ALA J 121 -20.50 -19.42 3.12
N PRO J 122 -20.76 -20.59 3.76
CA PRO J 122 -21.19 -21.76 3.00
C PRO J 122 -22.61 -21.58 2.54
N SER J 123 -22.95 -22.15 1.38
CA SER J 123 -24.33 -22.41 1.05
C SER J 123 -24.62 -23.78 1.64
N VAL J 124 -25.78 -23.92 2.29
CA VAL J 124 -26.15 -25.14 3.00
C VAL J 124 -27.39 -25.75 2.37
N TYR J 125 -27.20 -26.88 1.68
CA TYR J 125 -28.24 -27.51 0.89
C TYR J 125 -28.68 -28.82 1.54
N PRO J 126 -30.01 -29.01 1.72
CA PRO J 126 -30.53 -30.27 2.19
C PRO J 126 -30.60 -31.31 1.08
N LEU J 127 -30.25 -32.56 1.41
CA LEU J 127 -30.29 -33.65 0.46
C LEU J 127 -31.29 -34.71 0.92
N ALA J 128 -32.49 -34.65 0.34
CA ALA J 128 -33.53 -35.67 0.56
C ALA J 128 -33.37 -36.76 -0.50
N PRO J 129 -33.90 -37.97 -0.23
CA PRO J 129 -33.65 -39.06 -1.18
C PRO J 129 -34.38 -38.91 -2.50
N VAL J 130 -34.11 -39.82 -3.43
CA VAL J 130 -34.80 -39.84 -4.73
C VAL J 130 -36.29 -40.08 -4.55
N CYS J 131 -37.11 -39.49 -5.39
CA CYS J 131 -38.55 -39.89 -5.55
C CYS J 131 -38.80 -41.43 -5.54
N GLY J 132 -39.30 -41.93 -4.40
CA GLY J 132 -39.49 -43.40 -4.17
C GLY J 132 -38.32 -43.98 -3.37
N THR J 134 -39.41 -45.21 -0.77
CA THR J 134 -38.08 -45.21 -0.18
C THR J 134 -37.49 -46.65 -0.11
N THR J 135 -38.35 -47.66 -0.10
CA THR J 135 -38.00 -49.06 -0.45
C THR J 135 -37.38 -49.87 0.68
N GLY J 136 -36.69 -49.23 1.61
CA GLY J 136 -35.99 -49.92 2.70
C GLY J 136 -36.66 -49.89 4.05
N SER J 137 -36.09 -50.61 5.01
CA SER J 137 -36.44 -50.49 6.43
C SER J 137 -35.67 -49.36 7.15
N SER J 138 -34.83 -48.63 6.42
CA SER J 138 -34.22 -47.40 6.92
C SER J 138 -34.00 -46.42 5.75
N VAL J 139 -33.74 -45.16 6.09
CA VAL J 139 -33.61 -44.09 5.09
C VAL J 139 -32.46 -43.15 5.45
N THR J 140 -31.72 -42.75 4.43
CA THR J 140 -30.58 -41.87 4.60
C THR J 140 -30.91 -40.51 3.99
N LEU J 141 -30.60 -39.47 4.76
CA LEU J 141 -30.73 -38.09 4.34
C LEU J 141 -29.36 -37.47 4.40
N GLY J 142 -29.20 -36.33 3.74
CA GLY J 142 -27.91 -35.69 3.62
C GLY J 142 -27.94 -34.20 3.80
N CYS J 143 -26.75 -33.65 3.95
CA CYS J 143 -26.57 -32.22 4.06
C CYS J 143 -25.25 -31.85 3.40
N LEU J 144 -25.33 -30.91 2.46
CA LEU J 144 -24.17 -30.43 1.74
C LEU J 144 -23.87 -29.03 2.22
N VAL J 145 -22.61 -28.78 2.58
CA VAL J 145 -22.15 -27.48 3.04
C VAL J 145 -21.07 -27.03 2.04
N LYS J 146 -21.49 -26.26 1.04
CA LYS J 146 -20.66 -25.97 -0.11
C LYS J 146 -20.01 -24.60 -0.06
N GLY J 147 -18.70 -24.56 -0.34
CA GLY J 147 -18.02 -23.34 -0.68
C GLY J 147 -17.85 -22.33 0.43
N TYR J 148 -17.23 -22.78 1.51
CA TYR J 148 -16.90 -21.89 2.63
C TYR J 148 -15.40 -21.74 2.79
N PHE J 149 -15.00 -20.63 3.41
CA PHE J 149 -13.60 -20.39 3.76
C PHE J 149 -13.57 -19.39 4.89
N PRO J 150 -12.73 -19.58 5.90
CA PRO J 150 -11.85 -20.72 6.11
C PRO J 150 -12.54 -21.83 6.90
N GLU J 151 -11.80 -22.88 7.26
CA GLU J 151 -12.30 -23.85 8.23
C GLU J 151 -12.33 -23.20 9.62
N PRO J 152 -13.14 -23.71 10.55
CA PRO J 152 -14.02 -24.89 10.38
C PRO J 152 -15.48 -24.51 10.24
N VAL J 153 -16.30 -25.51 9.95
CA VAL J 153 -17.75 -25.45 10.19
C VAL J 153 -18.05 -26.49 11.25
N THR J 154 -19.15 -26.30 11.97
CA THR J 154 -19.72 -27.31 12.84
C THR J 154 -21.05 -27.72 12.22
N LEU J 155 -21.34 -29.02 12.23
CA LEU J 155 -22.60 -29.52 11.71
C LEU J 155 -23.14 -30.54 12.69
N THR J 156 -24.39 -30.37 13.09
CA THR J 156 -25.10 -31.34 13.91
C THR J 156 -26.43 -31.62 13.25
N TRP J 157 -27.02 -32.75 13.59
CA TRP J 157 -28.37 -33.08 13.12
C TRP J 157 -29.37 -33.01 14.27
N ASN J 158 -30.53 -32.42 14.02
CA ASN J 158 -31.54 -32.11 15.06
C ASN J 158 -30.91 -31.62 16.37
N SER J 159 -29.98 -30.68 16.22
CA SER J 159 -29.29 -30.01 17.32
C SER J 159 -28.50 -30.97 18.24
N GLY J 160 -27.98 -32.06 17.69
CA GLY J 160 -27.25 -33.08 18.46
C GLY J 160 -28.02 -34.35 18.75
N SER J 161 -29.37 -34.32 18.69
CA SER J 161 -30.21 -35.48 19.06
C SER J 161 -29.88 -36.75 18.27
N LEU J 162 -29.47 -36.61 17.02
CA LEU J 162 -28.99 -37.72 16.20
C LEU J 162 -27.45 -37.70 16.18
N SER J 163 -26.86 -38.59 16.98
CA SER J 163 -25.42 -38.82 16.99
C SER J 163 -25.18 -40.12 16.27
N SER J 164 -25.86 -41.19 16.72
CA SER J 164 -25.84 -42.45 16.02
C SER J 164 -26.54 -42.19 14.69
N GLY J 165 -26.16 -42.93 13.67
CA GLY J 165 -26.70 -42.75 12.31
C GLY J 165 -25.98 -41.72 11.46
N VAL J 166 -25.20 -40.84 12.10
CA VAL J 166 -24.53 -39.72 11.42
C VAL J 166 -23.12 -40.06 10.95
N HIS J 167 -22.83 -39.76 9.69
CA HIS J 167 -21.48 -39.74 9.17
C HIS J 167 -21.26 -38.34 8.61
N THR J 168 -20.40 -37.56 9.26
CA THR J 168 -19.98 -36.28 8.75
C THR J 168 -18.60 -36.46 8.15
N PHE J 169 -18.44 -36.04 6.91
CA PHE J 169 -17.23 -36.28 6.13
C PHE J 169 -16.30 -35.10 6.19
N PRO J 170 -14.98 -35.35 6.32
CA PRO J 170 -14.03 -34.24 6.35
C PRO J 170 -14.19 -33.34 5.14
N ALA J 171 -13.97 -32.05 5.33
CA ALA J 171 -14.08 -31.10 4.23
C ALA J 171 -12.95 -31.29 3.22
N LEU J 172 -13.16 -30.75 2.02
CA LEU J 172 -12.14 -30.74 0.98
C LEU J 172 -12.14 -29.45 0.19
N LEU J 173 -10.95 -29.09 -0.30
CA LEU J 173 -10.75 -27.87 -1.09
C LEU J 173 -11.06 -28.12 -2.57
N LEU J 174 -12.17 -27.56 -3.05
CA LEU J 174 -12.56 -27.55 -4.49
C LEU J 174 -12.60 -26.08 -4.90
N SER J 175 -11.84 -25.71 -5.92
CA SER J 175 -11.76 -24.31 -6.44
C SER J 175 -11.52 -23.28 -5.32
N GLY J 176 -10.49 -23.56 -4.50
CA GLY J 176 -10.12 -22.68 -3.40
C GLY J 176 -11.09 -22.51 -2.23
N LEU J 177 -12.19 -23.26 -2.24
CA LEU J 177 -13.22 -23.20 -1.19
C LEU J 177 -13.51 -24.59 -0.65
N TYR J 178 -13.86 -24.65 0.62
CA TYR J 178 -14.14 -25.91 1.29
C TYR J 178 -15.57 -26.35 1.05
N THR J 179 -15.73 -27.63 0.71
CA THR J 179 -17.02 -28.31 0.62
C THR J 179 -17.00 -29.44 1.63
N LEU J 180 -18.17 -29.73 2.21
CA LEU J 180 -18.30 -30.75 3.24
C LEU J 180 -19.68 -31.35 3.12
N SER J 181 -19.79 -32.65 3.39
CA SER J 181 -21.08 -33.32 3.36
C SER J 181 -21.35 -34.04 4.66
N SER J 182 -22.60 -34.43 4.89
CA SER J 182 -22.93 -35.29 6.02
C SER J 182 -24.21 -36.08 5.76
N SER J 183 -24.14 -37.38 6.03
CA SER J 183 -25.29 -38.28 5.93
C SER J 183 -25.85 -38.53 7.33
N VAL J 184 -27.14 -38.83 7.39
CA VAL J 184 -27.77 -39.30 8.62
C VAL J 184 -28.71 -40.41 8.24
N THR J 185 -28.70 -41.50 9.02
CA THR J 185 -29.53 -42.67 8.74
C THR J 185 -30.44 -42.97 9.94
N VAL J 186 -31.72 -43.09 9.66
CA VAL J 186 -32.75 -43.37 10.66
C VAL J 186 -33.71 -44.40 10.10
N THR J 187 -34.51 -44.99 10.96
CA THR J 187 -35.51 -46.00 10.54
C THR J 187 -36.67 -45.27 9.84
N SER J 188 -37.20 -45.87 8.78
CA SER J 188 -38.18 -45.21 7.90
C SER J 188 -39.55 -44.86 8.55
N ASN J 189 -39.77 -45.24 9.83
CA ASN J 189 -40.84 -44.60 10.62
C ASN J 189 -40.56 -43.13 10.85
N THR J 190 -39.36 -42.83 11.35
CA THR J 190 -38.96 -41.49 11.80
C THR J 190 -39.19 -40.41 10.74
N TRP J 191 -38.82 -40.71 9.49
CA TRP J 191 -38.88 -39.74 8.39
C TRP J 191 -39.76 -40.30 7.26
N PRO J 192 -40.58 -39.48 6.59
CA PRO J 192 -40.69 -38.00 6.78
C PRO J 192 -41.54 -37.48 7.93
N SER J 193 -42.23 -38.36 8.66
CA SER J 193 -43.21 -37.95 9.68
C SER J 193 -42.68 -36.97 10.73
N GLN J 194 -41.57 -37.35 11.40
CA GLN J 194 -40.86 -36.44 12.31
C GLN J 194 -39.81 -35.66 11.53
N THR J 195 -39.74 -34.35 11.77
CA THR J 195 -38.88 -33.46 11.00
C THR J 195 -37.41 -33.62 11.40
N ILE J 196 -36.54 -33.73 10.41
CA ILE J 196 -35.09 -33.83 10.63
C ILE J 196 -34.42 -32.60 10.02
N THR J 197 -33.53 -31.98 10.78
CA THR J 197 -32.95 -30.68 10.44
C THR J 197 -31.44 -30.71 10.57
N CYS J 198 -30.79 -30.15 9.56
CA CYS J 198 -29.34 -30.07 9.47
C CYS J 198 -28.91 -28.70 10.01
N ASN J 199 -28.09 -28.67 11.06
CA ASN J 199 -27.65 -27.40 11.67
C ASN J 199 -26.19 -27.13 11.36
N VAL J 200 -25.89 -25.99 10.73
CA VAL J 200 -24.53 -25.67 10.32
C VAL J 200 -24.16 -24.27 10.82
N ALA J 201 -23.04 -24.19 11.54
CA ALA J 201 -22.47 -22.91 11.95
C ALA J 201 -21.09 -22.77 11.30
N HIS J 202 -20.80 -21.57 10.83
CA HIS J 202 -19.48 -21.22 10.32
C HIS J 202 -19.05 -20.01 11.13
N PRO J 203 -18.22 -20.22 12.19
CA PRO J 203 -17.96 -19.09 13.08
C PRO J 203 -17.27 -17.93 12.37
N ALA J 204 -16.29 -18.25 11.51
CA ALA J 204 -15.51 -17.25 10.79
C ALA J 204 -16.32 -16.24 9.97
N SER J 205 -17.51 -16.62 9.50
CA SER J 205 -18.40 -15.72 8.76
C SER J 205 -19.66 -15.33 9.52
N SER J 206 -19.73 -15.69 10.81
CA SER J 206 -20.92 -15.51 11.66
C SER J 206 -22.18 -16.03 11.00
N THR J 207 -22.11 -17.26 10.50
CA THR J 207 -23.21 -17.90 9.81
C THR J 207 -23.72 -19.02 10.73
N LYS J 208 -25.04 -19.06 10.95
CA LYS J 208 -25.73 -20.20 11.49
C LYS J 208 -26.95 -20.48 10.61
N VAL J 209 -27.01 -21.69 10.04
CA VAL J 209 -28.14 -22.11 9.21
C VAL J 209 -28.73 -23.41 9.74
N ASP J 210 -30.06 -23.46 9.84
CA ASP J 210 -30.79 -24.70 10.10
C ASP J 210 -31.59 -25.00 8.83
N LYS J 211 -31.35 -26.15 8.20
CA LYS J 211 -32.08 -26.54 6.98
C LYS J 211 -32.86 -27.83 7.19
N LYS J 212 -34.19 -27.71 7.10
CA LYS J 212 -35.08 -28.85 7.24
C LYS J 212 -35.01 -29.70 5.97
N ILE J 213 -34.97 -31.02 6.14
CA ILE J 213 -34.97 -31.95 5.02
C ILE J 213 -36.41 -32.24 4.63
N GLU J 214 -36.79 -31.85 3.41
CA GLU J 214 -38.15 -31.99 2.88
C GLU J 214 -38.17 -33.06 1.80
N PRO J 215 -39.19 -33.97 1.79
CA PRO J 215 -39.25 -34.93 0.67
C PRO J 215 -39.53 -34.25 -0.69
N ARG J 216 -39.12 -34.90 -1.77
CA ARG J 216 -39.21 -34.29 -3.12
C ARG J 216 -40.55 -34.56 -3.83
N GLY J 217 -41.46 -33.59 -3.78
CA GLY J 217 -42.78 -33.73 -4.37
C GLY J 217 -42.74 -33.51 -5.87
N PRO J 218 -43.39 -34.39 -6.66
CA PRO J 218 -43.67 -34.12 -8.09
C PRO J 218 -44.97 -33.32 -8.35
N ASP K 1 17.69 -29.59 17.80
CA ASP K 1 16.41 -30.33 17.58
C ASP K 1 16.63 -31.85 17.65
N ILE K 2 16.00 -32.48 18.62
CA ILE K 2 15.95 -33.93 18.67
C ILE K 2 14.79 -34.37 17.79
N VAL K 3 15.12 -35.02 16.67
CA VAL K 3 14.11 -35.47 15.71
C VAL K 3 13.63 -36.86 16.08
N LEU K 4 12.30 -37.02 16.08
CA LEU K 4 11.65 -38.29 16.37
C LEU K 4 11.06 -38.86 15.09
N THR K 5 11.36 -40.13 14.82
CA THR K 5 10.84 -40.84 13.67
C THR K 5 10.10 -42.05 14.18
N GLN K 6 8.80 -42.12 13.84
CA GLN K 6 8.00 -43.30 14.16
C GLN K 6 7.98 -44.27 13.00
N SER K 7 7.70 -45.52 13.30
CA SER K 7 7.33 -46.49 12.29
C SER K 7 6.52 -47.59 12.96
N PRO K 8 5.61 -48.24 12.25
CA PRO K 8 5.26 -47.93 10.87
C PRO K 8 4.38 -46.70 10.80
N ALA K 9 4.03 -46.32 9.59
CA ALA K 9 3.19 -45.16 9.34
C ALA K 9 1.74 -45.50 9.63
N SER K 10 1.32 -46.65 9.13
CA SER K 10 0.02 -47.22 9.43
C SER K 10 0.19 -48.72 9.68
N LEU K 11 -0.86 -49.32 10.21
CA LEU K 11 -0.78 -50.57 10.95
C LEU K 11 -2.20 -51.06 11.13
N ALA K 12 -2.49 -52.31 10.74
CA ALA K 12 -3.86 -52.86 10.90
C ALA K 12 -3.86 -54.13 11.77
N VAL K 13 -4.44 -54.03 12.97
CA VAL K 13 -4.44 -55.11 13.96
C VAL K 13 -5.84 -55.65 14.20
N SER K 14 -5.99 -56.97 14.24
CA SER K 14 -7.26 -57.60 14.57
C SER K 14 -7.60 -57.37 16.05
N LEU K 15 -8.88 -57.49 16.36
CA LEU K 15 -9.34 -57.29 17.75
C LEU K 15 -8.67 -58.27 18.69
N GLY K 16 -8.21 -57.78 19.84
CA GLY K 16 -7.55 -58.64 20.82
C GLY K 16 -6.09 -58.98 20.58
N GLN K 17 -5.50 -58.44 19.51
CA GLN K 17 -4.13 -58.76 19.12
C GLN K 17 -3.19 -57.65 19.56
N ARG K 18 -1.89 -57.88 19.38
CA ARG K 18 -0.85 -56.91 19.75
C ARG K 18 -0.62 -55.89 18.66
N ALA K 19 -0.52 -54.62 19.06
CA ALA K 19 -0.08 -53.55 18.17
C ALA K 19 1.20 -52.98 18.76
N THR K 20 2.24 -52.93 17.94
CA THR K 20 3.54 -52.42 18.36
C THR K 20 3.97 -51.30 17.43
N ILE K 21 4.17 -50.12 18.00
CA ILE K 21 4.56 -48.91 17.31
C ILE K 21 5.92 -48.47 17.84
N SER K 22 6.84 -48.08 16.96
CA SER K 22 8.19 -47.68 17.34
C SER K 22 8.40 -46.19 17.21
N CYS K 23 9.38 -45.69 17.96
CA CYS K 23 9.81 -44.29 17.89
C CYS K 23 11.32 -44.24 18.09
N ARG K 24 12.01 -43.74 17.07
CA ARG K 24 13.46 -43.61 17.04
C ARG K 24 13.80 -42.14 17.19
N ALA K 25 14.72 -41.83 18.09
CA ALA K 25 15.15 -40.46 18.35
C ALA K 25 16.53 -40.23 17.76
N SER K 26 16.74 -39.07 17.16
CA SER K 26 18.03 -38.71 16.55
C SER K 26 19.17 -38.69 17.56
N GLU K 27 18.86 -38.42 18.83
CA GLU K 27 19.83 -38.57 19.91
C GLU K 27 19.13 -38.91 21.23
N SER K 28 19.92 -39.32 22.21
CA SER K 28 19.41 -39.85 23.48
C SER K 28 18.51 -38.85 24.20
N VAL K 29 17.31 -39.30 24.55
CA VAL K 29 16.37 -38.51 25.37
C VAL K 29 16.46 -38.84 26.86
N ASP K 30 17.43 -39.68 27.24
CA ASP K 30 17.75 -39.91 28.65
C ASP K 30 18.30 -38.65 29.26
N ASN K 31 17.68 -38.25 30.36
CA ASN K 31 18.19 -37.19 31.18
C ASN K 31 18.08 -37.70 32.59
N TYR K 32 19.21 -37.87 33.25
CA TYR K 32 19.29 -38.59 34.54
C TYR K 32 19.06 -40.09 34.25
N GLY K 33 18.32 -40.78 35.13
CA GLY K 33 17.90 -42.16 34.89
C GLY K 33 16.64 -42.27 34.06
N ILE K 34 15.90 -41.16 33.92
CA ILE K 34 14.61 -41.11 33.23
C ILE K 34 14.77 -40.88 31.71
N SER K 35 14.14 -41.73 30.91
CA SER K 35 14.01 -41.49 29.48
C SER K 35 12.81 -40.58 29.28
N SER K 36 13.05 -39.35 28.85
CA SER K 36 11.99 -38.35 28.70
C SER K 36 11.24 -38.48 27.38
N MET K 37 10.43 -39.54 27.31
CA MET K 37 9.70 -39.91 26.10
C MET K 37 8.25 -40.15 26.49
N ASN K 38 7.34 -39.42 25.85
CA ASN K 38 5.91 -39.57 26.13
C ASN K 38 5.19 -40.09 24.89
N TRP K 39 3.98 -40.59 25.10
CA TRP K 39 3.14 -41.06 24.00
C TRP K 39 1.74 -40.48 24.12
N PHE K 40 1.19 -40.10 22.97
CA PHE K 40 -0.14 -39.51 22.90
C PHE K 40 -1.00 -40.27 21.92
N GLN K 41 -2.31 -40.20 22.15
CA GLN K 41 -3.31 -40.79 21.26
C GLN K 41 -4.17 -39.67 20.74
N GLN K 42 -4.36 -39.61 19.44
CA GLN K 42 -5.28 -38.66 18.86
C GLN K 42 -6.33 -39.42 18.07
N LYS K 43 -7.55 -39.42 18.58
CA LYS K 43 -8.71 -39.92 17.85
C LYS K 43 -9.17 -38.78 16.97
N ALA K 44 -9.92 -39.12 15.91
CA ALA K 44 -10.31 -38.14 14.90
C ALA K 44 -11.12 -37.01 15.49
N GLY K 45 -10.86 -35.79 15.02
CA GLY K 45 -11.60 -34.60 15.45
C GLY K 45 -11.33 -34.15 16.87
N GLN K 46 -10.29 -34.67 17.51
CA GLN K 46 -10.02 -34.41 18.92
C GLN K 46 -8.57 -34.01 19.15
N PRO K 47 -8.28 -33.39 20.30
CA PRO K 47 -6.88 -33.17 20.62
C PRO K 47 -6.16 -34.47 20.96
N PRO K 48 -4.83 -34.42 21.02
CA PRO K 48 -4.08 -35.56 21.55
C PRO K 48 -4.38 -35.78 23.03
N LYS K 49 -4.50 -37.05 23.42
CA LYS K 49 -4.69 -37.42 24.81
C LYS K 49 -3.41 -38.05 25.31
N PHE K 50 -2.98 -37.58 26.48
CA PHE K 50 -1.76 -38.07 27.10
C PHE K 50 -1.97 -39.50 27.62
N LEU K 51 -1.03 -40.39 27.29
CA LEU K 51 -1.10 -41.82 27.64
C LEU K 51 0.02 -42.25 28.55
N ILE K 52 1.24 -42.08 28.06
CA ILE K 52 2.44 -42.63 28.69
C ILE K 52 3.47 -41.52 28.84
N TYR K 53 4.12 -41.48 30.01
CA TYR K 53 5.24 -40.57 30.28
C TYR K 53 6.46 -41.39 30.69
N ALA K 54 7.63 -40.77 30.66
CA ALA K 54 8.86 -41.45 31.06
C ALA K 54 9.01 -42.82 30.39
N ALA K 55 8.72 -42.90 29.09
CA ALA K 55 8.89 -44.10 28.26
C ALA K 55 7.91 -45.24 28.53
N SER K 56 7.76 -45.60 29.81
CA SER K 56 6.96 -46.76 30.24
C SER K 56 5.87 -46.53 31.31
N LYS K 57 5.87 -45.37 31.98
CA LYS K 57 4.90 -45.09 33.06
C LYS K 57 3.59 -44.50 32.50
N GLN K 58 2.46 -44.92 33.06
CA GLN K 58 1.14 -44.60 32.49
C GLN K 58 0.44 -43.45 33.21
N GLY K 59 -0.21 -42.57 32.45
CA GLY K 59 -0.98 -41.44 33.02
C GLY K 59 -2.24 -41.90 33.75
N SER K 60 -2.88 -40.99 34.48
CA SER K 60 -4.04 -41.35 35.32
C SER K 60 -5.20 -41.94 34.52
N GLY K 61 -5.69 -43.10 34.98
CA GLY K 61 -6.81 -43.80 34.33
C GLY K 61 -6.57 -44.27 32.91
N VAL K 62 -5.30 -44.47 32.54
CA VAL K 62 -4.94 -45.00 31.22
C VAL K 62 -4.93 -46.52 31.35
N PRO K 63 -5.76 -47.24 30.57
CA PRO K 63 -5.89 -48.70 30.71
C PRO K 63 -4.57 -49.48 30.73
N ALA K 64 -4.57 -50.62 31.44
CA ALA K 64 -3.40 -51.50 31.57
C ALA K 64 -2.79 -51.94 30.24
N ARG K 65 -3.65 -52.12 29.24
CA ARG K 65 -3.27 -52.58 27.91
C ARG K 65 -2.31 -51.66 27.14
N PHE K 66 -2.39 -50.36 27.38
CA PHE K 66 -1.41 -49.41 26.85
C PHE K 66 -0.17 -49.47 27.73
N SER K 67 0.99 -49.71 27.15
CA SER K 67 2.24 -49.75 27.90
C SER K 67 3.39 -49.54 26.95
N GLY K 68 4.35 -48.72 27.38
CA GLY K 68 5.52 -48.38 26.59
C GLY K 68 6.78 -48.97 27.17
N SER K 69 7.85 -48.90 26.39
CA SER K 69 9.13 -49.48 26.78
C SER K 69 10.26 -48.81 26.00
N GLY K 70 11.48 -49.19 26.33
CA GLY K 70 12.68 -48.67 25.67
C GLY K 70 13.37 -47.61 26.50
N SER K 71 14.62 -47.35 26.14
CA SER K 71 15.44 -46.28 26.73
C SER K 71 16.37 -45.70 25.66
N GLY K 72 17.00 -44.57 25.99
CA GLY K 72 18.00 -43.95 25.12
C GLY K 72 17.41 -43.32 23.86
N THR K 73 17.53 -44.04 22.75
CA THR K 73 17.05 -43.56 21.44
C THR K 73 15.91 -44.38 20.86
N ASP K 74 15.66 -45.59 21.36
CA ASP K 74 14.64 -46.49 20.78
C ASP K 74 13.53 -46.75 21.78
N PHE K 75 12.30 -46.63 21.31
CA PHE K 75 11.12 -46.70 22.16
C PHE K 75 9.98 -47.40 21.46
N SER K 76 9.15 -48.09 22.23
CA SER K 76 7.95 -48.72 21.70
C SER K 76 6.74 -48.34 22.50
N LEU K 77 5.59 -48.47 21.85
CA LEU K 77 4.28 -48.37 22.48
C LEU K 77 3.53 -49.64 22.11
N ILE K 78 3.14 -50.40 23.10
CA ILE K 78 2.39 -51.64 22.87
C ILE K 78 0.95 -51.44 23.32
N ILE K 79 0.04 -51.83 22.44
CA ILE K 79 -1.37 -51.87 22.76
C ILE K 79 -1.77 -53.34 22.60
N HIS K 80 -2.23 -53.96 23.70
CA HIS K 80 -2.51 -55.39 23.72
C HIS K 80 -3.29 -55.74 24.99
N PRO K 81 -4.54 -56.19 24.90
CA PRO K 81 -5.28 -56.45 23.67
C PRO K 81 -5.88 -55.18 23.03
N VAL K 82 -5.78 -55.06 21.72
CA VAL K 82 -6.38 -53.97 20.96
C VAL K 82 -7.91 -54.05 20.97
N GLU K 83 -8.56 -52.89 21.03
CA GLU K 83 -10.03 -52.78 21.05
C GLU K 83 -10.53 -51.82 19.98
N GLU K 84 -11.83 -51.82 19.73
CA GLU K 84 -12.40 -51.01 18.62
C GLU K 84 -12.08 -49.53 18.76
N ASP K 85 -12.14 -49.06 19.99
CA ASP K 85 -11.96 -47.65 20.32
C ASP K 85 -10.48 -47.22 20.28
N ASP K 86 -9.55 -48.15 20.14
CA ASP K 86 -8.13 -47.79 19.99
C ASP K 86 -7.74 -47.28 18.60
N THR K 87 -8.68 -47.29 17.64
CA THR K 87 -8.42 -46.66 16.36
C THR K 87 -8.16 -45.17 16.57
N ALA K 88 -7.01 -44.73 16.07
CA ALA K 88 -6.42 -43.45 16.44
C ALA K 88 -5.09 -43.31 15.78
N VAL K 89 -4.52 -42.11 15.87
CA VAL K 89 -3.12 -41.88 15.54
C VAL K 89 -2.37 -41.74 16.86
N TYR K 90 -1.18 -42.36 16.93
CA TYR K 90 -0.37 -42.33 18.13
C TYR K 90 0.92 -41.58 17.87
N PHE K 91 1.20 -40.57 18.69
CA PHE K 91 2.39 -39.76 18.58
C PHE K 91 3.33 -40.03 19.72
N CYS K 92 4.60 -40.24 19.41
CA CYS K 92 5.63 -40.18 20.42
C CYS K 92 6.09 -38.72 20.53
N GLN K 93 6.72 -38.37 21.65
CA GLN K 93 7.06 -36.99 21.96
C GLN K 93 8.14 -36.91 23.02
N GLN K 94 9.08 -36.00 22.82
CA GLN K 94 10.33 -35.93 23.56
C GLN K 94 10.30 -34.67 24.38
N SER K 95 10.55 -34.78 25.68
CA SER K 95 10.59 -33.62 26.59
C SER K 95 11.97 -33.38 27.21
N LYS K 96 13.01 -33.94 26.61
CA LYS K 96 14.37 -33.86 27.17
C LYS K 96 14.85 -32.42 27.26
N GLY K 97 14.67 -31.68 26.18
CA GLY K 97 14.90 -30.24 26.20
C GLY K 97 14.14 -29.53 25.10
N VAL K 98 14.10 -28.21 25.24
CA VAL K 98 13.53 -27.33 24.21
C VAL K 98 14.42 -27.37 22.96
N PRO K 99 13.85 -27.41 21.75
CA PRO K 99 12.41 -27.49 21.49
C PRO K 99 11.83 -28.88 21.71
N TYR K 100 10.61 -28.91 22.24
CA TYR K 100 9.86 -30.13 22.40
C TYR K 100 9.44 -30.53 20.99
N THR K 101 9.58 -31.81 20.68
CA THR K 101 9.31 -32.30 19.34
C THR K 101 8.44 -33.54 19.42
N PHE K 102 7.57 -33.71 18.41
CA PHE K 102 6.73 -34.89 18.28
C PHE K 102 7.19 -35.74 17.10
N GLY K 103 6.71 -36.96 17.06
CA GLY K 103 6.91 -37.84 15.93
C GLY K 103 5.93 -37.54 14.83
N GLY K 104 6.08 -38.26 13.71
CA GLY K 104 5.22 -38.08 12.54
C GLY K 104 3.82 -38.58 12.77
N GLY K 105 3.69 -39.57 13.64
CA GLY K 105 2.39 -40.18 13.97
C GLY K 105 2.28 -41.53 13.32
N THR K 106 1.52 -42.42 13.95
CA THR K 106 1.26 -43.77 13.42
C THR K 106 -0.23 -44.04 13.54
N LYS K 107 -0.91 -44.32 12.43
CA LYS K 107 -2.34 -44.65 12.48
C LYS K 107 -2.47 -46.13 12.80
N LEU K 108 -3.25 -46.44 13.83
CA LEU K 108 -3.66 -47.79 14.13
C LEU K 108 -5.06 -47.97 13.58
N GLU K 109 -5.18 -48.87 12.61
CA GLU K 109 -6.47 -49.30 12.08
C GLU K 109 -6.83 -50.61 12.78
N ILE K 110 -8.11 -50.82 13.06
CA ILE K 110 -8.61 -52.07 13.61
C ILE K 110 -9.09 -52.95 12.47
N LYS K 111 -8.44 -54.11 12.27
CA LYS K 111 -8.94 -55.11 11.34
C LYS K 111 -10.28 -55.63 11.82
N ARG K 112 -11.16 -55.81 10.86
CA ARG K 112 -12.44 -56.43 11.10
C ARG K 112 -12.85 -57.15 9.83
N ALA K 113 -13.96 -57.86 9.88
CA ALA K 113 -14.47 -58.55 8.69
C ALA K 113 -14.84 -57.51 7.60
N ASP K 114 -14.83 -57.97 6.36
CA ASP K 114 -15.18 -57.13 5.22
C ASP K 114 -16.63 -56.68 5.33
N ALA K 115 -16.92 -55.52 4.75
CA ALA K 115 -18.26 -54.95 4.83
C ALA K 115 -18.57 -54.15 3.57
N ALA K 116 -19.70 -54.47 2.94
CA ALA K 116 -20.12 -53.76 1.73
C ALA K 116 -20.68 -52.40 2.09
N PRO K 117 -20.47 -51.39 1.23
CA PRO K 117 -21.06 -50.07 1.51
C PRO K 117 -22.57 -50.06 1.27
N THR K 118 -23.31 -49.33 2.10
CA THR K 118 -24.69 -48.99 1.81
C THR K 118 -24.65 -47.67 1.04
N VAL K 119 -25.00 -47.72 -0.25
CA VAL K 119 -24.85 -46.59 -1.14
C VAL K 119 -26.16 -45.85 -1.34
N SER K 120 -26.12 -44.53 -1.23
CA SER K 120 -27.29 -43.66 -1.34
C SER K 120 -26.96 -42.55 -2.31
N ILE K 121 -27.79 -42.32 -3.33
CA ILE K 121 -27.58 -41.18 -4.24
C ILE K 121 -28.59 -40.07 -3.96
N PHE K 122 -28.13 -38.83 -4.14
CA PHE K 122 -28.94 -37.64 -3.85
C PHE K 122 -28.82 -36.65 -4.98
N PRO K 123 -29.93 -36.30 -5.64
CA PRO K 123 -29.88 -35.21 -6.59
C PRO K 123 -29.56 -33.86 -5.94
N PRO K 124 -29.45 -32.80 -6.77
CA PRO K 124 -29.35 -31.47 -6.20
C PRO K 124 -30.62 -31.04 -5.46
N SER K 125 -30.47 -30.20 -4.46
CA SER K 125 -31.60 -29.59 -3.76
C SER K 125 -32.31 -28.58 -4.64
N SER K 126 -33.58 -28.29 -4.34
CA SER K 126 -34.29 -27.20 -5.03
C SER K 126 -33.57 -25.86 -4.80
N GLU K 127 -33.06 -25.67 -3.59
CA GLU K 127 -32.33 -24.46 -3.20
C GLU K 127 -31.10 -24.24 -4.08
N GLN K 128 -30.33 -25.30 -4.32
CA GLN K 128 -29.09 -25.19 -5.10
C GLN K 128 -29.33 -24.94 -6.57
N LEU K 129 -30.37 -25.54 -7.13
CA LEU K 129 -30.70 -25.31 -8.53
C LEU K 129 -30.98 -23.83 -8.77
N THR K 130 -31.86 -23.25 -7.94
CA THR K 130 -32.16 -21.81 -8.04
C THR K 130 -30.97 -20.87 -7.70
N SER K 131 -29.96 -21.36 -6.98
CA SER K 131 -28.69 -20.62 -6.85
C SER K 131 -27.93 -20.50 -8.17
N GLY K 132 -27.90 -21.58 -8.96
CA GLY K 132 -27.13 -21.63 -10.20
C GLY K 132 -26.22 -22.84 -10.36
N GLY K 133 -25.93 -23.53 -9.27
CA GLY K 133 -25.13 -24.76 -9.31
C GLY K 133 -25.99 -26.02 -9.27
N ALA K 134 -25.32 -27.17 -9.33
CA ALA K 134 -25.97 -28.49 -9.22
C ALA K 134 -24.97 -29.54 -8.77
N SER K 135 -25.17 -30.07 -7.55
CA SER K 135 -24.27 -31.05 -6.99
C SER K 135 -25.02 -32.34 -6.69
N VAL K 136 -24.51 -33.41 -7.27
CA VAL K 136 -25.03 -34.75 -7.06
C VAL K 136 -24.11 -35.42 -6.06
N VAL K 137 -24.67 -35.93 -4.98
CA VAL K 137 -23.91 -36.51 -3.90
C VAL K 137 -24.24 -37.99 -3.77
N CYS K 138 -23.23 -38.77 -3.40
CA CYS K 138 -23.36 -40.20 -3.26
C CYS K 138 -22.61 -40.65 -2.01
N PHE K 139 -23.35 -41.03 -0.97
CA PHE K 139 -22.73 -41.55 0.23
C PHE K 139 -22.54 -43.04 0.11
N LEU K 140 -21.35 -43.51 0.46
CA LEU K 140 -21.05 -44.92 0.57
C LEU K 140 -20.69 -45.14 2.02
N ASN K 141 -21.57 -45.79 2.78
CA ASN K 141 -21.45 -45.82 4.23
C ASN K 141 -21.17 -47.20 4.80
N ASN K 142 -20.34 -47.22 5.84
CA ASN K 142 -20.08 -48.39 6.68
C ASN K 142 -19.51 -49.58 5.92
N PHE K 143 -18.28 -49.42 5.44
CA PHE K 143 -17.59 -50.45 4.68
C PHE K 143 -16.18 -50.69 5.20
N TYR K 144 -15.60 -51.81 4.79
CA TYR K 144 -14.25 -52.19 5.18
C TYR K 144 -13.76 -53.24 4.19
N PRO K 145 -12.50 -53.19 3.73
CA PRO K 145 -11.47 -52.20 4.12
C PRO K 145 -11.69 -50.81 3.46
N LYS K 146 -10.75 -49.90 3.73
CA LYS K 146 -10.85 -48.51 3.32
C LYS K 146 -10.87 -48.28 1.79
N ASP K 147 -10.14 -49.12 1.06
CA ASP K 147 -10.12 -49.03 -0.42
C ASP K 147 -11.46 -49.08 -1.08
N ILE K 148 -11.77 -48.09 -1.91
CA ILE K 148 -13.00 -48.10 -2.70
C ILE K 148 -12.84 -47.22 -3.93
N ASN K 149 -13.63 -47.50 -4.96
CA ASN K 149 -13.55 -46.76 -6.21
C ASN K 149 -14.93 -46.35 -6.64
N VAL K 150 -15.10 -45.06 -6.87
CA VAL K 150 -16.37 -44.50 -7.29
C VAL K 150 -16.21 -43.98 -8.70
N LYS K 151 -17.16 -44.35 -9.55
CA LYS K 151 -17.22 -43.86 -10.91
C LYS K 151 -18.57 -43.14 -11.04
N TRP K 152 -18.55 -41.94 -11.60
CA TRP K 152 -19.78 -41.22 -11.93
C TRP K 152 -20.08 -41.37 -13.41
N LYS K 153 -21.33 -41.63 -13.75
CA LYS K 153 -21.81 -41.67 -15.12
C LYS K 153 -22.91 -40.63 -15.30
N ILE K 154 -22.93 -39.95 -16.46
CA ILE K 154 -24.01 -39.05 -16.86
C ILE K 154 -24.51 -39.57 -18.21
N ASP K 155 -25.75 -40.04 -18.26
CA ASP K 155 -26.28 -40.76 -19.43
C ASP K 155 -25.31 -41.86 -19.87
N GLY K 156 -24.79 -42.62 -18.89
CA GLY K 156 -23.85 -43.70 -19.17
C GLY K 156 -22.42 -43.32 -19.58
N SER K 157 -22.14 -42.01 -19.74
CA SER K 157 -20.81 -41.50 -20.06
C SER K 157 -20.05 -41.14 -18.79
N GLU K 158 -18.84 -41.65 -18.65
CA GLU K 158 -18.05 -41.45 -17.43
C GLU K 158 -17.62 -40.00 -17.26
N ARG K 159 -17.52 -39.57 -16.01
CA ARG K 159 -17.07 -38.21 -15.68
C ARG K 159 -16.10 -38.22 -14.51
N GLN K 160 -15.01 -37.45 -14.65
CA GLN K 160 -13.99 -37.30 -13.61
C GLN K 160 -13.81 -35.86 -13.07
N ASN K 161 -14.36 -34.87 -13.79
CA ASN K 161 -14.12 -33.44 -13.46
C ASN K 161 -15.18 -32.96 -12.45
N GLY K 162 -14.73 -32.27 -11.41
CA GLY K 162 -15.62 -31.75 -10.35
C GLY K 162 -15.90 -32.72 -9.20
N VAL K 163 -15.32 -33.92 -9.27
CA VAL K 163 -15.59 -35.00 -8.33
C VAL K 163 -14.79 -34.78 -7.05
N LEU K 164 -15.47 -34.79 -5.90
CA LEU K 164 -14.81 -34.69 -4.60
C LEU K 164 -15.11 -35.92 -3.80
N ASN K 165 -14.06 -36.55 -3.29
CA ASN K 165 -14.14 -37.81 -2.59
C ASN K 165 -13.53 -37.67 -1.21
N SER K 166 -14.38 -37.65 -0.18
CA SER K 166 -13.93 -37.50 1.20
C SER K 166 -14.22 -38.76 1.99
N TRP K 167 -13.18 -39.40 2.53
CA TRP K 167 -13.33 -40.52 3.47
C TRP K 167 -13.41 -40.00 4.89
N THR K 168 -14.17 -40.68 5.73
CA THR K 168 -14.08 -40.47 7.18
C THR K 168 -12.86 -41.20 7.72
N ASP K 169 -12.59 -40.98 9.00
CA ASP K 169 -11.69 -41.85 9.75
C ASP K 169 -12.42 -43.12 10.10
N GLN K 170 -11.69 -44.10 10.59
CA GLN K 170 -12.31 -45.35 11.02
C GLN K 170 -13.24 -45.10 12.22
N ASP K 171 -14.36 -45.78 12.24
CA ASP K 171 -15.33 -45.65 13.30
C ASP K 171 -14.82 -46.31 14.60
N SER K 172 -15.06 -45.62 15.72
CA SER K 172 -14.61 -46.11 17.02
C SER K 172 -15.47 -47.25 17.59
N LYS K 173 -16.62 -47.51 16.99
CA LYS K 173 -17.53 -48.56 17.48
C LYS K 173 -17.60 -49.75 16.54
N ASP K 174 -17.86 -49.57 15.25
CA ASP K 174 -17.97 -50.69 14.31
C ASP K 174 -16.78 -50.84 13.34
N SER K 175 -15.72 -50.07 13.57
CA SER K 175 -14.47 -50.19 12.80
C SER K 175 -14.61 -50.08 11.28
N THR K 176 -15.68 -49.45 10.81
CA THR K 176 -15.90 -49.28 9.37
C THR K 176 -15.46 -47.90 8.95
N TYR K 177 -15.38 -47.72 7.64
CA TYR K 177 -15.17 -46.42 7.04
C TYR K 177 -16.42 -46.06 6.28
N SER K 178 -16.56 -44.79 5.98
CA SER K 178 -17.64 -44.28 5.16
C SER K 178 -17.05 -43.20 4.28
N MET K 179 -17.71 -42.90 3.17
CA MET K 179 -17.11 -42.03 2.18
C MET K 179 -18.15 -41.34 1.32
N SER K 180 -17.89 -40.07 0.99
CA SER K 180 -18.80 -39.23 0.25
C SER K 180 -18.18 -38.81 -1.07
N SER K 181 -18.88 -39.06 -2.16
CA SER K 181 -18.48 -38.61 -3.49
C SER K 181 -19.45 -37.53 -3.95
N THR K 182 -18.93 -36.49 -4.58
CA THR K 182 -19.72 -35.29 -4.91
C THR K 182 -19.38 -34.76 -6.31
N LEU K 183 -20.22 -35.07 -7.29
CA LEU K 183 -20.10 -34.52 -8.64
C LEU K 183 -20.76 -33.13 -8.69
N THR K 184 -19.98 -32.12 -9.10
CA THR K 184 -20.43 -30.73 -9.13
C THR K 184 -20.51 -30.28 -10.59
N LEU K 185 -21.62 -29.66 -10.97
CA LEU K 185 -21.86 -29.23 -12.35
C LEU K 185 -22.55 -27.87 -12.39
N THR K 186 -22.48 -27.22 -13.54
CA THR K 186 -23.27 -26.01 -13.76
C THR K 186 -24.73 -26.46 -13.88
N LYS K 187 -25.67 -25.64 -13.42
CA LYS K 187 -27.11 -25.93 -13.58
C LYS K 187 -27.48 -26.17 -15.05
N ASP K 188 -26.96 -25.32 -15.94
CA ASP K 188 -27.14 -25.47 -17.38
C ASP K 188 -26.83 -26.91 -17.84
N GLU K 189 -25.69 -27.45 -17.41
CA GLU K 189 -25.24 -28.77 -17.84
C GLU K 189 -25.96 -29.92 -17.13
N TYR K 190 -26.38 -29.70 -15.89
CA TYR K 190 -27.20 -30.68 -15.17
C TYR K 190 -28.51 -30.97 -15.92
N GLU K 191 -29.12 -29.92 -16.47
CA GLU K 191 -30.41 -30.04 -17.15
C GLU K 191 -30.30 -30.50 -18.62
N ARG K 192 -29.09 -30.56 -19.17
CA ARG K 192 -28.88 -31.13 -20.52
C ARG K 192 -28.89 -32.64 -20.56
N HIS K 193 -28.59 -33.30 -19.44
CA HIS K 193 -28.57 -34.76 -19.39
C HIS K 193 -29.67 -35.25 -18.45
N ASN K 194 -30.07 -36.49 -18.61
CA ASN K 194 -31.17 -37.08 -17.84
C ASN K 194 -30.71 -38.00 -16.70
N SER K 195 -29.92 -39.03 -17.05
CA SER K 195 -29.59 -40.14 -16.15
C SER K 195 -28.27 -39.96 -15.39
N TYR K 196 -28.34 -39.90 -14.05
CA TYR K 196 -27.16 -39.75 -13.19
C TYR K 196 -26.92 -40.99 -12.34
N THR K 197 -25.72 -41.56 -12.45
CA THR K 197 -25.41 -42.87 -11.89
C THR K 197 -24.13 -42.78 -11.05
N CYS K 198 -23.97 -43.72 -10.14
CA CYS K 198 -22.88 -43.70 -9.18
C CYS K 198 -22.38 -45.13 -8.92
N GLU K 199 -21.46 -45.59 -9.76
CA GLU K 199 -20.90 -46.96 -9.65
C GLU K 199 -19.84 -47.00 -8.57
N ALA K 200 -19.84 -48.06 -7.77
CA ALA K 200 -18.91 -48.20 -6.64
C ALA K 200 -18.34 -49.61 -6.56
N THR K 201 -17.07 -49.76 -6.94
CA THR K 201 -16.38 -51.03 -6.85
C THR K 201 -15.67 -51.12 -5.50
N HIS K 202 -15.91 -52.21 -4.80
CA HIS K 202 -15.27 -52.52 -3.52
C HIS K 202 -14.81 -53.97 -3.56
N LYS K 203 -13.89 -54.30 -2.65
CA LYS K 203 -13.39 -55.66 -2.45
C LYS K 203 -14.51 -56.69 -2.32
N THR K 204 -15.57 -56.30 -1.62
CA THR K 204 -16.71 -57.17 -1.31
C THR K 204 -17.41 -57.70 -2.54
N SER K 205 -17.84 -56.81 -3.43
CA SER K 205 -18.63 -57.18 -4.60
C SER K 205 -17.76 -57.21 -5.86
N THR K 206 -17.79 -58.34 -6.57
CA THR K 206 -17.08 -58.46 -7.85
C THR K 206 -17.63 -57.43 -8.84
N SER K 207 -18.96 -57.46 -9.08
CA SER K 207 -19.61 -56.49 -9.94
C SER K 207 -19.95 -55.25 -9.10
N PRO K 208 -19.97 -54.06 -9.72
CA PRO K 208 -20.05 -52.82 -8.93
C PRO K 208 -21.45 -52.55 -8.39
N ILE K 209 -21.50 -51.87 -7.26
CA ILE K 209 -22.76 -51.43 -6.65
C ILE K 209 -23.18 -50.14 -7.34
N VAL K 210 -24.28 -50.19 -8.08
CA VAL K 210 -24.81 -49.04 -8.82
C VAL K 210 -25.97 -48.42 -8.06
N LYS K 211 -26.02 -47.09 -8.01
CA LYS K 211 -27.22 -46.38 -7.58
C LYS K 211 -27.43 -45.22 -8.54
N SER K 212 -28.67 -44.97 -8.91
CA SER K 212 -28.98 -44.19 -10.09
C SER K 212 -30.31 -43.47 -9.97
N PHE K 213 -30.43 -42.30 -10.61
CA PHE K 213 -31.73 -41.66 -10.83
C PHE K 213 -31.80 -40.99 -12.19
N ASN K 214 -33.02 -40.69 -12.62
CA ASN K 214 -33.29 -39.86 -13.79
C ASN K 214 -34.08 -38.63 -13.33
N ARG K 215 -33.82 -37.46 -13.93
CA ARG K 215 -34.42 -36.20 -13.45
C ARG K 215 -35.94 -36.11 -13.49
N ASN K 216 -36.56 -36.81 -14.44
CA ASN K 216 -38.04 -36.86 -14.55
C ASN K 216 -38.61 -38.08 -13.76
N GLU K 217 -38.52 -38.01 -12.44
CA GLU K 217 -38.85 -39.13 -11.54
C GLU K 217 -39.03 -38.66 -10.14
N GLY L 13 3.35 -32.76 38.21
CA GLY L 13 3.88 -31.61 39.03
C GLY L 13 3.40 -30.23 38.59
N ALA L 14 4.36 -29.32 38.42
CA ALA L 14 4.16 -28.02 37.72
C ALA L 14 4.46 -28.23 36.24
N ARG L 15 5.63 -28.83 36.01
CA ARG L 15 6.05 -29.43 34.75
C ARG L 15 4.97 -30.37 34.20
N GLY L 16 4.46 -31.23 35.06
CA GLY L 16 3.54 -32.28 34.67
C GLY L 16 4.31 -33.55 34.41
N LEU L 17 3.58 -34.65 34.31
CA LEU L 17 4.20 -35.97 34.19
C LEU L 17 4.94 -36.12 32.85
N THR L 18 4.49 -35.35 31.85
CA THR L 18 5.11 -35.23 30.50
C THR L 18 6.25 -34.20 30.40
N GLY L 19 6.15 -33.11 31.17
CA GLY L 19 7.12 -32.02 31.13
C GLY L 19 8.55 -32.46 31.40
C CIR L 20 11.36 -32.30 32.57
O CIR L 20 10.87 -31.75 33.55
CA CIR L 20 10.91 -31.89 31.18
N CIR L 20 9.48 -31.55 31.15
C3 CIR L 20 11.78 -30.80 30.53
C4 CIR L 20 11.75 -29.40 31.14
C5 CIR L 20 13.16 -28.87 31.41
N6 CIR L 20 13.90 -28.60 30.19
C7 CIR L 20 14.48 -27.42 29.93
O7 CIR L 20 14.42 -26.46 30.67
N8 CIR L 20 15.11 -27.30 28.76
N HYP L 21 12.25 -33.29 32.68
CA HYP L 21 12.82 -33.56 34.01
C HYP L 21 13.73 -32.44 34.50
O HYP L 21 14.27 -31.68 33.68
CB HYP L 21 13.55 -34.89 33.86
CG HYP L 21 13.82 -35.04 32.37
CD HYP L 21 12.69 -34.26 31.69
OD1 HYP L 21 13.89 -36.43 31.98
N GLY L 22 13.92 -32.35 35.83
CA GLY L 22 14.56 -31.17 36.48
C GLY L 22 15.79 -31.50 37.31
N GLU M 1 -4.14 69.38 3.80
CA GLU M 1 -3.75 67.95 3.76
C GLU M 1 -4.73 67.09 4.57
N VAL M 2 -5.23 66.02 3.96
CA VAL M 2 -6.03 65.01 4.65
C VAL M 2 -5.10 63.94 5.24
N LYS M 3 -5.37 63.52 6.47
CA LYS M 3 -4.62 62.43 7.13
C LYS M 3 -5.61 61.40 7.64
N LEU M 4 -5.37 60.12 7.32
CA LEU M 4 -6.15 59.01 7.87
C LEU M 4 -5.18 58.01 8.46
N GLU M 5 -5.28 57.81 9.77
CA GLU M 5 -4.46 56.84 10.47
C GLU M 5 -5.35 55.76 11.05
N GLU M 6 -5.08 54.52 10.66
CA GLU M 6 -5.75 53.36 11.26
C GLU M 6 -4.95 52.86 12.43
N SER M 7 -5.57 52.04 13.25
CA SER M 7 -4.89 51.42 14.38
C SER M 7 -5.61 50.17 14.85
N GLY M 8 -4.88 49.33 15.57
CA GLY M 8 -5.44 48.18 16.25
C GLY M 8 -5.61 46.93 15.40
N GLY M 9 -4.73 46.74 14.42
CA GLY M 9 -4.66 45.46 13.70
C GLY M 9 -4.02 44.39 14.57
N GLY M 10 -3.23 43.51 13.94
CA GLY M 10 -2.45 42.50 14.67
C GLY M 10 -2.95 41.07 14.47
N LEU M 11 -2.62 40.22 15.43
CA LEU M 11 -2.98 38.81 15.37
C LEU M 11 -4.16 38.52 16.24
N VAL M 12 -5.06 37.66 15.77
CA VAL M 12 -6.15 37.13 16.59
C VAL M 12 -6.52 35.70 16.18
N GLN M 13 -6.90 34.89 17.16
CA GLN M 13 -7.35 33.52 16.95
C GLN M 13 -8.66 33.48 16.12
N PRO M 14 -8.87 32.42 15.33
CA PRO M 14 -10.19 32.24 14.68
C PRO M 14 -11.29 32.17 15.72
N GLY M 15 -12.41 32.84 15.47
CA GLY M 15 -13.48 33.01 16.47
C GLY M 15 -13.36 34.28 17.31
N GLY M 16 -12.14 34.82 17.44
CA GLY M 16 -11.89 35.98 18.28
C GLY M 16 -12.42 37.29 17.73
N SER M 17 -12.22 38.36 18.50
CA SER M 17 -12.73 39.67 18.17
C SER M 17 -11.60 40.66 18.01
N MET M 18 -11.89 41.77 17.37
CA MET M 18 -10.92 42.83 17.15
C MET M 18 -11.62 44.12 16.77
N LYS M 19 -11.12 45.24 17.25
CA LYS M 19 -11.70 46.54 16.95
C LYS M 19 -10.66 47.42 16.30
N LEU M 20 -10.86 47.72 15.02
CA LEU M 20 -10.02 48.68 14.33
C LEU M 20 -10.56 50.06 14.61
N SER M 21 -9.70 51.06 14.60
CA SER M 21 -10.15 52.45 14.67
C SER M 21 -9.38 53.30 13.68
N CYS M 22 -9.99 54.42 13.29
CA CYS M 22 -9.49 55.26 12.22
C CYS M 22 -9.69 56.72 12.58
N ALA M 23 -8.60 57.42 12.90
CA ALA M 23 -8.61 58.86 13.13
C ALA M 23 -8.45 59.60 11.81
N ALA M 24 -9.17 60.70 11.64
CA ALA M 24 -9.15 61.49 10.41
C ALA M 24 -9.06 62.98 10.71
N SER M 25 -8.40 63.72 9.84
CA SER M 25 -8.36 65.19 9.90
C SER M 25 -8.22 65.77 8.49
N GLY M 26 -8.47 67.07 8.35
CA GLY M 26 -8.34 67.76 7.05
C GLY M 26 -9.59 67.82 6.20
N PHE M 27 -10.73 67.35 6.72
CA PHE M 27 -12.04 67.57 6.10
C PHE M 27 -13.11 67.58 7.17
N THR M 28 -14.23 68.25 6.94
CA THR M 28 -15.32 68.28 7.92
C THR M 28 -15.86 66.84 8.12
N PHE M 29 -15.34 66.18 9.16
CA PHE M 29 -15.60 64.75 9.42
C PHE M 29 -17.08 64.40 9.52
N SER M 30 -17.86 65.22 10.23
CA SER M 30 -19.28 64.91 10.47
C SER M 30 -20.10 64.81 9.18
N ASP M 31 -19.65 65.52 8.13
CA ASP M 31 -20.27 65.47 6.80
C ASP M 31 -19.84 64.30 5.91
N ALA M 32 -18.72 63.65 6.23
CA ALA M 32 -18.11 62.69 5.31
C ALA M 32 -18.65 61.28 5.47
N TRP M 33 -18.94 60.63 4.33
CA TRP M 33 -19.19 59.20 4.30
C TRP M 33 -17.84 58.48 4.45
N MET M 34 -17.78 57.51 5.36
CA MET M 34 -16.55 56.79 5.67
C MET M 34 -16.73 55.32 5.39
N ASP M 35 -15.66 54.67 4.95
CA ASP M 35 -15.69 53.26 4.60
C ASP M 35 -14.51 52.50 5.17
N TRP M 36 -14.60 51.17 5.15
CA TRP M 36 -13.45 50.29 5.36
C TRP M 36 -13.33 49.39 4.14
N VAL M 37 -12.10 49.23 3.67
CA VAL M 37 -11.80 48.39 2.52
C VAL M 37 -10.62 47.53 2.91
N ARG M 38 -10.65 46.27 2.49
CA ARG M 38 -9.56 45.37 2.81
C ARG M 38 -8.94 44.81 1.55
N GLN M 39 -7.69 44.37 1.70
CA GLN M 39 -6.92 43.84 0.61
C GLN M 39 -6.16 42.60 1.07
N SER M 40 -6.31 41.52 0.31
CA SER M 40 -5.48 40.33 0.47
C SER M 40 -4.99 39.96 -0.92
N PRO M 41 -3.89 39.20 -1.01
CA PRO M 41 -3.40 38.79 -2.33
C PRO M 41 -4.36 37.85 -3.08
N GLU M 42 -5.14 37.06 -2.36
CA GLU M 42 -6.09 36.12 -2.96
C GLU M 42 -7.31 36.82 -3.55
N LYS M 43 -7.86 37.80 -2.83
CA LYS M 43 -9.16 38.40 -3.15
C LYS M 43 -9.14 39.87 -3.62
N GLY M 44 -7.96 40.51 -3.64
CA GLY M 44 -7.85 41.88 -4.16
C GLY M 44 -8.48 42.87 -3.20
N LEU M 45 -9.19 43.86 -3.72
CA LEU M 45 -9.79 44.89 -2.88
C LEU M 45 -11.24 44.56 -2.63
N GLU M 46 -11.60 44.33 -1.37
CA GLU M 46 -12.99 44.11 -0.96
C GLU M 46 -13.47 45.30 -0.15
N TRP M 47 -14.54 45.92 -0.59
CA TRP M 47 -15.26 46.87 0.27
C TRP M 47 -15.85 46.06 1.39
N VAL M 48 -15.72 46.55 2.62
CA VAL M 48 -16.15 45.82 3.81
C VAL M 48 -17.39 46.44 4.41
N ALA M 49 -17.34 47.75 4.67
CA ALA M 49 -18.43 48.45 5.35
C ALA M 49 -18.42 49.94 5.08
N GLU M 50 -19.61 50.53 5.06
CA GLU M 50 -19.84 51.96 4.89
C GLU M 50 -20.54 52.49 6.12
N ILE M 51 -20.23 53.71 6.51
CA ILE M 51 -21.11 54.48 7.39
C ILE M 51 -21.28 55.87 6.80
N ARG M 52 -22.52 56.33 6.75
CA ARG M 52 -22.84 57.60 6.11
C ARG M 52 -22.86 58.73 7.15
N ASN M 53 -23.13 59.96 6.69
CA ASN M 53 -23.08 61.15 7.54
C ASN M 53 -24.35 61.31 8.35
N LYS M 54 -24.35 62.30 9.24
CA LYS M 54 -25.53 62.61 10.06
C LYS M 54 -26.79 62.85 9.22
N VAL M 55 -26.65 63.50 8.06
CA VAL M 55 -27.78 63.81 7.16
C VAL M 55 -28.46 62.55 6.63
N ASN M 56 -27.70 61.47 6.47
CA ASN M 56 -28.23 60.15 6.10
C ASN M 56 -28.33 59.19 7.30
N ASN M 57 -28.66 59.73 8.48
CA ASN M 57 -28.97 58.91 9.66
C ASN M 57 -27.88 57.92 10.08
N HIS M 58 -26.62 58.25 9.80
CA HIS M 58 -25.48 57.35 10.07
C HIS M 58 -25.77 55.93 9.58
N ALA M 59 -26.26 55.87 8.34
CA ALA M 59 -26.70 54.62 7.73
C ALA M 59 -25.49 53.78 7.47
N THR M 60 -25.55 52.51 7.87
CA THR M 60 -24.48 51.57 7.63
C THR M 60 -24.85 50.58 6.51
N ASN M 61 -23.85 50.14 5.77
CA ASN M 61 -23.98 49.00 4.86
C ASN M 61 -22.79 48.10 5.02
N TYR M 62 -22.95 46.83 4.68
CA TYR M 62 -21.88 45.84 4.82
C TYR M 62 -21.83 44.91 3.62
N ALA M 63 -20.62 44.44 3.32
CA ALA M 63 -20.45 43.34 2.39
C ALA M 63 -21.13 42.10 2.97
N GLU M 64 -21.68 41.27 2.08
CA GLU M 64 -22.36 40.08 2.50
C GLU M 64 -21.43 39.19 3.33
N SER M 65 -20.16 39.07 2.94
CA SER M 65 -19.24 38.19 3.66
C SER M 65 -18.96 38.57 5.11
N VAL M 66 -19.29 39.79 5.52
CA VAL M 66 -19.14 40.20 6.94
C VAL M 66 -20.44 40.49 7.71
N LYS M 67 -21.61 40.45 7.05
CA LYS M 67 -22.90 40.73 7.71
C LYS M 67 -23.08 39.88 8.95
N GLY M 68 -23.52 40.52 10.03
CA GLY M 68 -23.73 39.83 11.30
C GLY M 68 -22.51 39.66 12.18
N ARG M 69 -21.33 39.98 11.67
CA ARG M 69 -20.07 39.83 12.41
C ARG M 69 -19.33 41.15 12.66
N PHE M 70 -19.43 42.08 11.72
CA PHE M 70 -18.70 43.36 11.73
C PHE M 70 -19.68 44.49 12.00
N THR M 71 -19.33 45.38 12.91
CA THR M 71 -20.11 46.59 13.17
C THR M 71 -19.23 47.80 12.90
N ILE M 72 -19.70 48.68 12.03
CA ILE M 72 -19.04 49.96 11.77
C ILE M 72 -19.79 51.05 12.53
N SER M 73 -19.04 52.02 13.03
CA SER M 73 -19.62 53.12 13.78
C SER M 73 -18.64 54.28 13.79
N ARG M 74 -19.09 55.43 14.27
CA ARG M 74 -18.29 56.65 14.24
C ARG M 74 -18.56 57.55 15.42
N ASP M 75 -17.54 58.30 15.82
CA ASP M 75 -17.64 59.30 16.87
C ASP M 75 -17.37 60.65 16.21
N ASP M 76 -18.43 61.31 15.76
CA ASP M 76 -18.29 62.59 15.06
C ASP M 76 -17.53 63.64 15.90
N SER M 77 -17.68 63.61 17.22
CA SER M 77 -16.97 64.54 18.10
C SER M 77 -15.45 64.30 18.20
N ARG M 78 -14.98 63.07 17.97
CA ARG M 78 -13.55 62.75 17.97
C ARG M 78 -12.92 62.51 16.59
N SER M 79 -13.70 62.68 15.52
CA SER M 79 -13.25 62.38 14.13
C SER M 79 -12.71 60.97 13.99
N VAL M 80 -13.44 59.99 14.53
CA VAL M 80 -13.01 58.58 14.52
C VAL M 80 -14.07 57.67 13.91
N VAL M 81 -13.64 56.74 13.07
CA VAL M 81 -14.46 55.62 12.62
C VAL M 81 -13.90 54.36 13.25
N TYR M 82 -14.79 53.52 13.78
CA TYR M 82 -14.44 52.23 14.34
C TYR M 82 -14.99 51.10 13.47
N LEU M 83 -14.31 49.95 13.49
CA LEU M 83 -14.83 48.71 12.91
C LEU M 83 -14.66 47.56 13.92
N GLN M 84 -15.74 47.23 14.62
CA GLN M 84 -15.79 46.05 15.49
C GLN M 84 -15.91 44.83 14.59
N MET M 85 -15.09 43.83 14.84
CA MET M 85 -15.13 42.57 14.07
C MET M 85 -15.22 41.40 15.05
N ASN M 86 -16.20 40.53 14.86
CA ASN M 86 -16.42 39.37 15.73
C ASN M 86 -16.43 38.08 14.93
N ASN M 87 -16.17 36.98 15.62
CA ASN M 87 -16.12 35.65 15.02
C ASN M 87 -15.24 35.68 13.76
N LEU M 88 -14.00 36.13 13.94
CA LEU M 88 -13.05 36.32 12.85
C LEU M 88 -12.61 34.99 12.26
N LYS M 89 -12.34 35.00 10.96
CA LYS M 89 -12.03 33.80 10.20
C LYS M 89 -10.72 34.01 9.48
N PRO M 90 -10.03 32.92 9.09
CA PRO M 90 -8.79 33.07 8.33
C PRO M 90 -8.93 33.92 7.06
N GLU M 91 -10.04 33.77 6.33
CA GLU M 91 -10.31 34.58 5.13
C GLU M 91 -10.55 36.07 5.39
N ASP M 92 -10.83 36.46 6.64
CA ASP M 92 -10.82 37.88 7.02
C ASP M 92 -9.41 38.48 7.08
N THR M 93 -8.36 37.67 6.90
CA THR M 93 -6.99 38.17 6.94
C THR M 93 -6.70 39.09 5.78
N GLY M 94 -6.07 40.23 6.07
CA GLY M 94 -5.69 41.20 5.06
C GLY M 94 -5.28 42.54 5.63
N ILE M 95 -5.05 43.50 4.74
CA ILE M 95 -4.77 44.88 5.11
C ILE M 95 -6.10 45.62 5.06
N TYR M 96 -6.44 46.30 6.15
CA TYR M 96 -7.68 47.03 6.28
C TYR M 96 -7.41 48.53 6.18
N TYR M 97 -7.87 49.11 5.08
CA TYR M 97 -7.82 50.56 4.88
C TYR M 97 -9.10 51.21 5.37
N CYS M 98 -8.98 52.33 6.04
CA CYS M 98 -10.10 53.20 6.34
C CYS M 98 -10.07 54.29 5.30
N THR M 99 -11.20 54.54 4.65
CA THR M 99 -11.27 55.55 3.61
C THR M 99 -12.30 56.61 3.97
N GLY M 100 -12.07 57.81 3.46
CA GLY M 100 -12.91 58.96 3.74
C GLY M 100 -13.44 59.57 2.46
N LEU M 101 -14.67 60.10 2.54
CA LEU M 101 -15.40 60.59 1.39
C LEU M 101 -15.51 59.47 0.36
N THR M 102 -16.25 58.44 0.77
CA THR M 102 -16.24 57.11 0.16
C THR M 102 -14.78 56.69 -0.06
N PHE M 103 -14.25 56.81 -1.28
CA PHE M 103 -12.87 56.36 -1.57
C PHE M 103 -11.94 57.46 -2.05
N ASP M 104 -12.31 58.73 -1.87
CA ASP M 104 -11.44 59.83 -2.29
C ASP M 104 -10.09 59.74 -1.58
N TYR M 105 -10.11 59.48 -0.28
CA TYR M 105 -8.89 59.42 0.53
C TYR M 105 -8.79 58.10 1.27
N TRP M 106 -7.57 57.60 1.42
CA TRP M 106 -7.30 56.29 2.01
C TRP M 106 -6.18 56.39 3.02
N GLY M 107 -6.31 55.66 4.12
CA GLY M 107 -5.22 55.56 5.09
C GLY M 107 -4.15 54.59 4.64
N GLN M 108 -3.07 54.54 5.41
CA GLN M 108 -1.95 53.65 5.09
C GLN M 108 -2.33 52.18 5.13
N GLY M 109 -3.24 51.85 6.02
CA GLY M 109 -3.75 50.50 6.18
C GLY M 109 -3.19 49.91 7.46
N THR M 110 -3.92 48.97 8.05
CA THR M 110 -3.47 48.24 9.24
C THR M 110 -3.69 46.74 8.97
N THR M 111 -2.75 45.92 9.42
CA THR M 111 -2.77 44.51 9.06
C THR M 111 -3.48 43.66 10.09
N LEU M 112 -4.45 42.87 9.65
CA LEU M 112 -5.16 41.93 10.50
C LEU M 112 -4.85 40.52 10.02
N THR M 113 -4.23 39.72 10.88
CA THR M 113 -3.97 38.32 10.58
C THR M 113 -4.81 37.45 11.52
N VAL M 114 -5.53 36.49 10.95
CA VAL M 114 -6.41 35.60 11.71
C VAL M 114 -5.88 34.18 11.57
N SER M 115 -5.31 33.66 12.65
CA SER M 115 -4.55 32.42 12.62
C SER M 115 -4.32 31.95 14.04
N SER M 116 -4.42 30.63 14.25
CA SER M 116 -4.12 30.04 15.55
C SER M 116 -2.61 29.85 15.77
N ALA M 117 -1.77 30.32 14.85
CA ALA M 117 -0.32 30.39 15.12
C ALA M 117 -0.05 31.48 16.14
N LYS M 118 1.00 31.30 16.92
CA LYS M 118 1.34 32.22 18.01
C LYS M 118 2.22 33.33 17.45
N THR M 119 2.26 34.46 18.15
CA THR M 119 3.15 35.56 17.82
C THR M 119 4.60 35.12 18.00
N THR M 120 5.48 35.58 17.12
CA THR M 120 6.89 35.20 17.16
C THR M 120 7.79 36.35 16.75
N ALA M 121 8.74 36.70 17.61
CA ALA M 121 9.66 37.81 17.34
C ALA M 121 10.67 37.36 16.28
N PRO M 122 11.05 38.26 15.35
CA PRO M 122 12.10 37.92 14.40
C PRO M 122 13.46 37.90 15.06
N SER M 123 14.35 37.05 14.57
CA SER M 123 15.77 37.23 14.82
C SER M 123 16.25 38.16 13.71
N VAL M 124 17.09 39.13 14.08
CA VAL M 124 17.59 40.14 13.14
C VAL M 124 19.11 40.03 13.00
N TYR M 125 19.55 39.56 11.83
CA TYR M 125 20.96 39.27 11.58
C TYR M 125 21.54 40.28 10.58
N PRO M 126 22.70 40.88 10.91
CA PRO M 126 23.39 41.76 9.98
C PRO M 126 24.19 40.95 8.96
N LEU M 127 24.19 41.40 7.71
CA LEU M 127 24.92 40.73 6.63
C LEU M 127 25.99 41.67 6.06
N ALA M 128 27.22 41.50 6.53
CA ALA M 128 28.39 42.21 6.01
C ALA M 128 28.99 41.41 4.86
N PRO M 129 29.75 42.06 3.96
CA PRO M 129 30.25 41.32 2.79
C PRO M 129 31.32 40.31 3.12
N VAL M 130 31.75 39.56 2.11
CA VAL M 130 32.80 38.55 2.24
C VAL M 130 34.13 39.23 2.62
N CYS M 131 34.94 38.55 3.43
CA CYS M 131 36.36 38.89 3.59
C CYS M 131 37.11 39.35 2.28
N GLY M 132 37.31 40.65 2.16
CA GLY M 132 38.01 41.26 1.01
C GLY M 132 37.19 41.73 -0.17
N GLY M 133 35.86 41.81 -0.03
CA GLY M 133 35.00 42.30 -1.11
C GLY M 133 35.44 43.64 -1.69
N GLY M 136 35.54 47.02 -5.74
CA GLY M 136 34.59 47.89 -6.42
C GLY M 136 34.51 49.32 -5.88
N SER M 137 33.88 50.19 -6.68
CA SER M 137 33.63 51.58 -6.27
C SER M 137 32.33 51.76 -5.45
N SER M 138 31.64 50.68 -5.14
CA SER M 138 30.56 50.68 -4.17
C SER M 138 30.48 49.33 -3.45
N VAL M 139 29.71 49.29 -2.35
CA VAL M 139 29.60 48.10 -1.50
C VAL M 139 28.17 47.92 -1.02
N THR M 140 27.74 46.66 -0.98
CA THR M 140 26.40 46.30 -0.56
C THR M 140 26.47 45.58 0.77
N LEU M 141 25.59 46.00 1.67
CA LEU M 141 25.39 45.38 2.97
C LEU M 141 23.97 44.88 3.03
N GLY M 142 23.70 44.00 3.99
CA GLY M 142 22.40 43.37 4.08
C GLY M 142 21.86 43.25 5.48
N CYS M 143 20.60 42.91 5.57
CA CYS M 143 19.94 42.67 6.82
C CYS M 143 18.89 41.58 6.63
N LEU M 144 18.98 40.55 7.45
CA LEU M 144 18.06 39.42 7.41
C LEU M 144 17.16 39.49 8.63
N VAL M 145 15.86 39.40 8.40
CA VAL M 145 14.85 39.42 9.45
C VAL M 145 14.11 38.08 9.39
N LYS M 146 14.58 37.12 10.19
CA LYS M 146 14.17 35.73 10.08
C LYS M 146 13.12 35.33 11.09
N GLY M 147 12.08 34.65 10.60
CA GLY M 147 11.18 33.86 11.43
C GLY M 147 10.29 34.65 12.37
N TYR M 148 9.51 35.56 11.80
CA TYR M 148 8.54 36.34 12.57
C TYR M 148 7.12 35.99 12.13
N PHE M 149 6.18 36.24 13.04
CA PHE M 149 4.76 36.10 12.74
C PHE M 149 3.98 36.95 13.73
N PRO M 150 2.95 37.68 13.30
CA PRO M 150 2.51 37.84 11.92
C PRO M 150 3.21 39.01 11.22
N GLU M 151 2.79 39.30 9.99
CA GLU M 151 3.23 40.57 9.37
C GLU M 151 2.53 41.74 10.06
N PRO M 152 3.08 42.96 9.99
CA PRO M 152 4.30 43.30 9.26
C PRO M 152 5.48 43.54 10.17
N VAL M 153 6.65 43.70 9.55
CA VAL M 153 7.81 44.35 10.17
C VAL M 153 8.04 45.64 9.41
N THR M 154 8.68 46.60 10.06
CA THR M 154 9.19 47.79 9.40
C THR M 154 10.70 47.74 9.50
N LEU M 155 11.39 48.06 8.40
CA LEU M 155 12.84 48.07 8.36
C LEU M 155 13.30 49.33 7.68
N THR M 156 14.18 50.06 8.33
CA THR M 156 14.83 51.23 7.75
C THR M 156 16.32 51.09 7.95
N TRP M 157 17.09 51.81 7.16
CA TRP M 157 18.54 51.86 7.32
C TRP M 157 18.96 53.23 7.85
N ASN M 158 19.88 53.24 8.83
CA ASN M 158 20.29 54.45 9.56
C ASN M 158 19.10 55.38 9.86
N SER M 159 18.03 54.76 10.38
CA SER M 159 16.81 55.46 10.80
C SER M 159 16.10 56.25 9.69
N GLY M 160 16.20 55.78 8.44
CA GLY M 160 15.63 56.48 7.29
C GLY M 160 16.61 57.24 6.42
N SER M 161 17.80 57.59 6.94
CA SER M 161 18.78 58.42 6.20
C SER M 161 19.19 57.83 4.84
N LEU M 162 19.23 56.52 4.75
CA LEU M 162 19.44 55.81 3.48
C LEU M 162 18.09 55.31 2.96
N SER M 163 17.57 56.04 1.96
CA SER M 163 16.41 55.63 1.19
C SER M 163 16.91 55.16 -0.15
N SER M 164 17.68 56.02 -0.83
CA SER M 164 18.38 55.63 -2.04
C SER M 164 19.38 54.55 -1.61
N GLY M 165 19.67 53.63 -2.52
CA GLY M 165 20.57 52.50 -2.25
C GLY M 165 19.89 51.28 -1.64
N VAL M 166 18.69 51.44 -1.09
CA VAL M 166 17.98 50.38 -0.36
C VAL M 166 17.02 49.59 -1.23
N HIS M 167 17.12 48.26 -1.16
CA HIS M 167 16.11 47.37 -1.68
C HIS M 167 15.67 46.50 -0.50
N THR M 168 14.43 46.69 -0.06
CA THR M 168 13.82 45.82 0.92
C THR M 168 12.89 44.88 0.19
N PHE M 169 13.06 43.59 0.43
CA PHE M 169 12.37 42.56 -0.32
C PHE M 169 11.14 42.08 0.41
N PRO M 170 10.02 41.86 -0.32
CA PRO M 170 8.82 41.34 0.34
C PRO M 170 9.11 40.08 1.15
N ALA M 171 8.42 39.94 2.26
CA ALA M 171 8.61 38.77 3.12
C ALA M 171 8.06 37.51 2.46
N LEU M 172 8.48 36.35 2.94
CA LEU M 172 8.00 35.07 2.45
C LEU M 172 7.84 34.07 3.59
N LEU M 173 6.88 33.17 3.45
CA LEU M 173 6.61 32.12 4.42
C LEU M 173 7.52 30.90 4.21
N LEU M 174 8.46 30.70 5.14
CA LEU M 174 9.26 29.47 5.24
C LEU M 174 8.90 28.81 6.57
N SER M 175 8.45 27.56 6.53
CA SER M 175 8.02 26.78 7.71
C SER M 175 7.06 27.55 8.63
N GLY M 176 6.00 28.09 8.03
CA GLY M 176 4.98 28.82 8.79
C GLY M 176 5.38 30.17 9.39
N LEU M 177 6.61 30.64 9.13
CA LEU M 177 7.12 31.90 9.66
C LEU M 177 7.67 32.76 8.53
N TYR M 178 7.54 34.08 8.71
CA TYR M 178 7.97 35.02 7.71
C TYR M 178 9.47 35.33 7.84
N THR M 179 10.16 35.30 6.70
CA THR M 179 11.54 35.75 6.58
C THR M 179 11.54 36.91 5.59
N LEU M 180 12.44 37.86 5.80
CA LEU M 180 12.52 39.07 4.99
C LEU M 180 13.96 39.51 4.95
N SER M 181 14.39 40.05 3.81
CA SER M 181 15.76 40.55 3.68
C SER M 181 15.76 41.99 3.20
N SER M 182 16.90 42.67 3.34
CA SER M 182 17.07 43.99 2.76
C SER M 182 18.52 44.30 2.48
N SER M 183 18.80 44.80 1.28
CA SER M 183 20.13 45.23 0.87
C SER M 183 20.20 46.73 0.94
N VAL M 184 21.40 47.25 1.15
CA VAL M 184 21.67 48.68 1.06
C VAL M 184 23.01 48.84 0.34
N THR M 185 23.07 49.79 -0.60
CA THR M 185 24.28 50.01 -1.39
C THR M 185 24.76 51.44 -1.26
N VAL M 186 26.03 51.60 -0.91
CA VAL M 186 26.66 52.89 -0.71
C VAL M 186 28.04 52.86 -1.34
N THR M 187 28.65 54.03 -1.51
CA THR M 187 29.99 54.14 -2.06
C THR M 187 31.01 53.67 -1.03
N SER M 188 32.06 52.97 -1.47
CA SER M 188 33.02 52.33 -0.54
C SER M 188 33.85 53.27 0.36
N ASN M 189 33.74 54.59 0.16
CA ASN M 189 34.17 55.57 1.20
C ASN M 189 33.35 55.41 2.48
N THR M 190 32.03 55.45 2.34
CA THR M 190 31.08 55.51 3.46
C THR M 190 31.30 54.39 4.48
N TRP M 191 31.51 53.17 3.99
CA TRP M 191 31.64 51.98 4.83
C TRP M 191 33.00 51.30 4.58
N PRO M 192 33.68 50.77 5.61
CA PRO M 192 33.21 50.69 7.02
C PRO M 192 33.38 51.93 7.90
N SER M 193 34.00 52.99 7.40
CA SER M 193 34.36 54.17 8.19
C SER M 193 33.18 54.81 8.97
N GLN M 194 32.11 55.15 8.26
CA GLN M 194 30.87 55.60 8.88
C GLN M 194 29.97 54.39 9.15
N THR M 195 29.38 54.35 10.34
CA THR M 195 28.59 53.20 10.79
C THR M 195 27.23 53.16 10.10
N ILE M 196 26.85 51.98 9.59
CA ILE M 196 25.55 51.78 8.97
C ILE M 196 24.79 50.75 9.81
N THR M 197 23.52 51.06 10.10
CA THR M 197 22.74 50.30 11.07
C THR M 197 21.37 49.97 10.49
N CYS M 198 20.98 48.72 10.69
CA CYS M 198 19.72 48.18 10.22
C CYS M 198 18.70 48.27 11.36
N ASN M 199 17.59 48.99 11.16
CA ASN M 199 16.56 49.18 12.20
C ASN M 199 15.33 48.37 11.88
N VAL M 200 14.93 47.47 12.78
CA VAL M 200 13.77 46.62 12.55
C VAL M 200 12.81 46.69 13.73
N ALA M 201 11.55 46.97 13.45
CA ALA M 201 10.48 46.88 14.44
C ALA M 201 9.48 45.82 13.99
N HIS M 202 8.98 45.05 14.95
CA HIS M 202 7.89 44.12 14.73
C HIS M 202 6.82 44.53 15.75
N PRO M 203 5.81 45.31 15.32
CA PRO M 203 4.89 45.85 16.33
C PRO M 203 4.14 44.74 17.08
N ALA M 204 3.69 43.72 16.35
CA ALA M 204 2.91 42.62 16.91
C ALA M 204 3.56 41.90 18.10
N SER M 205 4.90 41.87 18.15
CA SER M 205 5.63 41.25 19.26
C SER M 205 6.35 42.26 20.16
N SER M 206 6.10 43.56 19.96
CA SER M 206 6.80 44.65 20.64
C SER M 206 8.32 44.50 20.59
N THR M 207 8.83 44.25 19.39
CA THR M 207 10.26 44.05 19.15
C THR M 207 10.78 45.25 18.39
N LYS M 208 11.86 45.86 18.87
CA LYS M 208 12.60 46.90 18.15
C LYS M 208 14.09 46.58 18.27
N VAL M 209 14.75 46.37 17.13
CA VAL M 209 16.16 45.99 17.11
C VAL M 209 16.91 46.94 16.17
N ASP M 210 18.05 47.45 16.62
CA ASP M 210 19.01 48.16 15.77
C ASP M 210 20.26 47.27 15.70
N LYS M 211 20.64 46.84 14.51
CA LYS M 211 21.84 45.99 14.32
C LYS M 211 22.88 46.68 13.45
N LYS M 212 24.03 46.99 14.05
CA LYS M 212 25.15 47.60 13.34
C LYS M 212 25.80 46.57 12.43
N ILE M 213 26.14 46.98 11.21
CA ILE M 213 26.84 46.10 10.26
C ILE M 213 28.34 46.23 10.53
N GLU M 214 28.98 45.14 10.95
CA GLU M 214 30.41 45.09 11.29
C GLU M 214 31.17 44.31 10.23
N PRO M 215 32.35 44.79 9.78
CA PRO M 215 33.13 43.97 8.83
C PRO M 215 33.63 42.67 9.43
N ARG M 216 33.89 41.66 8.59
CA ARG M 216 34.30 40.32 9.05
C ARG M 216 35.80 40.18 9.24
N GLY M 217 36.27 40.30 10.49
CA GLY M 217 37.66 39.94 10.84
C GLY M 217 37.81 38.42 10.93
N PRO M 218 38.86 37.85 10.32
CA PRO M 218 39.21 36.42 10.58
C PRO M 218 40.17 36.20 11.76
N ASP N 1 -24.64 41.75 -6.81
CA ASP N 1 -23.18 42.07 -6.99
C ASP N 1 -22.85 42.34 -8.45
N ILE N 2 -22.42 43.57 -8.72
CA ILE N 2 -21.90 43.92 -10.04
C ILE N 2 -20.43 43.52 -10.07
N VAL N 3 -20.10 42.52 -10.88
CA VAL N 3 -18.74 42.01 -10.98
C VAL N 3 -17.98 42.78 -12.04
N LEU N 4 -16.77 43.21 -11.69
CA LEU N 4 -15.86 43.91 -12.60
C LEU N 4 -14.73 43.01 -12.98
N THR N 5 -14.47 42.92 -14.28
CA THR N 5 -13.37 42.14 -14.84
C THR N 5 -12.48 43.07 -15.63
N GLN N 6 -11.22 43.16 -15.22
CA GLN N 6 -10.23 43.92 -15.96
C GLN N 6 -9.46 43.04 -16.92
N SER N 7 -8.92 43.65 -17.96
CA SER N 7 -7.91 42.99 -18.77
C SER N 7 -7.07 44.08 -19.45
N PRO N 8 -5.80 43.82 -19.75
CA PRO N 8 -5.13 42.58 -19.42
C PRO N 8 -4.73 42.55 -17.95
N ALA N 9 -4.11 41.45 -17.55
CA ALA N 9 -3.67 41.26 -16.18
C ALA N 9 -2.40 42.04 -15.92
N SER N 10 -1.47 41.92 -16.87
CA SER N 10 -0.25 42.70 -16.86
C SER N 10 0.04 43.18 -18.28
N LEU N 11 0.98 44.11 -18.39
CA LEU N 11 1.06 45.02 -19.52
C LEU N 11 2.41 45.73 -19.44
N ALA N 12 3.20 45.71 -20.50
CA ALA N 12 4.52 46.41 -20.47
C ALA N 12 4.64 47.47 -21.57
N VAL N 13 4.69 48.74 -21.17
CA VAL N 13 4.70 49.87 -22.10
C VAL N 13 6.00 50.64 -22.04
N SER N 14 6.56 50.99 -23.20
CA SER N 14 7.75 51.83 -23.26
C SER N 14 7.44 53.25 -22.80
N LEU N 15 8.48 53.98 -22.41
CA LEU N 15 8.32 55.34 -21.93
C LEU N 15 7.73 56.21 -23.04
N GLY N 16 6.75 57.05 -22.69
CA GLY N 16 6.11 57.93 -23.66
C GLY N 16 5.04 57.32 -24.55
N GLN N 17 4.74 56.05 -24.35
CA GLN N 17 3.79 55.32 -25.22
C GLN N 17 2.44 55.21 -24.50
N ARG N 18 1.46 54.69 -25.22
CA ARG N 18 0.10 54.53 -24.70
C ARG N 18 -0.06 53.23 -23.93
N ALA N 19 -0.72 53.32 -22.77
CA ALA N 19 -1.13 52.15 -22.01
C ALA N 19 -2.65 52.18 -21.94
N THR N 20 -3.28 51.09 -22.34
CA THR N 20 -4.74 50.99 -22.36
C THR N 20 -5.16 49.77 -21.54
N ILE N 21 -5.95 50.01 -20.51
CA ILE N 21 -6.45 49.00 -19.58
C ILE N 21 -7.97 49.00 -19.68
N SER N 22 -8.59 47.83 -19.72
CA SER N 22 -10.05 47.69 -19.86
C SER N 22 -10.68 47.22 -18.57
N CYS N 23 -11.97 47.53 -18.43
CA CYS N 23 -12.79 47.05 -17.32
C CYS N 23 -14.21 46.77 -17.84
N ARG N 24 -14.61 45.50 -17.71
CA ARG N 24 -15.92 45.03 -18.14
C ARG N 24 -16.76 44.77 -16.90
N ALA N 25 -17.99 45.29 -16.90
CA ALA N 25 -18.91 45.13 -15.79
C ALA N 25 -19.99 44.11 -16.15
N SER N 26 -20.35 43.27 -15.18
CA SER N 26 -21.39 42.25 -15.38
C SER N 26 -22.75 42.83 -15.73
N GLU N 27 -23.01 44.06 -15.28
CA GLU N 27 -24.19 44.81 -15.72
C GLU N 27 -23.93 46.32 -15.67
N SER N 28 -24.83 47.09 -16.28
CA SER N 28 -24.65 48.52 -16.48
C SER N 28 -24.43 49.26 -15.16
N VAL N 29 -23.36 50.05 -15.10
CA VAL N 29 -23.10 50.92 -13.95
C VAL N 29 -23.58 52.36 -14.21
N ASP N 30 -24.28 52.58 -15.32
CA ASP N 30 -25.00 53.83 -15.57
C ASP N 30 -26.11 53.99 -14.57
N ASN N 31 -26.09 55.14 -13.89
CA ASN N 31 -27.18 55.55 -13.05
C ASN N 31 -27.42 56.99 -13.42
N TYR N 32 -28.60 57.27 -13.96
CA TYR N 32 -28.92 58.55 -14.61
C TYR N 32 -28.14 58.59 -15.94
N GLY N 33 -27.58 59.74 -16.32
CA GLY N 33 -26.68 59.84 -17.47
C GLY N 33 -25.23 59.45 -17.15
N ILE N 34 -24.90 59.47 -15.84
CA ILE N 34 -23.51 59.29 -15.39
C ILE N 34 -23.15 57.83 -15.14
N SER N 35 -22.03 57.41 -15.73
CA SER N 35 -21.48 56.07 -15.54
C SER N 35 -20.67 56.08 -14.25
N SER N 36 -21.16 55.37 -13.23
CA SER N 36 -20.50 55.36 -11.92
C SER N 36 -19.33 54.38 -11.86
N MET N 37 -18.25 54.74 -12.53
CA MET N 37 -17.06 53.91 -12.68
C MET N 37 -15.85 54.75 -12.31
N ASN N 38 -15.07 54.29 -11.34
CA ASN N 38 -13.87 54.99 -10.91
C ASN N 38 -12.63 54.17 -11.20
N TRP N 39 -11.47 54.82 -11.17
CA TRP N 39 -10.19 54.14 -11.35
C TRP N 39 -9.21 54.56 -10.27
N PHE N 40 -8.45 53.58 -9.79
CA PHE N 40 -7.46 53.80 -8.75
C PHE N 40 -6.11 53.29 -9.19
N GLN N 41 -5.07 53.88 -8.61
CA GLN N 41 -3.70 53.46 -8.83
C GLN N 41 -3.13 53.03 -7.50
N GLN N 42 -2.52 51.85 -7.47
CA GLN N 42 -1.82 51.40 -6.28
C GLN N 42 -0.38 51.12 -6.63
N LYS N 43 0.51 51.98 -6.15
CA LYS N 43 1.95 51.71 -6.20
C LYS N 43 2.28 50.81 -5.05
N ALA N 44 3.40 50.11 -5.15
CA ALA N 44 3.77 49.08 -4.16
C ALA N 44 3.91 49.68 -2.76
N GLY N 45 3.44 48.94 -1.76
CA GLY N 45 3.52 49.34 -0.37
C GLY N 45 2.67 50.52 0.05
N GLN N 46 1.71 50.90 -0.79
CA GLN N 46 0.88 52.09 -0.56
C GLN N 46 -0.59 51.80 -0.73
N PRO N 47 -1.46 52.66 -0.19
CA PRO N 47 -2.88 52.47 -0.48
C PRO N 47 -3.20 52.82 -1.93
N PRO N 48 -4.41 52.45 -2.38
CA PRO N 48 -4.86 52.93 -3.68
C PRO N 48 -5.07 54.44 -3.68
N LYS N 49 -4.68 55.08 -4.78
CA LYS N 49 -4.87 56.51 -4.94
C LYS N 49 -5.95 56.74 -5.98
N PHE N 50 -6.90 57.59 -5.63
CA PHE N 50 -8.02 57.91 -6.50
C PHE N 50 -7.55 58.74 -7.71
N LEU N 51 -7.94 58.33 -8.91
CA LEU N 51 -7.52 58.96 -10.16
C LEU N 51 -8.68 59.55 -10.92
N ILE N 52 -9.64 58.70 -11.28
CA ILE N 52 -10.72 59.04 -12.19
C ILE N 52 -12.04 58.65 -11.56
N TYR N 53 -13.04 59.52 -11.70
CA TYR N 53 -14.42 59.26 -11.27
C TYR N 53 -15.35 59.44 -12.47
N ALA N 54 -16.58 58.95 -12.34
CA ALA N 54 -17.57 59.09 -13.42
C ALA N 54 -17.00 58.69 -14.79
N ALA N 55 -16.27 57.58 -14.83
CA ALA N 55 -15.73 56.99 -16.07
C ALA N 55 -14.57 57.76 -16.72
N SER N 56 -14.76 59.08 -16.90
CA SER N 56 -13.84 59.96 -17.63
C SER N 56 -13.34 61.24 -16.91
N LYS N 57 -13.98 61.64 -15.79
CA LYS N 57 -13.58 62.86 -15.07
C LYS N 57 -12.43 62.62 -14.06
N GLN N 58 -11.51 63.55 -13.97
CA GLN N 58 -10.27 63.38 -13.20
C GLN N 58 -10.31 64.03 -11.82
N GLY N 59 -9.77 63.33 -10.82
CA GLY N 59 -9.66 63.85 -9.44
C GLY N 59 -8.67 65.01 -9.33
N SER N 60 -8.67 65.68 -8.19
CA SER N 60 -7.82 66.86 -7.98
C SER N 60 -6.33 66.59 -8.14
N GLY N 61 -5.68 67.42 -8.97
CA GLY N 61 -4.25 67.30 -9.25
C GLY N 61 -3.80 66.00 -9.93
N VAL N 62 -4.71 65.33 -10.63
CA VAL N 62 -4.38 64.10 -11.35
C VAL N 62 -3.94 64.52 -12.75
N PRO N 63 -2.69 64.20 -13.15
CA PRO N 63 -2.14 64.65 -14.45
C PRO N 63 -3.03 64.41 -15.67
N ALA N 64 -2.92 65.29 -16.66
CA ALA N 64 -3.70 65.24 -17.91
C ALA N 64 -3.62 63.89 -18.63
N ARG N 65 -2.45 63.26 -18.54
CA ARG N 65 -2.16 61.99 -19.21
C ARG N 65 -3.02 60.80 -18.77
N PHE N 66 -3.46 60.78 -17.52
CA PHE N 66 -4.46 59.81 -17.07
C PHE N 66 -5.82 60.27 -17.52
N SER N 67 -6.55 59.42 -18.24
CA SER N 67 -7.89 59.76 -18.69
C SER N 67 -8.63 58.48 -19.02
N GLY N 68 -9.90 58.43 -18.62
CA GLY N 68 -10.75 57.27 -18.83
C GLY N 68 -11.85 57.55 -19.82
N SER N 69 -12.55 56.48 -20.20
CA SER N 69 -13.61 56.57 -21.20
C SER N 69 -14.53 55.37 -21.08
N GLY N 70 -15.59 55.37 -21.88
CA GLY N 70 -16.57 54.31 -21.91
C GLY N 70 -17.84 54.66 -21.14
N SER N 71 -18.89 53.89 -21.41
CA SER N 71 -20.16 54.00 -20.69
C SER N 71 -20.80 52.61 -20.57
N GLY N 72 -21.84 52.50 -19.75
CA GLY N 72 -22.62 51.27 -19.63
C GLY N 72 -21.88 50.16 -18.91
N THR N 73 -21.35 49.21 -19.67
CA THR N 73 -20.64 48.05 -19.14
C THR N 73 -19.15 48.00 -19.50
N ASP N 74 -18.71 48.78 -20.50
CA ASP N 74 -17.33 48.73 -20.98
C ASP N 74 -16.60 50.04 -20.74
N PHE N 75 -15.40 49.95 -20.19
CA PHE N 75 -14.64 51.12 -19.77
C PHE N 75 -13.16 50.94 -20.01
N SER N 76 -12.47 52.04 -20.26
CA SER N 76 -11.03 52.04 -20.40
C SER N 76 -10.39 53.08 -19.54
N LEU N 77 -9.11 52.85 -19.26
CA LEU N 77 -8.23 53.81 -18.63
C LEU N 77 -7.02 53.93 -19.53
N ILE N 78 -6.76 55.14 -20.01
CA ILE N 78 -5.62 55.39 -20.87
C ILE N 78 -4.59 56.19 -20.10
N ILE N 79 -3.35 55.74 -20.16
CA ILE N 79 -2.20 56.48 -19.65
C ILE N 79 -1.31 56.75 -20.85
N HIS N 80 -1.10 58.03 -21.17
CA HIS N 80 -0.38 58.42 -22.38
C HIS N 80 -0.06 59.91 -22.30
N PRO N 81 1.22 60.30 -22.26
CA PRO N 81 2.40 59.44 -22.28
C PRO N 81 2.73 58.78 -20.95
N VAL N 82 3.07 57.50 -20.98
CA VAL N 82 3.50 56.76 -19.78
C VAL N 82 4.85 57.25 -19.27
N GLU N 83 5.02 57.27 -17.95
CA GLU N 83 6.25 57.73 -17.28
C GLU N 83 6.73 56.70 -16.29
N GLU N 84 7.96 56.86 -15.79
CA GLU N 84 8.57 55.88 -14.89
C GLU N 84 7.74 55.58 -13.66
N ASP N 85 7.18 56.65 -13.11
CA ASP N 85 6.41 56.62 -11.88
C ASP N 85 5.02 56.03 -12.04
N ASP N 86 4.58 55.79 -13.28
CA ASP N 86 3.28 55.15 -13.52
C ASP N 86 3.28 53.64 -13.29
N THR N 87 4.42 53.04 -12.99
CA THR N 87 4.46 51.63 -12.62
C THR N 87 3.65 51.44 -11.34
N ALA N 88 2.67 50.54 -11.42
CA ALA N 88 1.61 50.45 -10.43
C ALA N 88 0.63 49.39 -10.86
N VAL N 89 -0.28 49.06 -9.96
CA VAL N 89 -1.47 48.30 -10.31
C VAL N 89 -2.64 49.26 -10.38
N TYR N 90 -3.49 49.09 -11.39
CA TYR N 90 -4.64 49.97 -11.60
C TYR N 90 -5.93 49.19 -11.42
N PHE N 91 -6.79 49.68 -10.54
CA PHE N 91 -8.07 49.05 -10.25
C PHE N 91 -9.19 49.90 -10.79
N CYS N 92 -10.13 49.25 -11.49
CA CYS N 92 -11.40 49.88 -11.74
C CYS N 92 -12.33 49.56 -10.56
N GLN N 93 -13.39 50.34 -10.42
CA GLN N 93 -14.26 50.26 -9.26
C GLN N 93 -15.61 50.91 -9.52
N GLN N 94 -16.66 50.27 -9.05
CA GLN N 94 -18.04 50.57 -9.42
C GLN N 94 -18.74 51.10 -8.19
N SER N 95 -19.37 52.27 -8.30
CA SER N 95 -20.11 52.88 -7.19
C SER N 95 -21.60 53.00 -7.45
N LYS N 96 -22.13 52.23 -8.41
CA LYS N 96 -23.54 52.33 -8.80
C LYS N 96 -24.47 52.01 -7.66
N GLY N 97 -24.18 50.90 -6.97
CA GLY N 97 -24.87 50.56 -5.75
C GLY N 97 -24.08 49.63 -4.87
N VAL N 98 -24.53 49.51 -3.63
CA VAL N 98 -23.96 48.57 -2.67
C VAL N 98 -24.28 47.13 -3.12
N PRO N 99 -23.34 46.18 -3.03
CA PRO N 99 -21.97 46.39 -2.57
C PRO N 99 -21.07 47.05 -3.61
N TYR N 100 -20.18 47.91 -3.13
CA TYR N 100 -19.18 48.50 -3.96
C TYR N 100 -18.18 47.40 -4.27
N THR N 101 -17.76 47.31 -5.52
CA THR N 101 -16.89 46.23 -5.96
C THR N 101 -15.74 46.80 -6.77
N PHE N 102 -14.58 46.16 -6.66
CA PHE N 102 -13.40 46.51 -7.44
C PHE N 102 -13.10 45.44 -8.48
N GLY N 103 -12.24 45.80 -9.42
CA GLY N 103 -11.73 44.84 -10.38
C GLY N 103 -10.57 44.06 -9.80
N GLY N 104 -10.07 43.11 -10.59
CA GLY N 104 -8.96 42.25 -10.18
C GLY N 104 -7.65 42.99 -10.10
N GLY N 105 -7.51 44.04 -10.90
CA GLY N 105 -6.31 44.85 -10.95
C GLY N 105 -5.52 44.53 -12.20
N THR N 106 -4.77 45.52 -12.70
CA THR N 106 -3.91 45.35 -13.86
C THR N 106 -2.56 45.99 -13.56
N LYS N 107 -1.48 45.21 -13.62
CA LYS N 107 -0.14 45.76 -13.38
C LYS N 107 0.37 46.38 -14.67
N LEU N 108 0.78 47.64 -14.57
CA LEU N 108 1.49 48.32 -15.65
C LEU N 108 2.97 48.26 -15.32
N GLU N 109 3.73 47.57 -16.17
CA GLU N 109 5.19 47.58 -16.10
C GLU N 109 5.68 48.62 -17.12
N ILE N 110 6.76 49.31 -16.79
CA ILE N 110 7.41 50.25 -17.70
C ILE N 110 8.54 49.53 -18.42
N LYS N 111 8.44 49.38 -19.74
CA LYS N 111 9.57 48.90 -20.54
C LYS N 111 10.72 49.89 -20.46
N ARG N 112 11.91 49.36 -20.34
CA ARG N 112 13.13 50.13 -20.38
C ARG N 112 14.21 49.26 -20.98
N ALA N 113 15.39 49.84 -21.19
CA ALA N 113 16.53 49.09 -21.69
C ALA N 113 16.92 47.96 -20.72
N ASP N 114 17.55 46.92 -21.26
CA ASP N 114 17.98 45.80 -20.44
C ASP N 114 19.03 46.24 -19.44
N ALA N 115 19.11 45.55 -18.31
CA ALA N 115 20.05 45.91 -17.25
C ALA N 115 20.50 44.66 -16.52
N ALA N 116 21.82 44.49 -16.41
CA ALA N 116 22.39 43.33 -15.72
C ALA N 116 22.27 43.52 -14.22
N PRO N 117 22.06 42.44 -13.46
CA PRO N 117 22.02 42.59 -12.01
C PRO N 117 23.40 42.81 -11.41
N THR N 118 23.48 43.63 -10.37
CA THR N 118 24.69 43.71 -9.53
C THR N 118 24.47 42.66 -8.43
N VAL N 119 25.27 41.60 -8.47
CA VAL N 119 25.07 40.46 -7.58
C VAL N 119 26.04 40.49 -6.41
N SER N 120 25.52 40.28 -5.22
CA SER N 120 26.30 40.33 -3.97
C SER N 120 25.97 39.08 -3.18
N ILE N 121 26.98 38.33 -2.75
CA ILE N 121 26.76 37.16 -1.90
C ILE N 121 27.18 37.47 -0.46
N PHE N 122 26.45 36.90 0.49
CA PHE N 122 26.65 37.13 1.91
C PHE N 122 26.63 35.82 2.67
N PRO N 123 27.73 35.48 3.37
CA PRO N 123 27.67 34.35 4.26
C PRO N 123 26.72 34.56 5.44
N PRO N 124 26.57 33.52 6.28
CA PRO N 124 25.83 33.71 7.53
C PRO N 124 26.54 34.69 8.47
N SER N 125 25.75 35.39 9.28
CA SER N 125 26.28 36.26 10.32
C SER N 125 26.89 35.43 11.45
N SER N 126 27.78 36.05 12.24
CA SER N 126 28.30 35.40 13.45
C SER N 126 27.17 35.07 14.42
N GLU N 127 26.20 35.99 14.51
CA GLU N 127 25.02 35.84 15.38
C GLU N 127 24.23 34.58 15.03
N GLN N 128 23.99 34.36 13.73
CA GLN N 128 23.16 33.24 13.29
C GLN N 128 23.84 31.89 13.47
N LEU N 129 25.16 31.84 13.26
CA LEU N 129 25.89 30.60 13.45
C LEU N 129 25.74 30.13 14.89
N THR N 130 26.00 31.02 15.85
CA THR N 130 25.84 30.71 17.27
C THR N 130 24.38 30.43 17.71
N SER N 131 23.39 30.90 16.96
CA SER N 131 21.99 30.46 17.16
C SER N 131 21.78 28.97 16.85
N GLY N 132 22.39 28.49 15.76
CA GLY N 132 22.20 27.11 15.29
C GLY N 132 21.82 26.96 13.83
N GLY N 133 21.40 28.05 13.19
CA GLY N 133 21.11 28.05 11.74
C GLY N 133 22.25 28.63 10.92
N ALA N 134 22.06 28.62 9.60
CA ALA N 134 23.02 29.22 8.66
C ALA N 134 22.33 29.58 7.35
N SER N 135 22.24 30.87 7.06
CA SER N 135 21.56 31.36 5.87
C SER N 135 22.53 32.13 5.00
N VAL N 136 22.64 31.69 3.75
CA VAL N 136 23.46 32.35 2.75
C VAL N 136 22.51 33.14 1.88
N VAL N 137 22.78 34.42 1.73
CA VAL N 137 21.91 35.33 1.01
C VAL N 137 22.63 35.89 -0.21
N CYS N 138 21.88 36.12 -1.27
CA CYS N 138 22.41 36.60 -2.52
C CYS N 138 21.45 37.64 -3.09
N PHE N 139 21.85 38.91 -3.07
CA PHE N 139 21.04 39.97 -3.67
C PHE N 139 21.42 40.13 -5.12
N LEU N 140 20.41 40.19 -5.98
CA LEU N 140 20.60 40.52 -7.38
C LEU N 140 19.83 41.81 -7.58
N ASN N 141 20.54 42.93 -7.75
CA ASN N 141 19.91 44.24 -7.69
C ASN N 141 19.93 45.00 -9.01
N ASN N 142 18.83 45.70 -9.27
CA ASN N 142 18.69 46.68 -10.37
C ASN N 142 18.88 46.07 -11.74
N PHE N 143 17.94 45.21 -12.13
CA PHE N 143 17.97 44.54 -13.43
C PHE N 143 16.64 44.64 -14.15
N TYR N 144 16.68 44.36 -15.44
CA TYR N 144 15.51 44.37 -16.30
C TYR N 144 15.80 43.53 -17.54
N PRO N 145 14.90 42.69 -18.02
CA PRO N 145 13.53 42.48 -17.47
C PRO N 145 13.46 41.69 -16.18
N LYS N 146 12.23 41.46 -15.71
CA LYS N 146 11.99 40.79 -14.41
C LYS N 146 12.48 39.34 -14.36
N ASP N 147 12.42 38.63 -15.49
CA ASP N 147 12.88 37.25 -15.58
C ASP N 147 14.32 37.06 -15.15
N ILE N 148 14.55 36.15 -14.20
CA ILE N 148 15.89 35.79 -13.80
C ILE N 148 15.87 34.39 -13.18
N ASN N 149 17.01 33.71 -13.24
CA ASN N 149 17.14 32.38 -12.70
C ASN N 149 18.35 32.31 -11.81
N VAL N 150 18.14 31.86 -10.59
CA VAL N 150 19.19 31.74 -9.61
C VAL N 150 19.39 30.27 -9.31
N LYS N 151 20.63 29.84 -9.34
CA LYS N 151 21.02 28.49 -9.00
C LYS N 151 21.99 28.62 -7.83
N TRP N 152 21.78 27.82 -6.79
CA TRP N 152 22.74 27.72 -5.69
C TRP N 152 23.59 26.47 -5.87
N LYS N 153 24.90 26.61 -5.66
CA LYS N 153 25.82 25.47 -5.65
C LYS N 153 26.51 25.40 -4.28
N ILE N 154 26.72 24.19 -3.76
CA ILE N 154 27.51 23.94 -2.56
C ILE N 154 28.61 22.95 -2.97
N ASP N 155 29.87 23.38 -2.93
CA ASP N 155 30.98 22.62 -3.51
C ASP N 155 30.65 22.18 -4.94
N GLY N 156 30.10 23.08 -5.73
CA GLY N 156 29.73 22.79 -7.12
C GLY N 156 28.50 21.91 -7.35
N SER N 157 27.89 21.37 -6.27
CA SER N 157 26.66 20.55 -6.36
C SER N 157 25.43 21.43 -6.19
N GLU N 158 24.49 21.31 -7.12
CA GLU N 158 23.31 22.16 -7.13
C GLU N 158 22.40 21.86 -5.95
N ARG N 159 21.70 22.89 -5.47
CA ARG N 159 20.75 22.75 -4.35
C ARG N 159 19.48 23.54 -4.62
N GLN N 160 18.34 22.91 -4.34
CA GLN N 160 17.01 23.53 -4.48
C GLN N 160 16.21 23.66 -3.17
N ASN N 161 16.61 22.93 -2.12
CA ASN N 161 15.83 22.86 -0.86
C ASN N 161 16.25 24.00 0.08
N GLY N 162 15.25 24.70 0.65
CA GLY N 162 15.48 25.83 1.56
C GLY N 162 15.61 27.19 0.88
N VAL N 163 15.51 27.21 -0.44
CA VAL N 163 15.76 28.42 -1.24
C VAL N 163 14.54 29.32 -1.23
N LEU N 164 14.71 30.58 -0.87
CA LEU N 164 13.63 31.58 -0.87
C LEU N 164 13.99 32.69 -1.82
N ASN N 165 13.10 32.97 -2.75
CA ASN N 165 13.34 33.92 -3.82
C ASN N 165 12.27 34.99 -3.80
N SER N 166 12.62 36.20 -3.38
CA SER N 166 11.67 37.31 -3.31
C SER N 166 12.07 38.40 -4.29
N TRP N 167 11.18 38.72 -5.24
CA TRP N 167 11.35 39.89 -6.13
C TRP N 167 10.71 41.10 -5.48
N THR N 168 11.29 42.27 -5.73
CA THR N 168 10.62 43.53 -5.45
C THR N 168 9.61 43.82 -6.55
N ASP N 169 8.83 44.87 -6.35
CA ASP N 169 8.06 45.48 -7.43
C ASP N 169 9.00 46.32 -8.27
N GLN N 170 8.52 46.77 -9.42
CA GLN N 170 9.33 47.63 -10.28
C GLN N 170 9.59 48.96 -9.59
N ASP N 171 10.79 49.47 -9.78
CA ASP N 171 11.19 50.75 -9.19
C ASP N 171 10.50 51.92 -9.88
N SER N 172 10.04 52.89 -9.09
CA SER N 172 9.34 54.06 -9.63
C SER N 172 10.26 55.08 -10.28
N LYS N 173 11.58 54.98 -10.07
CA LYS N 173 12.54 55.94 -10.66
C LYS N 173 13.36 55.33 -11.80
N ASP N 174 13.98 54.18 -11.60
CA ASP N 174 14.80 53.56 -12.68
C ASP N 174 14.17 52.34 -13.35
N SER N 175 12.91 52.06 -13.06
CA SER N 175 12.15 50.98 -13.72
C SER N 175 12.81 49.58 -13.70
N THR N 176 13.70 49.36 -12.73
CA THR N 176 14.38 48.07 -12.59
C THR N 176 13.69 47.24 -11.54
N TYR N 177 14.04 45.96 -11.52
CA TYR N 177 13.64 45.05 -10.47
C TYR N 177 14.89 44.65 -9.72
N SER N 178 14.68 44.13 -8.52
CA SER N 178 15.74 43.59 -7.71
C SER N 178 15.19 42.35 -7.04
N MET N 179 16.06 41.46 -6.60
CA MET N 179 15.61 40.16 -6.13
C MET N 179 16.60 39.53 -5.17
N SER N 180 16.06 38.87 -4.14
CA SER N 180 16.85 38.28 -3.08
C SER N 180 16.64 36.77 -3.05
N SER N 181 17.74 36.03 -3.10
CA SER N 181 17.70 34.58 -2.97
C SER N 181 18.37 34.19 -1.66
N THR N 182 17.81 33.21 -0.96
CA THR N 182 18.23 32.88 0.41
C THR N 182 18.26 31.36 0.63
N LEU N 183 19.45 30.77 0.58
CA LEU N 183 19.65 29.36 0.92
C LEU N 183 19.78 29.19 2.43
N THR N 184 18.92 28.35 3.02
CA THR N 184 18.88 28.15 4.47
C THR N 184 19.32 26.72 4.77
N LEU N 185 20.24 26.56 5.73
CA LEU N 185 20.80 25.24 6.09
C LEU N 185 20.98 25.12 7.58
N THR N 186 21.13 23.88 8.04
CA THR N 186 21.50 23.64 9.43
C THR N 186 22.97 24.07 9.57
N LYS N 187 23.35 24.59 10.74
CA LYS N 187 24.76 24.95 11.00
C LYS N 187 25.69 23.75 10.78
N ASP N 188 25.29 22.58 11.28
CA ASP N 188 26.03 21.33 11.04
C ASP N 188 26.39 21.14 9.57
N GLU N 189 25.41 21.32 8.68
CA GLU N 189 25.62 21.09 7.24
C GLU N 189 26.36 22.22 6.54
N TYR N 190 26.20 23.46 7.03
CA TYR N 190 26.98 24.58 6.52
C TYR N 190 28.49 24.34 6.69
N GLU N 191 28.88 23.78 7.82
CA GLU N 191 30.30 23.57 8.14
C GLU N 191 30.88 22.27 7.55
N ARG N 192 30.04 21.41 6.96
CA ARG N 192 30.51 20.22 6.24
C ARG N 192 31.05 20.52 4.84
N HIS N 193 30.60 21.62 4.24
CA HIS N 193 31.04 21.99 2.89
C HIS N 193 31.81 23.31 2.95
N ASN N 194 32.63 23.56 1.94
CA ASN N 194 33.49 24.74 1.89
C ASN N 194 32.98 25.86 0.98
N SER N 195 32.74 25.53 -0.29
CA SER N 195 32.49 26.52 -1.36
C SER N 195 30.99 26.79 -1.61
N TYR N 196 30.56 28.03 -1.40
CA TYR N 196 29.17 28.44 -1.63
C TYR N 196 29.05 29.44 -2.78
N THR N 197 28.24 29.10 -3.77
CA THR N 197 28.19 29.82 -5.04
C THR N 197 26.74 30.19 -5.35
N CYS N 198 26.58 31.21 -6.19
CA CYS N 198 25.27 31.77 -6.50
C CYS N 198 25.22 32.17 -7.98
N GLU N 199 24.88 31.21 -8.84
CA GLU N 199 24.81 31.44 -10.29
C GLU N 199 23.51 32.13 -10.65
N ALA N 200 23.58 33.09 -11.57
CA ALA N 200 22.42 33.91 -11.96
C ALA N 200 22.39 34.09 -13.47
N THR N 201 21.48 33.39 -14.13
CA THR N 201 21.27 33.53 -15.57
C THR N 201 20.20 34.58 -15.83
N HIS N 202 20.55 35.53 -16.68
CA HIS N 202 19.70 36.65 -17.04
C HIS N 202 19.78 36.81 -18.56
N LYS N 203 18.76 37.47 -19.12
CA LYS N 203 18.70 37.83 -20.53
C LYS N 203 19.98 38.54 -21.00
N THR N 204 20.51 39.41 -20.15
CA THR N 204 21.67 40.24 -20.46
C THR N 204 22.91 39.43 -20.81
N SER N 205 23.30 38.54 -19.92
CA SER N 205 24.54 37.77 -20.07
C SER N 205 24.26 36.36 -20.59
N THR N 206 24.95 35.99 -21.68
CA THR N 206 24.88 34.63 -22.22
C THR N 206 25.33 33.62 -21.18
N SER N 207 26.55 33.79 -20.68
CA SER N 207 27.08 32.94 -19.60
C SER N 207 26.63 33.53 -18.27
N PRO N 208 26.44 32.69 -17.24
CA PRO N 208 25.81 33.15 -16.00
C PRO N 208 26.73 33.99 -15.13
N ILE N 209 26.13 34.92 -14.37
CA ILE N 209 26.86 35.75 -13.42
C ILE N 209 27.04 34.93 -12.13
N VAL N 210 28.28 34.58 -11.82
CA VAL N 210 28.62 33.81 -10.62
C VAL N 210 29.15 34.76 -9.55
N LYS N 211 28.72 34.54 -8.30
CA LYS N 211 29.37 35.15 -7.14
C LYS N 211 29.51 34.05 -6.08
N SER N 212 30.66 34.03 -5.42
CA SER N 212 31.09 32.86 -4.70
C SER N 212 31.98 33.21 -3.52
N PHE N 213 31.92 32.40 -2.46
CA PHE N 213 32.91 32.44 -1.39
C PHE N 213 33.25 31.04 -0.89
N ASN N 214 34.38 30.95 -0.19
CA ASN N 214 34.77 29.75 0.55
C ASN N 214 34.89 30.14 2.03
N ARG N 215 34.51 29.24 2.94
CA ARG N 215 34.45 29.56 4.39
C ARG N 215 35.77 29.96 5.04
N ASN N 216 36.87 29.42 4.55
CA ASN N 216 38.24 29.89 4.93
C ASN N 216 38.81 31.17 4.23
N GLU N 217 37.98 32.05 3.70
CA GLU N 217 38.18 33.49 3.52
C GLU N 217 37.15 33.93 2.47
N GLY O 13 -19.99 66.28 -3.51
CA GLY O 13 -19.72 66.94 -2.19
C GLY O 13 -19.15 66.01 -1.13
N ALA O 14 -19.97 65.68 -0.13
CA ALA O 14 -19.57 64.93 1.08
C ALA O 14 -19.79 63.39 1.03
N ARG O 15 -20.37 62.88 -0.06
CA ARG O 15 -20.24 61.46 -0.43
C ARG O 15 -18.83 61.15 -0.91
N GLY O 16 -18.22 62.14 -1.58
CA GLY O 16 -16.97 61.98 -2.33
C GLY O 16 -17.20 62.10 -3.82
N LEU O 17 -16.15 62.46 -4.54
CA LEU O 17 -16.15 62.44 -6.01
C LEU O 17 -16.31 60.99 -6.54
N THR O 18 -15.89 60.00 -5.76
CA THR O 18 -16.08 58.57 -6.05
C THR O 18 -17.36 57.96 -5.46
N GLY O 19 -18.25 58.77 -4.89
CA GLY O 19 -19.42 58.25 -4.15
C GLY O 19 -20.52 57.75 -5.06
C CIR O 20 -23.66 57.90 -5.84
O CIR O 20 -23.95 58.91 -5.18
CA CIR O 20 -22.78 56.81 -5.25
N CIR O 20 -21.67 57.38 -4.47
C3 CIR O 20 -23.57 55.66 -4.58
C4 CIR O 20 -24.63 56.04 -3.54
C5 CIR O 20 -26.05 55.85 -4.09
N6 CIR O 20 -26.40 54.46 -4.31
C7 CIR O 20 -26.65 53.60 -3.33
O7 CIR O 20 -26.60 53.95 -2.16
N8 CIR O 20 -26.96 52.33 -3.62
N HYP O 21 -24.05 57.75 -7.13
CA HYP O 21 -25.18 58.49 -7.73
C HYP O 21 -26.52 58.68 -7.06
O HYP O 21 -26.69 59.59 -6.27
CB HYP O 21 -24.96 58.56 -9.23
CG HYP O 21 -23.84 57.54 -9.54
CD HYP O 21 -23.22 57.17 -8.19
OD1 HYP O 21 -22.83 58.04 -10.43
N GLU P 1 7.63 -69.83 -11.82
CA GLU P 1 7.91 -68.44 -12.31
C GLU P 1 7.11 -67.42 -11.51
N VAL P 2 7.78 -66.38 -11.01
CA VAL P 2 7.11 -65.22 -10.41
C VAL P 2 6.80 -64.20 -11.52
N LYS P 3 5.61 -63.61 -11.49
CA LYS P 3 5.20 -62.56 -12.43
C LYS P 3 4.68 -61.38 -11.64
N LEU P 4 5.18 -60.18 -11.93
CA LEU P 4 4.65 -58.94 -11.37
C LEU P 4 4.32 -58.01 -12.52
N GLU P 5 3.05 -57.69 -12.66
CA GLU P 5 2.59 -56.75 -13.69
C GLU P 5 2.01 -55.53 -13.01
N GLU P 6 2.57 -54.37 -13.31
CA GLU P 6 2.02 -53.10 -12.87
C GLU P 6 1.04 -52.59 -13.91
N SER P 7 0.21 -51.63 -13.50
CA SER P 7 -0.73 -51.01 -14.41
C SER P 7 -1.16 -49.65 -13.90
N GLY P 8 -1.65 -48.83 -14.83
CA GLY P 8 -2.26 -47.55 -14.51
C GLY P 8 -1.31 -46.39 -14.34
N GLY P 9 -0.19 -46.40 -15.05
CA GLY P 9 0.68 -45.22 -15.13
C GLY P 9 0.05 -44.17 -16.02
N GLY P 10 0.86 -43.44 -16.77
CA GLY P 10 0.40 -42.48 -17.77
C GLY P 10 0.67 -41.03 -17.40
N LEU P 11 -0.14 -40.14 -17.98
CA LEU P 11 0.00 -38.71 -17.76
C LEU P 11 -1.01 -38.20 -16.77
N VAL P 12 -0.58 -37.28 -15.92
CA VAL P 12 -1.50 -36.57 -15.03
C VAL P 12 -1.01 -35.15 -14.75
N GLN P 13 -1.95 -34.21 -14.60
CA GLN P 13 -1.65 -32.82 -14.27
C GLN P 13 -1.05 -32.71 -12.87
N PRO P 14 -0.18 -31.71 -12.62
CA PRO P 14 0.25 -31.44 -11.25
C PRO P 14 -0.92 -31.14 -10.35
N GLY P 15 -0.93 -31.70 -9.14
CA GLY P 15 -2.09 -31.64 -8.24
C GLY P 15 -3.04 -32.83 -8.37
N GLY P 16 -3.03 -33.50 -9.54
CA GLY P 16 -3.95 -34.59 -9.81
C GLY P 16 -3.64 -35.87 -9.07
N SER P 17 -4.49 -36.88 -9.28
CA SER P 17 -4.37 -38.15 -8.57
C SER P 17 -4.15 -39.27 -9.56
N MET P 18 -3.68 -40.39 -9.04
CA MET P 18 -3.43 -41.57 -9.86
C MET P 18 -3.30 -42.79 -8.97
N LYS P 19 -3.80 -43.92 -9.44
CA LYS P 19 -3.75 -45.16 -8.68
C LYS P 19 -3.04 -46.22 -9.50
N LEU P 20 -1.85 -46.60 -9.06
CA LEU P 20 -1.13 -47.71 -9.66
C LEU P 20 -1.65 -48.97 -9.03
N SER P 21 -1.60 -50.07 -9.77
CA SER P 21 -1.92 -51.39 -9.21
C SER P 21 -0.93 -52.41 -9.72
N CYS P 22 -0.75 -53.46 -8.94
CA CYS P 22 0.29 -54.46 -9.16
C CYS P 22 -0.28 -55.85 -8.89
N ALA P 23 -0.51 -56.62 -9.96
CA ALA P 23 -0.92 -58.02 -9.85
C ALA P 23 0.33 -58.90 -9.73
N ALA P 24 0.26 -59.92 -8.87
CA ALA P 24 1.38 -60.82 -8.62
C ALA P 24 0.94 -62.28 -8.62
N SER P 25 1.82 -63.16 -9.06
CA SER P 25 1.58 -64.61 -8.97
C SER P 25 2.92 -65.34 -8.83
N GLY P 26 2.85 -66.61 -8.43
CA GLY P 26 4.06 -67.44 -8.28
C GLY P 26 4.69 -67.45 -6.89
N PHE P 27 4.07 -66.79 -5.92
CA PHE P 27 4.45 -66.93 -4.51
C PHE P 27 3.24 -66.70 -3.62
N THR P 28 3.23 -67.27 -2.43
CA THR P 28 2.09 -67.08 -1.51
C THR P 28 1.98 -65.58 -1.15
N PHE P 29 1.12 -64.87 -1.89
CA PHE P 29 1.00 -63.41 -1.82
C PHE P 29 0.71 -62.89 -0.42
N SER P 30 -0.18 -63.55 0.32
CA SER P 30 -0.59 -63.06 1.65
C SER P 30 0.58 -62.99 2.65
N ASP P 31 1.59 -63.84 2.44
CA ASP P 31 2.82 -63.85 3.25
C ASP P 31 3.89 -62.84 2.84
N ALA P 32 3.80 -62.28 1.64
CA ALA P 32 4.90 -61.47 1.10
C ALA P 32 4.83 -59.99 1.48
N TRP P 33 5.98 -59.44 1.87
CA TRP P 33 6.12 -58.00 1.99
C TRP P 33 6.25 -57.43 0.57
N MET P 34 5.49 -56.38 0.28
CA MET P 34 5.45 -55.78 -1.05
C MET P 34 5.85 -54.33 -0.96
N ASP P 35 6.52 -53.85 -2.00
CA ASP P 35 7.01 -52.48 -2.04
C ASP P 35 6.72 -51.80 -3.39
N TRP P 36 6.89 -50.49 -3.42
CA TRP P 36 6.96 -49.73 -4.66
C TRP P 36 8.26 -48.96 -4.67
N VAL P 37 8.94 -48.99 -5.81
CA VAL P 37 10.21 -48.30 -5.99
C VAL P 37 10.12 -47.54 -7.30
N ARG P 38 10.65 -46.33 -7.32
CA ARG P 38 10.62 -45.53 -8.53
C ARG P 38 12.01 -45.16 -8.98
N GLN P 39 12.10 -44.84 -10.26
CA GLN P 39 13.36 -44.50 -10.90
C GLN P 39 13.16 -43.33 -11.83
N SER P 40 13.98 -42.31 -11.65
CA SER P 40 14.06 -41.18 -12.56
C SER P 40 15.53 -40.96 -12.85
N PRO P 41 15.86 -40.30 -13.98
CA PRO P 41 17.28 -40.06 -14.28
C PRO P 41 17.96 -39.11 -13.29
N GLU P 42 17.20 -38.19 -12.69
CA GLU P 42 17.77 -37.21 -11.75
C GLU P 42 18.08 -37.83 -10.40
N LYS P 43 17.18 -38.68 -9.89
CA LYS P 43 17.23 -39.16 -8.50
C LYS P 43 17.50 -40.66 -8.32
N GLY P 44 17.65 -41.42 -9.41
CA GLY P 44 18.07 -42.83 -9.32
C GLY P 44 16.94 -43.69 -8.80
N LEU P 45 17.25 -44.63 -7.91
CA LEU P 45 16.22 -45.51 -7.37
C LEU P 45 15.77 -45.01 -6.02
N GLU P 46 14.51 -44.63 -5.92
CA GLU P 46 13.89 -44.22 -4.64
C GLU P 46 12.91 -45.28 -4.21
N TRP P 47 13.09 -45.82 -3.01
CA TRP P 47 12.04 -46.60 -2.38
C TRP P 47 10.92 -45.63 -2.05
N VAL P 48 9.69 -46.02 -2.34
CA VAL P 48 8.54 -45.15 -2.19
C VAL P 48 7.67 -45.57 -1.02
N ALA P 49 7.30 -46.84 -0.98
CA ALA P 49 6.39 -47.34 0.05
C ALA P 49 6.49 -48.85 0.22
N GLU P 50 6.26 -49.29 1.45
CA GLU P 50 6.24 -50.70 1.84
C GLU P 50 4.87 -51.04 2.38
N ILE P 51 4.40 -52.25 2.13
CA ILE P 51 3.32 -52.82 2.92
C ILE P 51 3.73 -54.23 3.32
N ARG P 52 3.55 -54.56 4.58
CA ARG P 52 4.00 -55.85 5.11
C ARG P 52 2.85 -56.88 5.09
N ASN P 53 3.15 -58.09 5.53
CA ASN P 53 2.19 -59.21 5.46
C ASN P 53 1.19 -59.14 6.60
N LYS P 54 0.21 -60.04 6.57
CA LYS P 54 -0.81 -60.15 7.62
C LYS P 54 -0.18 -60.34 9.02
N VAL P 55 0.91 -61.10 9.10
CA VAL P 55 1.59 -61.38 10.39
C VAL P 55 2.16 -60.10 11.02
N ASN P 56 2.53 -59.11 10.20
CA ASN P 56 2.97 -57.79 10.66
C ASN P 56 1.87 -56.72 10.49
N ASN P 57 0.60 -57.11 10.66
CA ASN P 57 -0.51 -56.16 10.73
C ASN P 57 -0.66 -55.26 9.50
N HIS P 58 -0.24 -55.74 8.33
CA HIS P 58 -0.24 -54.95 7.09
C HIS P 58 0.36 -53.57 7.31
N ALA P 59 1.51 -53.56 7.98
CA ALA P 59 2.17 -52.33 8.37
C ALA P 59 2.68 -51.64 7.14
N THR P 60 2.41 -50.35 7.02
CA THR P 60 2.91 -49.55 5.92
C THR P 60 4.05 -48.64 6.37
N ASN P 61 4.99 -48.39 5.46
CA ASN P 61 5.97 -47.32 5.63
C ASN P 61 6.09 -46.53 4.34
N TYR P 62 6.53 -45.29 4.44
CA TYR P 62 6.66 -44.43 3.28
C TYR P 62 7.94 -43.61 3.31
N ALA P 63 8.46 -43.32 2.13
CA ALA P 63 9.52 -42.34 1.99
C ALA P 63 9.00 -40.99 2.44
N GLU P 64 9.88 -40.19 3.02
CA GLU P 64 9.46 -38.91 3.57
C GLU P 64 8.87 -38.04 2.44
N SER P 65 9.47 -38.08 1.26
CA SER P 65 9.01 -37.24 0.13
C SER P 65 7.59 -37.53 -0.35
N VAL P 66 7.00 -38.67 0.02
CA VAL P 66 5.59 -38.95 -0.33
C VAL P 66 4.59 -39.05 0.84
N LYS P 67 5.06 -38.93 2.09
CA LYS P 67 4.18 -39.03 3.28
C LYS P 67 3.02 -38.06 3.17
N GLY P 68 1.82 -38.55 3.46
CA GLY P 68 0.61 -37.73 3.40
C GLY P 68 -0.03 -37.57 2.03
N ARG P 69 0.63 -38.07 0.99
CA ARG P 69 0.12 -37.99 -0.39
C ARG P 69 -0.16 -39.36 -1.03
N PHE P 70 0.66 -40.35 -0.68
CA PHE P 70 0.62 -41.68 -1.27
C PHE P 70 0.10 -42.68 -0.24
N THR P 71 -0.85 -43.52 -0.64
CA THR P 71 -1.34 -44.59 0.21
C THR P 71 -1.08 -45.92 -0.48
N ILE P 72 -0.38 -46.81 0.21
CA ILE P 72 -0.17 -48.17 -0.26
C ILE P 72 -1.16 -49.09 0.46
N SER P 73 -1.64 -50.10 -0.25
CA SER P 73 -2.58 -51.06 0.30
C SER P 73 -2.57 -52.30 -0.54
N ARG P 74 -3.23 -53.36 -0.07
CA ARG P 74 -3.21 -54.65 -0.73
C ARG P 74 -4.52 -55.40 -0.57
N ASP P 75 -4.83 -56.22 -1.55
CA ASP P 75 -6.00 -57.09 -1.53
C ASP P 75 -5.46 -58.52 -1.56
N ASP P 76 -5.26 -59.11 -0.39
CA ASP P 76 -4.69 -60.45 -0.30
C ASP P 76 -5.51 -61.49 -1.08
N SER P 77 -6.84 -61.31 -1.14
CA SER P 77 -7.70 -62.24 -1.89
C SER P 77 -7.53 -62.15 -3.43
N ARG P 78 -7.10 -61.01 -3.95
CA ARG P 78 -6.86 -60.84 -5.40
C ARG P 78 -5.37 -60.82 -5.82
N SER P 79 -4.45 -61.00 -4.87
CA SER P 79 -3.00 -60.89 -5.11
C SER P 79 -2.62 -59.56 -5.76
N VAL P 80 -3.15 -58.46 -5.21
CA VAL P 80 -2.91 -57.13 -5.78
C VAL P 80 -2.38 -56.16 -4.71
N VAL P 81 -1.38 -55.36 -5.10
CA VAL P 81 -0.93 -54.22 -4.33
C VAL P 81 -1.33 -52.97 -5.10
N TYR P 82 -1.90 -52.00 -4.40
CA TYR P 82 -2.25 -50.70 -4.97
C TYR P 82 -1.34 -49.61 -4.39
N LEU P 83 -1.14 -48.54 -5.18
CA LEU P 83 -0.51 -47.31 -4.70
C LEU P 83 -1.34 -46.10 -5.16
N GLN P 84 -2.17 -45.58 -4.25
CA GLN P 84 -2.90 -44.33 -4.47
C GLN P 84 -1.91 -43.20 -4.32
N MET P 85 -1.91 -42.26 -5.27
CA MET P 85 -1.03 -41.11 -5.24
C MET P 85 -1.89 -39.86 -5.44
N ASN P 86 -1.77 -38.89 -4.52
CA ASN P 86 -2.51 -37.65 -4.58
C ASN P 86 -1.60 -36.44 -4.56
N ASN P 87 -2.12 -35.31 -5.06
CA ASN P 87 -1.38 -34.07 -5.13
C ASN P 87 0.00 -34.31 -5.77
N LEU P 88 -0.04 -34.90 -6.97
CA LEU P 88 1.18 -35.28 -7.69
C LEU P 88 1.96 -34.08 -8.17
N LYS P 89 3.27 -34.23 -8.22
CA LYS P 89 4.20 -33.15 -8.52
C LYS P 89 5.08 -33.57 -9.66
N PRO P 90 5.69 -32.61 -10.39
CA PRO P 90 6.62 -32.97 -11.46
C PRO P 90 7.76 -33.91 -11.01
N GLU P 91 8.31 -33.69 -9.82
CA GLU P 91 9.36 -34.56 -9.27
C GLU P 91 8.91 -35.99 -8.93
N ASP P 92 7.60 -36.23 -8.84
CA ASP P 92 7.09 -37.60 -8.76
C ASP P 92 7.17 -38.35 -10.10
N THR P 93 7.60 -37.68 -11.17
CA THR P 93 7.74 -38.33 -12.47
C THR P 93 8.82 -39.37 -12.47
N GLY P 94 8.50 -40.54 -13.02
CA GLY P 94 9.46 -41.65 -13.09
C GLY P 94 8.81 -42.98 -13.46
N ILE P 95 9.64 -44.03 -13.45
CA ILE P 95 9.16 -45.39 -13.64
C ILE P 95 8.91 -45.98 -12.27
N TYR P 96 7.72 -46.52 -12.06
CA TYR P 96 7.32 -47.07 -10.78
C TYR P 96 7.30 -48.59 -10.89
N TYR P 97 8.23 -49.23 -10.20
CA TYR P 97 8.27 -50.68 -10.07
C TYR P 97 7.52 -51.12 -8.83
N CYS P 98 6.75 -52.19 -8.97
CA CYS P 98 6.19 -52.89 -7.83
C CYS P 98 7.09 -54.07 -7.58
N THR P 99 7.52 -54.25 -6.34
CA THR P 99 8.42 -55.34 -6.01
C THR P 99 7.79 -56.23 -4.95
N GLY P 100 8.18 -57.50 -4.98
CA GLY P 100 7.65 -58.52 -4.09
C GLY P 100 8.75 -59.19 -3.30
N LEU P 101 8.43 -59.56 -2.07
CA LEU P 101 9.39 -60.09 -1.10
C LEU P 101 10.52 -59.06 -0.93
N THR P 102 10.11 -57.92 -0.37
CA THR P 102 10.87 -56.65 -0.41
C THR P 102 11.36 -56.43 -1.86
N PHE P 103 12.62 -56.73 -2.16
CA PHE P 103 13.17 -56.47 -3.49
C PHE P 103 13.66 -57.71 -4.24
N ASP P 104 13.27 -58.91 -3.78
CA ASP P 104 13.69 -60.13 -4.46
C ASP P 104 13.22 -60.13 -5.92
N TYR P 105 11.96 -59.74 -6.14
CA TYR P 105 11.38 -59.71 -7.46
C TYR P 105 10.82 -58.36 -7.80
N TRP P 106 10.91 -57.98 -9.07
CA TRP P 106 10.52 -56.66 -9.55
C TRP P 106 9.70 -56.79 -10.81
N GLY P 107 8.68 -55.96 -10.94
CA GLY P 107 7.89 -55.90 -12.17
C GLY P 107 8.63 -55.11 -13.25
N GLN P 108 8.04 -55.11 -14.44
CA GLN P 108 8.63 -54.39 -15.57
C GLN P 108 8.71 -52.90 -15.35
N GLY P 109 7.73 -52.38 -14.63
CA GLY P 109 7.64 -50.96 -14.29
C GLY P 109 6.55 -50.32 -15.11
N THR P 110 5.96 -49.27 -14.58
CA THR P 110 4.93 -48.49 -15.28
C THR P 110 5.33 -47.02 -15.19
N THR P 111 5.14 -46.26 -16.26
CA THR P 111 5.65 -44.90 -16.31
C THR P 111 4.60 -43.89 -15.88
N LEU P 112 4.97 -43.04 -14.94
CA LEU P 112 4.12 -41.95 -14.48
C LEU P 112 4.79 -40.64 -14.84
N THR P 113 4.13 -39.85 -15.67
CA THR P 113 4.61 -38.52 -16.03
C THR P 113 3.65 -37.48 -15.46
N VAL P 114 4.20 -36.49 -14.74
CA VAL P 114 3.41 -35.44 -14.11
C VAL P 114 3.78 -34.12 -14.75
N SER P 115 2.86 -33.58 -15.55
CA SER P 115 3.14 -32.43 -16.41
C SER P 115 1.82 -31.88 -16.93
N SER P 116 1.69 -30.57 -17.01
CA SER P 116 0.50 -29.95 -17.59
C SER P 116 0.55 -29.91 -19.12
N ALA P 117 1.58 -30.52 -19.74
CA ALA P 117 1.56 -30.73 -21.19
C ALA P 117 0.51 -31.78 -21.55
N LYS P 118 -0.04 -31.65 -22.74
CA LYS P 118 -1.14 -32.53 -23.18
C LYS P 118 -0.55 -33.76 -23.81
N THR P 119 -1.34 -34.82 -23.89
CA THR P 119 -0.96 -36.04 -24.60
C THR P 119 -0.84 -35.74 -26.09
N THR P 120 0.13 -36.36 -26.75
CA THR P 120 0.39 -36.13 -28.16
C THR P 120 0.84 -37.40 -28.86
N ALA P 121 0.15 -37.78 -29.93
CA ALA P 121 0.49 -38.99 -30.66
C ALA P 121 1.75 -38.75 -31.49
N PRO P 122 2.63 -39.76 -31.60
CA PRO P 122 3.79 -39.61 -32.47
C PRO P 122 3.39 -39.68 -33.93
N SER P 123 4.13 -38.97 -34.77
CA SER P 123 4.13 -39.29 -36.20
C SER P 123 5.21 -40.36 -36.37
N VAL P 124 4.91 -41.38 -37.15
CA VAL P 124 5.83 -42.51 -37.37
C VAL P 124 6.26 -42.58 -38.83
N TYR P 125 7.52 -42.26 -39.07
CA TYR P 125 8.05 -42.14 -40.43
C TYR P 125 9.04 -43.29 -40.71
N PRO P 126 8.87 -43.99 -41.85
CA PRO P 126 9.84 -45.00 -42.26
C PRO P 126 11.06 -44.37 -42.93
N LEU P 127 12.24 -44.90 -42.63
CA LEU P 127 13.48 -44.41 -43.20
C LEU P 127 14.15 -45.50 -44.04
N ALA P 128 13.95 -45.41 -45.36
CA ALA P 128 14.63 -46.28 -46.32
C ALA P 128 15.94 -45.62 -46.75
N PRO P 129 16.91 -46.41 -47.26
CA PRO P 129 18.19 -45.80 -47.62
C PRO P 129 18.12 -44.89 -48.84
N VAL P 130 19.25 -44.23 -49.12
CA VAL P 130 19.28 -43.17 -50.14
C VAL P 130 18.99 -43.72 -51.54
N SER P 137 27.00 -55.49 -48.85
CA SER P 137 26.54 -56.84 -48.49
C SER P 137 25.66 -56.89 -47.21
N SER P 138 25.35 -55.73 -46.64
CA SER P 138 24.19 -55.59 -45.73
C SER P 138 23.57 -54.19 -45.89
N VAL P 139 22.38 -54.03 -45.36
CA VAL P 139 21.61 -52.79 -45.52
C VAL P 139 20.88 -52.42 -44.23
N THR P 140 20.90 -51.13 -43.93
CA THR P 140 20.29 -50.60 -42.73
C THR P 140 19.07 -49.78 -43.11
N LEU P 141 17.98 -50.04 -42.40
CA LEU P 141 16.73 -49.31 -42.52
C LEU P 141 16.46 -48.66 -41.18
N GLY P 142 15.55 -47.69 -41.18
CA GLY P 142 15.27 -46.92 -39.98
C GLY P 142 13.81 -46.65 -39.76
N CYS P 143 13.52 -46.17 -38.55
CA CYS P 143 12.19 -45.77 -38.18
C CYS P 143 12.29 -44.60 -37.22
N LEU P 144 11.61 -43.51 -37.57
CA LEU P 144 11.60 -42.31 -36.77
C LEU P 144 10.23 -42.17 -36.13
N VAL P 145 10.22 -41.95 -34.82
CA VAL P 145 8.99 -41.80 -34.05
C VAL P 145 9.04 -40.39 -33.43
N LYS P 146 8.44 -39.43 -34.14
CA LYS P 146 8.61 -38.02 -33.83
C LYS P 146 7.47 -37.41 -33.05
N GLY P 147 7.82 -36.67 -32.00
CA GLY P 147 6.91 -35.72 -31.36
C GLY P 147 5.75 -36.33 -30.60
N TYR P 148 6.08 -37.20 -29.65
CA TYR P 148 5.08 -37.80 -28.78
C TYR P 148 5.27 -37.35 -27.34
N PHE P 149 4.18 -37.41 -26.57
CA PHE P 149 4.23 -37.16 -25.15
C PHE P 149 3.03 -37.83 -24.50
N PRO P 150 3.19 -38.47 -23.35
CA PRO P 150 4.44 -38.69 -22.63
C PRO P 150 5.11 -39.98 -23.06
N GLU P 151 6.21 -40.35 -22.39
CA GLU P 151 6.77 -41.67 -22.57
C GLU P 151 5.85 -42.71 -21.92
N PRO P 152 5.90 -43.98 -22.34
CA PRO P 152 6.82 -44.51 -23.36
C PRO P 152 6.14 -44.79 -24.68
N VAL P 153 6.94 -45.14 -25.67
CA VAL P 153 6.49 -45.87 -26.86
C VAL P 153 7.16 -47.22 -26.83
N THR P 154 6.55 -48.19 -27.50
CA THR P 154 7.17 -49.48 -27.75
C THR P 154 7.37 -49.58 -29.25
N LEU P 155 8.54 -50.06 -29.67
CA LEU P 155 8.85 -50.23 -31.08
C LEU P 155 9.48 -51.59 -31.28
N THR P 156 8.94 -52.35 -32.21
CA THR P 156 9.51 -53.63 -32.61
C THR P 156 9.62 -53.63 -34.12
N TRP P 157 10.48 -54.50 -34.65
CA TRP P 157 10.58 -54.68 -36.10
C TRP P 157 10.02 -56.04 -36.50
N ASN P 158 9.24 -56.08 -37.59
CA ASN P 158 8.49 -57.28 -38.02
C ASN P 158 7.88 -58.05 -36.82
N SER P 159 7.24 -57.29 -35.94
CA SER P 159 6.53 -57.80 -34.76
C SER P 159 7.42 -58.60 -33.79
N GLY P 160 8.70 -58.24 -33.68
CA GLY P 160 9.65 -58.96 -32.84
C GLY P 160 10.62 -59.88 -33.57
N SER P 161 10.28 -60.32 -34.80
CA SER P 161 11.10 -61.32 -35.53
C SER P 161 12.56 -60.89 -35.74
N LEU P 162 12.80 -59.59 -35.88
CA LEU P 162 14.14 -59.03 -35.92
C LEU P 162 14.48 -58.44 -34.54
N SER P 163 15.29 -59.18 -33.78
CA SER P 163 15.85 -58.72 -32.52
C SER P 163 17.29 -58.37 -32.78
N SER P 164 18.03 -59.34 -33.32
CA SER P 164 19.39 -59.11 -33.79
C SER P 164 19.26 -58.11 -34.95
N GLY P 165 20.29 -57.31 -35.13
CA GLY P 165 20.29 -56.25 -36.15
C GLY P 165 19.67 -54.93 -35.73
N VAL P 166 18.88 -54.93 -34.65
CA VAL P 166 18.13 -53.75 -34.19
C VAL P 166 18.88 -52.93 -33.15
N HIS P 167 18.95 -51.62 -33.39
CA HIS P 167 19.35 -50.66 -32.37
C HIS P 167 18.20 -49.68 -32.24
N THR P 168 17.52 -49.70 -31.10
CA THR P 168 16.52 -48.70 -30.78
C THR P 168 17.15 -47.72 -29.80
N PHE P 169 17.08 -46.43 -30.15
CA PHE P 169 17.78 -45.38 -29.40
C PHE P 169 16.86 -44.73 -28.39
N PRO P 170 17.37 -44.45 -27.18
CA PRO P 170 16.54 -43.78 -26.19
C PRO P 170 15.96 -42.49 -26.74
N ALA P 171 14.74 -42.17 -26.31
CA ALA P 171 14.07 -40.97 -26.77
C ALA P 171 14.74 -39.72 -26.20
N LEU P 172 14.45 -38.58 -26.83
CA LEU P 172 14.96 -37.29 -26.36
C LEU P 172 13.92 -36.19 -26.52
N LEU P 173 13.98 -35.20 -25.62
CA LEU P 173 13.09 -34.06 -25.64
C LEU P 173 13.58 -32.98 -26.62
N LEU P 174 12.87 -32.80 -27.75
CA LEU P 174 13.06 -31.67 -28.67
C LEU P 174 11.75 -30.88 -28.64
N SER P 175 11.83 -29.59 -28.33
CA SER P 175 10.66 -28.67 -28.23
C SER P 175 9.50 -29.26 -27.40
N GLY P 176 9.84 -29.70 -26.19
CA GLY P 176 8.83 -30.25 -25.27
C GLY P 176 8.19 -31.59 -25.64
N LEU P 177 8.64 -32.22 -26.74
CA LEU P 177 8.08 -33.49 -27.21
C LEU P 177 9.19 -34.49 -27.45
N TYR P 178 8.87 -35.77 -27.24
CA TYR P 178 9.84 -36.83 -27.38
C TYR P 178 9.97 -37.28 -28.84
N THR P 179 11.21 -37.41 -29.29
CA THR P 179 11.54 -38.02 -30.58
C THR P 179 12.40 -39.26 -30.28
N LEU P 180 12.26 -40.27 -31.12
CA LEU P 180 12.95 -41.55 -30.93
C LEU P 180 13.22 -42.14 -32.28
N SER P 181 14.35 -42.80 -32.43
CA SER P 181 14.69 -43.46 -33.69
C SER P 181 15.01 -44.93 -33.46
N SER P 182 15.04 -45.71 -34.54
CA SER P 182 15.51 -47.09 -34.47
C SER P 182 16.02 -47.57 -35.80
N SER P 183 17.21 -48.17 -35.79
CA SER P 183 17.82 -48.76 -36.97
C SER P 183 17.62 -50.26 -36.93
N VAL P 184 17.59 -50.88 -38.10
CA VAL P 184 17.60 -52.34 -38.22
C VAL P 184 18.54 -52.69 -39.37
N THR P 185 19.38 -53.71 -39.17
CA THR P 185 20.36 -54.12 -40.18
C THR P 185 20.19 -55.58 -40.53
N VAL P 186 20.07 -55.85 -41.83
CA VAL P 186 19.91 -57.19 -42.36
C VAL P 186 20.78 -57.34 -43.59
N THR P 187 20.97 -58.57 -44.04
CA THR P 187 21.79 -58.85 -45.24
C THR P 187 20.98 -58.43 -46.48
N SER P 188 21.65 -57.86 -47.48
CA SER P 188 21.00 -57.27 -48.65
C SER P 188 20.20 -58.24 -49.56
N ASN P 189 20.24 -59.54 -49.29
CA ASN P 189 19.23 -60.48 -49.83
C ASN P 189 17.83 -60.15 -49.31
N THR P 190 17.73 -60.07 -47.97
CA THR P 190 16.45 -59.94 -47.25
C THR P 190 15.59 -58.76 -47.76
N TRP P 191 16.22 -57.62 -47.98
CA TRP P 191 15.52 -56.38 -48.37
C TRP P 191 16.10 -55.87 -49.72
N PRO P 192 15.26 -55.35 -50.63
CA PRO P 192 13.81 -55.12 -50.46
C PRO P 192 12.86 -56.31 -50.67
N SER P 193 13.39 -57.46 -51.10
CA SER P 193 12.55 -58.60 -51.50
C SER P 193 11.52 -59.05 -50.44
N GLN P 194 11.99 -59.34 -49.23
CA GLN P 194 11.11 -59.61 -48.09
C GLN P 194 10.78 -58.31 -47.37
N THR P 195 9.51 -58.13 -47.03
CA THR P 195 9.02 -56.86 -46.48
C THR P 195 9.42 -56.71 -45.01
N ILE P 196 9.94 -55.54 -44.66
CA ILE P 196 10.31 -55.23 -43.28
C ILE P 196 9.44 -54.07 -42.79
N THR P 197 8.89 -54.21 -41.60
CA THR P 197 7.86 -53.31 -41.08
C THR P 197 8.21 -52.87 -39.66
N CYS P 198 8.06 -51.58 -39.43
CA CYS P 198 8.32 -50.94 -38.15
C CYS P 198 7.00 -50.84 -37.38
N ASN P 199 6.92 -51.45 -36.19
CA ASN P 199 5.68 -51.44 -35.38
C ASN P 199 5.85 -50.54 -34.18
N VAL P 200 4.97 -49.53 -34.05
CA VAL P 200 5.07 -48.57 -32.94
C VAL P 200 3.73 -48.45 -32.24
N ALA P 201 3.74 -48.62 -30.92
CA ALA P 201 2.58 -48.33 -30.08
C ALA P 201 2.93 -47.21 -29.12
N HIS P 202 1.98 -46.32 -28.89
CA HIS P 202 2.08 -45.29 -27.87
C HIS P 202 0.86 -45.49 -26.98
N PRO P 203 1.01 -46.19 -25.84
CA PRO P 203 -0.20 -46.54 -25.07
C PRO P 203 -0.96 -45.30 -24.60
N ALA P 204 -0.22 -44.29 -24.11
CA ALA P 204 -0.82 -43.07 -23.57
C ALA P 204 -1.78 -42.33 -24.51
N SER P 205 -1.59 -42.46 -25.82
CA SER P 205 -2.48 -41.84 -26.81
C SER P 205 -3.33 -42.86 -27.59
N SER P 206 -3.30 -44.13 -27.17
CA SER P 206 -3.94 -45.25 -27.88
C SER P 206 -3.60 -45.27 -29.37
N THR P 207 -2.32 -45.17 -29.67
CA THR P 207 -1.81 -45.15 -31.04
C THR P 207 -1.09 -46.45 -31.28
N LYS P 208 -1.41 -47.14 -32.38
CA LYS P 208 -0.65 -48.28 -32.89
C LYS P 208 -0.45 -48.11 -34.38
N VAL P 209 0.80 -48.06 -34.82
CA VAL P 209 1.13 -47.86 -36.24
C VAL P 209 2.09 -48.95 -36.70
N ASP P 210 1.82 -49.55 -37.85
CA ASP P 210 2.76 -50.42 -38.56
C ASP P 210 3.15 -49.69 -39.84
N LYS P 211 4.43 -49.39 -40.03
CA LYS P 211 4.93 -48.70 -41.24
C LYS P 211 5.91 -49.55 -42.02
N LYS P 212 5.51 -49.94 -43.23
CA LYS P 212 6.34 -50.73 -44.11
C LYS P 212 7.46 -49.84 -44.67
N ILE P 213 8.68 -50.38 -44.73
CA ILE P 213 9.81 -49.65 -45.30
C ILE P 213 9.83 -49.95 -46.80
N GLU P 214 9.64 -48.90 -47.62
CA GLU P 214 9.58 -49.00 -49.07
C GLU P 214 10.83 -48.35 -49.67
N PRO P 215 11.46 -48.97 -50.69
CA PRO P 215 12.60 -48.26 -51.34
C PRO P 215 12.14 -46.98 -52.08
N ARG P 216 13.04 -46.02 -52.26
CA ARG P 216 12.67 -44.67 -52.76
C ARG P 216 12.72 -44.56 -54.30
N GLY P 217 11.58 -44.72 -54.96
CA GLY P 217 11.53 -44.74 -56.42
C GLY P 217 11.53 -43.33 -56.97
N PRO P 218 12.36 -43.05 -58.01
CA PRO P 218 12.24 -41.79 -58.78
C PRO P 218 11.25 -41.85 -59.96
N ASP Q 1 18.02 -41.26 7.54
CA ASP Q 1 18.39 -41.76 6.17
C ASP Q 1 19.83 -42.22 6.13
N ILE Q 2 20.03 -43.52 5.88
CA ILE Q 2 21.36 -44.06 5.65
C ILE Q 2 21.69 -43.83 4.18
N VAL Q 3 22.66 -42.95 3.92
CA VAL Q 3 23.04 -42.62 2.56
C VAL Q 3 24.12 -43.57 2.07
N LEU Q 4 23.92 -44.09 0.85
CA LEU Q 4 24.86 -44.97 0.19
C LEU Q 4 25.55 -44.23 -0.95
N THR Q 5 26.87 -44.30 -0.98
CA THR Q 5 27.69 -43.72 -2.02
C THR Q 5 28.50 -44.81 -2.67
N GLN Q 6 28.31 -45.00 -3.97
CA GLN Q 6 29.12 -45.93 -4.73
C GLN Q 6 30.30 -45.23 -5.38
N SER Q 7 31.31 -46.01 -5.71
CA SER Q 7 32.35 -45.55 -6.61
C SER Q 7 33.02 -46.78 -7.21
N PRO Q 8 33.56 -46.68 -8.43
CA PRO Q 8 33.51 -45.50 -9.25
C PRO Q 8 32.15 -45.35 -9.91
N ALA Q 9 32.00 -44.29 -10.70
CA ALA Q 9 30.76 -44.02 -11.41
C ALA Q 9 30.63 -44.92 -12.61
N SER Q 10 31.72 -45.01 -13.37
CA SER Q 10 31.83 -45.94 -14.48
C SER Q 10 33.22 -46.57 -14.43
N LEU Q 11 33.38 -47.63 -15.22
CA LEU Q 11 34.40 -48.63 -15.01
C LEU Q 11 34.46 -49.49 -16.27
N ALA Q 12 35.62 -49.67 -16.87
CA ALA Q 12 35.77 -50.52 -18.07
C ALA Q 12 36.73 -51.68 -17.89
N VAL Q 13 36.22 -52.90 -17.88
CA VAL Q 13 36.99 -54.12 -17.62
C VAL Q 13 37.07 -55.02 -18.83
N SER Q 14 38.27 -55.53 -19.14
CA SER Q 14 38.43 -56.49 -20.24
C SER Q 14 37.78 -57.82 -19.90
N LEU Q 15 37.47 -58.60 -20.93
CA LEU Q 15 36.81 -59.89 -20.74
C LEU Q 15 37.68 -60.81 -19.89
N GLY Q 16 37.09 -61.49 -18.93
CA GLY Q 16 37.81 -62.40 -18.05
C GLY Q 16 38.57 -61.78 -16.89
N GLN Q 17 38.48 -60.47 -16.72
CA GLN Q 17 39.23 -59.75 -15.70
C GLN Q 17 38.33 -59.42 -14.52
N ARG Q 18 38.92 -58.88 -13.46
CA ARG Q 18 38.20 -58.52 -12.24
C ARG Q 18 37.58 -57.14 -12.35
N ALA Q 19 36.31 -57.03 -11.93
CA ALA Q 19 35.65 -55.74 -11.75
C ALA Q 19 35.30 -55.59 -10.30
N THR Q 20 35.73 -54.48 -9.70
CA THR Q 20 35.46 -54.21 -8.29
C THR Q 20 34.75 -52.87 -8.16
N ILE Q 21 33.56 -52.91 -7.58
CA ILE Q 21 32.70 -51.74 -7.35
C ILE Q 21 32.52 -51.59 -5.84
N SER Q 22 32.60 -50.36 -5.35
CA SER Q 22 32.50 -50.08 -3.91
C SER Q 22 31.20 -49.41 -3.56
N CYS Q 23 30.81 -49.56 -2.28
CA CYS Q 23 29.65 -48.89 -1.71
C CYS Q 23 29.94 -48.51 -0.27
N ARG Q 24 29.91 -47.20 0.00
CA ARG Q 24 30.15 -46.64 1.32
C ARG Q 24 28.82 -46.17 1.90
N ALA Q 25 28.57 -46.55 3.15
CA ALA Q 25 27.34 -46.18 3.85
C ALA Q 25 27.63 -45.10 4.88
N SER Q 26 26.73 -44.13 4.99
CA SER Q 26 26.87 -43.02 5.95
C SER Q 26 26.93 -43.49 7.40
N GLU Q 27 26.29 -44.62 7.68
CA GLU Q 27 26.42 -45.29 8.98
C GLU Q 27 26.24 -46.80 8.85
N SER Q 28 26.61 -47.52 9.91
CA SER Q 28 26.67 -48.97 9.89
C SER Q 28 25.35 -49.61 9.52
N VAL Q 29 25.36 -50.50 8.52
CA VAL Q 29 24.18 -51.28 8.15
C VAL Q 29 24.18 -52.67 8.78
N ASP Q 30 25.12 -52.93 9.69
CA ASP Q 30 25.09 -54.13 10.53
C ASP Q 30 23.91 -54.08 11.46
N ASN Q 31 23.10 -55.13 11.41
CA ASN Q 31 22.05 -55.34 12.37
C ASN Q 31 22.20 -56.79 12.78
N TYR Q 32 22.51 -57.01 14.06
CA TYR Q 32 22.92 -58.32 14.58
C TYR Q 32 24.35 -58.60 14.02
N GLY Q 33 24.63 -59.85 13.64
CA GLY Q 33 25.88 -60.20 12.96
C GLY Q 33 25.83 -59.96 11.46
N ILE Q 34 24.63 -59.80 10.91
CA ILE Q 34 24.39 -59.66 9.46
C ILE Q 34 24.53 -58.19 8.99
N SER Q 35 25.33 -57.98 7.95
CA SER Q 35 25.40 -56.69 7.27
C SER Q 35 24.27 -56.66 6.25
N SER Q 36 23.28 -55.80 6.48
CA SER Q 36 22.10 -55.71 5.61
C SER Q 36 22.35 -54.86 4.36
N MET Q 37 23.15 -55.41 3.46
CA MET Q 37 23.58 -54.73 2.25
C MET Q 37 23.32 -55.65 1.07
N ASN Q 38 22.56 -55.18 0.10
CA ASN Q 38 22.24 -55.97 -1.10
C ASN Q 38 22.83 -55.31 -2.33
N TRP Q 39 22.92 -56.08 -3.42
CA TRP Q 39 23.40 -55.56 -4.70
C TRP Q 39 22.45 -55.96 -5.81
N PHE Q 40 22.23 -55.03 -6.74
CA PHE Q 40 21.34 -55.25 -7.87
C PHE Q 40 22.07 -54.94 -9.15
N GLN Q 41 21.61 -55.59 -10.23
CA GLN Q 41 22.11 -55.36 -11.57
C GLN Q 41 20.96 -54.85 -12.40
N GLN Q 42 21.18 -53.76 -13.12
CA GLN Q 42 20.17 -53.25 -14.04
C GLN Q 42 20.80 -53.18 -15.42
N LYS Q 43 20.35 -54.07 -16.31
CA LYS Q 43 20.65 -53.98 -17.72
C LYS Q 43 19.68 -53.00 -18.31
N ALA Q 44 20.03 -52.45 -19.47
CA ALA Q 44 19.24 -51.37 -20.08
C ALA Q 44 17.82 -51.81 -20.40
N GLY Q 45 16.87 -50.91 -20.16
CA GLY Q 45 15.47 -51.17 -20.48
C GLY Q 45 14.78 -52.19 -19.59
N GLN Q 46 15.39 -52.56 -18.47
CA GLN Q 46 14.90 -53.61 -17.61
C GLN Q 46 14.87 -53.16 -16.15
N PRO Q 47 14.09 -53.86 -15.32
CA PRO Q 47 14.18 -53.57 -13.90
C PRO Q 47 15.51 -54.03 -13.30
N PRO Q 48 15.78 -53.61 -12.08
CA PRO Q 48 16.94 -54.15 -11.37
C PRO Q 48 16.73 -55.62 -11.03
N LYS Q 49 17.78 -56.41 -11.17
CA LYS Q 49 17.73 -57.82 -10.84
C LYS Q 49 18.55 -58.05 -9.58
N PHE Q 50 17.95 -58.76 -8.63
CA PHE Q 50 18.57 -59.03 -7.35
C PHE Q 50 19.73 -60.03 -7.53
N LEU Q 51 20.90 -59.70 -6.96
CA LEU Q 51 22.11 -60.50 -7.09
C LEU Q 51 22.59 -61.04 -5.77
N ILE Q 52 22.89 -60.12 -4.85
CA ILE Q 52 23.56 -60.43 -3.60
C ILE Q 52 22.76 -59.84 -2.45
N TYR Q 53 22.62 -60.62 -1.38
CA TYR Q 53 22.00 -60.16 -0.13
C TYR Q 53 22.99 -60.37 1.02
N ALA Q 54 22.73 -59.73 2.15
CA ALA Q 54 23.60 -59.87 3.32
C ALA Q 54 25.09 -59.68 2.98
N ALA Q 55 25.38 -58.67 2.17
CA ALA Q 55 26.76 -58.28 1.80
C ALA Q 55 27.50 -59.25 0.87
N SER Q 56 27.47 -60.54 1.20
CA SER Q 56 28.23 -61.58 0.49
C SER Q 56 27.45 -62.82 -0.01
N LYS Q 57 26.22 -63.03 0.46
CA LYS Q 57 25.42 -64.21 0.05
C LYS Q 57 24.67 -63.98 -1.27
N GLN Q 58 24.61 -65.01 -2.11
CA GLN Q 58 24.10 -64.89 -3.47
C GLN Q 58 22.66 -65.37 -3.64
N GLY Q 59 21.86 -64.64 -4.42
CA GLY Q 59 20.48 -65.02 -4.72
C GLY Q 59 20.39 -66.25 -5.60
N SER Q 60 19.19 -66.80 -5.75
CA SER Q 60 18.99 -68.06 -6.51
C SER Q 60 19.44 -67.97 -7.96
N GLY Q 61 20.26 -68.94 -8.37
CA GLY Q 61 20.80 -69.00 -9.74
C GLY Q 61 21.67 -67.84 -10.18
N VAL Q 62 22.28 -67.14 -9.22
CA VAL Q 62 23.20 -66.04 -9.51
C VAL Q 62 24.59 -66.65 -9.64
N PRO Q 63 25.24 -66.51 -10.83
CA PRO Q 63 26.53 -67.15 -11.09
C PRO Q 63 27.61 -66.97 -10.02
N ALA Q 64 28.48 -67.97 -9.87
CA ALA Q 64 29.58 -67.97 -8.88
C ALA Q 64 30.47 -66.72 -8.94
N ARG Q 65 30.67 -66.21 -10.15
CA ARG Q 65 31.53 -65.06 -10.44
C ARG Q 65 31.10 -63.74 -9.77
N PHE Q 66 29.80 -63.55 -9.57
CA PHE Q 66 29.31 -62.43 -8.77
C PHE Q 66 29.46 -62.78 -7.29
N SER Q 67 30.15 -61.94 -6.54
CA SER Q 67 30.32 -62.16 -5.10
C SER Q 67 30.67 -60.85 -4.43
N GLY Q 68 30.07 -60.63 -3.26
CA GLY Q 68 30.27 -59.39 -2.51
C GLY Q 68 31.02 -59.64 -1.23
N SER Q 69 31.41 -58.54 -0.60
CA SER Q 69 32.20 -58.60 0.63
C SER Q 69 32.05 -57.30 1.40
N GLY Q 70 32.66 -57.27 2.58
CA GLY Q 70 32.65 -56.11 3.45
C GLY Q 70 31.65 -56.25 4.58
N SER Q 71 31.81 -55.40 5.59
CA SER Q 71 30.89 -55.30 6.72
C SER Q 71 30.84 -53.85 7.20
N GLY Q 72 29.87 -53.55 8.06
CA GLY Q 72 29.76 -52.24 8.69
C GLY Q 72 29.31 -51.14 7.74
N THR Q 73 30.27 -50.34 7.29
CA THR Q 73 30.01 -49.21 6.38
C THR Q 73 30.62 -49.36 5.00
N ASP Q 74 31.57 -50.28 4.80
CA ASP Q 74 32.28 -50.42 3.52
C ASP Q 74 32.00 -51.77 2.89
N PHE Q 75 31.67 -51.77 1.61
CA PHE Q 75 31.23 -52.96 0.89
C PHE Q 75 31.74 -52.97 -0.53
N SER Q 76 31.97 -54.16 -1.06
CA SER Q 76 32.37 -54.33 -2.45
C SER Q 76 31.49 -55.35 -3.14
N LEU Q 77 31.47 -55.23 -4.46
CA LEU Q 77 30.88 -56.21 -5.35
C LEU Q 77 31.96 -56.58 -6.35
N ILE Q 78 32.33 -57.85 -6.40
CA ILE Q 78 33.33 -58.31 -7.34
C ILE Q 78 32.67 -59.15 -8.40
N ILE Q 79 33.01 -58.86 -9.65
CA ILE Q 79 32.62 -59.65 -10.79
C ILE Q 79 33.92 -60.15 -11.41
N HIS Q 80 34.11 -61.47 -11.45
CA HIS Q 80 35.37 -62.06 -11.89
C HIS Q 80 35.17 -63.57 -12.09
N PRO Q 81 35.30 -64.08 -13.31
CA PRO Q 81 35.65 -63.36 -14.54
C PRO Q 81 34.47 -62.61 -15.16
N VAL Q 82 34.71 -61.38 -15.60
CA VAL Q 82 33.71 -60.58 -16.30
C VAL Q 82 33.38 -61.16 -17.69
N GLU Q 83 32.11 -61.07 -18.08
CA GLU Q 83 31.62 -61.57 -19.37
C GLU Q 83 30.85 -60.50 -20.13
N GLU Q 84 30.58 -60.75 -21.41
CA GLU Q 84 29.94 -59.73 -22.26
C GLU Q 84 28.61 -59.24 -21.71
N ASP Q 85 27.85 -60.19 -21.17
CA ASP Q 85 26.50 -59.94 -20.66
C ASP Q 85 26.49 -59.22 -19.31
N ASP Q 86 27.64 -59.07 -18.66
CA ASP Q 86 27.72 -58.32 -17.39
C ASP Q 86 27.67 -56.81 -17.54
N THR Q 87 27.65 -56.30 -18.78
CA THR Q 87 27.44 -54.87 -18.99
C THR Q 87 26.07 -54.48 -18.46
N ALA Q 88 26.08 -53.50 -17.57
CA ALA Q 88 24.95 -53.17 -16.73
C ALA Q 88 25.33 -52.04 -15.80
N VAL Q 89 24.32 -51.51 -15.10
CA VAL Q 89 24.56 -50.66 -13.95
C VAL Q 89 24.32 -51.49 -12.69
N TYR Q 90 25.17 -51.32 -11.69
CA TYR Q 90 25.07 -52.08 -10.45
C TYR Q 90 24.77 -51.14 -9.30
N PHE Q 91 23.70 -51.44 -8.57
CA PHE Q 91 23.28 -50.64 -7.43
C PHE Q 91 23.51 -51.40 -6.15
N CYS Q 92 24.12 -50.75 -5.17
CA CYS Q 92 24.09 -51.26 -3.81
C CYS Q 92 22.82 -50.72 -3.15
N GLN Q 93 22.41 -51.37 -2.07
CA GLN Q 93 21.12 -51.07 -1.43
C GLN Q 93 21.08 -51.60 0.00
N GLN Q 94 20.52 -50.79 0.90
CA GLN Q 94 20.62 -50.99 2.33
C GLN Q 94 19.24 -51.32 2.85
N SER Q 95 19.11 -52.42 3.59
CA SER Q 95 17.82 -52.83 4.17
C SER Q 95 17.81 -52.81 5.69
N LYS Q 96 18.75 -52.09 6.31
CA LYS Q 96 18.89 -52.09 7.76
C LYS Q 96 17.66 -51.54 8.45
N GLY Q 97 17.17 -50.41 7.95
CA GLY Q 97 15.93 -49.85 8.42
C GLY Q 97 15.29 -48.95 7.38
N VAL Q 98 14.01 -48.66 7.59
CA VAL Q 98 13.28 -47.68 6.79
C VAL Q 98 13.85 -46.28 7.06
N PRO Q 99 14.03 -45.43 6.04
CA PRO Q 99 13.78 -45.73 4.62
C PRO Q 99 14.86 -46.59 3.98
N TYR Q 100 14.43 -47.49 3.09
CA TYR Q 100 15.34 -48.27 2.30
C TYR Q 100 15.94 -47.31 1.28
N THR Q 101 17.24 -47.40 1.08
CA THR Q 101 17.94 -46.46 0.21
C THR Q 101 18.86 -47.22 -0.72
N PHE Q 102 19.01 -46.70 -1.94
CA PHE Q 102 19.93 -47.27 -2.92
C PHE Q 102 21.13 -46.35 -3.14
N GLY Q 103 22.15 -46.88 -3.78
CA GLY Q 103 23.29 -46.10 -4.19
C GLY Q 103 23.00 -45.40 -5.51
N GLY Q 104 23.97 -44.58 -5.94
CA GLY Q 104 23.86 -43.82 -7.18
C GLY Q 104 23.93 -44.68 -8.41
N GLY Q 105 24.62 -45.82 -8.30
CA GLY Q 105 24.77 -46.76 -9.41
C GLY Q 105 26.17 -46.66 -9.98
N THR Q 106 26.66 -47.77 -10.53
CA THR Q 106 27.97 -47.82 -11.18
C THR Q 106 27.81 -48.57 -12.50
N LYS Q 107 28.15 -47.94 -13.62
CA LYS Q 107 28.11 -48.62 -14.91
C LYS Q 107 29.37 -49.43 -15.09
N LEU Q 108 29.20 -50.72 -15.40
CA LEU Q 108 30.30 -51.59 -15.79
C LEU Q 108 30.25 -51.68 -17.30
N GLU Q 109 31.28 -51.18 -17.95
CA GLU Q 109 31.48 -51.34 -19.39
C GLU Q 109 32.42 -52.51 -19.58
N ILE Q 110 32.22 -53.27 -20.64
CA ILE Q 110 33.12 -54.35 -21.04
C ILE Q 110 34.10 -53.82 -22.08
N LYS Q 111 35.39 -53.80 -21.74
CA LYS Q 111 36.42 -53.50 -22.73
C LYS Q 111 36.43 -54.57 -23.80
N ARG Q 112 36.58 -54.09 -25.03
CA ARG Q 112 36.77 -54.97 -26.18
C ARG Q 112 37.66 -54.21 -27.15
N ALA Q 113 38.01 -54.86 -28.25
CA ALA Q 113 38.79 -54.21 -29.29
C ALA Q 113 38.04 -53.02 -29.89
N ASP Q 114 38.79 -52.06 -30.41
CA ASP Q 114 38.19 -50.87 -31.01
C ASP Q 114 37.39 -51.26 -32.23
N ALA Q 115 36.37 -50.47 -32.56
CA ALA Q 115 35.49 -50.78 -33.67
C ALA Q 115 34.99 -49.50 -34.31
N ALA Q 116 35.18 -49.36 -35.62
CA ALA Q 116 34.70 -48.20 -36.34
C ALA Q 116 33.18 -48.31 -36.52
N PRO Q 117 32.47 -47.16 -36.51
CA PRO Q 117 31.04 -47.21 -36.75
C PRO Q 117 30.71 -47.47 -38.21
N THR Q 118 29.63 -48.22 -38.45
CA THR Q 118 29.04 -48.31 -39.79
C THR Q 118 28.00 -47.18 -39.85
N VAL Q 119 28.28 -46.16 -40.66
CA VAL Q 119 27.48 -44.95 -40.69
C VAL Q 119 26.53 -44.97 -41.88
N SER Q 120 25.27 -44.64 -41.60
CA SER Q 120 24.20 -44.67 -42.59
C SER Q 120 23.48 -43.33 -42.49
N ILE Q 121 23.31 -42.63 -43.61
CA ILE Q 121 22.51 -41.40 -43.61
C ILE Q 121 21.15 -41.65 -44.26
N PHE Q 122 20.14 -40.96 -43.74
CA PHE Q 122 18.77 -41.12 -44.20
C PHE Q 122 18.13 -39.77 -44.40
N PRO Q 123 17.66 -39.47 -45.63
CA PRO Q 123 16.86 -38.27 -45.79
C PRO Q 123 15.52 -38.37 -45.07
N PRO Q 124 14.73 -37.29 -45.14
CA PRO Q 124 13.37 -37.35 -44.63
C PRO Q 124 12.50 -38.32 -45.45
N SER Q 125 11.52 -38.94 -44.79
CA SER Q 125 10.55 -39.79 -45.46
C SER Q 125 9.59 -38.97 -46.32
N SER Q 126 8.97 -39.59 -47.32
CA SER Q 126 7.92 -38.89 -48.10
C SER Q 126 6.78 -38.41 -47.18
N GLU Q 127 6.43 -39.27 -46.22
CA GLU Q 127 5.41 -39.03 -45.20
C GLU Q 127 5.68 -37.75 -44.41
N GLN Q 128 6.92 -37.57 -43.96
CA GLN Q 128 7.29 -36.44 -43.09
C GLN Q 128 7.31 -35.13 -43.87
N LEU Q 129 7.75 -35.16 -45.12
CA LEU Q 129 7.76 -33.95 -45.94
C LEU Q 129 6.34 -33.41 -46.07
N THR Q 130 5.40 -34.28 -46.46
CA THR Q 130 3.99 -33.87 -46.58
C THR Q 130 3.32 -33.51 -45.23
N SER Q 131 3.86 -33.94 -44.10
CA SER Q 131 3.43 -33.43 -42.78
C SER Q 131 3.79 -31.95 -42.58
N GLY Q 132 4.98 -31.55 -43.01
CA GLY Q 132 5.48 -30.18 -42.81
C GLY Q 132 6.87 -30.08 -42.21
N GLY Q 133 7.37 -31.16 -41.61
CA GLY Q 133 8.73 -31.22 -41.07
C GLY Q 133 9.71 -31.90 -42.00
N ALA Q 134 10.97 -31.96 -41.58
CA ALA Q 134 12.03 -32.66 -42.30
C ALA Q 134 13.17 -33.04 -41.36
N SER Q 135 13.36 -34.35 -41.15
CA SER Q 135 14.39 -34.83 -40.23
C SER Q 135 15.37 -35.70 -41.00
N VAL Q 136 16.64 -35.32 -40.92
CA VAL Q 136 17.72 -36.08 -41.48
C VAL Q 136 18.35 -36.86 -40.34
N VAL Q 137 18.46 -38.17 -40.52
CA VAL Q 137 18.92 -39.06 -39.47
C VAL Q 137 20.21 -39.74 -39.94
N CYS Q 138 21.10 -39.96 -38.98
CA CYS Q 138 22.38 -40.57 -39.24
C CYS Q 138 22.66 -41.58 -38.14
N PHE Q 139 22.59 -42.87 -38.48
CA PHE Q 139 22.94 -43.91 -37.52
C PHE Q 139 24.42 -44.20 -37.62
N LEU Q 140 25.07 -44.27 -36.45
CA LEU Q 140 26.45 -44.71 -36.35
C LEU Q 140 26.37 -45.96 -35.49
N ASN Q 141 26.57 -47.13 -36.10
CA ASN Q 141 26.27 -48.39 -35.44
C ASN Q 141 27.50 -49.26 -35.17
N ASN Q 142 27.46 -49.91 -34.02
CA ASN Q 142 28.41 -50.95 -33.64
C ASN Q 142 29.87 -50.47 -33.58
N PHE Q 143 30.14 -49.59 -32.62
CA PHE Q 143 31.46 -49.02 -32.44
C PHE Q 143 31.92 -49.10 -30.99
N TYR Q 144 33.22 -48.92 -30.78
CA TYR Q 144 33.82 -48.92 -29.48
C TYR Q 144 35.17 -48.20 -29.56
N PRO Q 145 35.54 -47.37 -28.60
CA PRO Q 145 34.77 -47.05 -27.38
C PRO Q 145 33.57 -46.11 -27.59
N LYS Q 146 32.90 -45.75 -26.51
CA LYS Q 146 31.67 -44.96 -26.55
C LYS Q 146 31.84 -43.55 -27.11
N ASP Q 147 33.00 -42.92 -26.87
CA ASP Q 147 33.28 -41.56 -27.38
C ASP Q 147 33.13 -41.44 -28.87
N ILE Q 148 32.33 -40.48 -29.32
CA ILE Q 148 32.23 -40.17 -30.74
C ILE Q 148 31.76 -38.73 -30.94
N ASN Q 149 32.06 -38.16 -32.09
CA ASN Q 149 31.72 -36.76 -32.36
C ASN Q 149 31.08 -36.68 -33.73
N VAL Q 150 29.89 -36.12 -33.78
CA VAL Q 150 29.14 -36.00 -35.00
C VAL Q 150 29.02 -34.53 -35.33
N LYS Q 151 29.31 -34.20 -36.59
CA LYS Q 151 29.14 -32.87 -37.11
C LYS Q 151 28.15 -32.98 -38.27
N TRP Q 152 27.15 -32.10 -38.29
CA TRP Q 152 26.26 -31.98 -39.45
C TRP Q 152 26.70 -30.80 -40.30
N LYS Q 153 26.71 -31.01 -41.61
CA LYS Q 153 26.94 -29.93 -42.58
C LYS Q 153 25.71 -29.83 -43.50
N ILE Q 154 25.34 -28.59 -43.86
CA ILE Q 154 24.33 -28.32 -44.88
C ILE Q 154 24.98 -27.43 -45.93
N ASP Q 155 25.14 -27.94 -47.15
CA ASP Q 155 25.94 -27.28 -48.18
C ASP Q 155 27.31 -26.90 -47.64
N GLY Q 156 27.94 -27.82 -46.90
CA GLY Q 156 29.25 -27.59 -46.30
C GLY Q 156 29.34 -26.65 -45.11
N SER Q 157 28.22 -26.02 -44.72
CA SER Q 157 28.15 -25.13 -43.54
C SER Q 157 27.71 -25.92 -42.31
N GLU Q 158 28.46 -25.80 -41.23
CA GLU Q 158 28.21 -26.57 -40.02
C GLU Q 158 26.91 -26.14 -39.35
N ARG Q 159 26.23 -27.08 -38.70
CA ARG Q 159 24.98 -26.81 -37.99
C ARG Q 159 24.96 -27.53 -36.65
N GLN Q 160 24.53 -26.80 -35.61
CA GLN Q 160 24.36 -27.36 -34.25
C GLN Q 160 22.91 -27.33 -33.72
N ASN Q 161 22.01 -26.57 -34.34
CA ASN Q 161 20.65 -26.35 -33.83
C ASN Q 161 19.71 -27.45 -34.34
N GLY Q 162 18.91 -28.03 -33.44
CA GLY Q 162 17.97 -29.10 -33.77
C GLY Q 162 18.54 -30.52 -33.72
N VAL Q 163 19.82 -30.63 -33.38
CA VAL Q 163 20.56 -31.89 -33.41
C VAL Q 163 20.24 -32.69 -32.15
N LEU Q 164 19.82 -33.95 -32.32
CA LEU Q 164 19.56 -34.84 -31.21
C LEU Q 164 20.47 -36.04 -31.33
N ASN Q 165 21.21 -36.32 -30.26
CA ASN Q 165 22.20 -37.36 -30.25
C ASN Q 165 21.90 -38.35 -29.14
N SER Q 166 21.45 -39.54 -29.51
CA SER Q 166 21.08 -40.57 -28.54
C SER Q 166 22.02 -41.76 -28.70
N TRP Q 167 22.74 -42.10 -27.63
CA TRP Q 167 23.53 -43.35 -27.57
C TRP Q 167 22.67 -44.46 -27.02
N THR Q 168 22.91 -45.68 -27.49
CA THR Q 168 22.39 -46.86 -26.82
C THR Q 168 23.26 -47.17 -25.61
N ASP Q 169 22.81 -48.14 -24.82
CA ASP Q 169 23.69 -48.77 -23.83
C ASP Q 169 24.60 -49.74 -24.56
N GLN Q 170 25.61 -50.25 -23.87
CA GLN Q 170 26.49 -51.23 -24.44
C GLN Q 170 25.72 -52.50 -24.75
N ASP Q 171 26.07 -53.14 -25.87
CA ASP Q 171 25.43 -54.36 -26.31
C ASP Q 171 25.87 -55.55 -25.42
N SER Q 172 24.90 -56.39 -25.06
CA SER Q 172 25.16 -57.52 -24.18
C SER Q 172 25.86 -58.69 -24.89
N LYS Q 173 25.91 -58.68 -26.22
CA LYS Q 173 26.58 -59.74 -26.98
C LYS Q 173 27.92 -59.31 -27.59
N ASP Q 174 27.96 -58.20 -28.34
CA ASP Q 174 29.21 -57.77 -29.00
C ASP Q 174 29.91 -56.56 -28.35
N SER Q 175 29.41 -56.14 -27.18
CA SER Q 175 30.03 -55.09 -26.38
C SER Q 175 30.26 -53.75 -27.11
N THR Q 176 29.50 -53.50 -28.17
CA THR Q 176 29.62 -52.27 -28.93
C THR Q 176 28.55 -51.29 -28.48
N TYR Q 177 28.73 -50.04 -28.89
CA TYR Q 177 27.72 -49.02 -28.74
C TYR Q 177 27.26 -48.65 -30.13
N SER Q 178 26.10 -48.01 -30.17
CA SER Q 178 25.55 -47.48 -31.40
C SER Q 178 24.91 -46.15 -31.03
N MET Q 179 24.73 -45.29 -32.02
CA MET Q 179 24.32 -43.93 -31.72
C MET Q 179 23.63 -43.29 -32.91
N SER Q 180 22.58 -42.51 -32.61
CA SER Q 180 21.73 -41.89 -33.61
C SER Q 180 21.81 -40.38 -33.48
N SER Q 181 22.13 -39.72 -34.59
CA SER Q 181 22.13 -38.26 -34.66
C SER Q 181 20.99 -37.83 -35.58
N THR Q 182 20.28 -36.78 -35.21
CA THR Q 182 19.04 -36.38 -35.89
C THR Q 182 18.93 -34.87 -36.04
N LEU Q 183 19.25 -34.37 -37.24
CA LEU Q 183 19.05 -32.95 -37.57
C LEU Q 183 17.60 -32.70 -37.99
N THR Q 184 16.91 -31.79 -37.29
CA THR Q 184 15.49 -31.55 -37.52
C THR Q 184 15.35 -30.12 -38.08
N LEU Q 185 14.60 -29.98 -39.18
CA LEU Q 185 14.42 -28.69 -39.85
C LEU Q 185 12.97 -28.51 -40.29
N THR Q 186 12.61 -27.26 -40.57
CA THR Q 186 11.34 -26.97 -41.22
C THR Q 186 11.42 -27.46 -42.65
N LYS Q 187 10.33 -27.95 -43.23
CA LYS Q 187 10.34 -28.42 -44.65
C LYS Q 187 10.83 -27.31 -45.60
N ASP Q 188 10.32 -26.11 -45.40
CA ASP Q 188 10.78 -24.89 -46.07
C ASP Q 188 12.29 -24.79 -46.16
N GLU Q 189 12.96 -24.95 -45.02
CA GLU Q 189 14.42 -24.80 -44.92
C GLU Q 189 15.18 -26.02 -45.45
N TYR Q 190 14.59 -27.21 -45.34
CA TYR Q 190 15.19 -28.41 -45.95
C TYR Q 190 15.33 -28.25 -47.47
N GLU Q 191 14.32 -27.65 -48.10
CA GLU Q 191 14.30 -27.49 -49.56
C GLU Q 191 15.08 -26.26 -50.08
N ARG Q 192 15.54 -25.39 -49.18
CA ARG Q 192 16.42 -24.28 -49.54
C ARG Q 192 17.87 -24.69 -49.77
N HIS Q 193 18.31 -25.80 -49.18
CA HIS Q 193 19.68 -26.27 -49.36
C HIS Q 193 19.66 -27.62 -50.08
N ASN Q 194 20.78 -27.97 -50.69
CA ASN Q 194 20.90 -29.20 -51.49
C ASN Q 194 21.63 -30.34 -50.75
N SER Q 195 22.85 -30.07 -50.31
CA SER Q 195 23.79 -31.12 -49.84
C SER Q 195 23.75 -31.31 -48.31
N TYR Q 196 23.39 -32.52 -47.86
CA TYR Q 196 23.33 -32.85 -46.43
C TYR Q 196 24.37 -33.91 -46.07
N THR Q 197 25.24 -33.58 -45.12
CA THR Q 197 26.42 -34.37 -44.79
C THR Q 197 26.45 -34.68 -43.30
N CYS Q 198 27.17 -35.74 -42.93
CA CYS Q 198 27.18 -36.23 -41.57
C CYS Q 198 28.58 -36.74 -41.21
N GLU Q 199 29.46 -35.83 -40.77
CA GLU Q 199 30.84 -36.18 -40.41
C GLU Q 199 30.89 -36.80 -39.02
N ALA Q 200 31.71 -37.83 -38.86
CA ALA Q 200 31.82 -38.57 -37.60
C ALA Q 200 33.26 -38.89 -37.28
N THR Q 201 33.82 -38.18 -36.30
CA THR Q 201 35.17 -38.44 -35.81
C THR Q 201 35.12 -39.44 -34.66
N HIS Q 202 35.93 -40.47 -34.77
CA HIS Q 202 36.04 -41.52 -33.77
C HIS Q 202 37.52 -41.80 -33.49
N LYS Q 203 37.80 -42.42 -32.35
CA LYS Q 203 39.13 -42.87 -31.99
C LYS Q 203 39.80 -43.70 -33.09
N THR Q 204 39.00 -44.54 -33.75
CA THR Q 204 39.47 -45.46 -34.79
C THR Q 204 40.12 -44.75 -35.97
N SER Q 205 39.40 -43.83 -36.58
CA SER Q 205 39.84 -43.16 -37.80
C SER Q 205 40.36 -41.77 -37.51
N THR Q 206 41.59 -41.49 -37.97
CA THR Q 206 42.19 -40.15 -37.85
C THR Q 206 41.31 -39.13 -38.58
N SER Q 207 41.09 -39.36 -39.87
CA SER Q 207 40.21 -38.51 -40.68
C SER Q 207 38.77 -38.99 -40.48
N PRO Q 208 37.79 -38.07 -40.57
CA PRO Q 208 36.42 -38.40 -40.19
C PRO Q 208 35.69 -39.25 -41.20
N ILE Q 209 34.75 -40.07 -40.72
CA ILE Q 209 33.87 -40.87 -41.57
C ILE Q 209 32.73 -39.97 -42.04
N VAL Q 210 32.69 -39.68 -43.33
CA VAL Q 210 31.66 -38.83 -43.94
C VAL Q 210 30.60 -39.71 -44.62
N LYS Q 211 29.34 -39.35 -44.45
CA LYS Q 211 28.25 -39.89 -45.29
C LYS Q 211 27.35 -38.75 -45.68
N SER Q 212 26.90 -38.76 -46.93
CA SER Q 212 26.36 -37.57 -47.56
C SER Q 212 25.33 -37.89 -48.62
N PHE Q 213 24.36 -37.01 -48.80
CA PHE Q 213 23.48 -37.04 -49.98
C PHE Q 213 23.16 -35.63 -50.48
N ASN Q 214 22.67 -35.56 -51.72
CA ASN Q 214 22.10 -34.34 -52.28
C ASN Q 214 20.65 -34.65 -52.66
N ARG Q 215 19.75 -33.68 -52.51
CA ARG Q 215 18.30 -33.91 -52.71
C ARG Q 215 17.88 -34.34 -54.12
N ASN Q 216 18.62 -33.91 -55.13
CA ASN Q 216 18.36 -34.29 -56.53
C ASN Q 216 19.21 -35.51 -56.94
N GLU Q 217 18.91 -36.66 -56.38
CA GLU Q 217 19.23 -38.03 -57.02
C GLU Q 217 19.94 -38.99 -56.07
N ALA R 14 8.56 -64.88 2.80
CA ALA R 14 7.65 -63.75 3.19
C ALA R 14 8.33 -62.37 3.05
N ARG R 15 9.29 -62.15 3.92
CA ARG R 15 10.08 -60.91 4.00
C ARG R 15 10.97 -60.67 2.77
N GLY R 16 11.48 -61.76 2.21
CA GLY R 16 12.49 -61.69 1.18
C GLY R 16 13.85 -61.84 1.80
N LEU R 17 14.80 -62.16 0.93
CA LEU R 17 16.22 -62.27 1.28
C LEU R 17 16.80 -60.87 1.42
N THR R 18 16.44 -60.01 0.44
CA THR R 18 16.76 -58.57 0.38
C THR R 18 16.12 -57.67 1.45
N GLY R 19 15.13 -58.16 2.18
CA GLY R 19 14.45 -57.39 3.23
C GLY R 19 15.21 -57.27 4.54
C CIR R 20 15.66 -57.65 7.46
O CIR R 20 15.24 -58.74 7.07
CA CIR R 20 15.15 -56.36 6.85
N CIR R 20 14.58 -56.60 5.52
C3 CIR R 20 14.07 -55.84 7.82
C4 CIR R 20 13.53 -54.43 7.53
C5 CIR R 20 14.09 -53.38 8.47
N6 CIR R 20 13.08 -52.48 9.04
C7 CIR R 20 12.51 -52.54 10.26
O7 CIR R 20 11.71 -51.69 10.55
N8 CIR R 20 12.78 -53.48 11.19
N HYP R 21 16.57 -57.54 8.43
CA HYP R 21 16.95 -58.75 9.17
C HYP R 21 16.02 -59.70 9.87
O HYP R 21 15.46 -59.35 10.91
CB HYP R 21 18.41 -58.64 9.52
CG HYP R 21 18.66 -57.14 9.47
CD HYP R 21 17.57 -56.50 8.60
OD1 HYP R 21 19.96 -56.93 8.93
N GLU S 1 59.99 -31.36 -19.18
CA GLU S 1 58.89 -30.38 -19.00
C GLU S 1 57.54 -31.05 -19.33
N VAL S 2 56.58 -30.92 -18.40
CA VAL S 2 55.19 -31.33 -18.65
C VAL S 2 54.44 -30.13 -19.25
N LYS S 3 53.61 -30.38 -20.27
CA LYS S 3 52.72 -29.38 -20.86
C LYS S 3 51.30 -29.91 -20.87
N LEU S 4 50.36 -29.10 -20.38
CA LEU S 4 48.93 -29.37 -20.49
C LEU S 4 48.26 -28.19 -21.12
N GLU S 5 47.67 -28.40 -22.29
CA GLU S 5 46.95 -27.36 -23.00
C GLU S 5 45.48 -27.77 -23.10
N GLU S 6 44.61 -26.92 -22.57
CA GLU S 6 43.17 -27.10 -22.72
C GLU S 6 42.69 -26.36 -23.95
N SER S 7 41.49 -26.69 -24.39
CA SER S 7 40.87 -26.01 -25.52
C SER S 7 39.36 -26.17 -25.51
N GLY S 8 38.70 -25.27 -26.20
CA GLY S 8 37.27 -25.34 -26.45
C GLY S 8 36.38 -24.79 -25.37
N GLY S 9 36.83 -23.78 -24.64
CA GLY S 9 35.95 -23.04 -23.74
C GLY S 9 35.00 -22.14 -24.51
N GLY S 10 34.69 -20.96 -23.97
CA GLY S 10 33.89 -19.94 -24.65
C GLY S 10 32.54 -19.68 -24.04
N LEU S 11 31.63 -19.12 -24.85
CA LEU S 11 30.27 -18.77 -24.41
C LEU S 11 29.31 -19.87 -24.85
N VAL S 12 28.35 -20.21 -24.00
CA VAL S 12 27.24 -21.08 -24.37
C VAL S 12 25.96 -20.72 -23.58
N GLN S 13 24.83 -20.88 -24.23
CA GLN S 13 23.51 -20.65 -23.62
C GLN S 13 23.24 -21.68 -22.50
N PRO S 14 22.46 -21.29 -21.46
CA PRO S 14 22.01 -22.28 -20.49
C PRO S 14 21.20 -23.38 -21.16
N GLY S 15 21.44 -24.62 -20.76
CA GLY S 15 20.89 -25.80 -21.46
C GLY S 15 21.79 -26.37 -22.54
N GLY S 16 22.69 -25.55 -23.09
CA GLY S 16 23.56 -25.95 -24.20
C GLY S 16 24.66 -26.91 -23.79
N SER S 17 25.45 -27.32 -24.79
CA SER S 17 26.51 -28.31 -24.59
C SER S 17 27.84 -27.72 -24.93
N MET S 18 28.89 -28.37 -24.46
CA MET S 18 30.26 -27.92 -24.72
C MET S 18 31.22 -29.06 -24.43
N LYS S 19 32.25 -29.19 -25.26
CA LYS S 19 33.25 -30.24 -25.09
C LYS S 19 34.62 -29.63 -24.94
N LEU S 20 35.18 -29.74 -23.74
CA LEU S 20 36.55 -29.30 -23.50
C LEU S 20 37.45 -30.44 -23.89
N SER S 21 38.67 -30.12 -24.30
CA SER S 21 39.68 -31.14 -24.54
C SER S 21 41.02 -30.68 -23.99
N CYS S 22 41.87 -31.65 -23.66
CA CYS S 22 43.13 -31.40 -22.98
C CYS S 22 44.23 -32.29 -23.54
N ALA S 23 45.16 -31.68 -24.28
CA ALA S 23 46.35 -32.36 -24.78
C ALA S 23 47.44 -32.32 -23.72
N ALA S 24 48.18 -33.42 -23.58
CA ALA S 24 49.24 -33.53 -22.56
C ALA S 24 50.50 -34.15 -23.13
N SER S 25 51.66 -33.74 -22.64
CA SER S 25 52.95 -34.36 -23.00
C SER S 25 53.93 -34.22 -21.84
N GLY S 26 55.03 -34.97 -21.89
CA GLY S 26 56.03 -34.96 -20.83
C GLY S 26 55.85 -36.00 -19.72
N PHE S 27 54.86 -36.88 -19.83
CA PHE S 27 54.73 -38.03 -18.93
C PHE S 27 54.01 -39.15 -19.64
N THR S 28 54.25 -40.40 -19.24
CA THR S 28 53.57 -41.54 -19.84
C THR S 28 52.04 -41.43 -19.63
N PHE S 29 51.36 -40.85 -20.62
CA PHE S 29 49.94 -40.49 -20.53
C PHE S 29 49.03 -41.67 -20.15
N SER S 30 49.24 -42.83 -20.75
CA SER S 30 48.37 -43.99 -20.53
C SER S 30 48.33 -44.44 -19.06
N ASP S 31 49.44 -44.18 -18.35
CA ASP S 31 49.56 -44.50 -16.91
C ASP S 31 48.98 -43.46 -15.96
N ALA S 32 48.73 -42.25 -16.44
CA ALA S 32 48.39 -41.13 -15.56
C ALA S 32 46.89 -41.02 -15.26
N TRP S 33 46.57 -40.79 -14.00
CA TRP S 33 45.22 -40.37 -13.62
C TRP S 33 45.05 -38.91 -14.01
N MET S 34 43.95 -38.58 -14.68
CA MET S 34 43.70 -37.23 -15.17
C MET S 34 42.42 -36.69 -14.57
N ASP S 35 42.39 -35.39 -14.32
CA ASP S 35 41.23 -34.76 -13.71
C ASP S 35 40.85 -33.46 -14.42
N TRP S 36 39.67 -32.95 -14.11
CA TRP S 36 39.26 -31.59 -14.45
C TRP S 36 38.89 -30.88 -13.15
N VAL S 37 39.36 -29.65 -13.02
CA VAL S 37 39.07 -28.83 -11.85
C VAL S 37 38.66 -27.48 -12.36
N ARG S 38 37.66 -26.88 -11.72
CA ARG S 38 37.20 -25.57 -12.12
C ARG S 38 37.31 -24.57 -11.00
N GLN S 39 37.36 -23.30 -11.39
CA GLN S 39 37.51 -22.20 -10.47
C GLN S 39 36.58 -21.07 -10.86
N SER S 40 35.80 -20.61 -9.90
CA SER S 40 35.01 -19.41 -10.02
C SER S 40 35.26 -18.57 -8.78
N PRO S 41 35.02 -17.25 -8.85
CA PRO S 41 35.24 -16.42 -7.66
C PRO S 41 34.29 -16.74 -6.50
N GLU S 42 33.08 -17.23 -6.80
CA GLU S 42 32.09 -17.54 -5.77
C GLU S 42 32.43 -18.84 -5.02
N LYS S 43 32.87 -19.86 -5.76
CA LYS S 43 33.00 -21.22 -5.21
C LYS S 43 34.44 -21.76 -5.10
N GLY S 44 35.44 -21.00 -5.52
CA GLY S 44 36.84 -21.41 -5.36
C GLY S 44 37.20 -22.54 -6.29
N LEU S 45 37.95 -23.52 -5.80
CA LEU S 45 38.38 -24.65 -6.63
C LEU S 45 37.46 -25.82 -6.40
N GLU S 46 36.75 -26.24 -7.44
CA GLU S 46 35.89 -27.44 -7.40
C GLU S 46 36.51 -28.51 -8.26
N TRP S 47 36.79 -29.67 -7.68
CA TRP S 47 37.09 -30.85 -8.48
C TRP S 47 35.81 -31.21 -9.21
N VAL S 48 35.93 -31.51 -10.50
CA VAL S 48 34.78 -31.76 -11.35
C VAL S 48 34.68 -33.22 -11.72
N ALA S 49 35.77 -33.80 -12.23
CA ALA S 49 35.76 -35.18 -12.70
C ALA S 49 37.15 -35.79 -12.76
N GLU S 50 37.22 -37.10 -12.53
CA GLU S 50 38.45 -37.88 -12.59
C GLU S 50 38.29 -38.94 -13.65
N ILE S 51 39.36 -39.27 -14.34
CA ILE S 51 39.44 -40.54 -15.07
C ILE S 51 40.77 -41.19 -14.74
N ARG S 52 40.73 -42.48 -14.44
CA ARG S 52 41.91 -43.21 -13.99
C ARG S 52 42.60 -43.91 -15.17
N ASN S 53 43.70 -44.59 -14.88
CA ASN S 53 44.52 -45.21 -15.93
C ASN S 53 43.95 -46.55 -16.35
N LYS S 54 44.57 -47.16 -17.36
CA LYS S 54 44.15 -48.48 -17.86
C LYS S 54 44.14 -49.54 -16.75
N VAL S 55 45.10 -49.48 -15.83
CA VAL S 55 45.21 -50.46 -14.71
C VAL S 55 44.00 -50.41 -13.78
N ASN S 56 43.39 -49.23 -13.66
CA ASN S 56 42.13 -49.05 -12.90
C ASN S 56 40.90 -48.94 -13.81
N ASN S 57 40.91 -49.68 -14.94
CA ASN S 57 39.72 -49.81 -15.80
C ASN S 57 39.15 -48.50 -16.32
N HIS S 58 39.99 -47.48 -16.48
CA HIS S 58 39.55 -46.15 -16.90
C HIS S 58 38.35 -45.67 -16.08
N ALA S 59 38.45 -45.86 -14.77
CA ALA S 59 37.36 -45.60 -13.85
C ALA S 59 37.15 -44.10 -13.79
N THR S 60 35.89 -43.68 -13.91
CA THR S 60 35.54 -42.28 -13.79
C THR S 60 34.86 -42.00 -12.45
N ASN S 61 35.09 -40.79 -11.94
CA ASN S 61 34.29 -40.26 -10.83
C ASN S 61 33.90 -38.83 -11.14
N TYR S 62 32.83 -38.36 -10.51
CA TYR S 62 32.33 -37.01 -10.75
C TYR S 62 31.89 -36.35 -9.45
N ALA S 63 32.03 -35.04 -9.41
CA ALA S 63 31.41 -34.24 -8.37
C ALA S 63 29.90 -34.38 -8.48
N GLU S 64 29.23 -34.36 -7.34
CA GLU S 64 27.79 -34.55 -7.32
C GLU S 64 27.11 -33.47 -8.17
N SER S 65 27.59 -32.24 -8.11
CA SER S 65 26.96 -31.14 -8.87
C SER S 65 26.99 -31.29 -10.39
N VAL S 66 27.81 -32.19 -10.93
CA VAL S 66 27.81 -32.46 -12.39
C VAL S 66 27.36 -33.86 -12.82
N LYS S 67 27.08 -34.77 -11.88
CA LYS S 67 26.64 -36.14 -12.22
C LYS S 67 25.46 -36.13 -13.17
N GLY S 68 25.52 -36.96 -14.20
CA GLY S 68 24.45 -37.04 -15.20
C GLY S 68 24.51 -36.02 -16.33
N ARG S 69 25.40 -35.04 -16.22
CA ARG S 69 25.53 -33.97 -17.22
C ARG S 69 26.89 -33.94 -17.93
N PHE S 70 27.95 -34.29 -17.19
CA PHE S 70 29.33 -34.20 -17.65
C PHE S 70 29.88 -35.61 -17.85
N THR S 71 30.53 -35.85 -18.99
CA THR S 71 31.20 -37.11 -19.23
C THR S 71 32.67 -36.84 -19.47
N ILE S 72 33.52 -37.50 -18.68
CA ILE S 72 34.96 -37.44 -18.87
C ILE S 72 35.40 -38.70 -19.61
N SER S 73 36.42 -38.56 -20.45
CA SER S 73 36.94 -39.67 -21.20
C SER S 73 38.32 -39.32 -21.70
N ARG S 74 39.02 -40.31 -22.26
CA ARG S 74 40.41 -40.13 -22.69
C ARG S 74 40.73 -40.95 -23.93
N ASP S 75 41.66 -40.44 -24.72
CA ASP S 75 42.18 -41.14 -25.89
C ASP S 75 43.66 -41.39 -25.61
N ASP S 76 43.98 -42.54 -25.03
CA ASP S 76 45.35 -42.85 -24.66
C ASP S 76 46.31 -42.78 -25.87
N SER S 77 45.83 -43.12 -27.07
CA SER S 77 46.66 -43.05 -28.28
C SER S 77 47.00 -41.62 -28.73
N ARG S 78 46.16 -40.64 -28.40
CA ARG S 78 46.43 -39.22 -28.73
C ARG S 78 46.89 -38.33 -27.55
N SER S 79 47.04 -38.91 -26.37
CA SER S 79 47.36 -38.16 -25.13
C SER S 79 46.37 -37.04 -24.86
N VAL S 80 45.08 -37.34 -24.97
CA VAL S 80 44.02 -36.34 -24.80
C VAL S 80 42.99 -36.78 -23.76
N VAL S 81 42.58 -35.85 -22.91
CA VAL S 81 41.42 -36.01 -22.04
C VAL S 81 40.35 -35.07 -22.54
N TYR S 82 39.12 -35.58 -22.64
CA TYR S 82 37.95 -34.79 -23.01
C TYR S 82 37.01 -34.63 -21.81
N LEU S 83 36.25 -33.53 -21.80
CA LEU S 83 35.13 -33.35 -20.86
C LEU S 83 33.91 -32.85 -21.63
N GLN S 84 32.99 -33.77 -21.93
CA GLN S 84 31.69 -33.41 -22.51
C GLN S 84 30.85 -32.84 -21.38
N MET S 85 30.21 -31.70 -21.63
CA MET S 85 29.33 -31.07 -20.66
C MET S 85 27.98 -30.79 -21.34
N ASN S 86 26.90 -31.24 -20.71
CA ASN S 86 25.54 -31.06 -21.24
C ASN S 86 24.64 -30.39 -20.23
N ASN S 87 23.57 -29.78 -20.73
CA ASN S 87 22.61 -29.06 -19.89
C ASN S 87 23.35 -28.09 -18.97
N LEU S 88 24.17 -27.23 -19.56
CA LEU S 88 25.01 -26.30 -18.80
C LEU S 88 24.20 -25.22 -18.13
N LYS S 89 24.68 -24.78 -16.98
CA LYS S 89 23.97 -23.86 -16.10
C LYS S 89 24.88 -22.67 -15.83
N PRO S 90 24.30 -21.52 -15.44
CA PRO S 90 25.13 -20.37 -15.06
C PRO S 90 26.20 -20.66 -14.02
N GLU S 91 25.84 -21.46 -13.00
CA GLU S 91 26.81 -21.86 -11.95
C GLU S 91 27.94 -22.77 -12.43
N ASP S 92 27.80 -23.39 -13.60
CA ASP S 92 28.94 -24.06 -14.24
C ASP S 92 29.98 -23.09 -14.80
N THR S 93 29.73 -21.79 -14.76
CA THR S 93 30.67 -20.79 -15.28
C THR S 93 31.94 -20.76 -14.45
N GLY S 94 33.07 -20.75 -15.13
CA GLY S 94 34.37 -20.69 -14.47
C GLY S 94 35.54 -20.99 -15.39
N ILE S 95 36.72 -21.07 -14.78
CA ILE S 95 37.93 -21.49 -15.49
C ILE S 95 38.08 -22.98 -15.24
N TYR S 96 38.22 -23.75 -16.32
CA TYR S 96 38.35 -25.20 -16.25
C TYR S 96 39.79 -25.61 -16.52
N TYR S 97 40.45 -26.10 -15.48
CA TYR S 97 41.79 -26.65 -15.60
C TYR S 97 41.72 -28.14 -15.83
N CYS S 98 42.55 -28.63 -16.72
CA CYS S 98 42.80 -30.06 -16.87
C CYS S 98 44.07 -30.35 -16.10
N THR S 99 44.06 -31.35 -15.23
CA THR S 99 45.21 -31.69 -14.43
C THR S 99 45.65 -33.11 -14.69
N GLY S 100 46.93 -33.35 -14.51
CA GLY S 100 47.55 -34.64 -14.78
C GLY S 100 48.26 -35.16 -13.54
N LEU S 101 48.24 -36.49 -13.39
CA LEU S 101 48.73 -37.17 -12.20
C LEU S 101 47.99 -36.61 -10.97
N THR S 102 46.70 -36.88 -10.96
CA THR S 102 45.71 -36.19 -10.12
C THR S 102 45.97 -34.67 -10.24
N PHE S 103 46.63 -34.05 -9.26
CA PHE S 103 46.84 -32.59 -9.28
C PHE S 103 48.30 -32.17 -9.29
N ASP S 104 49.21 -33.08 -9.61
CA ASP S 104 50.63 -32.72 -9.67
C ASP S 104 50.86 -31.59 -10.68
N TYR S 105 50.25 -31.72 -11.85
CA TYR S 105 50.42 -30.74 -12.93
C TYR S 105 49.07 -30.22 -13.40
N TRP S 106 49.04 -28.95 -13.78
CA TRP S 106 47.83 -28.24 -14.14
C TRP S 106 48.04 -27.46 -15.42
N GLY S 107 47.03 -27.43 -16.28
CA GLY S 107 47.08 -26.59 -17.47
C GLY S 107 46.79 -25.14 -17.15
N GLN S 108 46.93 -24.29 -18.15
CA GLN S 108 46.68 -22.85 -18.01
C GLN S 108 45.24 -22.55 -17.65
N GLY S 109 44.33 -23.36 -18.18
CA GLY S 109 42.90 -23.24 -17.92
C GLY S 109 42.24 -22.69 -19.16
N THR S 110 40.96 -23.02 -19.32
CA THR S 110 40.14 -22.50 -20.42
C THR S 110 38.83 -21.97 -19.81
N THR S 111 38.34 -20.86 -20.32
CA THR S 111 37.21 -20.18 -19.69
C THR S 111 35.89 -20.60 -20.31
N LEU S 112 34.96 -21.02 -19.46
CA LEU S 112 33.61 -21.36 -19.88
C LEU S 112 32.65 -20.38 -19.24
N THR S 113 31.93 -19.64 -20.05
CA THR S 113 30.88 -18.73 -19.56
C THR S 113 29.53 -19.24 -20.03
N VAL S 114 28.59 -19.37 -19.11
CA VAL S 114 27.25 -19.89 -19.39
C VAL S 114 26.24 -18.80 -19.10
N SER S 115 25.68 -18.23 -20.15
CA SER S 115 24.86 -17.03 -20.04
C SER S 115 24.09 -16.84 -21.34
N SER S 116 22.83 -16.41 -21.22
CA SER S 116 22.02 -16.09 -22.39
C SER S 116 22.32 -14.70 -22.94
N ALA S 117 23.31 -14.00 -22.40
CA ALA S 117 23.81 -12.77 -23.01
C ALA S 117 24.55 -13.14 -24.29
N LYS S 118 24.52 -12.22 -25.26
CA LYS S 118 25.14 -12.44 -26.56
C LYS S 118 26.60 -12.04 -26.47
N THR S 119 27.40 -12.53 -27.42
CA THR S 119 28.78 -12.10 -27.57
C THR S 119 28.80 -10.61 -27.98
N THR S 120 29.78 -9.87 -27.46
CA THR S 120 29.86 -8.43 -27.72
C THR S 120 31.31 -7.97 -27.82
N ALA S 121 31.64 -7.33 -28.94
CA ALA S 121 32.99 -6.84 -29.15
C ALA S 121 33.26 -5.62 -28.27
N PRO S 122 34.48 -5.49 -27.73
CA PRO S 122 34.81 -4.28 -26.96
C PRO S 122 35.01 -3.10 -27.88
N SER S 123 34.68 -1.91 -27.40
CA SER S 123 35.20 -0.68 -28.00
C SER S 123 36.52 -0.44 -27.30
N VAL S 124 37.54 -0.07 -28.08
CA VAL S 124 38.91 0.13 -27.56
C VAL S 124 39.33 1.58 -27.73
N TYR S 125 39.42 2.30 -26.61
CA TYR S 125 39.70 3.73 -26.62
C TYR S 125 41.09 4.02 -26.06
N PRO S 126 41.91 4.81 -26.79
CA PRO S 126 43.22 5.21 -26.29
C PRO S 126 43.11 6.37 -25.31
N LEU S 127 43.90 6.34 -24.25
CA LEU S 127 43.91 7.40 -23.24
C LEU S 127 45.28 8.09 -23.20
N ALA S 128 45.37 9.23 -23.87
CA ALA S 128 46.55 10.10 -23.83
C ALA S 128 46.42 11.08 -22.67
N PRO S 129 47.54 11.63 -22.18
CA PRO S 129 47.44 12.54 -21.03
C PRO S 129 46.78 13.89 -21.36
N VAL S 130 46.58 14.69 -20.32
CA VAL S 130 45.83 15.94 -20.41
C VAL S 130 46.53 16.94 -21.35
N CYS S 131 45.74 17.71 -22.10
CA CYS S 131 46.19 18.57 -23.14
C CYS S 131 47.38 19.42 -22.85
N GLY S 132 47.71 19.89 -21.62
CA GLY S 132 48.88 20.70 -21.36
C GLY S 132 50.18 19.99 -20.96
N GLY S 133 50.16 18.66 -20.76
CA GLY S 133 51.38 17.90 -20.59
C GLY S 133 51.91 17.84 -19.16
N THR S 134 52.64 16.77 -18.91
CA THR S 134 53.30 16.48 -17.62
C THR S 134 54.65 17.23 -17.61
N THR S 135 54.97 17.88 -16.47
CA THR S 135 56.34 18.38 -16.21
C THR S 135 57.38 17.23 -16.01
N GLY S 136 56.90 16.04 -15.61
CA GLY S 136 57.72 15.04 -15.00
C GLY S 136 58.76 14.36 -15.88
N SER S 137 59.59 13.54 -15.24
CA SER S 137 60.61 12.73 -15.92
C SER S 137 60.06 11.38 -16.44
N SER S 138 58.75 11.12 -16.30
CA SER S 138 58.09 10.02 -16.97
C SER S 138 56.63 10.39 -17.30
N VAL S 139 56.00 9.58 -18.15
CA VAL S 139 54.64 9.84 -18.62
C VAL S 139 53.84 8.53 -18.69
N THR S 140 52.57 8.62 -18.30
CA THR S 140 51.69 7.48 -18.29
C THR S 140 50.63 7.66 -19.37
N LEU S 141 50.42 6.59 -20.13
CA LEU S 141 49.38 6.50 -21.14
C LEU S 141 48.45 5.37 -20.72
N GLY S 142 47.26 5.35 -21.31
CA GLY S 142 46.25 4.39 -20.95
C GLY S 142 45.51 3.77 -22.11
N CYS S 143 44.77 2.72 -21.81
CA CYS S 143 43.94 2.07 -22.78
C CYS S 143 42.71 1.52 -22.10
N LEU S 144 41.54 1.90 -22.62
CA LEU S 144 40.26 1.48 -22.07
C LEU S 144 39.63 0.49 -23.04
N VAL S 145 39.20 -0.65 -22.52
CA VAL S 145 38.58 -1.70 -23.30
C VAL S 145 37.16 -1.89 -22.73
N LYS S 146 36.20 -1.20 -23.36
CA LYS S 146 34.86 -1.06 -22.79
C LYS S 146 33.85 -2.00 -23.42
N GLY S 147 33.07 -2.66 -22.55
CA GLY S 147 31.82 -3.30 -22.95
C GLY S 147 31.96 -4.52 -23.84
N TYR S 148 32.71 -5.51 -23.37
CA TYR S 148 32.85 -6.79 -24.05
C TYR S 148 32.23 -7.92 -23.26
N PHE S 149 31.86 -8.99 -23.94
CA PHE S 149 31.38 -10.21 -23.32
C PHE S 149 31.57 -11.36 -24.28
N PRO S 150 32.03 -12.53 -23.82
CA PRO S 150 32.46 -12.81 -22.44
C PRO S 150 33.95 -12.55 -22.27
N GLU S 151 34.49 -12.90 -21.11
CA GLU S 151 35.94 -12.88 -20.92
C GLU S 151 36.54 -14.06 -21.74
N PRO S 152 37.83 -14.00 -22.11
CA PRO S 152 38.75 -12.91 -21.79
C PRO S 152 39.05 -12.01 -22.97
N VAL S 153 39.77 -10.92 -22.69
CA VAL S 153 40.51 -10.17 -23.72
C VAL S 153 41.98 -10.34 -23.40
N THR S 154 42.82 -10.17 -24.41
CA THR S 154 44.26 -10.04 -24.20
C THR S 154 44.63 -8.62 -24.61
N LEU S 155 45.48 -7.99 -23.82
CA LEU S 155 45.96 -6.65 -24.10
C LEU S 155 47.46 -6.63 -23.90
N THR S 156 48.17 -6.14 -24.91
CA THR S 156 49.61 -5.94 -24.82
C THR S 156 49.89 -4.53 -25.29
N TRP S 157 51.05 -4.01 -24.91
CA TRP S 157 51.49 -2.71 -25.39
C TRP S 157 52.68 -2.88 -26.34
N ASN S 158 52.66 -2.15 -27.46
CA ASN S 158 53.63 -2.31 -28.57
C ASN S 158 53.98 -3.78 -28.83
N SER S 159 52.92 -4.59 -28.92
CA SER S 159 53.00 -6.01 -29.23
C SER S 159 53.84 -6.84 -28.24
N GLY S 160 53.86 -6.44 -26.96
CA GLY S 160 54.68 -7.10 -25.94
C GLY S 160 55.96 -6.37 -25.53
N SER S 161 56.47 -5.48 -26.38
CA SER S 161 57.77 -4.81 -26.14
C SER S 161 57.84 -4.06 -24.80
N LEU S 162 56.71 -3.51 -24.36
CA LEU S 162 56.59 -2.90 -23.04
C LEU S 162 55.89 -3.90 -22.10
N SER S 163 56.69 -4.54 -21.25
CA SER S 163 56.20 -5.39 -20.18
C SER S 163 56.34 -4.61 -18.89
N SER S 164 57.56 -4.15 -18.62
CA SER S 164 57.81 -3.25 -17.52
C SER S 164 57.06 -1.97 -17.84
N GLY S 165 56.62 -1.27 -16.81
CA GLY S 165 55.82 -0.04 -16.96
C GLY S 165 54.32 -0.27 -17.09
N VAL S 166 53.91 -1.50 -17.40
CA VAL S 166 52.49 -1.84 -17.66
C VAL S 166 51.77 -2.33 -16.42
N HIS S 167 50.60 -1.75 -16.15
CA HIS S 167 49.64 -2.29 -15.22
C HIS S 167 48.35 -2.48 -15.98
N THR S 168 47.97 -3.75 -16.18
CA THR S 168 46.68 -4.08 -16.74
C THR S 168 45.78 -4.51 -15.60
N PHE S 169 44.62 -3.89 -15.52
CA PHE S 169 43.71 -4.05 -14.38
C PHE S 169 42.64 -5.09 -14.69
N PRO S 170 42.32 -5.95 -13.70
CA PRO S 170 41.28 -6.93 -13.92
C PRO S 170 39.98 -6.30 -14.42
N ALA S 171 39.28 -7.01 -15.28
CA ALA S 171 38.01 -6.53 -15.81
C ALA S 171 36.93 -6.49 -14.73
N LEU S 172 35.88 -5.73 -15.01
CA LEU S 172 34.72 -5.65 -14.12
C LEU S 172 33.42 -5.55 -14.90
N LEU S 173 32.35 -6.07 -14.32
CA LEU S 173 31.02 -6.03 -14.91
C LEU S 173 30.29 -4.70 -14.62
N LEU S 174 30.16 -3.86 -15.66
CA LEU S 174 29.32 -2.65 -15.63
C LEU S 174 28.19 -2.86 -16.64
N SER S 175 26.94 -2.76 -16.21
CA SER S 175 25.74 -2.98 -17.05
C SER S 175 25.80 -4.27 -17.87
N GLY S 176 26.09 -5.38 -17.19
CA GLY S 176 26.16 -6.70 -17.83
C GLY S 176 27.29 -6.95 -18.82
N LEU S 177 28.21 -5.99 -18.97
CA LEU S 177 29.35 -6.11 -19.90
C LEU S 177 30.66 -5.79 -19.19
N TYR S 178 31.73 -6.43 -19.64
CA TYR S 178 33.03 -6.25 -19.04
C TYR S 178 33.74 -5.01 -19.56
N THR S 179 34.31 -4.24 -18.64
CA THR S 179 35.18 -3.11 -18.93
C THR S 179 36.52 -3.41 -18.29
N LEU S 180 37.60 -2.95 -18.93
CA LEU S 180 38.96 -3.23 -18.50
C LEU S 180 39.82 -2.06 -18.90
N SER S 181 40.81 -1.73 -18.07
CA SER S 181 41.72 -0.65 -18.38
C SER S 181 43.16 -1.12 -18.30
N SER S 182 44.09 -0.34 -18.86
CA SER S 182 45.51 -0.61 -18.69
C SER S 182 46.35 0.64 -18.83
N SER S 183 47.27 0.84 -17.89
CA SER S 183 48.22 1.95 -17.92
C SER S 183 49.55 1.44 -18.41
N VAL S 184 50.33 2.32 -19.03
CA VAL S 184 51.73 2.04 -19.36
C VAL S 184 52.53 3.28 -19.02
N THR S 185 53.69 3.10 -18.39
CA THR S 185 54.55 4.21 -17.97
C THR S 185 55.94 4.08 -18.58
N VAL S 186 56.37 5.13 -19.24
CA VAL S 186 57.67 5.20 -19.91
C VAL S 186 58.30 6.55 -19.62
N THR S 187 59.58 6.68 -19.92
CA THR S 187 60.30 7.94 -19.71
C THR S 187 59.89 8.94 -20.79
N SER S 188 59.76 10.22 -20.43
CA SER S 188 59.19 11.23 -21.35
C SER S 188 60.01 11.54 -22.61
N ASN S 189 61.20 10.95 -22.76
CA ASN S 189 61.88 10.86 -24.08
C ASN S 189 61.05 10.03 -25.07
N THR S 190 60.69 8.82 -24.64
CA THR S 190 60.06 7.81 -25.50
C THR S 190 58.81 8.33 -26.22
N TRP S 191 57.96 9.05 -25.49
CA TRP S 191 56.68 9.53 -26.00
C TRP S 191 56.60 11.06 -25.87
N PRO S 192 56.02 11.77 -26.86
CA PRO S 192 55.34 11.22 -28.06
C PRO S 192 56.23 10.81 -29.26
N SER S 193 57.53 11.03 -29.19
CA SER S 193 58.44 10.83 -30.33
C SER S 193 58.36 9.43 -30.96
N GLN S 194 58.54 8.38 -30.14
CA GLN S 194 58.32 7.00 -30.57
C GLN S 194 56.87 6.61 -30.32
N THR S 195 56.25 5.95 -31.30
CA THR S 195 54.84 5.61 -31.25
C THR S 195 54.57 4.45 -30.27
N ILE S 196 53.57 4.62 -29.42
CA ILE S 196 53.16 3.58 -28.48
C ILE S 196 51.72 3.18 -28.83
N THR S 197 51.48 1.88 -28.91
CA THR S 197 50.24 1.33 -29.43
C THR S 197 49.69 0.27 -28.49
N CYS S 198 48.38 0.35 -28.25
CA CYS S 198 47.66 -0.56 -27.40
C CYS S 198 47.03 -1.65 -28.27
N ASN S 199 47.39 -2.92 -28.03
CA ASN S 199 46.89 -4.05 -28.84
C ASN S 199 45.88 -4.87 -28.05
N VAL S 200 44.66 -5.00 -28.56
CA VAL S 200 43.61 -5.73 -27.85
C VAL S 200 42.99 -6.76 -28.78
N ALA S 201 42.95 -8.02 -28.32
CA ALA S 201 42.23 -9.08 -28.99
C ALA S 201 41.13 -9.59 -28.08
N HIS S 202 39.98 -9.87 -28.66
CA HIS S 202 38.87 -10.51 -27.97
C HIS S 202 38.57 -11.76 -28.79
N PRO S 203 39.09 -12.94 -28.37
CA PRO S 203 38.95 -14.11 -29.24
C PRO S 203 37.48 -14.48 -29.48
N ALA S 204 36.66 -14.42 -28.43
CA ALA S 204 35.25 -14.79 -28.51
C ALA S 204 34.43 -14.07 -29.58
N SER S 205 34.82 -12.84 -29.92
CA SER S 205 34.14 -12.07 -30.97
C SER S 205 34.97 -11.88 -32.24
N SER S 206 36.11 -12.57 -32.33
CA SER S 206 37.09 -12.41 -33.41
C SER S 206 37.45 -10.95 -33.67
N THR S 207 37.78 -10.24 -32.59
CA THR S 207 38.12 -8.82 -32.64
C THR S 207 39.61 -8.70 -32.36
N LYS S 208 40.32 -7.96 -33.22
CA LYS S 208 41.72 -7.57 -32.93
C LYS S 208 41.89 -6.12 -33.32
N VAL S 209 42.21 -5.27 -32.34
CA VAL S 209 42.34 -3.83 -32.55
C VAL S 209 43.71 -3.37 -32.05
N ASP S 210 44.39 -2.55 -32.86
CA ASP S 210 45.59 -1.83 -32.44
C ASP S 210 45.23 -0.35 -32.43
N LYS S 211 45.35 0.30 -31.27
CA LYS S 211 45.05 1.73 -31.15
C LYS S 211 46.28 2.54 -30.73
N LYS S 212 46.72 3.41 -31.63
CA LYS S 212 47.88 4.28 -31.39
C LYS S 212 47.47 5.37 -30.40
N ILE S 213 48.34 5.67 -29.45
CA ILE S 213 48.10 6.75 -28.48
C ILE S 213 48.64 8.04 -29.10
N GLU S 214 47.74 9.00 -29.35
CA GLU S 214 48.07 10.28 -30.00
C GLU S 214 47.96 11.40 -28.96
N PRO S 215 48.91 12.36 -28.94
CA PRO S 215 48.73 13.49 -28.01
C PRO S 215 47.51 14.39 -28.43
N ARG S 216 46.95 15.12 -27.48
CA ARG S 216 45.70 15.82 -27.61
C ARG S 216 45.79 17.22 -28.25
N GLY S 217 45.39 17.27 -29.52
CA GLY S 217 45.02 18.54 -30.19
C GLY S 217 43.66 19.07 -29.69
N PRO S 218 43.57 20.36 -29.31
CA PRO S 218 42.36 20.91 -28.71
C PRO S 218 41.36 21.57 -29.65
N THR S 219 40.24 21.99 -29.03
CA THR S 219 39.04 22.66 -29.63
C THR S 219 39.16 23.52 -30.90
N ILE S 220 38.27 23.22 -31.86
CA ILE S 220 38.19 23.98 -33.14
C ILE S 220 37.37 25.28 -32.92
N ASP T 1 31.41 -35.68 1.93
CA ASP T 1 32.28 -34.50 1.60
C ASP T 1 33.14 -34.08 2.79
N ILE T 2 34.45 -34.20 2.63
CA ILE T 2 35.39 -33.70 3.62
C ILE T 2 35.60 -32.22 3.33
N VAL T 3 35.11 -31.36 4.22
CA VAL T 3 35.24 -29.91 4.05
C VAL T 3 36.54 -29.43 4.66
N LEU T 4 37.26 -28.60 3.88
CA LEU T 4 38.50 -27.97 4.32
C LEU T 4 38.27 -26.50 4.57
N THR T 5 38.70 -26.03 5.72
CA THR T 5 38.63 -24.62 6.11
C THR T 5 40.03 -24.13 6.39
N GLN T 6 40.46 -23.12 5.64
CA GLN T 6 41.74 -22.48 5.90
C GLN T 6 41.57 -21.26 6.77
N SER T 7 42.65 -20.89 7.44
CA SER T 7 42.72 -19.59 8.09
C SER T 7 44.20 -19.23 8.24
N PRO T 8 44.53 -17.94 8.26
CA PRO T 8 43.60 -16.85 8.06
C PRO T 8 43.25 -16.68 6.58
N ALA T 9 42.40 -15.72 6.30
CA ALA T 9 41.95 -15.45 4.95
C ALA T 9 43.03 -14.71 4.18
N SER T 10 43.59 -13.70 4.84
CA SER T 10 44.74 -12.98 4.33
C SER T 10 45.72 -12.74 5.48
N LEU T 11 46.93 -12.33 5.12
CA LEU T 11 48.11 -12.50 5.95
C LEU T 11 49.21 -11.65 5.33
N ALA T 12 49.85 -10.77 6.10
CA ALA T 12 50.94 -9.94 5.58
C ALA T 12 52.27 -10.15 6.32
N VAL T 13 53.26 -10.74 5.63
CA VAL T 13 54.55 -11.09 6.23
C VAL T 13 55.69 -10.28 5.64
N SER T 14 56.58 -9.77 6.50
CA SER T 14 57.77 -9.07 6.03
C SER T 14 58.73 -10.02 5.34
N LEU T 15 59.62 -9.45 4.52
CA LEU T 15 60.58 -10.26 3.77
C LEU T 15 61.49 -11.02 4.75
N GLY T 16 61.73 -12.30 4.47
CA GLY T 16 62.57 -13.11 5.32
C GLY T 16 61.95 -13.68 6.58
N GLN T 17 60.67 -13.43 6.81
CA GLN T 17 59.98 -13.83 8.05
C GLN T 17 59.15 -15.08 7.76
N ARG T 18 58.58 -15.64 8.82
CA ARG T 18 57.74 -16.84 8.75
C ARG T 18 56.31 -16.51 8.39
N ALA T 19 55.75 -17.29 7.45
CA ALA T 19 54.33 -17.26 7.15
C ALA T 19 53.76 -18.61 7.49
N THR T 20 52.71 -18.63 8.31
CA THR T 20 52.07 -19.87 8.72
C THR T 20 50.59 -19.80 8.38
N ILE T 21 50.14 -20.73 7.54
CA ILE T 21 48.77 -20.84 7.06
C ILE T 21 48.22 -22.18 7.54
N SER T 22 46.98 -22.18 8.03
CA SER T 22 46.35 -23.38 8.58
C SER T 22 45.28 -23.92 7.69
N CYS T 23 45.01 -25.23 7.85
CA CYS T 23 43.93 -25.91 7.15
C CYS T 23 43.31 -26.95 8.08
N ARG T 24 42.02 -26.77 8.37
CA ARG T 24 41.25 -27.64 9.25
C ARG T 24 40.31 -28.47 8.39
N ALA T 25 40.29 -29.78 8.63
CA ALA T 25 39.45 -30.70 7.88
C ALA T 25 38.28 -31.15 8.74
N SER T 26 37.09 -31.23 8.14
CA SER T 26 35.88 -31.66 8.85
C SER T 26 36.00 -33.08 9.41
N GLU T 27 36.80 -33.92 8.78
CA GLU T 27 37.16 -35.23 9.33
C GLU T 27 38.55 -35.67 8.88
N SER T 28 39.07 -36.70 9.52
CA SER T 28 40.44 -37.15 9.33
C SER T 28 40.74 -37.50 7.88
N VAL T 29 41.82 -36.90 7.35
CA VAL T 29 42.30 -37.24 6.00
C VAL T 29 43.44 -38.26 6.03
N ASP T 30 43.72 -38.82 7.21
CA ASP T 30 44.64 -39.95 7.33
C ASP T 30 44.04 -41.16 6.66
N ASN T 31 44.80 -41.74 5.74
CA ASN T 31 44.47 -43.03 5.19
C ASN T 31 45.78 -43.81 5.27
N TYR T 32 45.76 -44.89 6.06
CA TYR T 32 46.97 -45.62 6.45
C TYR T 32 47.74 -44.71 7.45
N GLY T 33 49.08 -44.69 7.35
CA GLY T 33 49.90 -43.76 8.12
C GLY T 33 50.05 -42.40 7.48
N ILE T 34 49.69 -42.30 6.19
CA ILE T 34 49.84 -41.07 5.39
C ILE T 34 48.63 -40.13 5.55
N SER T 35 48.90 -38.87 5.87
CA SER T 35 47.88 -37.83 5.86
C SER T 35 47.78 -37.31 4.43
N SER T 36 46.65 -37.58 3.76
CA SER T 36 46.46 -37.21 2.36
C SER T 36 46.02 -35.75 2.21
N MET T 37 46.97 -34.86 2.46
CA MET T 37 46.74 -33.42 2.45
C MET T 37 47.81 -32.78 1.58
N ASN T 38 47.39 -32.04 0.56
CA ASN T 38 48.31 -31.37 -0.34
C ASN T 38 48.15 -29.86 -0.24
N TRP T 39 49.15 -29.13 -0.73
CA TRP T 39 49.10 -27.67 -0.75
C TRP T 39 49.48 -27.14 -2.13
N PHE T 40 48.77 -26.11 -2.56
CA PHE T 40 48.99 -25.49 -3.86
C PHE T 40 49.20 -24.01 -3.71
N GLN T 41 49.90 -23.43 -4.67
CA GLN T 41 50.13 -22.00 -4.75
C GLN T 41 49.53 -21.50 -6.04
N GLN T 42 48.74 -20.44 -5.97
CA GLN T 42 48.23 -19.80 -7.16
C GLN T 42 48.64 -18.35 -7.18
N LYS T 43 49.56 -18.01 -8.07
CA LYS T 43 49.89 -16.62 -8.35
C LYS T 43 48.84 -16.09 -9.30
N ALA T 44 48.71 -14.78 -9.35
CA ALA T 44 47.65 -14.14 -10.16
C ALA T 44 47.78 -14.49 -11.64
N GLY T 45 46.64 -14.71 -12.28
CA GLY T 45 46.59 -15.03 -13.70
C GLY T 45 47.12 -16.38 -14.10
N GLN T 46 47.35 -17.27 -13.14
CA GLN T 46 47.99 -18.55 -13.40
C GLN T 46 47.22 -19.72 -12.77
N PRO T 47 47.48 -20.94 -13.25
CA PRO T 47 46.89 -22.08 -12.54
C PRO T 47 47.53 -22.30 -11.18
N PRO T 48 46.92 -23.14 -10.35
CA PRO T 48 47.58 -23.56 -9.13
C PRO T 48 48.82 -24.41 -9.41
N LYS T 49 49.87 -24.18 -8.64
CA LYS T 49 51.09 -24.96 -8.74
C LYS T 49 51.20 -25.88 -7.54
N PHE T 50 51.47 -27.15 -7.80
CA PHE T 50 51.62 -28.14 -6.75
C PHE T 50 52.89 -27.92 -5.94
N LEU T 51 52.78 -27.90 -4.61
CA LEU T 51 53.90 -27.63 -3.70
C LEU T 51 54.22 -28.80 -2.81
N ILE T 52 53.24 -29.20 -2.02
CA ILE T 52 53.42 -30.18 -0.94
C ILE T 52 52.38 -31.27 -1.07
N TYR T 53 52.82 -32.52 -0.86
CA TYR T 53 51.92 -33.68 -0.81
C TYR T 53 52.13 -34.39 0.52
N ALA T 54 51.19 -35.27 0.87
CA ALA T 54 51.29 -36.04 2.11
C ALA T 54 51.60 -35.15 3.32
N ALA T 55 50.92 -34.00 3.42
CA ALA T 55 51.03 -33.07 4.56
C ALA T 55 52.34 -32.29 4.66
N SER T 56 53.47 -33.01 4.58
CA SER T 56 54.81 -32.46 4.79
C SER T 56 55.87 -32.70 3.69
N LYS T 57 55.62 -33.60 2.75
CA LYS T 57 56.60 -33.93 1.69
C LYS T 57 56.49 -32.98 0.49
N GLN T 58 57.63 -32.60 -0.08
CA GLN T 58 57.68 -31.53 -1.10
C GLN T 58 57.78 -32.08 -2.53
N GLY T 59 57.04 -31.46 -3.46
CA GLY T 59 57.10 -31.86 -4.88
C GLY T 59 58.43 -31.51 -5.54
N SER T 60 58.64 -32.02 -6.75
CA SER T 60 59.92 -31.83 -7.45
C SER T 60 60.28 -30.36 -7.69
N GLY T 61 61.51 -30.00 -7.29
CA GLY T 61 62.03 -28.64 -7.44
C GLY T 61 61.29 -27.56 -6.66
N VAL T 62 60.61 -27.94 -5.59
CA VAL T 62 59.90 -26.99 -4.72
C VAL T 62 60.91 -26.55 -3.66
N PRO T 63 61.22 -25.25 -3.57
CA PRO T 63 62.25 -24.74 -2.64
C PRO T 63 62.12 -25.24 -1.19
N ALA T 64 63.26 -25.36 -0.51
CA ALA T 64 63.35 -25.82 0.89
C ALA T 64 62.43 -25.05 1.85
N ARG T 65 62.28 -23.75 1.58
CA ARG T 65 61.50 -22.85 2.41
C ARG T 65 60.01 -23.17 2.54
N PHE T 66 59.42 -23.75 1.50
CA PHE T 66 58.05 -24.28 1.59
C PHE T 66 58.10 -25.62 2.30
N SER T 67 57.33 -25.78 3.36
CA SER T 67 57.27 -27.04 4.10
C SER T 67 56.01 -27.08 4.93
N GLY T 68 55.34 -28.23 4.95
CA GLY T 68 54.07 -28.41 5.66
C GLY T 68 54.20 -29.33 6.85
N SER T 69 53.15 -29.41 7.65
CA SER T 69 53.14 -30.23 8.85
C SER T 69 51.70 -30.54 9.26
N GLY T 70 51.58 -31.37 10.30
CA GLY T 70 50.27 -31.74 10.84
C GLY T 70 49.85 -33.13 10.40
N SER T 71 48.87 -33.68 11.10
CA SER T 71 48.25 -34.96 10.78
C SER T 71 46.76 -34.93 11.16
N GLY T 72 46.02 -35.92 10.70
CA GLY T 72 44.61 -36.09 11.07
C GLY T 72 43.70 -35.05 10.45
N THR T 73 43.32 -34.05 11.26
CA THR T 73 42.42 -32.98 10.83
C THR T 73 43.06 -31.60 10.76
N ASP T 74 44.22 -31.39 11.38
CA ASP T 74 44.86 -30.06 11.46
C ASP T 74 46.19 -30.06 10.72
N PHE T 75 46.39 -29.04 9.89
CA PHE T 75 47.54 -28.96 9.01
C PHE T 75 48.03 -27.54 8.86
N SER T 76 49.33 -27.39 8.64
CA SER T 76 49.91 -26.09 8.39
C SER T 76 50.78 -26.13 7.14
N LEU T 77 50.97 -24.94 6.58
CA LEU T 77 51.94 -24.71 5.51
C LEU T 77 52.80 -23.56 5.97
N ILE T 78 54.10 -23.80 6.05
CA ILE T 78 55.04 -22.79 6.49
C ILE T 78 55.87 -22.34 5.31
N ILE T 79 55.98 -21.02 5.14
CA ILE T 79 56.87 -20.42 4.18
C ILE T 79 57.84 -19.58 4.99
N HIS T 80 59.13 -19.91 4.91
CA HIS T 80 60.15 -19.28 5.74
C HIS T 80 61.54 -19.65 5.23
N PRO T 81 62.34 -18.69 4.74
CA PRO T 81 62.04 -17.27 4.67
C PRO T 81 61.14 -16.87 3.49
N VAL T 82 60.17 -16.01 3.73
CA VAL T 82 59.31 -15.46 2.70
C VAL T 82 60.06 -14.55 1.73
N GLU T 83 59.70 -14.59 0.45
CA GLU T 83 60.32 -13.77 -0.62
C GLU T 83 59.29 -13.02 -1.42
N GLU T 84 59.71 -12.05 -2.22
CA GLU T 84 58.74 -11.17 -2.95
C GLU T 84 57.78 -11.97 -3.83
N ASP T 85 58.34 -12.99 -4.48
CA ASP T 85 57.62 -13.82 -5.43
C ASP T 85 56.67 -14.82 -4.76
N ASP T 86 56.71 -14.95 -3.44
CA ASP T 86 55.74 -15.80 -2.72
C ASP T 86 54.35 -15.18 -2.56
N THR T 87 54.16 -13.94 -2.99
CA THR T 87 52.83 -13.36 -3.02
C THR T 87 51.94 -14.18 -3.96
N ALA T 88 50.83 -14.64 -3.41
CA ALA T 88 50.04 -15.71 -4.02
C ALA T 88 48.90 -16.05 -3.10
N VAL T 89 47.97 -16.86 -3.61
CA VAL T 89 46.98 -17.51 -2.77
C VAL T 89 47.40 -18.97 -2.62
N TYR T 90 47.26 -19.49 -1.40
CA TYR T 90 47.65 -20.86 -1.11
C TYR T 90 46.43 -21.69 -0.74
N PHE T 91 46.25 -22.80 -1.43
CA PHE T 91 45.14 -23.70 -1.20
C PHE T 91 45.60 -24.99 -0.59
N CYS T 92 44.92 -25.43 0.46
CA CYS T 92 45.06 -26.80 0.91
C CYS T 92 44.06 -27.65 0.14
N GLN T 93 44.30 -28.96 0.13
CA GLN T 93 43.51 -29.87 -0.69
C GLN T 93 43.66 -31.32 -0.22
N GLN T 94 42.54 -32.02 -0.22
CA GLN T 94 42.41 -33.32 0.45
C GLN T 94 42.21 -34.36 -0.63
N SER T 95 43.03 -35.42 -0.61
CA SER T 95 42.91 -36.51 -1.60
C SER T 95 42.54 -37.85 -0.97
N LYS T 96 41.98 -37.82 0.25
CA LYS T 96 41.68 -39.06 1.00
C LYS T 96 40.67 -39.92 0.26
N GLY T 97 39.60 -39.27 -0.21
CA GLY T 97 38.65 -39.94 -1.09
C GLY T 97 37.85 -38.95 -1.90
N VAL T 98 37.16 -39.49 -2.89
CA VAL T 98 36.23 -38.73 -3.71
C VAL T 98 35.02 -38.30 -2.86
N PRO T 99 34.52 -37.06 -2.99
CA PRO T 99 35.07 -36.01 -3.86
C PRO T 99 36.32 -35.35 -3.30
N TYR T 100 37.23 -35.01 -4.19
CA TYR T 100 38.41 -34.27 -3.84
C TYR T 100 37.93 -32.84 -3.58
N THR T 101 38.42 -32.23 -2.51
CA THR T 101 37.95 -30.92 -2.10
C THR T 101 39.14 -30.03 -1.79
N PHE T 102 39.00 -28.74 -2.09
CA PHE T 102 40.00 -27.74 -1.77
C PHE T 102 39.53 -26.83 -0.64
N GLY T 103 40.46 -26.08 -0.08
CA GLY T 103 40.15 -25.07 0.90
C GLY T 103 39.72 -23.79 0.22
N GLY T 104 39.34 -22.81 1.04
CA GLY T 104 38.88 -21.51 0.57
C GLY T 104 39.98 -20.68 -0.04
N GLY T 105 41.20 -20.89 0.43
CA GLY T 105 42.37 -20.18 -0.04
C GLY T 105 42.80 -19.15 0.98
N THR T 106 44.10 -18.86 1.01
CA THR T 106 44.66 -17.84 1.90
C THR T 106 45.62 -16.98 1.09
N LYS T 107 45.39 -15.66 1.04
CA LYS T 107 46.29 -14.76 0.33
C LYS T 107 47.44 -14.42 1.26
N LEU T 108 48.67 -14.63 0.76
CA LEU T 108 49.87 -14.17 1.43
C LEU T 108 50.29 -12.87 0.75
N GLU T 109 50.26 -11.79 1.50
CA GLU T 109 50.78 -10.50 1.05
C GLU T 109 52.19 -10.38 1.61
N ILE T 110 53.07 -9.74 0.86
CA ILE T 110 54.43 -9.43 1.31
C ILE T 110 54.45 -8.02 1.87
N LYS T 111 54.73 -7.88 3.17
CA LYS T 111 54.98 -6.55 3.74
C LYS T 111 56.22 -5.96 3.12
N ARG T 112 56.10 -4.66 2.85
CA ARG T 112 57.23 -3.87 2.40
C ARG T 112 57.02 -2.46 2.93
N ALA T 113 57.98 -1.59 2.68
CA ALA T 113 57.85 -0.19 3.08
C ALA T 113 56.66 0.47 2.37
N ASP T 114 56.12 1.51 3.00
CA ASP T 114 54.99 2.24 2.44
C ASP T 114 55.40 2.90 1.14
N ALA T 115 54.44 3.12 0.25
CA ALA T 115 54.71 3.72 -1.06
C ALA T 115 53.52 4.52 -1.52
N ALA T 116 53.76 5.79 -1.88
CA ALA T 116 52.69 6.66 -2.35
C ALA T 116 52.36 6.29 -3.80
N PRO T 117 51.09 6.41 -4.20
CA PRO T 117 50.74 6.13 -5.60
C PRO T 117 51.21 7.25 -6.53
N THR T 118 51.63 6.88 -7.74
CA THR T 118 51.82 7.85 -8.82
C THR T 118 50.47 7.93 -9.55
N VAL T 119 49.81 9.07 -9.41
CA VAL T 119 48.45 9.23 -9.89
C VAL T 119 48.41 9.98 -11.22
N SER T 120 47.65 9.44 -12.16
CA SER T 120 47.53 9.98 -13.51
C SER T 120 46.06 10.08 -13.86
N ILE T 121 45.60 11.25 -14.31
CA ILE T 121 44.20 11.39 -14.75
C ILE T 121 44.14 11.49 -16.27
N PHE T 122 43.07 10.93 -16.83
CA PHE T 122 42.87 10.85 -18.27
C PHE T 122 41.45 11.23 -18.63
N PRO T 123 41.29 12.28 -19.46
CA PRO T 123 39.96 12.54 -19.98
C PRO T 123 39.45 11.45 -20.92
N PRO T 124 38.20 11.61 -21.41
CA PRO T 124 37.73 10.71 -22.45
C PRO T 124 38.50 10.86 -23.75
N SER T 125 38.60 9.78 -24.51
CA SER T 125 39.19 9.81 -25.84
C SER T 125 38.27 10.54 -26.83
N SER T 126 38.84 11.02 -27.93
CA SER T 126 38.03 11.58 -29.02
C SER T 126 37.06 10.54 -29.57
N GLU T 127 37.54 9.30 -29.67
CA GLU T 127 36.73 8.17 -30.16
C GLU T 127 35.48 7.95 -29.30
N GLN T 128 35.64 7.99 -27.98
CA GLN T 128 34.53 7.71 -27.07
C GLN T 128 33.49 8.82 -27.04
N LEU T 129 33.93 10.07 -27.14
CA LEU T 129 33.00 11.20 -27.18
C LEU T 129 32.06 11.04 -28.37
N THR T 130 32.62 10.82 -29.55
CA THR T 130 31.81 10.61 -30.77
C THR T 130 30.96 9.32 -30.76
N SER T 131 31.30 8.33 -29.93
CA SER T 131 30.40 7.19 -29.68
C SER T 131 29.12 7.61 -28.94
N GLY T 132 29.25 8.49 -27.95
CA GLY T 132 28.11 8.89 -27.10
C GLY T 132 28.36 8.80 -25.60
N GLY T 133 29.39 8.08 -25.19
CA GLY T 133 29.78 8.00 -23.78
C GLY T 133 30.93 8.94 -23.43
N ALA T 134 31.31 8.95 -22.16
CA ALA T 134 32.45 9.71 -21.66
C ALA T 134 32.98 9.09 -20.36
N SER T 135 34.20 8.55 -20.41
CA SER T 135 34.79 7.90 -19.26
C SER T 135 36.09 8.59 -18.88
N VAL T 136 36.14 9.04 -17.64
CA VAL T 136 37.32 9.65 -17.07
C VAL T 136 38.00 8.59 -16.22
N VAL T 137 39.27 8.36 -16.49
CA VAL T 137 40.03 7.31 -15.85
C VAL T 137 41.17 7.91 -15.02
N CYS T 138 41.46 7.26 -13.90
CA CYS T 138 42.49 7.70 -12.99
C CYS T 138 43.27 6.48 -12.51
N PHE T 139 44.52 6.36 -12.97
CA PHE T 139 45.38 5.29 -12.50
C PHE T 139 46.14 5.73 -11.26
N LEU T 140 46.14 4.89 -10.24
CA LEU T 140 46.94 5.09 -9.06
C LEU T 140 47.90 3.91 -9.03
N ASN T 141 49.18 4.15 -9.30
CA ASN T 141 50.12 3.05 -9.55
C ASN T 141 51.23 2.93 -8.52
N ASN T 142 51.57 1.68 -8.21
CA ASN T 142 52.73 1.29 -7.39
C ASN T 142 52.71 1.88 -5.99
N PHE T 143 51.77 1.41 -5.19
CA PHE T 143 51.59 1.87 -3.82
C PHE T 143 51.47 0.71 -2.84
N TYR T 144 51.64 1.01 -1.56
CA TYR T 144 51.53 0.05 -0.49
C TYR T 144 51.29 0.81 0.82
N PRO T 145 50.40 0.36 1.70
CA PRO T 145 49.59 -0.88 1.57
C PRO T 145 48.44 -0.79 0.59
N LYS T 146 47.66 -1.86 0.49
CA LYS T 146 46.57 -1.98 -0.49
C LYS T 146 45.43 -0.98 -0.29
N ASP T 147 45.16 -0.61 0.97
CA ASP T 147 44.11 0.36 1.29
C ASP T 147 44.30 1.69 0.60
N ILE T 148 43.27 2.14 -0.10
CA ILE T 148 43.26 3.47 -0.69
C ILE T 148 41.84 3.93 -0.90
N ASN T 149 41.64 5.24 -0.94
CA ASN T 149 40.34 5.83 -1.12
C ASN T 149 40.41 6.84 -2.23
N VAL T 150 39.54 6.65 -3.23
CA VAL T 150 39.47 7.53 -4.37
C VAL T 150 38.13 8.24 -4.29
N LYS T 151 38.19 9.55 -4.45
CA LYS T 151 37.02 10.39 -4.50
C LYS T 151 37.06 11.08 -5.86
N TRP T 152 35.94 11.05 -6.58
CA TRP T 152 35.80 11.82 -7.80
C TRP T 152 35.01 13.09 -7.50
N LYS T 153 35.49 14.22 -8.04
CA LYS T 153 34.79 15.50 -7.97
C LYS T 153 34.51 15.98 -9.39
N ILE T 154 33.32 16.58 -9.59
CA ILE T 154 32.96 17.25 -10.83
C ILE T 154 32.58 18.69 -10.45
N ASP T 155 33.36 19.66 -10.90
CA ASP T 155 33.25 21.05 -10.42
C ASP T 155 33.22 21.10 -8.89
N GLY T 156 34.11 20.33 -8.25
CA GLY T 156 34.19 20.27 -6.79
C GLY T 156 33.08 19.52 -6.06
N SER T 157 32.06 19.03 -6.77
CA SER T 157 30.96 18.23 -6.19
C SER T 157 31.27 16.74 -6.29
N GLU T 158 31.17 16.04 -5.17
CA GLU T 158 31.52 14.63 -5.11
C GLU T 158 30.57 13.77 -5.93
N ARG T 159 31.09 12.69 -6.50
CA ARG T 159 30.28 11.74 -7.29
C ARG T 159 30.66 10.31 -6.95
N GLN T 160 29.64 9.47 -6.78
CA GLN T 160 29.81 8.03 -6.50
C GLN T 160 29.22 7.09 -7.57
N ASN T 161 28.35 7.61 -8.45
CA ASN T 161 27.63 6.78 -9.43
C ASN T 161 28.45 6.60 -10.70
N GLY T 162 28.53 5.36 -11.19
CA GLY T 162 29.31 5.01 -12.39
C GLY T 162 30.78 4.67 -12.15
N VAL T 163 31.20 4.74 -10.88
CA VAL T 163 32.62 4.61 -10.50
C VAL T 163 33.00 3.13 -10.46
N LEU T 164 34.06 2.76 -11.19
CA LEU T 164 34.59 1.41 -11.17
C LEU T 164 36.01 1.44 -10.66
N ASN T 165 36.27 0.62 -9.65
CA ASN T 165 37.55 0.61 -8.96
C ASN T 165 38.11 -0.79 -9.01
N SER T 166 39.16 -0.99 -9.82
CA SER T 166 39.80 -2.29 -9.94
C SER T 166 41.22 -2.22 -9.41
N TRP T 167 41.53 -3.05 -8.39
CA TRP T 167 42.89 -3.23 -7.90
C TRP T 167 43.54 -4.37 -8.66
N THR T 168 44.85 -4.28 -8.86
CA THR T 168 45.65 -5.42 -9.29
C THR T 168 45.91 -6.32 -8.09
N ASP T 169 46.50 -7.47 -8.37
CA ASP T 169 47.12 -8.27 -7.32
C ASP T 169 48.45 -7.64 -6.95
N GLN T 170 49.03 -8.11 -5.85
CA GLN T 170 50.36 -7.62 -5.45
C GLN T 170 51.39 -8.01 -6.49
N ASP T 171 52.33 -7.11 -6.73
CA ASP T 171 53.39 -7.35 -7.70
C ASP T 171 54.40 -8.38 -7.16
N SER T 172 54.82 -9.29 -8.03
CA SER T 172 55.76 -10.34 -7.64
C SER T 172 57.21 -9.86 -7.50
N LYS T 173 57.53 -8.66 -8.01
CA LYS T 173 58.87 -8.11 -7.87
C LYS T 173 58.98 -6.97 -6.85
N ASP T 174 58.15 -5.93 -6.96
CA ASP T 174 58.26 -4.78 -6.04
C ASP T 174 57.17 -4.73 -4.93
N SER T 175 56.38 -5.81 -4.82
CA SER T 175 55.39 -5.97 -3.77
C SER T 175 54.39 -4.80 -3.60
N THR T 176 54.18 -4.03 -4.67
CA THR T 176 53.24 -2.93 -4.65
C THR T 176 51.93 -3.35 -5.26
N TYR T 177 50.92 -2.52 -5.03
CA TYR T 177 49.64 -2.64 -5.69
C TYR T 177 49.47 -1.45 -6.60
N SER T 178 48.55 -1.58 -7.54
CA SER T 178 48.16 -0.49 -8.41
C SER T 178 46.67 -0.61 -8.60
N MET T 179 46.02 0.49 -8.98
CA MET T 179 44.58 0.54 -8.98
C MET T 179 44.03 1.56 -9.95
N SER T 180 42.92 1.20 -10.61
CA SER T 180 42.30 2.03 -11.63
C SER T 180 40.90 2.42 -11.21
N SER T 181 40.62 3.72 -11.22
CA SER T 181 39.28 4.23 -10.95
C SER T 181 38.74 4.84 -12.23
N THR T 182 37.45 4.62 -12.49
CA THR T 182 36.84 4.96 -13.79
C THR T 182 35.43 5.54 -13.60
N LEU T 183 35.32 6.86 -13.67
CA LEU T 183 34.03 7.55 -13.66
C LEU T 183 33.42 7.55 -15.07
N THR T 184 32.21 7.01 -15.20
CA THR T 184 31.54 6.85 -16.49
C THR T 184 30.31 7.76 -16.49
N LEU T 185 30.15 8.55 -17.57
CA LEU T 185 29.05 9.51 -17.69
C LEU T 185 28.50 9.52 -19.10
N THR T 186 27.30 10.07 -19.25
CA THR T 186 26.76 10.34 -20.58
C THR T 186 27.57 11.49 -21.16
N LYS T 187 27.78 11.51 -22.48
CA LYS T 187 28.46 12.64 -23.15
C LYS T 187 27.78 13.98 -22.84
N ASP T 188 26.45 13.99 -22.91
CA ASP T 188 25.65 15.17 -22.54
C ASP T 188 26.08 15.74 -21.18
N GLU T 189 26.20 14.88 -20.18
CA GLU T 189 26.53 15.33 -18.81
C GLU T 189 28.02 15.66 -18.62
N TYR T 190 28.90 15.00 -19.37
CA TYR T 190 30.32 15.35 -19.37
C TYR T 190 30.54 16.80 -19.81
N GLU T 191 29.79 17.23 -20.82
CA GLU T 191 29.91 18.57 -21.39
C GLU T 191 29.18 19.67 -20.62
N ARG T 192 28.34 19.30 -19.65
CA ARG T 192 27.68 20.27 -18.76
C ARG T 192 28.58 20.81 -17.67
N HIS T 193 29.62 20.06 -17.29
CA HIS T 193 30.55 20.49 -16.24
C HIS T 193 31.93 20.70 -16.83
N ASN T 194 32.77 21.48 -16.15
CA ASN T 194 34.10 21.82 -16.65
C ASN T 194 35.24 21.05 -15.96
N SER T 195 35.30 21.13 -14.64
CA SER T 195 36.44 20.66 -13.84
C SER T 195 36.29 19.22 -13.32
N TYR T 196 37.17 18.31 -13.74
CA TYR T 196 37.17 16.91 -13.30
C TYR T 196 38.40 16.57 -12.46
N THR T 197 38.16 16.09 -11.25
CA THR T 197 39.21 15.93 -10.24
C THR T 197 39.18 14.49 -9.71
N CYS T 198 40.30 14.06 -9.16
CA CYS T 198 40.48 12.70 -8.71
C CYS T 198 41.30 12.69 -7.41
N GLU T 199 40.63 12.85 -6.27
CA GLU T 199 41.30 12.86 -4.96
C GLU T 199 41.60 11.45 -4.51
N ALA T 200 42.78 11.25 -3.93
CA ALA T 200 43.24 9.92 -3.49
C ALA T 200 43.89 10.02 -2.12
N THR T 201 43.17 9.55 -1.10
CA THR T 201 43.69 9.49 0.26
C THR T 201 44.33 8.14 0.49
N HIS T 202 45.58 8.18 0.99
CA HIS T 202 46.37 6.99 1.26
C HIS T 202 47.02 7.14 2.62
N LYS T 203 47.44 6.02 3.20
CA LYS T 203 48.20 5.98 4.45
C LYS T 203 49.41 6.93 4.41
N THR T 204 50.08 6.99 3.27
CA THR T 204 51.30 7.78 3.08
C THR T 204 51.10 9.27 3.32
N SER T 205 50.14 9.86 2.63
CA SER T 205 49.93 11.30 2.68
C SER T 205 48.75 11.67 3.55
N THR T 206 48.97 12.55 4.53
CA THR T 206 47.87 13.05 5.38
C THR T 206 46.83 13.76 4.50
N SER T 207 47.27 14.76 3.75
CA SER T 207 46.39 15.47 2.81
C SER T 207 46.36 14.67 1.50
N PRO T 208 45.23 14.74 0.76
CA PRO T 208 45.03 13.82 -0.36
C PRO T 208 45.83 14.21 -1.59
N ILE T 209 46.19 13.21 -2.39
CA ILE T 209 46.85 13.42 -3.68
C ILE T 209 45.76 13.75 -4.71
N VAL T 210 45.76 14.99 -5.20
CA VAL T 210 44.79 15.46 -6.19
C VAL T 210 45.42 15.45 -7.57
N LYS T 211 44.66 15.00 -8.57
CA LYS T 211 45.02 15.23 -9.98
C LYS T 211 43.75 15.64 -10.70
N SER T 212 43.89 16.63 -11.58
CA SER T 212 42.73 17.38 -12.06
C SER T 212 42.93 17.91 -13.46
N PHE T 213 41.85 18.04 -14.21
CA PHE T 213 41.85 18.80 -15.47
C PHE T 213 40.55 19.59 -15.64
N ASN T 214 40.59 20.57 -16.53
CA ASN T 214 39.41 21.27 -17.01
C ASN T 214 39.31 21.06 -18.51
N ARG T 215 38.09 20.93 -19.05
CA ARG T 215 37.88 20.54 -20.46
C ARG T 215 38.45 21.53 -21.50
N ASN T 216 38.46 22.82 -21.16
CA ASN T 216 39.16 23.82 -21.98
C ASN T 216 40.70 24.00 -21.81
N GLU T 217 41.43 23.04 -21.24
CA GLU T 217 42.83 22.71 -21.54
C GLU T 217 43.38 21.99 -20.32
N GLY U 10 61.27 -40.76 -5.20
CA GLY U 10 60.41 -41.91 -5.61
C GLY U 10 59.64 -41.58 -6.88
N PRO U 11 59.86 -42.33 -7.95
CA PRO U 11 59.18 -42.04 -9.22
C PRO U 11 57.69 -41.83 -9.04
N HYP U 12 57.19 -40.59 -9.38
CA HYP U 12 55.75 -40.40 -9.20
C HYP U 12 54.95 -41.49 -9.84
O HYP U 12 55.30 -41.94 -10.97
CB HYP U 12 55.28 -39.09 -9.81
CG HYP U 12 56.50 -38.41 -10.41
CD HYP U 12 57.67 -39.21 -9.88
OD1 HYP U 12 56.56 -37.07 -9.92
N GLY U 13 53.90 -41.94 -9.18
CA GLY U 13 53.07 -43.00 -9.74
C GLY U 13 51.92 -42.43 -10.55
N ALA U 14 51.18 -43.30 -11.24
CA ALA U 14 50.04 -42.87 -12.05
C ALA U 14 49.19 -41.94 -11.21
N ARG U 15 48.83 -42.38 -10.01
CA ARG U 15 48.07 -41.53 -9.09
C ARG U 15 48.63 -40.14 -9.02
N GLY U 16 49.95 -40.06 -8.94
CA GLY U 16 50.67 -38.81 -8.81
C GLY U 16 50.89 -38.52 -7.34
N LEU U 17 51.93 -37.76 -7.04
CA LEU U 17 52.27 -37.40 -5.65
C LEU U 17 51.11 -36.82 -4.81
N THR U 18 50.19 -36.13 -5.48
CA THR U 18 48.94 -35.61 -4.88
C THR U 18 47.74 -36.60 -4.84
N GLY U 19 47.91 -37.80 -5.39
CA GLY U 19 46.79 -38.70 -5.58
C GLY U 19 46.30 -39.44 -4.34
C CIR U 20 45.67 -42.15 -3.08
O CIR U 20 46.42 -42.69 -3.92
CA CIR U 20 44.65 -41.10 -3.54
N CIR U 20 45.25 -40.24 -4.57
C3 CIR U 20 43.42 -41.75 -4.19
C4 CIR U 20 42.23 -41.95 -3.26
C5 CIR U 20 41.30 -43.00 -3.83
N6 CIR U 20 40.02 -42.86 -3.17
C7 CIR U 20 38.86 -43.16 -3.74
O7 CIR U 20 38.84 -43.61 -4.88
N8 CIR U 20 37.70 -43.01 -3.09
N HYP U 21 45.76 -42.42 -1.76
CA HYP U 21 46.51 -43.58 -1.27
C HYP U 21 46.32 -45.02 -1.69
O HYP U 21 47.14 -45.88 -1.36
CB HYP U 21 47.20 -43.15 0.00
CG HYP U 21 46.39 -41.96 0.50
CD HYP U 21 45.58 -41.46 -0.68
OD1 HYP U 21 47.26 -40.92 0.94
N GLU V 1 -56.41 36.18 22.70
CA GLU V 1 -54.92 36.04 22.75
C GLU V 1 -54.49 34.74 22.05
N VAL V 2 -53.55 34.83 21.11
CA VAL V 2 -52.89 33.65 20.53
C VAL V 2 -51.67 33.30 21.40
N LYS V 3 -51.48 32.00 21.66
CA LYS V 3 -50.29 31.50 22.37
C LYS V 3 -49.65 30.41 21.54
N LEU V 4 -48.33 30.51 21.32
CA LEU V 4 -47.55 29.46 20.67
C LEU V 4 -46.39 29.13 21.58
N GLU V 5 -46.36 27.90 22.08
CA GLU V 5 -45.27 27.44 22.93
C GLU V 5 -44.55 26.30 22.21
N GLU V 6 -43.26 26.47 21.97
CA GLU V 6 -42.41 25.41 21.45
C GLU V 6 -41.82 24.62 22.60
N SER V 7 -41.30 23.44 22.28
CA SER V 7 -40.62 22.62 23.26
C SER V 7 -39.68 21.63 22.59
N GLY V 8 -38.74 21.14 23.38
CA GLY V 8 -37.86 20.04 22.98
C GLY V 8 -36.64 20.45 22.17
N GLY V 9 -36.11 21.65 22.40
CA GLY V 9 -34.81 22.02 21.86
C GLY V 9 -33.69 21.30 22.60
N GLY V 10 -32.55 21.98 22.79
CA GLY V 10 -31.44 21.47 23.58
C GLY V 10 -30.21 21.12 22.77
N LEU V 11 -29.39 20.22 23.34
CA LEU V 11 -28.15 19.79 22.71
C LEU V 11 -28.32 18.46 22.04
N VAL V 12 -27.70 18.30 20.87
CA VAL V 12 -27.61 16.99 20.23
C VAL V 12 -26.31 16.88 19.43
N GLN V 13 -25.75 15.67 19.39
CA GLN V 13 -24.55 15.35 18.63
C GLN V 13 -24.80 15.49 17.12
N PRO V 14 -23.78 15.86 16.32
CA PRO V 14 -23.94 15.80 14.85
C PRO V 14 -24.29 14.40 14.40
N GLY V 15 -25.23 14.28 13.47
CA GLY V 15 -25.79 12.98 13.08
C GLY V 15 -27.04 12.58 13.84
N GLY V 16 -27.21 13.11 15.06
CA GLY V 16 -28.33 12.74 15.94
C GLY V 16 -29.67 13.30 15.49
N SER V 17 -30.70 12.95 16.24
CA SER V 17 -32.06 13.30 15.94
C SER V 17 -32.66 14.15 17.04
N MET V 18 -33.75 14.83 16.71
CA MET V 18 -34.45 15.68 17.66
C MET V 18 -35.84 15.99 17.15
N LYS V 19 -36.80 16.05 18.05
CA LYS V 19 -38.19 16.33 17.68
C LYS V 19 -38.66 17.56 18.44
N LEU V 20 -38.88 18.65 17.72
CA LEU V 20 -39.49 19.83 18.31
C LEU V 20 -40.97 19.65 18.25
N SER V 21 -41.69 20.26 19.19
CA SER V 21 -43.15 20.31 19.13
C SER V 21 -43.65 21.69 19.51
N CYS V 22 -44.84 22.02 19.02
CA CYS V 22 -45.39 23.35 19.12
C CYS V 22 -46.88 23.28 19.42
N ALA V 23 -47.26 23.64 20.66
CA ALA V 23 -48.66 23.75 21.06
C ALA V 23 -49.17 25.14 20.72
N ALA V 24 -50.41 25.23 20.25
CA ALA V 24 -51.04 26.50 19.86
C ALA V 24 -52.46 26.60 20.40
N SER V 25 -52.88 27.82 20.70
CA SER V 25 -54.28 28.11 21.04
C SER V 25 -54.65 29.53 20.61
N GLY V 26 -55.95 29.83 20.59
CA GLY V 26 -56.42 31.17 20.22
C GLY V 26 -56.73 31.42 18.75
N PHE V 27 -56.67 30.38 17.93
CA PHE V 27 -57.19 30.41 16.56
C PHE V 27 -57.62 29.01 16.15
N THR V 28 -58.56 28.90 15.21
CA THR V 28 -59.01 27.59 14.74
C THR V 28 -57.84 26.82 14.11
N PHE V 29 -57.18 26.00 14.92
CA PHE V 29 -55.92 25.32 14.53
C PHE V 29 -56.03 24.49 13.26
N SER V 30 -57.12 23.73 13.11
CA SER V 30 -57.26 22.82 11.97
C SER V 30 -57.27 23.56 10.62
N ASP V 31 -57.71 24.82 10.64
CA ASP V 31 -57.71 25.69 9.45
C ASP V 31 -56.39 26.39 9.14
N ALA V 32 -55.47 26.45 10.10
CA ALA V 32 -54.27 27.30 9.98
C ALA V 32 -53.11 26.59 9.29
N TRP V 33 -52.46 27.30 8.38
CA TRP V 33 -51.16 26.91 7.85
C TRP V 33 -50.12 27.20 8.94
N MET V 34 -49.26 26.23 9.21
CA MET V 34 -48.26 26.33 10.26
C MET V 34 -46.88 26.17 9.68
N ASP V 35 -45.90 26.86 10.24
CA ASP V 35 -44.54 26.83 9.74
C ASP V 35 -43.53 26.69 10.88
N TRP V 36 -42.29 26.38 10.51
CA TRP V 36 -41.14 26.49 11.40
C TRP V 36 -40.13 27.41 10.74
N VAL V 37 -39.57 28.32 11.52
CA VAL V 37 -38.58 29.28 11.04
C VAL V 37 -37.45 29.26 12.05
N ARG V 38 -36.23 29.33 11.56
CA ARG V 38 -35.08 29.34 12.44
C ARG V 38 -34.25 30.59 12.25
N GLN V 39 -33.47 30.89 13.29
CA GLN V 39 -32.63 32.07 13.31
C GLN V 39 -31.28 31.73 13.91
N SER V 40 -30.23 32.08 13.19
CA SER V 40 -28.88 32.04 13.70
C SER V 40 -28.24 33.39 13.36
N PRO V 41 -27.15 33.76 14.07
CA PRO V 41 -26.52 35.04 13.76
C PRO V 41 -25.84 35.08 12.38
N GLU V 42 -25.40 33.92 11.89
CA GLU V 42 -24.72 33.85 10.58
C GLU V 42 -25.70 33.97 9.42
N LYS V 43 -26.86 33.31 9.53
CA LYS V 43 -27.79 33.15 8.40
C LYS V 43 -29.14 33.88 8.52
N GLY V 44 -29.39 34.56 9.65
CA GLY V 44 -30.61 35.37 9.79
C GLY V 44 -31.82 34.50 9.96
N LEU V 45 -32.93 34.86 9.30
CA LEU V 45 -34.16 34.09 9.41
C LEU V 45 -34.29 33.16 8.22
N GLU V 46 -34.28 31.86 8.47
CA GLU V 46 -34.53 30.84 7.45
C GLU V 46 -35.88 30.19 7.69
N TRP V 47 -36.74 30.24 6.69
CA TRP V 47 -37.92 29.40 6.70
C TRP V 47 -37.43 27.96 6.55
N VAL V 48 -37.98 27.07 7.36
CA VAL V 48 -37.53 25.69 7.42
C VAL V 48 -38.54 24.75 6.79
N ALA V 49 -39.78 24.84 7.23
CA ALA V 49 -40.84 23.93 6.76
C ALA V 49 -42.23 24.49 6.96
N GLU V 50 -43.12 24.12 6.06
CA GLU V 50 -44.54 24.49 6.09
C GLU V 50 -45.37 23.24 6.19
N ILE V 51 -46.48 23.30 6.90
CA ILE V 51 -47.55 22.32 6.73
C ILE V 51 -48.86 23.07 6.60
N ARG V 52 -49.66 22.68 5.61
CA ARG V 52 -50.90 23.38 5.29
C ARG V 52 -52.08 22.71 6.01
N ASN V 53 -53.28 23.29 5.81
CA ASN V 53 -54.48 22.85 6.53
C ASN V 53 -55.09 21.61 5.87
N LYS V 54 -56.12 21.06 6.50
CA LYS V 54 -56.85 19.91 5.96
C LYS V 54 -57.36 20.14 4.53
N VAL V 55 -57.81 21.36 4.23
CA VAL V 55 -58.35 21.72 2.90
C VAL V 55 -57.27 21.59 1.79
N ASN V 56 -56.02 21.81 2.15
CA ASN V 56 -54.88 21.59 1.24
C ASN V 56 -54.14 20.28 1.53
N ASN V 57 -54.86 19.23 1.95
CA ASN V 57 -54.30 17.88 2.09
C ASN V 57 -53.07 17.78 3.01
N HIS V 58 -52.99 18.65 4.00
CA HIS V 58 -51.83 18.71 4.91
C HIS V 58 -50.51 18.70 4.14
N ALA V 59 -50.48 19.55 3.10
CA ALA V 59 -49.35 19.60 2.16
C ALA V 59 -48.18 20.18 2.90
N THR V 60 -47.03 19.52 2.77
CA THR V 60 -45.79 19.99 3.37
C THR V 60 -44.86 20.58 2.31
N ASN V 61 -44.07 21.57 2.71
CA ASN V 61 -42.93 22.04 1.92
C ASN V 61 -41.74 22.22 2.83
N TYR V 62 -40.54 22.17 2.26
CA TYR V 62 -39.31 22.30 3.03
C TYR V 62 -38.29 23.15 2.31
N ALA V 63 -37.47 23.84 3.09
CA ALA V 63 -36.28 24.49 2.57
C ALA V 63 -35.34 23.43 2.01
N GLU V 64 -34.64 23.78 0.95
CA GLU V 64 -33.77 22.82 0.29
C GLU V 64 -32.72 22.29 1.27
N SER V 65 -32.18 23.15 2.12
CA SER V 65 -31.15 22.75 3.08
C SER V 65 -31.57 21.70 4.11
N VAL V 66 -32.87 21.47 4.29
CA VAL V 66 -33.36 20.40 5.19
C VAL V 66 -34.10 19.23 4.52
N LYS V 67 -34.33 19.28 3.20
CA LYS V 67 -35.06 18.20 2.49
C LYS V 67 -34.41 16.86 2.75
N GLY V 68 -35.24 15.86 3.03
CA GLY V 68 -34.77 14.51 3.31
C GLY V 68 -34.33 14.23 4.74
N ARG V 69 -34.25 15.27 5.56
CA ARG V 69 -33.81 15.14 6.96
C ARG V 69 -34.87 15.54 7.99
N PHE V 70 -35.69 16.53 7.64
CA PHE V 70 -36.68 17.12 8.55
C PHE V 70 -38.08 16.72 8.09
N THR V 71 -38.91 16.26 9.01
CA THR V 71 -40.32 15.97 8.72
C THR V 71 -41.20 16.85 9.59
N ILE V 72 -42.08 17.61 8.95
CA ILE V 72 -43.07 18.40 9.65
C ILE V 72 -44.40 17.66 9.61
N SER V 73 -45.17 17.79 10.69
CA SER V 73 -46.46 17.13 10.78
C SER V 73 -47.28 17.80 11.86
N ARG V 74 -48.56 17.45 11.95
CA ARG V 74 -49.47 18.10 12.87
C ARG V 74 -50.54 17.15 13.41
N ASP V 75 -51.00 17.42 14.62
CA ASP V 75 -52.08 16.69 15.25
C ASP V 75 -53.23 17.69 15.45
N ASP V 76 -54.12 17.77 14.47
CA ASP V 76 -55.22 18.73 14.52
C ASP V 76 -56.09 18.57 15.78
N SER V 77 -56.23 17.34 16.28
CA SER V 77 -57.01 17.10 17.51
C SER V 77 -56.34 17.63 18.78
N ARG V 78 -55.01 17.75 18.82
CA ARG V 78 -54.30 18.31 19.98
C ARG V 78 -53.75 19.73 19.80
N SER V 79 -54.02 20.37 18.65
CA SER V 79 -53.46 21.69 18.31
C SER V 79 -51.94 21.73 18.40
N VAL V 80 -51.28 20.72 17.84
CA VAL V 80 -49.81 20.59 17.90
C VAL V 80 -49.19 20.45 16.52
N VAL V 81 -48.09 21.16 16.29
CA VAL V 81 -47.22 20.94 15.14
C VAL V 81 -45.93 20.35 15.66
N TYR V 82 -45.43 19.32 14.98
CA TYR V 82 -44.16 18.68 15.29
C TYR V 82 -43.16 18.96 14.16
N LEU V 83 -41.86 18.97 14.50
CA LEU V 83 -40.77 18.96 13.53
C LEU V 83 -39.73 17.91 13.92
N GLN V 84 -39.79 16.75 13.26
CA GLN V 84 -38.76 15.71 13.39
C GLN V 84 -37.56 16.18 12.60
N MET V 85 -36.38 16.09 13.20
CA MET V 85 -35.13 16.46 12.55
C MET V 85 -34.14 15.31 12.70
N ASN V 86 -33.58 14.86 11.57
CA ASN V 86 -32.62 13.75 11.56
C ASN V 86 -31.32 14.15 10.89
N ASN V 87 -30.26 13.42 11.22
CA ASN V 87 -28.93 13.67 10.68
C ASN V 87 -28.57 15.16 10.83
N LEU V 88 -28.66 15.64 12.07
CA LEU V 88 -28.46 17.06 12.38
C LEU V 88 -27.01 17.46 12.21
N LYS V 89 -26.81 18.71 11.82
CA LYS V 89 -25.50 19.25 11.46
C LYS V 89 -25.25 20.50 12.28
N PRO V 90 -23.98 20.90 12.45
CA PRO V 90 -23.69 22.15 13.16
C PRO V 90 -24.43 23.37 12.61
N GLU V 91 -24.52 23.50 11.29
CA GLU V 91 -25.26 24.60 10.65
C GLU V 91 -26.79 24.59 10.89
N ASP V 92 -27.34 23.47 11.33
CA ASP V 92 -28.73 23.46 11.83
C ASP V 92 -28.89 24.14 13.18
N THR V 93 -27.81 24.59 13.81
CA THR V 93 -27.88 25.27 15.10
C THR V 93 -28.57 26.61 14.97
N GLY V 94 -29.49 26.87 15.90
CA GLY V 94 -30.26 28.11 15.88
C GLY V 94 -31.43 28.13 16.85
N ILE V 95 -32.18 29.23 16.82
CA ILE V 95 -33.45 29.33 17.53
C ILE V 95 -34.54 28.95 16.53
N TYR V 96 -35.39 28.00 16.92
CA TYR V 96 -36.45 27.50 16.07
C TYR V 96 -37.78 28.03 16.57
N TYR V 97 -38.38 28.91 15.77
CA TYR V 97 -39.72 29.43 16.02
C TYR V 97 -40.75 28.59 15.30
N CYS V 98 -41.86 28.30 15.99
CA CYS V 98 -43.03 27.74 15.33
C CYS V 98 -43.97 28.91 15.10
N THR V 99 -44.47 29.03 13.87
CA THR V 99 -45.35 30.13 13.53
C THR V 99 -46.68 29.61 13.04
N GLY V 100 -47.71 30.42 13.24
CA GLY V 100 -49.08 30.08 12.89
C GLY V 100 -49.69 31.10 11.96
N LEU V 101 -50.55 30.61 11.06
CA LEU V 101 -51.12 31.41 9.99
C LEU V 101 -49.98 32.00 9.16
N THR V 102 -49.25 31.08 8.51
CA THR V 102 -47.92 31.33 7.95
C THR V 102 -47.07 32.07 9.01
N PHE V 103 -46.92 33.40 8.89
CA PHE V 103 -46.06 34.15 9.83
C PHE V 103 -46.80 35.22 10.64
N ASP V 104 -48.13 35.17 10.68
CA ASP V 104 -48.89 36.14 11.45
C ASP V 104 -48.49 36.10 12.93
N TYR V 105 -48.38 34.90 13.47
CA TYR V 105 -48.04 34.71 14.88
C TYR V 105 -46.82 33.82 15.05
N TRP V 106 -46.02 34.09 16.05
CA TRP V 106 -44.75 33.42 16.29
C TRP V 106 -44.62 33.05 17.75
N GLY V 107 -44.06 31.88 18.02
CA GLY V 107 -43.74 31.49 19.39
C GLY V 107 -42.48 32.14 19.89
N GLN V 108 -42.18 31.94 21.17
CA GLN V 108 -40.99 32.49 21.80
C GLN V 108 -39.70 31.99 21.17
N GLY V 109 -39.73 30.72 20.73
CA GLY V 109 -38.60 30.07 20.10
C GLY V 109 -38.00 29.08 21.06
N THR V 110 -37.38 28.04 20.53
CA THR V 110 -36.67 27.04 21.33
C THR V 110 -35.27 26.86 20.71
N THR V 111 -34.25 26.69 21.54
CA THR V 111 -32.89 26.68 21.05
C THR V 111 -32.39 25.27 20.77
N LEU V 112 -31.88 25.06 19.57
CA LEU V 112 -31.26 23.80 19.18
C LEU V 112 -29.79 24.05 18.92
N THR V 113 -28.92 23.39 19.68
CA THR V 113 -27.49 23.45 19.47
C THR V 113 -27.01 22.08 19.01
N VAL V 114 -26.25 22.04 17.91
CA VAL V 114 -25.73 20.80 17.35
C VAL V 114 -24.21 20.83 17.43
N SER V 115 -23.67 20.02 18.34
CA SER V 115 -22.26 20.10 18.70
C SER V 115 -21.88 18.85 19.47
N SER V 116 -20.70 18.32 19.22
CA SER V 116 -20.19 17.17 19.98
C SER V 116 -19.58 17.58 21.32
N ALA V 117 -19.67 18.86 21.70
CA ALA V 117 -19.33 19.28 23.06
C ALA V 117 -20.38 18.76 24.03
N LYS V 118 -19.96 18.48 25.26
CA LYS V 118 -20.85 17.88 26.26
C LYS V 118 -21.60 18.97 26.97
N THR V 119 -22.71 18.59 27.59
CA THR V 119 -23.49 19.52 28.43
C THR V 119 -22.67 19.89 29.65
N THR V 120 -22.79 21.14 30.09
CA THR V 120 -22.02 21.63 31.24
C THR V 120 -22.84 22.62 32.04
N ALA V 121 -23.00 22.34 33.35
CA ALA V 121 -23.76 23.20 34.22
C ALA V 121 -22.98 24.47 34.51
N PRO V 122 -23.67 25.63 34.59
CA PRO V 122 -22.98 26.85 34.97
C PRO V 122 -22.64 26.84 36.45
N SER V 123 -21.55 27.50 36.82
CA SER V 123 -21.36 27.93 38.20
C SER V 123 -22.02 29.29 38.27
N VAL V 124 -22.77 29.53 39.35
CA VAL V 124 -23.52 30.79 39.53
C VAL V 124 -23.00 31.56 40.75
N TYR V 125 -22.32 32.67 40.49
CA TYR V 125 -21.64 33.44 41.52
C TYR V 125 -22.35 34.78 41.75
N PRO V 126 -22.66 35.12 43.02
CA PRO V 126 -23.22 36.41 43.34
C PRO V 126 -22.13 37.50 43.40
N LEU V 127 -22.43 38.68 42.88
CA LEU V 127 -21.50 39.80 42.89
C LEU V 127 -22.07 40.95 43.71
N ALA V 128 -21.59 41.05 44.96
CA ALA V 128 -21.92 42.17 45.85
C ALA V 128 -20.87 43.27 45.66
N PRO V 129 -21.21 44.53 46.00
CA PRO V 129 -20.24 45.60 45.74
C PRO V 129 -19.01 45.55 46.66
N VAL V 130 -18.05 46.43 46.35
CA VAL V 130 -16.69 46.26 46.89
C VAL V 130 -16.66 46.48 48.39
N CYS V 131 -15.81 45.71 49.09
CA CYS V 131 -15.61 45.99 50.55
C CYS V 131 -15.15 47.48 50.76
N GLY V 132 -16.09 48.34 51.11
CA GLY V 132 -15.83 49.80 51.27
C GLY V 132 -17.10 50.58 51.00
N GLY V 133 -17.09 51.88 51.30
CA GLY V 133 -18.32 52.69 51.28
C GLY V 133 -19.11 52.60 49.98
N THR V 134 -20.44 52.44 50.10
CA THR V 134 -21.38 52.47 48.98
C THR V 134 -21.72 53.95 48.70
N THR V 135 -21.74 54.33 47.40
CA THR V 135 -22.25 55.63 46.94
C THR V 135 -23.80 55.72 47.14
N GLY V 136 -24.21 56.81 47.80
CA GLY V 136 -25.49 56.91 48.46
C GLY V 136 -26.80 56.65 47.80
N SER V 137 -27.06 57.13 46.59
CA SER V 137 -28.47 57.21 46.11
C SER V 137 -29.02 55.91 45.53
N SER V 138 -28.10 55.12 45.00
CA SER V 138 -28.50 53.75 44.50
C SER V 138 -27.31 52.81 44.61
N VAL V 139 -27.58 51.52 44.46
CA VAL V 139 -26.56 50.47 44.54
C VAL V 139 -26.79 49.40 43.47
N THR V 140 -25.69 48.94 42.88
CA THR V 140 -25.74 47.93 41.85
C THR V 140 -25.15 46.63 42.38
N LEU V 141 -25.87 45.54 42.13
CA LEU V 141 -25.45 44.19 42.44
C LEU V 141 -25.36 43.43 41.15
N GLY V 142 -24.68 42.28 41.19
CA GLY V 142 -24.44 41.50 40.00
C GLY V 142 -24.61 40.01 40.18
N CYS V 143 -24.64 39.33 39.06
CA CYS V 143 -24.71 37.89 39.05
C CYS V 143 -23.94 37.37 37.85
N LEU V 144 -23.00 36.47 38.11
CA LEU V 144 -22.17 35.88 37.09
C LEU V 144 -22.58 34.43 36.91
N VAL V 145 -22.82 34.05 35.65
CA VAL V 145 -23.21 32.70 35.30
C VAL V 145 -22.13 32.15 34.38
N LYS V 146 -21.17 31.45 34.97
CA LYS V 146 -19.92 31.10 34.29
C LYS V 146 -19.90 29.66 33.78
N GLY V 147 -19.49 29.50 32.53
CA GLY V 147 -19.05 28.22 32.00
C GLY V 147 -20.14 27.18 31.83
N TYR V 148 -21.17 27.52 31.07
CA TYR V 148 -22.24 26.59 30.72
C TYR V 148 -22.25 26.29 29.24
N PHE V 149 -22.84 25.14 28.89
CA PHE V 149 -23.08 24.78 27.50
C PHE V 149 -24.20 23.75 27.48
N PRO V 150 -25.14 23.84 26.54
CA PRO V 150 -25.28 24.90 25.55
C PRO V 150 -26.14 26.04 26.06
N GLU V 151 -26.43 27.03 25.19
CA GLU V 151 -27.46 28.02 25.51
C GLU V 151 -28.85 27.33 25.49
N PRO V 152 -29.85 27.88 26.17
CA PRO V 152 -29.77 29.14 26.94
C PRO V 152 -29.74 28.90 28.43
N VAL V 153 -29.51 29.98 29.17
CA VAL V 153 -29.88 30.07 30.59
C VAL V 153 -30.97 31.11 30.69
N THR V 154 -31.79 30.99 31.71
CA THR V 154 -32.76 32.02 32.06
C THR V 154 -32.33 32.58 33.41
N LEU V 155 -32.35 33.91 33.52
CA LEU V 155 -31.94 34.59 34.75
C LEU V 155 -32.96 35.65 35.06
N THR V 156 -33.48 35.61 36.28
CA THR V 156 -34.38 36.65 36.78
C THR V 156 -33.84 37.10 38.12
N TRP V 157 -34.25 38.28 38.54
CA TRP V 157 -33.93 38.78 39.88
C TRP V 157 -35.17 38.80 40.76
N ASN V 158 -35.02 38.35 42.02
CA ASN V 158 -36.15 38.15 42.94
C ASN V 158 -37.39 37.56 42.25
N SER V 159 -37.15 36.52 41.46
CA SER V 159 -38.17 35.75 40.75
C SER V 159 -39.01 36.60 39.77
N GLY V 160 -38.41 37.63 39.16
CA GLY V 160 -39.12 38.54 38.26
C GLY V 160 -39.49 39.90 38.84
N SER V 161 -39.57 40.03 40.18
CA SER V 161 -40.02 41.28 40.83
C SER V 161 -39.22 42.52 40.43
N LEU V 162 -37.93 42.35 40.16
CA LEU V 162 -37.09 43.41 39.62
C LEU V 162 -36.92 43.19 38.10
N SER V 163 -37.67 43.98 37.34
CA SER V 163 -37.52 44.03 35.87
C SER V 163 -36.79 45.31 35.54
N SER V 164 -37.32 46.44 36.03
CA SER V 164 -36.64 47.71 35.95
C SER V 164 -35.39 47.57 36.81
N GLY V 165 -34.34 48.29 36.44
CA GLY V 165 -33.05 48.20 37.14
C GLY V 165 -32.12 47.11 36.65
N VAL V 166 -32.66 46.13 35.91
CA VAL V 166 -31.91 44.95 35.46
C VAL V 166 -31.32 45.13 34.06
N HIS V 167 -30.03 44.84 33.92
CA HIS V 167 -29.39 44.66 32.64
C HIS V 167 -28.80 43.26 32.65
N THR V 168 -29.36 42.38 31.83
CA THR V 168 -28.78 41.06 31.60
C THR V 168 -28.05 41.12 30.27
N PHE V 169 -26.79 40.72 30.28
CA PHE V 169 -25.90 40.86 29.14
C PHE V 169 -25.85 39.58 28.33
N PRO V 170 -25.84 39.69 26.99
CA PRO V 170 -25.77 38.49 26.16
C PRO V 170 -24.58 37.63 26.54
N ALA V 171 -24.77 36.31 26.45
CA ALA V 171 -23.68 35.39 26.79
C ALA V 171 -22.57 35.45 25.75
N LEU V 172 -21.39 34.96 26.12
CA LEU V 172 -20.24 34.92 25.24
C LEU V 172 -19.41 33.66 25.47
N LEU V 173 -18.76 33.19 24.42
CA LEU V 173 -17.88 32.03 24.46
C LEU V 173 -16.48 32.35 24.96
N LEU V 174 -16.16 31.95 26.21
CA LEU V 174 -14.83 32.05 26.82
C LEU V 174 -14.38 30.59 27.06
N SER V 175 -13.23 30.21 26.51
CA SER V 175 -12.68 28.85 26.61
C SER V 175 -13.72 27.76 26.25
N GLY V 176 -14.37 27.93 25.11
CA GLY V 176 -15.36 26.97 24.62
C GLY V 176 -16.67 26.82 25.40
N LEU V 177 -16.87 27.65 26.43
CA LEU V 177 -18.08 27.63 27.28
C LEU V 177 -18.69 29.01 27.40
N TYR V 178 -19.99 29.07 27.61
CA TYR V 178 -20.70 30.34 27.71
C TYR V 178 -20.60 30.94 29.11
N THR V 179 -20.29 32.22 29.16
CA THR V 179 -20.32 33.02 30.38
C THR V 179 -21.35 34.14 30.13
N LEU V 180 -22.04 34.53 31.19
CA LEU V 180 -23.08 35.53 31.12
C LEU V 180 -23.10 36.28 32.43
N SER V 181 -23.38 37.58 32.37
CA SER V 181 -23.48 38.38 33.58
C SER V 181 -24.81 39.12 33.61
N SER V 182 -25.18 39.62 34.78
CA SER V 182 -26.34 40.48 34.91
C SER V 182 -26.22 41.42 36.09
N SER V 183 -26.50 42.70 35.86
CA SER V 183 -26.52 43.72 36.90
C SER V 183 -27.95 44.01 37.28
N VAL V 184 -28.15 44.45 38.51
CA VAL V 184 -29.44 44.96 38.97
C VAL V 184 -29.16 46.20 39.80
N THR V 185 -29.96 47.24 39.59
CA THR V 185 -29.77 48.51 40.31
C THR V 185 -31.06 48.90 41.04
N VAL V 186 -30.90 49.15 42.33
CA VAL V 186 -32.00 49.52 43.21
C VAL V 186 -31.54 50.68 44.10
N THR V 187 -32.51 51.32 44.76
CA THR V 187 -32.20 52.43 45.65
C THR V 187 -31.58 51.90 46.94
N SER V 188 -30.60 52.61 47.49
CA SER V 188 -29.78 52.05 48.62
C SER V 188 -30.54 51.82 49.95
N ASN V 189 -31.83 52.21 50.03
CA ASN V 189 -32.72 51.70 51.09
C ASN V 189 -32.90 50.19 50.97
N THR V 190 -33.28 49.73 49.75
CA THR V 190 -33.69 48.34 49.51
C THR V 190 -32.64 47.33 49.96
N TRP V 191 -31.37 47.60 49.67
CA TRP V 191 -30.26 46.67 49.96
C TRP V 191 -29.23 47.36 50.86
N PRO V 192 -28.63 46.66 51.84
CA PRO V 192 -28.80 45.20 52.09
C PRO V 192 -30.02 44.75 52.90
N SER V 193 -30.82 45.69 53.40
CA SER V 193 -31.93 45.38 54.33
C SER V 193 -32.92 44.33 53.82
N GLN V 194 -33.48 44.55 52.63
CA GLN V 194 -34.31 43.55 51.95
C GLN V 194 -33.43 42.67 51.07
N THR V 195 -33.67 41.37 51.11
CA THR V 195 -32.82 40.39 50.43
C THR V 195 -33.09 40.38 48.92
N ILE V 196 -32.02 40.41 48.13
CA ILE V 196 -32.11 40.34 46.68
C ILE V 196 -31.41 39.07 46.22
N THR V 197 -32.08 38.34 45.34
CA THR V 197 -31.66 36.98 44.97
C THR V 197 -31.65 36.84 43.45
N CYS V 198 -30.57 36.23 42.96
CA CYS V 198 -30.36 35.98 41.56
C CYS V 198 -30.83 34.56 41.24
N ASN V 199 -31.80 34.40 40.34
CA ASN V 199 -32.36 33.08 39.99
C ASN V 199 -31.90 32.64 38.61
N VAL V 200 -31.23 31.49 38.52
CA VAL V 200 -30.70 31.01 37.25
C VAL V 200 -31.13 29.58 37.01
N ALA V 201 -31.71 29.33 35.84
CA ALA V 201 -32.00 27.98 35.38
C ALA V 201 -31.22 27.72 34.10
N HIS V 202 -30.69 26.50 33.98
CA HIS V 202 -30.07 26.03 32.75
C HIS V 202 -30.84 24.75 32.40
N PRO V 203 -31.83 24.86 31.48
CA PRO V 203 -32.68 23.69 31.27
C PRO V 203 -31.89 22.47 30.76
N ALA V 204 -30.97 22.70 29.84
CA ALA V 204 -30.18 21.64 29.22
C ALA V 204 -29.42 20.74 30.20
N SER V 205 -29.04 21.26 31.37
CA SER V 205 -28.34 20.48 32.39
C SER V 205 -29.20 20.21 33.64
N SER V 206 -30.49 20.55 33.57
CA SER V 206 -31.42 20.48 34.72
C SER V 206 -30.85 21.16 35.98
N THR V 207 -30.36 22.38 35.80
CA THR V 207 -29.77 23.17 36.87
C THR V 207 -30.70 24.32 37.20
N LYS V 208 -31.02 24.49 38.48
CA LYS V 208 -31.80 25.66 38.95
C LYS V 208 -31.20 26.14 40.23
N VAL V 209 -30.66 27.37 40.22
CA VAL V 209 -29.92 27.91 41.36
C VAL V 209 -30.51 29.28 41.72
N ASP V 210 -30.74 29.48 43.03
CA ASP V 210 -31.07 30.80 43.58
C ASP V 210 -29.88 31.22 44.44
N LYS V 211 -29.24 32.34 44.12
CA LYS V 211 -28.10 32.83 44.90
C LYS V 211 -28.38 34.20 45.51
N LYS V 212 -28.43 34.23 46.84
CA LYS V 212 -28.65 35.46 47.59
C LYS V 212 -27.39 36.33 47.51
N ILE V 213 -27.57 37.64 47.32
CA ILE V 213 -26.44 38.57 47.29
C ILE V 213 -26.19 39.03 48.72
N GLU V 214 -25.01 38.71 49.26
CA GLU V 214 -24.64 39.02 50.66
C GLU V 214 -23.57 40.12 50.65
N PRO V 215 -23.66 41.13 51.53
CA PRO V 215 -22.56 42.12 51.59
C PRO V 215 -21.22 41.50 52.07
N ARG V 216 -20.10 42.10 51.70
CA ARG V 216 -18.77 41.53 51.95
C ARG V 216 -18.17 41.92 53.32
N GLY V 217 -18.29 41.02 54.29
CA GLY V 217 -17.60 41.19 55.58
C GLY V 217 -16.12 40.87 55.47
N PRO V 218 -15.24 41.74 56.02
CA PRO V 218 -13.80 41.42 56.11
C PRO V 218 -13.38 40.69 57.39
N ASP W 1 -35.07 30.50 -5.46
CA ASP W 1 -34.97 31.41 -4.28
C ASP W 1 -35.03 32.87 -4.70
N ILE W 2 -36.06 33.56 -4.21
CA ILE W 2 -36.13 35.00 -4.34
C ILE W 2 -35.33 35.60 -3.20
N VAL W 3 -34.22 36.23 -3.52
CA VAL W 3 -33.34 36.83 -2.51
C VAL W 3 -33.77 38.24 -2.22
N LEU W 4 -33.86 38.55 -0.93
CA LEU W 4 -34.21 39.89 -0.43
C LEU W 4 -32.97 40.54 0.16
N THR W 5 -32.70 41.77 -0.25
CA THR W 5 -31.60 42.57 0.25
C THR W 5 -32.17 43.84 0.83
N GLN W 6 -31.92 44.05 2.13
CA GLN W 6 -32.31 45.29 2.79
C GLN W 6 -31.17 46.27 2.79
N SER W 7 -31.52 47.55 2.89
CA SER W 7 -30.52 48.57 3.22
C SER W 7 -31.26 49.74 3.86
N PRO W 8 -30.62 50.51 4.73
CA PRO W 8 -29.27 50.25 5.19
C PRO W 8 -29.25 49.13 6.22
N ALA W 9 -28.05 48.81 6.69
CA ALA W 9 -27.86 47.76 7.67
C ALA W 9 -28.25 48.25 9.05
N SER W 10 -27.80 49.45 9.37
CA SER W 10 -28.18 50.15 10.59
C SER W 10 -28.43 51.62 10.26
N LEU W 11 -29.04 52.31 11.22
CA LEU W 11 -29.78 53.54 10.94
C LEU W 11 -30.07 54.17 12.30
N ALA W 12 -29.73 55.45 12.47
CA ALA W 12 -29.99 56.14 13.75
C ALA W 12 -30.87 57.38 13.57
N VAL W 13 -32.11 57.32 14.10
CA VAL W 13 -33.10 58.38 13.90
C VAL W 13 -33.45 59.06 15.22
N SER W 14 -33.52 60.39 15.23
CA SER W 14 -33.97 61.13 16.41
C SER W 14 -35.46 60.89 16.66
N LEU W 15 -35.87 61.13 17.90
CA LEU W 15 -37.26 60.92 18.29
C LEU W 15 -38.17 61.83 17.46
N GLY W 16 -39.27 61.29 16.97
CA GLY W 16 -40.22 62.05 16.15
C GLY W 16 -39.88 62.24 14.69
N GLN W 17 -38.77 61.66 14.23
CA GLN W 17 -38.30 61.84 12.87
C GLN W 17 -38.63 60.64 12.02
N ARG W 18 -38.37 60.74 10.72
CA ARG W 18 -38.66 59.66 9.76
C ARG W 18 -37.53 58.63 9.71
N ALA W 19 -37.90 57.36 9.71
CA ALA W 19 -36.97 56.26 9.44
C ALA W 19 -37.46 55.56 8.19
N THR W 20 -36.58 55.42 7.21
CA THR W 20 -36.92 54.77 5.95
C THR W 20 -35.95 53.62 5.69
N ILE W 21 -36.50 52.41 5.58
CA ILE W 21 -35.76 51.17 5.38
C ILE W 21 -36.20 50.59 4.03
N SER W 22 -35.25 50.11 3.24
CA SER W 22 -35.53 49.56 1.91
C SER W 22 -35.37 48.06 1.87
N CYS W 23 -36.06 47.44 0.90
CA CYS W 23 -35.93 46.02 0.63
C CYS W 23 -36.02 45.79 -0.88
N ARG W 24 -34.95 45.24 -1.44
CA ARG W 24 -34.83 44.95 -2.86
C ARG W 24 -34.93 43.45 -3.05
N ALA W 25 -35.77 43.02 -3.99
CA ALA W 25 -35.98 41.61 -4.28
C ALA W 25 -35.29 41.24 -5.59
N SER W 26 -34.65 40.06 -5.62
CA SER W 26 -33.97 39.57 -6.81
C SER W 26 -34.90 39.40 -8.02
N GLU W 27 -36.18 39.14 -7.77
CA GLU W 27 -37.21 39.17 -8.81
C GLU W 27 -38.56 39.55 -8.24
N SER W 28 -39.50 39.85 -9.12
CA SER W 28 -40.80 40.41 -8.75
C SER W 28 -41.56 39.51 -7.78
N VAL W 29 -42.01 40.09 -6.67
CA VAL W 29 -42.86 39.37 -5.71
C VAL W 29 -44.35 39.67 -5.92
N ASP W 30 -44.68 40.39 -7.00
CA ASP W 30 -46.06 40.55 -7.44
C ASP W 30 -46.62 39.22 -7.89
N ASN W 31 -47.74 38.85 -7.29
CA ASN W 31 -48.49 37.71 -7.71
C ASN W 31 -49.92 38.19 -7.73
N TYR W 32 -50.53 38.19 -8.93
CA TYR W 32 -51.82 38.84 -9.17
C TYR W 32 -51.57 40.36 -9.13
N GLY W 33 -52.51 41.13 -8.56
CA GLY W 33 -52.29 42.56 -8.31
C GLY W 33 -51.53 42.86 -7.03
N ILE W 34 -51.45 41.87 -6.14
CA ILE W 34 -50.87 42.00 -4.80
C ILE W 34 -49.34 41.79 -4.81
N SER W 35 -48.60 42.73 -4.23
CA SER W 35 -47.19 42.53 -3.96
C SER W 35 -47.04 41.76 -2.66
N SER W 36 -46.59 40.52 -2.74
CA SER W 36 -46.50 39.64 -1.57
C SER W 36 -45.23 39.89 -0.76
N MET W 37 -45.22 41.03 -0.07
CA MET W 37 -44.07 41.50 0.69
C MET W 37 -44.56 41.89 2.08
N ASN W 38 -43.97 41.28 3.10
CA ASN W 38 -44.34 41.57 4.49
C ASN W 38 -43.17 42.19 5.22
N TRP W 39 -43.45 42.82 6.37
CA TRP W 39 -42.41 43.40 7.22
C TRP W 39 -42.61 42.97 8.66
N PHE W 40 -41.51 42.67 9.34
CA PHE W 40 -41.53 42.23 10.72
C PHE W 40 -40.61 43.09 11.55
N GLN W 41 -40.90 43.15 12.84
CA GLN W 41 -40.09 43.85 13.82
C GLN W 41 -39.61 42.85 14.83
N GLN W 42 -38.32 42.84 15.11
CA GLN W 42 -37.79 42.00 16.16
C GLN W 42 -37.06 42.87 17.16
N LYS W 43 -37.65 42.99 18.35
CA LYS W 43 -37.00 43.61 19.50
C LYS W 43 -36.12 42.54 20.11
N ALA W 44 -35.13 42.97 20.88
CA ALA W 44 -34.10 42.05 21.37
C ALA W 44 -34.69 40.97 22.26
N GLY W 45 -34.18 39.75 22.12
CA GLY W 45 -34.61 38.61 22.93
C GLY W 45 -36.01 38.10 22.70
N GLN W 46 -36.63 38.52 21.60
CA GLN W 46 -38.03 38.20 21.30
C GLN W 46 -38.19 37.68 19.89
N PRO W 47 -39.33 37.01 19.60
CA PRO W 47 -39.57 36.65 18.23
C PRO W 47 -39.89 37.87 17.36
N PRO W 48 -39.88 37.69 16.03
CA PRO W 48 -40.36 38.73 15.16
C PRO W 48 -41.86 38.96 15.34
N LYS W 49 -42.27 40.23 15.29
CA LYS W 49 -43.67 40.59 15.35
C LYS W 49 -44.11 41.07 13.98
N PHE W 50 -45.23 40.53 13.53
CA PHE W 50 -45.79 40.87 12.23
C PHE W 50 -46.33 42.32 12.23
N LEU W 51 -45.95 43.09 11.22
CA LEU W 51 -46.33 44.52 11.12
C LEU W 51 -47.17 44.81 9.91
N ILE W 52 -46.60 44.51 8.74
CA ILE W 52 -47.16 44.92 7.45
C ILE W 52 -47.24 43.71 6.54
N TYR W 53 -48.35 43.57 5.81
CA TYR W 53 -48.52 42.55 4.79
C TYR W 53 -48.87 43.22 3.47
N ALA W 54 -48.77 42.49 2.37
CA ALA W 54 -49.10 43.02 1.05
C ALA W 54 -48.45 44.39 0.79
N ALA W 55 -47.17 44.51 1.15
CA ALA W 55 -46.34 45.72 0.90
C ALA W 55 -46.70 46.94 1.74
N SER W 56 -47.99 47.28 1.78
CA SER W 56 -48.49 48.51 2.42
C SER W 56 -49.63 48.36 3.45
N LYS W 57 -50.28 47.20 3.54
CA LYS W 57 -51.41 46.99 4.47
C LYS W 57 -50.92 46.57 5.86
N GLN W 58 -51.56 47.09 6.91
CA GLN W 58 -51.07 46.93 8.30
C GLN W 58 -51.82 45.84 9.06
N GLY W 59 -51.09 45.06 9.86
CA GLY W 59 -51.68 44.01 10.70
C GLY W 59 -52.50 44.59 11.85
N SER W 60 -53.26 43.74 12.54
CA SER W 60 -54.17 44.19 13.59
C SER W 60 -53.48 44.93 14.74
N GLY W 61 -53.98 46.12 15.06
CA GLY W 61 -53.43 46.97 16.12
C GLY W 61 -52.00 47.45 15.92
N VAL W 62 -51.54 47.51 14.67
CA VAL W 62 -50.22 48.02 14.35
C VAL W 62 -50.37 49.52 14.15
N PRO W 63 -49.66 50.35 14.96
CA PRO W 63 -49.82 51.81 14.91
C PRO W 63 -49.75 52.45 13.51
N ALA W 64 -50.49 53.55 13.34
CA ALA W 64 -50.55 54.31 12.06
C ALA W 64 -49.17 54.70 11.51
N ARG W 65 -48.24 54.99 12.42
CA ARG W 65 -46.90 55.44 12.07
C ARG W 65 -46.04 54.43 11.27
N PHE W 66 -46.27 53.14 11.48
CA PHE W 66 -45.67 52.11 10.63
C PHE W 66 -46.48 52.01 9.34
N SER W 67 -45.82 52.15 8.20
CA SER W 67 -46.50 52.04 6.92
C SER W 67 -45.47 51.74 5.85
N GLY W 68 -45.83 50.82 4.95
CA GLY W 68 -44.95 50.36 3.90
C GLY W 68 -45.46 50.79 2.53
N SER W 69 -44.61 50.62 1.53
CA SER W 69 -44.91 51.04 0.16
C SER W 69 -44.06 50.29 -0.82
N GLY W 70 -44.29 50.53 -2.11
CA GLY W 70 -43.56 49.89 -3.20
C GLY W 70 -44.33 48.74 -3.82
N SER W 71 -43.87 48.35 -5.01
CA SER W 71 -44.40 47.20 -5.73
C SER W 71 -43.27 46.53 -6.53
N GLY W 72 -43.54 45.34 -7.04
CA GLY W 72 -42.61 44.62 -7.92
C GLY W 72 -41.39 44.09 -7.18
N THR W 73 -40.27 44.79 -7.31
CA THR W 73 -39.00 44.40 -6.70
C THR W 73 -38.49 45.36 -5.62
N ASP W 74 -39.03 46.59 -5.55
CA ASP W 74 -38.54 47.60 -4.61
C ASP W 74 -39.61 47.97 -3.59
N PHE W 75 -39.21 48.00 -2.33
CA PHE W 75 -40.14 48.19 -1.22
C PHE W 75 -39.52 49.02 -0.12
N SER W 76 -40.35 49.78 0.58
CA SER W 76 -39.91 50.53 1.75
C SER W 76 -40.79 50.26 2.93
N LEU W 77 -40.23 50.53 4.10
CA LEU W 77 -40.94 50.57 5.38
C LEU W 77 -40.63 51.92 5.99
N ILE W 78 -41.66 52.70 6.25
CA ILE W 78 -41.49 54.01 6.87
C ILE W 78 -42.01 53.96 8.29
N ILE W 79 -41.21 54.45 9.23
CA ILE W 79 -41.62 54.64 10.60
C ILE W 79 -41.52 56.14 10.85
N HIS W 80 -42.65 56.78 11.17
CA HIS W 80 -42.69 58.24 11.31
C HIS W 80 -44.02 58.63 11.95
N PRO W 81 -44.03 59.22 13.15
CA PRO W 81 -42.86 59.57 13.95
C PRO W 81 -42.25 58.39 14.71
N VAL W 82 -40.94 58.29 14.71
CA VAL W 82 -40.20 57.28 15.48
C VAL W 82 -40.32 57.52 16.99
N GLU W 83 -40.40 56.43 17.76
CA GLU W 83 -40.54 56.46 19.22
C GLU W 83 -39.49 55.59 19.88
N GLU W 84 -39.35 55.72 21.21
CA GLU W 84 -38.30 54.99 21.94
C GLU W 84 -38.37 53.49 21.75
N ASP W 85 -39.60 52.98 21.76
CA ASP W 85 -39.90 51.56 21.68
C ASP W 85 -39.72 50.99 20.28
N ASP W 86 -39.52 51.84 19.27
CA ASP W 86 -39.26 51.36 17.92
C ASP W 86 -37.85 50.84 17.67
N THR W 87 -36.97 50.94 18.67
CA THR W 87 -35.65 50.32 18.57
C THR W 87 -35.82 48.81 18.45
N ALA W 88 -35.24 48.27 17.39
CA ALA W 88 -35.54 46.93 16.93
C ALA W 88 -34.78 46.67 15.65
N VAL W 89 -34.81 45.41 15.22
CA VAL W 89 -34.40 45.05 13.87
C VAL W 89 -35.66 44.80 13.06
N TYR W 90 -35.66 45.28 11.82
CA TYR W 90 -36.81 45.15 10.94
C TYR W 90 -36.45 44.28 9.75
N PHE W 91 -37.25 43.22 9.54
CA PHE W 91 -37.04 42.30 8.45
C PHE W 91 -38.13 42.45 7.41
N CYS W 92 -37.73 42.52 6.15
CA CYS W 92 -38.68 42.33 5.07
C CYS W 92 -38.74 40.83 4.77
N GLN W 93 -39.80 40.40 4.11
CA GLN W 93 -40.06 38.97 3.90
C GLN W 93 -41.06 38.76 2.77
N GLN W 94 -40.77 37.75 1.96
CA GLN W 94 -41.43 37.53 0.67
C GLN W 94 -42.24 36.26 0.78
N SER W 95 -43.52 36.33 0.45
CA SER W 95 -44.41 35.14 0.47
C SER W 95 -44.93 34.74 -0.90
N LYS W 96 -44.27 35.19 -1.96
CA LYS W 96 -44.74 34.95 -3.33
C LYS W 96 -44.77 33.47 -3.65
N GLY W 97 -43.69 32.77 -3.31
CA GLY W 97 -43.61 31.33 -3.47
C GLY W 97 -42.60 30.72 -2.53
N VAL W 98 -42.72 29.41 -2.34
CA VAL W 98 -41.74 28.62 -1.61
C VAL W 98 -40.42 28.58 -2.40
N PRO W 99 -39.25 28.72 -1.75
CA PRO W 99 -39.11 28.96 -0.30
C PRO W 99 -39.40 30.39 0.10
N TYR W 100 -40.01 30.54 1.27
CA TYR W 100 -40.23 31.85 1.86
C TYR W 100 -38.86 32.31 2.34
N THR W 101 -38.55 33.58 2.07
CA THR W 101 -37.24 34.12 2.36
C THR W 101 -37.39 35.45 3.07
N PHE W 102 -36.44 35.73 3.98
CA PHE W 102 -36.38 36.99 4.69
C PHE W 102 -35.20 37.81 4.22
N GLY W 103 -35.21 39.09 4.57
CA GLY W 103 -34.07 39.96 4.34
C GLY W 103 -33.03 39.79 5.42
N GLY W 104 -31.93 40.51 5.26
CA GLY W 104 -30.80 40.46 6.20
C GLY W 104 -31.14 41.10 7.53
N GLY W 105 -32.03 42.08 7.49
CA GLY W 105 -32.46 42.81 8.68
C GLY W 105 -31.83 44.19 8.69
N THR W 106 -32.52 45.15 9.31
CA THR W 106 -32.03 46.51 9.47
C THR W 106 -32.27 46.95 10.90
N LYS W 107 -31.20 47.31 11.63
CA LYS W 107 -31.34 47.78 13.00
C LYS W 107 -31.69 49.27 12.96
N LEU W 108 -32.77 49.63 13.64
CA LEU W 108 -33.12 51.02 13.89
C LEU W 108 -32.66 51.36 15.29
N GLU W 109 -31.71 52.29 15.39
CA GLU W 109 -31.28 52.86 16.66
C GLU W 109 -32.04 54.18 16.83
N ILE W 110 -32.41 54.50 18.07
CA ILE W 110 -33.02 55.77 18.40
C ILE W 110 -31.95 56.74 18.87
N LYS W 111 -31.73 57.82 18.13
CA LYS W 111 -30.86 58.91 18.63
C LYS W 111 -31.46 59.54 19.86
N ARG W 112 -30.61 59.83 20.81
CA ARG W 112 -30.98 60.56 22.01
C ARG W 112 -29.77 61.36 22.46
N ALA W 113 -29.96 62.16 23.49
CA ALA W 113 -28.84 62.92 24.08
C ALA W 113 -27.76 61.99 24.61
N ASP W 114 -26.54 62.48 24.67
CA ASP W 114 -25.40 61.70 25.17
C ASP W 114 -25.61 61.36 26.65
N ALA W 115 -25.03 60.26 27.09
CA ALA W 115 -25.19 59.81 28.47
C ALA W 115 -23.93 59.09 28.95
N ALA W 116 -23.40 59.52 30.08
CA ALA W 116 -22.23 58.90 30.67
C ALA W 116 -22.61 57.57 31.31
N PRO W 117 -21.72 56.57 31.27
CA PRO W 117 -22.01 55.31 31.95
C PRO W 117 -21.91 55.43 33.47
N THR W 118 -22.77 54.73 34.19
CA THR W 118 -22.60 54.53 35.63
C THR W 118 -21.80 53.24 35.78
N VAL W 119 -20.55 53.37 36.22
CA VAL W 119 -19.60 52.26 36.25
C VAL W 119 -19.50 51.66 37.64
N SER W 120 -19.56 50.34 37.70
CA SER W 120 -19.53 49.59 38.96
C SER W 120 -18.50 48.48 38.81
N ILE W 121 -17.56 48.37 39.74
CA ILE W 121 -16.60 47.26 39.72
C ILE W 121 -16.93 46.26 40.81
N PHE W 122 -16.68 44.98 40.51
CA PHE W 122 -17.00 43.87 41.41
C PHE W 122 -15.84 42.91 41.48
N PRO W 123 -15.29 42.67 42.68
CA PRO W 123 -14.31 41.60 42.80
C PRO W 123 -14.91 40.22 42.58
N PRO W 124 -14.07 39.18 42.65
CA PRO W 124 -14.60 37.82 42.62
C PRO W 124 -15.43 37.50 43.86
N SER W 125 -16.41 36.62 43.69
CA SER W 125 -17.20 36.12 44.81
C SER W 125 -16.37 35.19 45.71
N SER W 126 -16.79 35.02 46.95
CA SER W 126 -16.15 34.04 47.84
C SER W 126 -16.27 32.63 47.25
N GLU W 127 -17.45 32.34 46.63
CA GLU W 127 -17.69 31.05 46.00
C GLU W 127 -16.69 30.74 44.90
N GLN W 128 -16.41 31.73 44.05
CA GLN W 128 -15.52 31.52 42.90
C GLN W 128 -14.06 31.34 43.30
N LEU W 129 -13.62 32.07 44.32
CA LEU W 129 -12.25 31.93 44.80
C LEU W 129 -12.00 30.50 45.26
N THR W 130 -12.89 29.98 46.10
CA THR W 130 -12.79 28.58 46.57
C THR W 130 -12.99 27.52 45.46
N SER W 131 -13.62 27.87 44.33
CA SER W 131 -13.61 27.00 43.14
C SER W 131 -12.23 26.85 42.52
N GLY W 132 -11.48 27.96 42.44
CA GLY W 132 -10.16 27.97 41.78
C GLY W 132 -9.97 29.07 40.74
N GLY W 133 -11.06 29.69 40.30
CA GLY W 133 -10.99 30.85 39.38
C GLY W 133 -11.12 32.17 40.10
N ALA W 134 -11.03 33.26 39.34
CA ALA W 134 -11.22 34.62 39.83
C ALA W 134 -11.61 35.56 38.69
N SER W 135 -12.84 36.08 38.74
CA SER W 135 -13.35 36.95 37.69
C SER W 135 -13.73 38.30 38.29
N VAL W 136 -13.13 39.34 37.72
CA VAL W 136 -13.42 40.71 38.09
C VAL W 136 -14.34 41.26 37.01
N VAL W 137 -15.47 41.79 37.44
CA VAL W 137 -16.51 42.26 36.53
C VAL W 137 -16.70 43.75 36.70
N CYS W 138 -17.01 44.42 35.58
CA CYS W 138 -17.19 45.85 35.56
C CYS W 138 -18.38 46.17 34.68
N PHE W 139 -19.49 46.59 35.27
CA PHE W 139 -20.66 47.01 34.51
C PHE W 139 -20.56 48.48 34.19
N LEU W 140 -20.81 48.82 32.93
CA LEU W 140 -20.92 50.20 32.49
C LEU W 140 -22.34 50.33 31.99
N ASN W 141 -23.20 51.02 32.74
CA ASN W 141 -24.63 50.99 32.49
C ASN W 141 -25.22 52.32 32.04
N ASN W 142 -26.18 52.24 31.13
CA ASN W 142 -27.01 53.36 30.70
C ASN W 142 -26.24 54.51 30.10
N PHE W 143 -25.65 54.27 28.93
CA PHE W 143 -24.87 55.27 28.21
C PHE W 143 -25.28 55.35 26.74
N TYR W 144 -24.86 56.44 26.11
CA TYR W 144 -25.14 56.69 24.70
C TYR W 144 -24.12 57.72 24.20
N PRO W 145 -23.58 57.57 22.99
CA PRO W 145 -23.84 56.47 22.04
C PRO W 145 -23.18 55.14 22.42
N LYS W 146 -23.34 54.14 21.54
CA LYS W 146 -22.90 52.78 21.82
C LYS W 146 -21.39 52.59 21.98
N ASP W 147 -20.60 53.39 21.26
CA ASP W 147 -19.13 53.35 21.33
C ASP W 147 -18.58 53.53 22.72
N ILE W 148 -17.77 52.61 23.18
CA ILE W 148 -17.07 52.77 24.47
C ILE W 148 -15.81 51.91 24.49
N ASN W 149 -14.84 52.30 25.32
CA ASN W 149 -13.57 51.61 25.41
C ASN W 149 -13.25 51.33 26.85
N VAL W 150 -12.99 50.05 27.15
CA VAL W 150 -12.68 49.62 28.48
C VAL W 150 -11.25 49.13 28.50
N LYS W 151 -10.50 49.60 29.49
CA LYS W 151 -9.14 49.16 29.72
C LYS W 151 -9.11 48.57 31.13
N TRP W 152 -8.54 47.38 31.27
CA TRP W 152 -8.28 46.80 32.60
C TRP W 152 -6.83 47.05 32.98
N LYS W 153 -6.60 47.44 34.24
CA LYS W 153 -5.27 47.56 34.81
C LYS W 153 -5.17 46.63 36.03
N ILE W 154 -4.00 46.00 36.19
CA ILE W 154 -3.67 45.22 37.40
C ILE W 154 -2.38 45.82 37.95
N ASP W 155 -2.44 46.41 39.14
CA ASP W 155 -1.34 47.21 39.69
C ASP W 155 -0.85 48.22 38.66
N GLY W 156 -1.78 48.90 37.99
CA GLY W 156 -1.43 49.89 36.96
C GLY W 156 -0.90 49.38 35.62
N SER W 157 -0.70 48.06 35.49
CA SER W 157 -0.26 47.43 34.23
C SER W 157 -1.46 46.97 33.42
N GLU W 158 -1.51 47.36 32.15
CA GLU W 158 -2.65 47.05 31.30
C GLU W 158 -2.75 45.55 31.00
N ARG W 159 -3.98 45.07 30.84
CA ARG W 159 -4.23 43.65 30.53
C ARG W 159 -5.31 43.52 29.47
N GLN W 160 -5.05 42.64 28.49
CA GLN W 160 -5.99 42.35 27.40
C GLN W 160 -6.48 40.86 27.37
N ASN W 161 -5.79 39.96 28.07
CA ASN W 161 -6.08 38.52 27.99
C ASN W 161 -7.16 38.13 29.01
N GLY W 162 -8.16 37.36 28.55
CA GLY W 162 -9.28 36.91 29.39
C GLY W 162 -10.47 37.87 29.43
N VAL W 163 -10.36 39.00 28.73
CA VAL W 163 -11.35 40.07 28.81
C VAL W 163 -12.57 39.72 27.93
N LEU W 164 -13.76 39.77 28.50
CA LEU W 164 -15.00 39.57 27.76
C LEU W 164 -15.85 40.81 27.85
N ASN W 165 -16.27 41.30 26.70
CA ASN W 165 -17.00 42.54 26.60
C ASN W 165 -18.33 42.31 25.90
N SER W 166 -19.42 42.36 26.64
CA SER W 166 -20.76 42.13 26.08
C SER W 166 -21.60 43.40 26.18
N TRP W 167 -22.06 43.91 25.03
CA TRP W 167 -23.03 45.02 24.99
C TRP W 167 -24.44 44.45 24.99
N THR W 168 -25.36 45.18 25.61
CA THR W 168 -26.79 44.92 25.43
C THR W 168 -27.24 45.54 24.11
N ASP W 169 -28.48 45.25 23.75
CA ASP W 169 -29.16 46.02 22.71
C ASP W 169 -29.63 47.33 23.31
N GLN W 170 -30.09 48.24 22.45
CA GLN W 170 -30.61 49.51 22.92
C GLN W 170 -31.86 49.30 23.76
N ASP W 171 -31.98 50.09 24.82
CA ASP W 171 -33.12 49.99 25.72
C ASP W 171 -34.38 50.57 25.07
N SER W 172 -35.50 49.88 25.26
CA SER W 172 -36.78 50.31 24.68
C SER W 172 -37.43 51.49 25.39
N LYS W 173 -36.96 51.85 26.59
CA LYS W 173 -37.53 52.97 27.34
C LYS W 173 -36.61 54.20 27.37
N ASP W 174 -35.34 54.05 27.74
CA ASP W 174 -34.42 55.19 27.83
C ASP W 174 -33.39 55.30 26.67
N SER W 175 -33.53 54.43 25.66
CA SER W 175 -32.68 54.46 24.47
C SER W 175 -31.15 54.42 24.74
N THR W 176 -30.76 53.90 25.89
CA THR W 176 -29.35 53.79 26.26
C THR W 176 -28.86 52.40 25.98
N TYR W 177 -27.55 52.24 26.02
CA TYR W 177 -26.90 50.95 25.98
C TYR W 177 -26.23 50.73 27.32
N SER W 178 -25.91 49.48 27.58
CA SER W 178 -25.17 49.10 28.78
C SER W 178 -24.23 48.00 28.37
N MET W 179 -23.18 47.79 29.15
CA MET W 179 -22.11 46.91 28.71
C MET W 179 -21.31 46.36 29.88
N SER W 180 -20.93 45.08 29.76
CA SER W 180 -20.27 44.34 30.83
C SER W 180 -18.90 43.89 30.38
N SER W 181 -17.88 44.23 31.15
CA SER W 181 -16.51 43.80 30.89
C SER W 181 -16.10 42.84 32.00
N THR W 182 -15.39 41.77 31.64
CA THR W 182 -15.11 40.67 32.58
C THR W 182 -13.68 40.14 32.41
N LEU W 183 -12.78 40.57 33.30
CA LEU W 183 -11.41 40.04 33.35
C LEU W 183 -11.39 38.73 34.14
N THR W 184 -10.90 37.66 33.52
CA THR W 184 -10.89 36.33 34.10
C THR W 184 -9.43 35.92 34.33
N LEU W 185 -9.12 35.43 35.54
CA LEU W 185 -7.76 35.04 35.92
C LEU W 185 -7.77 33.76 36.73
N THR W 186 -6.60 33.14 36.84
CA THR W 186 -6.42 32.02 37.76
C THR W 186 -6.43 32.63 39.18
N LYS W 187 -6.94 31.88 40.16
CA LYS W 187 -6.91 32.33 41.57
C LYS W 187 -5.48 32.65 42.03
N ASP W 188 -4.54 31.77 41.68
CA ASP W 188 -3.11 32.01 41.94
C ASP W 188 -2.67 33.41 41.52
N GLU W 189 -3.02 33.82 40.29
CA GLU W 189 -2.59 35.10 39.74
C GLU W 189 -3.38 36.29 40.27
N TYR W 190 -4.65 36.07 40.63
CA TYR W 190 -5.44 37.12 41.29
C TYR W 190 -4.82 37.56 42.61
N GLU W 191 -4.29 36.60 43.36
CA GLU W 191 -3.70 36.87 44.69
C GLU W 191 -2.24 37.35 44.64
N ARG W 192 -1.60 37.31 43.47
CA ARG W 192 -0.26 37.88 43.28
C ARG W 192 -0.26 39.39 43.14
N HIS W 193 -1.36 39.99 42.70
CA HIS W 193 -1.45 41.44 42.54
C HIS W 193 -2.48 42.00 43.51
N ASN W 194 -2.38 43.29 43.80
CA ASN W 194 -3.26 43.95 44.76
C ASN W 194 -4.38 44.79 44.12
N SER W 195 -3.98 45.74 43.26
CA SER W 195 -4.88 46.80 42.76
C SER W 195 -5.52 46.45 41.41
N TYR W 196 -6.86 46.37 41.37
CA TYR W 196 -7.62 46.07 40.15
C TYR W 196 -8.47 47.26 39.72
N THR W 197 -8.27 47.72 38.49
CA THR W 197 -8.83 48.98 38.01
C THR W 197 -9.55 48.75 36.69
N CYS W 198 -10.48 49.64 36.37
CA CYS W 198 -11.36 49.47 35.22
C CYS W 198 -11.60 50.83 34.55
N GLU W 199 -10.70 51.24 33.67
CA GLU W 199 -10.79 52.54 32.97
C GLU W 199 -11.78 52.45 31.82
N ALA W 200 -12.58 53.49 31.64
CA ALA W 200 -13.62 53.52 30.61
C ALA W 200 -13.68 54.87 29.92
N THR W 201 -13.20 54.92 28.68
CA THR W 201 -13.31 56.12 27.86
C THR W 201 -14.58 56.10 27.04
N HIS W 202 -15.34 57.18 27.14
CA HIS W 202 -16.56 57.38 26.38
C HIS W 202 -16.54 58.78 25.78
N LYS W 203 -17.40 59.00 24.78
CA LYS W 203 -17.58 60.31 24.15
C LYS W 203 -17.84 61.42 25.16
N THR W 204 -18.61 61.09 26.19
CA THR W 204 -19.05 62.05 27.23
C THR W 204 -17.89 62.66 27.98
N SER W 205 -17.01 61.83 28.55
CA SER W 205 -15.91 62.32 29.37
C SER W 205 -14.60 62.32 28.60
N THR W 206 -13.92 63.47 28.57
CA THR W 206 -12.60 63.57 27.93
C THR W 206 -11.62 62.63 28.65
N SER W 207 -11.47 62.80 29.96
CA SER W 207 -10.63 61.92 30.77
C SER W 207 -11.46 60.70 31.17
N PRO W 208 -10.81 59.53 31.35
CA PRO W 208 -11.56 58.28 31.49
C PRO W 208 -12.20 58.12 32.87
N ILE W 209 -13.34 57.42 32.90
CA ILE W 209 -14.03 57.10 34.14
C ILE W 209 -13.34 55.86 34.73
N VAL W 210 -12.70 56.03 35.88
CA VAL W 210 -12.00 54.96 36.58
C VAL W 210 -12.85 54.43 37.72
N LYS W 211 -12.87 53.11 37.89
CA LYS W 211 -13.36 52.48 39.13
C LYS W 211 -12.40 51.39 39.52
N SER W 212 -12.12 51.29 40.81
CA SER W 212 -10.95 50.58 41.29
C SER W 212 -11.17 49.98 42.67
N PHE W 213 -10.52 48.85 42.95
CA PHE W 213 -10.39 48.34 44.31
C PHE W 213 -9.02 47.73 44.55
N ASN W 214 -8.67 47.57 45.83
CA ASN W 214 -7.51 46.80 46.26
C ASN W 214 -8.00 45.65 47.14
N ARG W 215 -7.35 44.49 47.06
CA ARG W 215 -7.85 43.27 47.74
C ARG W 215 -7.89 43.34 49.27
N ASN W 216 -7.02 44.13 49.88
CA ASN W 216 -6.99 44.30 51.34
C ASN W 216 -7.88 45.56 51.74
N GLU W 217 -9.18 45.46 51.57
CA GLU W 217 -10.12 46.25 52.40
C GLU W 217 -11.45 45.61 52.56
N GLY X 13 -57.09 35.00 7.06
CA GLY X 13 -57.99 33.84 7.34
C GLY X 13 -57.31 32.59 7.89
N ALA X 14 -56.94 31.67 7.00
CA ALA X 14 -56.35 30.34 7.32
C ALA X 14 -54.84 30.30 6.96
N ARG X 15 -54.54 30.60 5.68
CA ARG X 15 -53.17 30.89 5.19
C ARG X 15 -52.47 31.94 6.02
N GLY X 16 -53.25 32.90 6.51
CA GLY X 16 -52.76 34.05 7.28
C GLY X 16 -52.67 35.28 6.40
N LEU X 17 -52.73 36.45 7.04
CA LEU X 17 -52.62 37.71 6.32
C LEU X 17 -51.27 37.79 5.60
N THR X 18 -50.24 37.15 6.19
CA THR X 18 -48.84 37.07 5.66
C THR X 18 -48.60 36.04 4.55
N GLY X 19 -49.39 34.99 4.57
CA GLY X 19 -49.30 33.87 3.65
C GLY X 19 -49.31 34.18 2.17
C CIR X 20 -50.27 34.07 -0.51
O CIR X 20 -51.23 34.23 0.27
CA CIR X 20 -49.11 33.23 -0.08
N CIR X 20 -49.13 33.12 1.38
C3 CIR X 20 -49.23 31.81 -0.67
C4 CIR X 20 -47.91 31.37 -1.31
C5 CIR X 20 -47.97 29.90 -1.72
N6 CIR X 20 -46.92 29.54 -2.66
C7 CIR X 20 -47.08 28.57 -3.54
O7 CIR X 20 -48.20 28.13 -3.77
N8 CIR X 20 -46.02 28.06 -4.17
N HYP X 21 -50.20 34.62 -1.76
CA HYP X 21 -51.34 35.45 -2.13
C HYP X 21 -52.58 34.64 -2.24
O HYP X 21 -53.54 34.93 -1.48
CB HYP X 21 -51.06 36.21 -3.42
CG HYP X 21 -49.66 35.84 -3.86
CD HYP X 21 -49.31 34.63 -3.03
OD1 HYP X 21 -48.76 36.90 -3.56
#